data_7P6U
#
_entry.id   7P6U
#
_cell.length_a   1.00
_cell.length_b   1.00
_cell.length_c   1.00
_cell.angle_alpha   90.00
_cell.angle_beta   90.00
_cell.angle_gamma   90.00
#
_symmetry.space_group_name_H-M   'P 1'
#
loop_
_entity.id
_entity.type
_entity.pdbx_description
1 polymer 'Lon protease'
2 polymer (UNK)(UNK)(UNK)(UNK)(UNK)(UNK)(UNK)
3 non-polymer 'PHOSPHOAMINOPHOSPHONIC ACID-ADENYLATE ESTER'
#
loop_
_entity_poly.entity_id
_entity_poly.type
_entity_poly.pdbx_seq_one_letter_code
_entity_poly.pdbx_strand_id
1 'polypeptide(L)'
;MKDFLRLELPVLPLRNTVVLPHTTTGVDVGRLKSKRAVEEALSADRLLFLVTQKDPEVDDPAPEDLYAVGTLAVVKQAMR
LPDGTLQVMVEARSRARLLSYVAAPYLRAVGEAIPEPPLKDPELARVLVNEVQEAFERYLQNHKTLRLDRYQQEAVKSTR
DPAILADLVAHHATWTLEEKQTILETPEVEERLKRVLALLLRDLERFELDKKIAARVKEQMDQNQREYYLREQMKAIQKE
LGGGEDFLTEIEELRERIEKKGMPEPVKEKALKELKRLERMQPGSPEATVSRTYLDWLLEVPWTEADPEVLDISVTKRVL
DEDHYGLKEVKERILEYLAVRQLTQGKEVKGHAPILCFVGPPGVGKTSLGKSIARSMNRRFHRISLGGVRDEAEIRGHRR
TYIGALPGKIIQGMKQVGVVNPVFLLDEIDKLSSDWRGDPAAALLEVLDPEQNHTFTDHYLDVPYDLSKVFFITTANTLS
TIPRPLLDRMEVIEIPGYTLHEKRAIARYFRWPFQVKEAGLEGRLEITDRAIERIVQEYTREAGVRNLDRELSKVARKAA
KDYLEKPWEGVRVVDAEDLEAYLGVPKYRPDRAEKEPQVGAAQGLAWTPYGGTLLTIEAVAVPGTGKVNLTGNLGEVMKE
SAHAALTYLRAHREEWGLPEGFHKDYDLHIHVPEGATPKDGPSAGITIATALASALTGRPVRMDIAMTGEITLRGRVLPI
GGVKEKLLAAHQAGIHRVILPKENAAELKEVPEEILKDLEIHFVEEVGEVLKLLLLPPPPPPAVQPDRPQPGVGA
;
A,B,C,D,E,F
2 'polypeptide(L)' (UNK)(UNK)(UNK)(UNK)(UNK)(UNK)(UNK) S
#
# COMPACT_ATOMS: atom_id res chain seq x y z
N ARG A 6 -25.77 -50.54 -107.69
CA ARG A 6 -25.27 -49.54 -108.63
C ARG A 6 -26.00 -48.21 -108.45
N LEU A 7 -25.39 -47.30 -107.68
CA LEU A 7 -25.95 -45.98 -107.43
C LEU A 7 -24.97 -44.92 -107.90
N GLU A 8 -25.47 -43.93 -108.63
CA GLU A 8 -24.66 -42.85 -109.17
C GLU A 8 -24.89 -41.61 -108.30
N LEU A 9 -24.13 -41.51 -107.21
CA LEU A 9 -24.25 -40.44 -106.24
C LEU A 9 -22.89 -39.81 -105.99
N PRO A 10 -22.81 -38.49 -105.78
CA PRO A 10 -21.52 -37.83 -105.66
C PRO A 10 -20.86 -38.05 -104.30
N VAL A 11 -19.60 -37.62 -104.22
CA VAL A 11 -18.73 -37.86 -103.07
C VAL A 11 -18.42 -36.52 -102.42
N LEU A 12 -18.66 -36.42 -101.10
CA LEU A 12 -18.13 -35.32 -100.32
C LEU A 12 -16.81 -35.75 -99.71
N PRO A 13 -15.68 -35.13 -100.06
CA PRO A 13 -14.38 -35.61 -99.56
C PRO A 13 -14.13 -35.19 -98.12
N LEU A 14 -13.36 -36.03 -97.43
CA LEU A 14 -13.01 -35.82 -96.03
C LEU A 14 -11.49 -35.86 -95.88
N ARG A 15 -10.99 -35.06 -94.93
CA ARG A 15 -9.54 -34.98 -94.74
C ARG A 15 -9.02 -36.14 -93.89
N ASN A 16 -9.46 -36.21 -92.63
CA ASN A 16 -9.05 -37.29 -91.75
C ASN A 16 -10.19 -37.89 -90.94
N THR A 17 -11.40 -37.36 -91.04
CA THR A 17 -12.54 -37.93 -90.37
C THR A 17 -13.04 -39.15 -91.14
N VAL A 18 -13.30 -40.24 -90.42
CA VAL A 18 -13.78 -41.48 -91.00
C VAL A 18 -15.15 -41.77 -90.41
N VAL A 19 -16.17 -41.88 -91.25
CA VAL A 19 -17.56 -41.98 -90.83
C VAL A 19 -18.05 -43.40 -91.10
N LEU A 20 -18.61 -44.03 -90.07
CA LEU A 20 -19.19 -45.36 -90.07
C LEU A 20 -20.71 -45.28 -90.10
N PRO A 21 -21.40 -46.33 -90.60
CA PRO A 21 -22.87 -46.29 -90.64
C PRO A 21 -23.55 -46.32 -89.27
N HIS A 22 -24.76 -45.72 -89.26
CA HIS A 22 -25.59 -45.44 -88.07
C HIS A 22 -24.82 -44.63 -87.02
N THR A 23 -24.22 -43.54 -87.48
CA THR A 23 -23.45 -42.65 -86.61
C THR A 23 -23.59 -41.22 -87.14
N THR A 24 -24.09 -40.33 -86.29
CA THR A 24 -24.27 -38.93 -86.65
C THR A 24 -23.02 -38.14 -86.23
N THR A 25 -22.40 -37.45 -87.19
CA THR A 25 -21.21 -36.66 -86.94
C THR A 25 -21.28 -35.36 -87.71
N GLY A 26 -20.33 -34.47 -87.44
CA GLY A 26 -20.27 -33.16 -88.07
C GLY A 26 -19.17 -33.09 -89.10
N VAL A 27 -19.49 -32.50 -90.25
CA VAL A 27 -18.56 -32.34 -91.36
C VAL A 27 -18.46 -30.86 -91.70
N ASP A 28 -17.24 -30.33 -91.67
CA ASP A 28 -17.00 -28.93 -92.04
C ASP A 28 -16.59 -28.87 -93.50
N VAL A 29 -17.25 -27.99 -94.26
CA VAL A 29 -17.01 -27.83 -95.68
C VAL A 29 -16.44 -26.43 -95.92
N GLY A 30 -15.24 -26.36 -96.49
CA GLY A 30 -14.59 -25.09 -96.70
C GLY A 30 -14.07 -24.86 -98.10
N ARG A 31 -14.62 -25.57 -99.09
CA ARG A 31 -14.24 -25.41 -100.48
C ARG A 31 -15.47 -25.12 -101.32
N LEU A 32 -15.25 -24.43 -102.45
CA LEU A 32 -16.35 -24.02 -103.32
C LEU A 32 -16.90 -25.20 -104.12
N LYS A 33 -16.02 -26.13 -104.53
CA LYS A 33 -16.45 -27.30 -105.29
C LYS A 33 -17.26 -28.26 -104.42
N SER A 34 -16.85 -28.43 -103.16
CA SER A 34 -17.62 -29.25 -102.23
C SER A 34 -18.93 -28.58 -101.83
N LYS A 35 -18.95 -27.23 -101.79
CA LYS A 35 -20.19 -26.49 -101.54
C LYS A 35 -21.17 -26.64 -102.69
N ARG A 36 -20.67 -26.61 -103.93
CA ARG A 36 -21.52 -26.85 -105.10
C ARG A 36 -21.96 -28.30 -105.18
N ALA A 37 -21.13 -29.24 -104.72
CA ALA A 37 -21.52 -30.65 -104.67
C ALA A 37 -22.62 -30.92 -103.64
N VAL A 38 -22.53 -30.26 -102.48
CA VAL A 38 -23.57 -30.37 -101.46
C VAL A 38 -24.87 -29.68 -101.91
N GLU A 39 -24.75 -28.51 -102.56
CA GLU A 39 -25.93 -27.80 -103.05
C GLU A 39 -26.57 -28.46 -104.28
N GLU A 40 -25.83 -29.30 -105.01
CA GLU A 40 -26.45 -30.09 -106.07
C GLU A 40 -26.98 -31.43 -105.57
N ALA A 41 -26.36 -32.02 -104.55
CA ALA A 41 -26.83 -33.30 -104.01
C ALA A 41 -27.89 -33.15 -102.93
N LEU A 42 -28.21 -31.92 -102.51
CA LEU A 42 -29.31 -31.71 -101.58
C LEU A 42 -30.66 -31.99 -102.24
N SER A 43 -30.80 -31.63 -103.52
CA SER A 43 -32.02 -31.94 -104.24
C SER A 43 -32.08 -33.37 -104.75
N ALA A 44 -30.95 -34.07 -104.77
CA ALA A 44 -30.90 -35.46 -105.23
C ALA A 44 -30.98 -36.42 -104.05
N ASP A 45 -32.12 -36.33 -103.34
CA ASP A 45 -32.59 -37.24 -102.28
C ASP A 45 -31.68 -37.19 -101.03
N ARG A 46 -30.93 -36.08 -100.89
CA ARG A 46 -30.04 -35.74 -99.76
C ARG A 46 -28.99 -36.81 -99.45
N LEU A 47 -28.37 -37.35 -100.51
CA LEU A 47 -27.43 -38.46 -100.38
C LEU A 47 -26.05 -38.06 -100.85
N LEU A 48 -25.03 -38.45 -100.09
CA LEU A 48 -23.65 -38.15 -100.40
C LEU A 48 -22.75 -39.31 -99.97
N PHE A 49 -21.66 -39.50 -100.70
CA PHE A 49 -20.64 -40.46 -100.32
C PHE A 49 -19.54 -39.76 -99.52
N LEU A 50 -19.01 -40.49 -98.54
CA LEU A 50 -17.95 -39.96 -97.66
C LEU A 50 -16.74 -40.87 -97.77
N VAL A 51 -15.78 -40.49 -98.63
CA VAL A 51 -14.55 -41.24 -98.84
C VAL A 51 -13.39 -40.38 -98.34
N THR A 52 -12.59 -40.92 -97.43
CA THR A 52 -11.46 -40.19 -96.87
C THR A 52 -10.20 -40.41 -97.72
N GLN A 53 -9.28 -39.46 -97.60
CA GLN A 53 -8.01 -39.50 -98.32
C GLN A 53 -6.95 -40.17 -97.44
N LYS A 54 -5.68 -40.01 -97.83
CA LYS A 54 -4.60 -40.85 -97.32
C LYS A 54 -3.39 -39.98 -97.03
N ASP A 55 -2.20 -40.63 -96.96
CA ASP A 55 -0.82 -40.20 -96.71
C ASP A 55 -0.47 -38.91 -97.47
N PRO A 56 0.44 -38.02 -96.92
CA PRO A 56 0.07 -36.62 -96.62
C PRO A 56 -0.95 -35.91 -97.50
N GLU A 57 -1.92 -35.28 -96.81
CA GLU A 57 -3.17 -34.86 -97.41
C GLU A 57 -2.99 -33.59 -98.24
N VAL A 58 -3.39 -33.67 -99.50
CA VAL A 58 -3.44 -32.53 -100.42
C VAL A 58 -4.87 -32.00 -100.37
N ASP A 59 -5.01 -30.67 -100.35
CA ASP A 59 -6.32 -30.02 -100.21
C ASP A 59 -7.22 -30.23 -101.43
N ASP A 60 -6.63 -30.47 -102.62
CA ASP A 60 -7.39 -30.94 -103.77
C ASP A 60 -7.07 -32.42 -103.96
N PRO A 61 -7.97 -33.33 -103.60
CA PRO A 61 -7.63 -34.76 -103.62
C PRO A 61 -7.65 -35.35 -105.02
N ALA A 62 -6.66 -36.18 -105.30
CA ALA A 62 -6.60 -36.93 -106.54
C ALA A 62 -7.60 -38.09 -106.49
N PRO A 63 -8.07 -38.58 -107.65
CA PRO A 63 -8.86 -39.82 -107.66
C PRO A 63 -8.06 -41.07 -107.26
N GLU A 64 -6.74 -41.05 -107.40
CA GLU A 64 -5.89 -42.13 -106.92
C GLU A 64 -5.48 -41.95 -105.46
N ASP A 65 -5.88 -40.85 -104.82
CA ASP A 65 -5.58 -40.59 -103.43
C ASP A 65 -6.75 -40.93 -102.50
N LEU A 66 -7.74 -41.64 -103.00
CA LEU A 66 -8.88 -42.08 -102.20
C LEU A 66 -8.87 -43.59 -102.07
N TYR A 67 -9.36 -44.08 -100.94
CA TYR A 67 -9.32 -45.49 -100.62
C TYR A 67 -10.40 -46.25 -101.39
N ALA A 68 -10.27 -47.58 -101.42
CA ALA A 68 -11.05 -48.43 -102.30
C ALA A 68 -12.44 -48.78 -101.76
N VAL A 69 -12.76 -48.43 -100.52
CA VAL A 69 -14.08 -48.69 -99.96
C VAL A 69 -14.70 -47.35 -99.58
N GLY A 70 -15.88 -47.06 -100.13
CA GLY A 70 -16.61 -45.85 -99.81
C GLY A 70 -17.76 -46.12 -98.87
N THR A 71 -18.40 -45.02 -98.42
CA THR A 71 -19.50 -45.09 -97.47
C THR A 71 -20.54 -44.04 -97.83
N LEU A 72 -21.78 -44.47 -98.02
CA LEU A 72 -22.88 -43.58 -98.38
C LEU A 72 -23.50 -42.98 -97.12
N ALA A 73 -23.85 -41.70 -97.20
CA ALA A 73 -24.43 -40.97 -96.07
C ALA A 73 -25.66 -40.19 -96.51
N VAL A 74 -26.53 -39.92 -95.54
CA VAL A 74 -27.71 -39.10 -95.75
C VAL A 74 -27.46 -37.74 -95.11
N VAL A 75 -28.11 -36.71 -95.63
CA VAL A 75 -27.92 -35.33 -95.19
C VAL A 75 -29.12 -34.92 -94.37
N LYS A 76 -28.88 -34.47 -93.13
CA LYS A 76 -29.95 -34.03 -92.24
C LYS A 76 -30.26 -32.54 -92.41
N GLN A 77 -29.26 -31.69 -92.21
CA GLN A 77 -29.45 -30.25 -92.30
C GLN A 77 -28.18 -29.61 -92.82
N ALA A 78 -28.33 -28.38 -93.32
CA ALA A 78 -27.22 -27.60 -93.84
C ALA A 78 -27.25 -26.22 -93.21
N MET A 79 -26.21 -25.90 -92.45
CA MET A 79 -26.09 -24.61 -91.77
C MET A 79 -24.90 -23.84 -92.33
N ARG A 80 -25.13 -22.59 -92.70
CA ARG A 80 -24.09 -21.74 -93.28
C ARG A 80 -23.47 -20.90 -92.16
N LEU A 81 -22.22 -21.20 -91.83
CA LEU A 81 -21.49 -20.40 -90.85
C LEU A 81 -21.06 -19.07 -91.48
N PRO A 82 -21.09 -17.97 -90.72
CA PRO A 82 -20.85 -16.64 -91.33
C PRO A 82 -19.40 -16.34 -91.68
N ASP A 83 -18.43 -17.14 -91.24
CA ASP A 83 -17.03 -16.87 -91.57
C ASP A 83 -16.64 -17.32 -92.98
N GLY A 84 -17.47 -18.13 -93.63
CA GLY A 84 -17.18 -18.56 -94.99
C GLY A 84 -17.35 -20.05 -95.19
N THR A 85 -17.05 -20.84 -94.17
CA THR A 85 -17.21 -22.28 -94.24
C THR A 85 -18.65 -22.69 -93.99
N LEU A 86 -18.96 -23.94 -94.30
CA LEU A 86 -20.29 -24.50 -94.12
C LEU A 86 -20.22 -25.75 -93.27
N GLN A 87 -21.15 -25.89 -92.34
CA GLN A 87 -21.23 -27.05 -91.46
C GLN A 87 -22.46 -27.87 -91.82
N VAL A 88 -22.24 -29.17 -92.06
CA VAL A 88 -23.31 -30.09 -92.43
C VAL A 88 -23.31 -31.26 -91.45
N MET A 89 -24.49 -31.64 -90.98
CA MET A 89 -24.67 -32.78 -90.08
C MET A 89 -25.17 -33.97 -90.90
N VAL A 90 -24.37 -35.03 -90.95
CA VAL A 90 -24.68 -36.20 -91.76
C VAL A 90 -24.64 -37.45 -90.88
N GLU A 91 -25.38 -38.46 -91.31
CA GLU A 91 -25.36 -39.79 -90.72
C GLU A 91 -25.19 -40.81 -91.83
N ALA A 92 -24.21 -41.70 -91.69
CA ALA A 92 -23.94 -42.67 -92.73
C ALA A 92 -24.89 -43.86 -92.65
N ARG A 93 -25.14 -44.47 -93.80
CA ARG A 93 -26.14 -45.54 -93.92
C ARG A 93 -25.53 -46.86 -94.33
N SER A 94 -24.75 -46.90 -95.41
CA SER A 94 -24.21 -48.15 -95.92
C SER A 94 -22.87 -47.89 -96.58
N ARG A 95 -22.12 -48.98 -96.78
CA ARG A 95 -20.79 -48.93 -97.37
C ARG A 95 -20.81 -49.50 -98.79
N ALA A 96 -19.94 -48.97 -99.64
CA ALA A 96 -19.87 -49.36 -101.05
C ALA A 96 -18.43 -49.61 -101.44
N ARG A 97 -18.27 -50.40 -102.51
CA ARG A 97 -16.95 -50.76 -103.03
C ARG A 97 -16.70 -50.01 -104.33
N LEU A 98 -15.50 -49.44 -104.46
CA LEU A 98 -15.14 -48.67 -105.64
C LEU A 98 -14.90 -49.56 -106.85
N LEU A 99 -15.26 -49.05 -108.02
CA LEU A 99 -14.87 -49.65 -109.29
C LEU A 99 -14.01 -48.70 -110.11
N SER A 100 -14.48 -47.48 -110.38
CA SER A 100 -13.74 -46.49 -111.15
C SER A 100 -14.28 -45.10 -110.85
N TYR A 101 -13.39 -44.11 -110.90
CA TYR A 101 -13.77 -42.71 -110.86
C TYR A 101 -13.46 -42.02 -112.19
N VAL A 102 -14.17 -40.93 -112.43
CA VAL A 102 -14.02 -40.09 -113.62
C VAL A 102 -13.50 -38.74 -113.16
N ALA A 103 -12.44 -38.26 -113.83
CA ALA A 103 -11.84 -36.96 -113.51
C ALA A 103 -12.79 -35.84 -113.93
N ALA A 104 -13.30 -35.12 -112.94
CA ALA A 104 -14.33 -34.11 -113.14
C ALA A 104 -14.18 -33.06 -112.04
N PRO A 105 -14.77 -31.87 -112.22
CA PRO A 105 -14.91 -30.95 -111.07
C PRO A 105 -15.74 -31.51 -109.91
N TYR A 106 -16.78 -32.29 -110.22
CA TYR A 106 -17.46 -33.06 -109.19
C TYR A 106 -16.84 -34.45 -109.14
N LEU A 107 -17.47 -35.38 -108.41
CA LEU A 107 -17.01 -36.75 -108.33
C LEU A 107 -18.16 -37.69 -108.65
N ARG A 108 -17.89 -38.70 -109.46
CA ARG A 108 -18.86 -39.72 -109.82
C ARG A 108 -18.36 -41.06 -109.30
N ALA A 109 -19.22 -41.77 -108.56
CA ALA A 109 -18.81 -43.00 -107.87
C ALA A 109 -19.78 -44.13 -108.18
N VAL A 110 -19.28 -45.13 -108.91
CA VAL A 110 -19.85 -46.47 -108.92
C VAL A 110 -18.77 -47.45 -108.48
N GLY A 111 -19.10 -48.36 -107.54
CA GLY A 111 -20.35 -48.41 -106.79
C GLY A 111 -20.88 -49.82 -106.66
N GLU A 112 -21.03 -50.27 -105.42
CA GLU A 112 -21.45 -51.63 -105.09
C GLU A 112 -22.26 -51.59 -103.79
N ALA A 113 -22.47 -52.77 -103.21
CA ALA A 113 -23.10 -52.92 -101.92
C ALA A 113 -22.55 -54.18 -101.27
N ILE A 114 -22.74 -54.29 -99.96
CA ILE A 114 -22.27 -55.47 -99.21
C ILE A 114 -23.47 -56.19 -98.59
N PRO A 115 -24.10 -57.15 -99.29
CA PRO A 115 -25.10 -58.02 -98.64
C PRO A 115 -24.49 -59.31 -98.10
N GLU A 116 -23.52 -59.17 -97.19
CA GLU A 116 -22.73 -60.30 -96.70
C GLU A 116 -22.86 -60.42 -95.19
N PRO A 117 -23.83 -61.20 -94.69
CA PRO A 117 -23.85 -61.53 -93.26
C PRO A 117 -22.81 -62.60 -92.95
N PRO A 118 -22.27 -62.63 -91.73
CA PRO A 118 -21.34 -63.70 -91.37
C PRO A 118 -22.07 -65.00 -91.06
N LEU A 119 -21.29 -66.07 -91.02
CA LEU A 119 -21.80 -67.41 -90.75
C LEU A 119 -21.45 -67.82 -89.32
N LYS A 120 -22.12 -68.89 -88.87
CA LYS A 120 -22.05 -69.47 -87.52
C LYS A 120 -22.39 -68.43 -86.44
N ASP A 121 -23.63 -67.93 -86.50
CA ASP A 121 -24.03 -66.85 -85.60
C ASP A 121 -24.26 -67.29 -84.13
N PRO A 122 -25.22 -68.15 -83.78
CA PRO A 122 -25.67 -68.16 -82.37
C PRO A 122 -24.78 -68.93 -81.40
N GLU A 123 -23.71 -69.58 -81.87
CA GLU A 123 -22.79 -70.29 -81.00
C GLU A 123 -21.52 -69.50 -80.72
N LEU A 124 -20.95 -68.85 -81.73
CA LEU A 124 -19.70 -68.11 -81.59
C LEU A 124 -19.90 -66.60 -81.61
N ALA A 125 -20.78 -66.10 -82.47
CA ALA A 125 -20.90 -64.66 -82.68
C ALA A 125 -21.61 -63.96 -81.53
N ARG A 126 -22.52 -64.66 -80.84
CA ARG A 126 -23.17 -64.11 -79.65
C ARG A 126 -22.19 -63.93 -78.50
N VAL A 127 -21.29 -64.91 -78.32
CA VAL A 127 -20.24 -64.83 -77.30
C VAL A 127 -19.22 -63.76 -77.66
N LEU A 128 -18.93 -63.61 -78.97
CA LEU A 128 -17.99 -62.59 -79.44
C LEU A 128 -18.56 -61.18 -79.27
N VAL A 129 -19.86 -60.99 -79.57
CA VAL A 129 -20.55 -59.72 -79.36
C VAL A 129 -20.66 -59.38 -77.87
N ASN A 130 -20.84 -60.40 -77.01
CA ASN A 130 -20.85 -60.18 -75.57
C ASN A 130 -19.47 -59.80 -75.02
N GLU A 131 -18.39 -60.38 -75.59
CA GLU A 131 -17.03 -59.99 -75.19
C GLU A 131 -16.69 -58.59 -75.67
N VAL A 132 -17.16 -58.21 -76.87
CA VAL A 132 -17.01 -56.85 -77.38
C VAL A 132 -17.77 -55.85 -76.52
N GLN A 133 -18.97 -56.25 -76.05
CA GLN A 133 -19.78 -55.43 -75.15
C GLN A 133 -19.11 -55.23 -73.79
N GLU A 134 -18.50 -56.29 -73.24
CA GLU A 134 -17.80 -56.19 -71.95
C GLU A 134 -16.52 -55.37 -72.06
N ALA A 135 -15.77 -55.51 -73.16
CA ALA A 135 -14.57 -54.70 -73.35
C ALA A 135 -14.90 -53.24 -73.65
N PHE A 136 -16.00 -52.98 -74.36
CA PHE A 136 -16.42 -51.61 -74.62
C PHE A 136 -17.00 -50.96 -73.38
N GLU A 137 -17.60 -51.75 -72.48
CA GLU A 137 -18.02 -51.22 -71.19
C GLU A 137 -16.83 -50.92 -70.29
N ARG A 138 -15.80 -51.77 -70.31
CA ARG A 138 -14.62 -51.56 -69.48
C ARG A 138 -13.64 -50.54 -70.06
N TYR A 139 -13.83 -50.12 -71.32
CA TYR A 139 -12.92 -49.14 -71.91
C TYR A 139 -13.10 -47.73 -71.33
N LEU A 140 -14.28 -47.39 -70.82
CA LEU A 140 -14.51 -46.06 -70.25
C LEU A 140 -13.85 -45.89 -68.88
N GLN A 141 -13.51 -47.00 -68.21
CA GLN A 141 -12.81 -46.93 -66.93
C GLN A 141 -11.37 -46.44 -67.07
N ASN A 142 -10.76 -46.57 -68.25
CA ASN A 142 -9.46 -45.98 -68.52
C ASN A 142 -9.51 -44.82 -69.50
N HIS A 143 -10.57 -44.70 -70.30
CA HIS A 143 -10.67 -43.58 -71.23
C HIS A 143 -11.19 -42.33 -70.54
N LYS A 144 -12.33 -42.47 -69.83
CA LYS A 144 -12.99 -41.43 -68.99
C LYS A 144 -13.38 -40.18 -69.77
N THR A 145 -13.73 -40.34 -71.05
CA THR A 145 -14.19 -39.23 -71.88
C THR A 145 -15.55 -39.46 -72.54
N LEU A 146 -15.99 -40.70 -72.69
CA LEU A 146 -17.20 -41.01 -73.43
C LEU A 146 -18.43 -40.90 -72.54
N ARG A 147 -19.61 -40.99 -73.17
CA ARG A 147 -20.88 -40.89 -72.47
C ARG A 147 -21.20 -42.20 -71.77
N LEU A 148 -21.73 -42.10 -70.55
CA LEU A 148 -21.92 -43.29 -69.71
C LEU A 148 -23.19 -44.05 -70.08
N ASP A 149 -24.33 -43.35 -70.17
CA ASP A 149 -25.61 -44.02 -70.45
C ASP A 149 -25.83 -44.31 -71.93
N ARG A 150 -24.95 -43.82 -72.80
CA ARG A 150 -25.01 -44.16 -74.23
C ARG A 150 -24.64 -45.62 -74.47
N TYR A 151 -23.83 -46.20 -73.57
CA TYR A 151 -23.51 -47.63 -73.61
C TYR A 151 -24.75 -48.48 -73.37
N GLN A 152 -25.56 -48.12 -72.36
CA GLN A 152 -26.77 -48.87 -72.07
C GLN A 152 -27.89 -48.55 -73.05
N GLN A 153 -27.88 -47.36 -73.65
CA GLN A 153 -28.84 -47.04 -74.70
C GLN A 153 -28.45 -47.59 -76.06
N GLU A 154 -27.20 -48.06 -76.22
CA GLU A 154 -26.71 -48.63 -77.47
C GLU A 154 -26.06 -49.98 -77.20
N ALA A 155 -26.72 -50.83 -76.43
CA ALA A 155 -26.19 -52.10 -75.98
C ALA A 155 -26.63 -53.24 -76.90
N VAL A 156 -26.35 -54.47 -76.46
CA VAL A 156 -26.89 -55.66 -77.12
C VAL A 156 -28.39 -55.75 -76.92
N LYS A 157 -28.86 -55.35 -75.72
CA LYS A 157 -30.29 -55.32 -75.40
C LYS A 157 -31.04 -54.26 -76.20
N SER A 158 -30.38 -53.17 -76.56
CA SER A 158 -31.00 -52.12 -77.36
C SER A 158 -30.81 -52.36 -78.86
N THR A 159 -29.58 -52.67 -79.28
CA THR A 159 -29.25 -52.88 -80.68
C THR A 159 -28.90 -54.34 -80.91
N ARG A 160 -29.63 -55.00 -81.80
CA ARG A 160 -29.42 -56.42 -82.09
C ARG A 160 -28.40 -56.64 -83.19
N ASP A 161 -28.22 -55.67 -84.09
CA ASP A 161 -27.34 -55.81 -85.25
C ASP A 161 -25.89 -55.70 -84.81
N PRO A 162 -25.04 -56.70 -85.08
CA PRO A 162 -23.62 -56.58 -84.69
C PRO A 162 -22.81 -55.61 -85.55
N ALA A 163 -23.26 -55.28 -86.76
CA ALA A 163 -22.53 -54.34 -87.60
C ALA A 163 -22.71 -52.90 -87.10
N ILE A 164 -23.93 -52.55 -86.68
CA ILE A 164 -24.23 -51.25 -86.12
C ILE A 164 -23.52 -51.08 -84.76
N LEU A 165 -23.51 -52.14 -83.95
CA LEU A 165 -22.81 -52.12 -82.67
C LEU A 165 -21.29 -52.08 -82.84
N ALA A 166 -20.77 -52.74 -83.88
CA ALA A 166 -19.33 -52.67 -84.17
C ALA A 166 -18.93 -51.29 -84.68
N ASP A 167 -19.80 -50.64 -85.46
CA ASP A 167 -19.55 -49.27 -85.91
C ASP A 167 -19.61 -48.28 -84.73
N LEU A 168 -20.52 -48.52 -83.78
CA LEU A 168 -20.59 -47.66 -82.59
C LEU A 168 -19.43 -47.92 -81.63
N VAL A 169 -18.87 -49.13 -81.63
CA VAL A 169 -17.65 -49.39 -80.87
C VAL A 169 -16.47 -48.68 -81.53
N ALA A 170 -16.31 -48.83 -82.86
CA ALA A 170 -15.13 -48.32 -83.54
C ALA A 170 -15.16 -46.82 -83.80
N HIS A 171 -16.33 -46.18 -83.69
CA HIS A 171 -16.38 -44.73 -83.90
C HIS A 171 -15.86 -43.96 -82.70
N HIS A 172 -16.17 -44.41 -81.48
CA HIS A 172 -15.95 -43.62 -80.28
C HIS A 172 -14.55 -43.74 -79.69
N ALA A 173 -13.65 -44.44 -80.35
CA ALA A 173 -12.28 -44.58 -79.87
C ALA A 173 -11.37 -43.62 -80.63
N THR A 174 -10.06 -43.75 -80.41
CA THR A 174 -9.08 -42.79 -80.90
C THR A 174 -8.13 -43.41 -81.93
N TRP A 175 -8.68 -44.12 -82.91
CA TRP A 175 -7.87 -44.78 -83.92
C TRP A 175 -7.27 -43.77 -84.91
N THR A 176 -6.28 -44.24 -85.67
CA THR A 176 -5.65 -43.44 -86.70
C THR A 176 -6.42 -43.58 -88.02
N LEU A 177 -5.83 -43.09 -89.11
CA LEU A 177 -6.49 -43.14 -90.41
C LEU A 177 -6.47 -44.55 -90.99
N GLU A 178 -5.33 -45.24 -90.87
CA GLU A 178 -5.17 -46.57 -91.44
C GLU A 178 -5.97 -47.61 -90.66
N GLU A 179 -6.09 -47.44 -89.34
CA GLU A 179 -6.86 -48.37 -88.51
C GLU A 179 -8.36 -48.23 -88.76
N LYS A 180 -8.85 -47.00 -88.91
CA LYS A 180 -10.25 -46.76 -89.25
C LYS A 180 -10.56 -47.20 -90.68
N GLN A 181 -9.57 -47.08 -91.58
CA GLN A 181 -9.75 -47.56 -92.96
C GLN A 181 -9.78 -49.08 -93.03
N THR A 182 -8.99 -49.77 -92.20
CA THR A 182 -9.05 -51.23 -92.17
C THR A 182 -10.29 -51.73 -91.43
N ILE A 183 -10.86 -50.94 -90.52
CA ILE A 183 -12.17 -51.28 -89.96
C ILE A 183 -13.26 -51.12 -91.01
N LEU A 184 -13.23 -50.01 -91.76
CA LEU A 184 -14.27 -49.75 -92.76
C LEU A 184 -14.11 -50.62 -94.02
N GLU A 185 -12.93 -51.19 -94.25
CA GLU A 185 -12.68 -51.97 -95.45
C GLU A 185 -13.22 -53.39 -95.34
N THR A 186 -13.10 -54.01 -94.17
CA THR A 186 -13.37 -55.44 -94.01
C THR A 186 -14.87 -55.70 -93.95
N PRO A 187 -15.41 -56.56 -94.84
CA PRO A 187 -16.85 -56.85 -94.77
C PRO A 187 -17.24 -57.89 -93.73
N GLU A 188 -16.30 -58.73 -93.29
CA GLU A 188 -16.59 -59.75 -92.28
C GLU A 188 -16.68 -59.10 -90.90
N VAL A 189 -17.74 -59.44 -90.16
CA VAL A 189 -18.00 -58.81 -88.87
C VAL A 189 -17.05 -59.33 -87.79
N GLU A 190 -16.83 -60.65 -87.77
CA GLU A 190 -16.17 -61.32 -86.64
C GLU A 190 -14.67 -61.04 -86.59
N GLU A 191 -14.03 -60.89 -87.76
CA GLU A 191 -12.63 -60.49 -87.83
C GLU A 191 -12.43 -59.07 -87.33
N ARG A 192 -13.39 -58.18 -87.63
CA ARG A 192 -13.38 -56.81 -87.10
C ARG A 192 -13.59 -56.80 -85.59
N LEU A 193 -14.44 -57.68 -85.08
CA LEU A 193 -14.69 -57.74 -83.64
C LEU A 193 -13.48 -58.28 -82.88
N LYS A 194 -12.79 -59.28 -83.44
CA LYS A 194 -11.56 -59.79 -82.82
C LYS A 194 -10.42 -58.78 -82.90
N ARG A 195 -10.36 -58.02 -84.02
CA ARG A 195 -9.37 -56.96 -84.18
C ARG A 195 -9.60 -55.81 -83.20
N VAL A 196 -10.86 -55.41 -82.99
CA VAL A 196 -11.11 -54.30 -82.07
C VAL A 196 -11.01 -54.78 -80.62
N LEU A 197 -11.19 -56.09 -80.36
CA LEU A 197 -10.92 -56.65 -79.03
C LEU A 197 -9.43 -56.59 -78.69
N ALA A 198 -8.57 -57.01 -79.63
CA ALA A 198 -7.12 -56.97 -79.42
C ALA A 198 -6.59 -55.55 -79.34
N LEU A 199 -7.09 -54.65 -80.19
CA LEU A 199 -6.61 -53.27 -80.16
C LEU A 199 -7.18 -52.47 -78.98
N LEU A 200 -8.38 -52.79 -78.48
CA LEU A 200 -8.86 -52.14 -77.27
C LEU A 200 -8.17 -52.67 -76.02
N LEU A 201 -7.74 -53.94 -76.03
CA LEU A 201 -6.88 -54.43 -74.94
C LEU A 201 -5.50 -53.76 -74.97
N ARG A 202 -4.99 -53.47 -76.18
CA ARG A 202 -3.77 -52.69 -76.33
C ARG A 202 -3.95 -51.25 -75.83
N ASP A 203 -5.14 -50.67 -76.07
CA ASP A 203 -5.44 -49.33 -75.58
C ASP A 203 -5.58 -49.28 -74.06
N LEU A 204 -6.14 -50.33 -73.46
CA LEU A 204 -6.24 -50.42 -72.00
C LEU A 204 -4.87 -50.58 -71.35
N GLU A 205 -3.98 -51.37 -71.98
CA GLU A 205 -2.61 -51.50 -71.50
C GLU A 205 -1.83 -50.20 -71.65
N ARG A 206 -2.07 -49.47 -72.76
CA ARG A 206 -1.42 -48.18 -73.00
C ARG A 206 -1.88 -47.12 -71.99
N PHE A 207 -3.18 -47.10 -71.67
CA PHE A 207 -3.70 -46.15 -70.69
C PHE A 207 -3.25 -46.49 -69.27
N GLU A 208 -3.12 -47.78 -68.93
CA GLU A 208 -2.60 -48.16 -67.62
C GLU A 208 -1.11 -47.83 -67.47
N LEU A 209 -0.32 -48.05 -68.53
CA LEU A 209 1.10 -47.70 -68.50
C LEU A 209 1.32 -46.20 -68.54
N ASP A 210 0.37 -45.44 -69.10
CA ASP A 210 0.42 -43.98 -68.95
C ASP A 210 0.11 -43.55 -67.51
N LYS A 211 -0.99 -44.10 -66.95
CA LYS A 211 -1.54 -43.58 -65.70
C LYS A 211 -0.71 -43.96 -64.47
N LYS A 212 -0.03 -45.12 -64.50
CA LYS A 212 0.79 -45.53 -63.36
C LYS A 212 2.02 -44.65 -63.19
N ILE A 213 2.74 -44.41 -64.29
CA ILE A 213 3.95 -43.60 -64.21
C ILE A 213 3.58 -42.11 -64.09
N ALA A 214 2.39 -41.72 -64.60
CA ALA A 214 1.88 -40.37 -64.38
C ALA A 214 1.48 -40.14 -62.92
N ALA A 215 0.95 -41.17 -62.23
CA ALA A 215 0.70 -41.06 -60.80
C ALA A 215 1.99 -41.04 -59.99
N ARG A 216 3.05 -41.71 -60.49
CA ARG A 216 4.37 -41.60 -59.87
C ARG A 216 4.94 -40.18 -59.99
N VAL A 217 4.77 -39.54 -61.14
CA VAL A 217 5.18 -38.14 -61.34
C VAL A 217 4.32 -37.18 -60.50
N LYS A 218 3.03 -37.51 -60.32
CA LYS A 218 2.13 -36.76 -59.45
C LYS A 218 2.57 -36.82 -57.98
N GLU A 219 3.03 -38.00 -57.52
CA GLU A 219 3.65 -38.12 -56.21
C GLU A 219 4.98 -37.37 -56.12
N GLN A 220 5.73 -37.33 -57.25
CA GLN A 220 7.04 -36.68 -57.30
C GLN A 220 6.95 -35.17 -57.11
N MET A 221 5.92 -34.49 -57.66
CA MET A 221 5.83 -33.08 -57.27
C MET A 221 4.88 -32.83 -56.09
N ASP A 222 4.05 -33.81 -55.70
CA ASP A 222 3.22 -33.62 -54.51
C ASP A 222 4.03 -33.74 -53.22
N GLN A 223 5.16 -34.45 -53.23
CA GLN A 223 6.06 -34.38 -52.08
C GLN A 223 6.76 -33.03 -51.99
N ASN A 224 7.28 -32.56 -53.14
CA ASN A 224 8.08 -31.35 -53.17
C ASN A 224 7.26 -30.08 -53.00
N GLN A 225 5.95 -30.14 -53.30
CA GLN A 225 5.06 -29.02 -53.03
C GLN A 225 4.91 -28.77 -51.53
N ARG A 226 4.76 -29.84 -50.74
CA ARG A 226 4.71 -29.70 -49.29
C ARG A 226 6.07 -29.36 -48.70
N GLU A 227 7.16 -29.83 -49.34
CA GLU A 227 8.52 -29.45 -48.93
C GLU A 227 8.78 -27.95 -49.11
N TYR A 228 8.37 -27.40 -50.26
CA TYR A 228 8.56 -25.96 -50.44
C TYR A 228 7.50 -25.12 -49.74
N TYR A 229 6.35 -25.71 -49.38
CA TYR A 229 5.45 -25.11 -48.39
C TYR A 229 6.13 -24.94 -47.05
N LEU A 230 6.91 -25.95 -46.61
CA LEU A 230 7.71 -25.78 -45.41
C LEU A 230 8.91 -24.86 -45.61
N ARG A 231 9.37 -24.69 -46.85
CA ARG A 231 10.58 -23.89 -47.08
C ARG A 231 10.31 -22.39 -47.19
N GLU A 232 9.19 -21.96 -47.80
CA GLU A 232 9.08 -20.57 -48.22
C GLU A 232 8.80 -19.59 -47.06
N GLN A 233 8.00 -20.00 -46.08
CA GLN A 233 7.31 -19.00 -45.26
C GLN A 233 8.16 -18.49 -44.11
N MET A 234 9.14 -19.29 -43.65
CA MET A 234 10.05 -18.83 -42.60
C MET A 234 11.02 -17.78 -43.12
N LYS A 235 11.58 -18.02 -44.31
CA LYS A 235 12.42 -17.02 -44.96
C LYS A 235 11.62 -15.80 -45.41
N ALA A 236 10.34 -16.01 -45.76
CA ALA A 236 9.44 -14.89 -46.04
C ALA A 236 9.17 -14.02 -44.80
N ILE A 237 8.91 -14.64 -43.64
CA ILE A 237 8.48 -13.82 -42.50
C ILE A 237 9.68 -13.18 -41.78
N GLN A 238 10.83 -13.88 -41.64
CA GLN A 238 12.02 -13.17 -41.18
C GLN A 238 12.89 -12.62 -42.30
N LYS A 239 12.35 -12.46 -43.50
CA LYS A 239 12.85 -11.39 -44.36
C LYS A 239 11.97 -10.15 -44.27
N GLU A 240 10.65 -10.32 -44.25
CA GLU A 240 9.73 -9.19 -44.30
C GLU A 240 9.58 -8.48 -42.96
N LEU A 241 9.90 -9.12 -41.84
CA LEU A 241 9.83 -8.46 -40.54
C LEU A 241 11.12 -7.66 -40.34
N GLY A 242 11.03 -6.35 -40.59
CA GLY A 242 12.15 -5.46 -40.36
C GLY A 242 13.25 -5.51 -41.40
N GLY A 243 14.00 -6.61 -41.43
CA GLY A 243 15.11 -6.78 -42.34
C GLY A 243 16.44 -6.88 -41.60
N GLY A 244 17.44 -6.17 -42.11
CA GLY A 244 18.73 -6.12 -41.45
C GLY A 244 18.76 -5.27 -40.19
N GLU A 245 17.81 -4.35 -40.05
CA GLU A 245 17.70 -3.50 -38.88
C GLU A 245 16.81 -4.15 -37.81
N ASP A 246 16.32 -5.35 -38.06
CA ASP A 246 15.49 -6.08 -37.11
C ASP A 246 16.32 -6.85 -36.08
N PHE A 247 17.66 -6.77 -36.18
CA PHE A 247 18.71 -7.33 -35.29
C PHE A 247 18.48 -8.79 -34.87
N LEU A 248 18.09 -9.57 -35.89
CA LEU A 248 18.08 -11.03 -35.82
C LEU A 248 19.49 -11.61 -35.69
N THR A 249 20.52 -10.87 -36.12
CA THR A 249 21.91 -11.27 -35.89
C THR A 249 22.25 -11.33 -34.41
N GLU A 250 21.82 -10.34 -33.61
CA GLU A 250 22.10 -10.45 -32.19
C GLU A 250 21.11 -11.39 -31.50
N ILE A 251 19.93 -11.60 -32.10
CA ILE A 251 19.02 -12.66 -31.61
C ILE A 251 19.67 -14.04 -31.75
N GLU A 252 20.30 -14.30 -32.90
CA GLU A 252 21.03 -15.57 -33.08
C GLU A 252 22.33 -15.60 -32.27
N GLU A 253 22.92 -14.44 -31.98
CA GLU A 253 24.09 -14.39 -31.09
C GLU A 253 23.72 -14.76 -29.66
N LEU A 254 22.57 -14.25 -29.17
CA LEU A 254 22.03 -14.66 -27.88
C LEU A 254 21.62 -16.14 -27.87
N ARG A 255 21.12 -16.65 -29.00
CA ARG A 255 20.77 -18.06 -29.12
C ARG A 255 22.01 -18.96 -29.07
N GLU A 256 23.11 -18.50 -29.65
CA GLU A 256 24.40 -19.19 -29.51
C GLU A 256 24.93 -19.10 -28.09
N ARG A 257 24.76 -17.94 -27.45
CA ARG A 257 25.23 -17.74 -26.08
C ARG A 257 24.38 -18.46 -25.02
N ILE A 258 23.19 -18.97 -25.39
CA ILE A 258 22.51 -19.97 -24.55
C ILE A 258 23.40 -21.19 -24.32
N GLU A 259 23.79 -21.85 -25.41
CA GLU A 259 24.53 -23.10 -25.31
C GLU A 259 26.03 -22.90 -25.13
N LYS A 260 26.53 -21.67 -25.30
CA LYS A 260 27.96 -21.43 -25.14
C LYS A 260 28.37 -21.47 -23.67
N LYS A 261 27.46 -21.07 -22.76
CA LYS A 261 27.82 -20.82 -21.37
C LYS A 261 28.02 -22.10 -20.58
N GLY A 262 27.16 -23.09 -20.78
CA GLY A 262 26.98 -24.17 -19.81
C GLY A 262 25.73 -24.01 -19.00
N MET A 263 24.77 -23.24 -19.49
CA MET A 263 23.56 -22.88 -18.76
C MET A 263 22.59 -24.06 -18.70
N PRO A 264 22.07 -24.39 -17.50
CA PRO A 264 21.55 -25.75 -17.26
C PRO A 264 20.18 -26.02 -17.86
N GLU A 265 19.76 -27.28 -17.69
CA GLU A 265 18.58 -27.87 -18.31
C GLU A 265 17.18 -27.49 -17.80
N PRO A 266 16.88 -27.04 -16.56
CA PRO A 266 15.52 -26.53 -16.31
C PRO A 266 15.30 -25.13 -16.88
N VAL A 267 16.38 -24.41 -17.20
CA VAL A 267 16.28 -23.02 -17.64
C VAL A 267 16.26 -22.94 -19.17
N LYS A 268 16.70 -24.01 -19.87
CA LYS A 268 17.02 -23.95 -21.29
C LYS A 268 15.77 -23.86 -22.16
N GLU A 269 14.76 -24.70 -21.89
CA GLU A 269 13.52 -24.66 -22.66
C GLU A 269 12.70 -23.41 -22.35
N LYS A 270 12.82 -22.85 -21.14
CA LYS A 270 12.17 -21.58 -20.82
C LYS A 270 12.82 -20.42 -21.57
N ALA A 271 14.16 -20.43 -21.68
CA ALA A 271 14.89 -19.40 -22.40
C ALA A 271 14.62 -19.47 -23.90
N LEU A 272 14.62 -20.67 -24.47
CA LEU A 272 14.28 -20.85 -25.87
C LEU A 272 12.80 -20.56 -26.16
N LYS A 273 11.87 -20.86 -25.24
CA LYS A 273 10.47 -20.56 -25.55
C LYS A 273 10.15 -19.07 -25.41
N GLU A 274 10.85 -18.32 -24.54
CA GLU A 274 10.44 -16.93 -24.45
C GLU A 274 11.25 -16.12 -25.46
N LEU A 275 12.41 -16.64 -25.89
CA LEU A 275 13.05 -16.11 -27.10
C LEU A 275 12.21 -16.40 -28.36
N LYS A 276 11.54 -17.56 -28.40
CA LYS A 276 10.57 -17.89 -29.44
C LYS A 276 9.37 -16.95 -29.42
N ARG A 277 8.96 -16.53 -28.22
CA ARG A 277 8.01 -15.44 -28.08
C ARG A 277 8.60 -14.10 -28.54
N LEU A 278 9.91 -13.93 -28.38
CA LEU A 278 10.54 -12.62 -28.56
C LEU A 278 10.68 -12.21 -30.02
N GLU A 279 10.98 -13.17 -30.95
CA GLU A 279 11.33 -12.65 -32.29
C GLU A 279 10.12 -12.22 -33.12
N ARG A 280 8.90 -12.63 -32.72
CA ARG A 280 7.72 -12.31 -33.49
C ARG A 280 6.95 -11.10 -32.97
N MET A 281 7.24 -10.65 -31.76
CA MET A 281 6.58 -9.49 -31.19
C MET A 281 7.47 -8.26 -31.32
N GLN A 282 6.90 -7.08 -31.02
CA GLN A 282 7.50 -5.80 -31.37
C GLN A 282 8.64 -5.48 -30.41
N PRO A 283 9.85 -5.21 -30.92
CA PRO A 283 11.01 -5.00 -30.03
C PRO A 283 11.04 -3.66 -29.31
N GLY A 284 10.19 -2.71 -29.66
CA GLY A 284 10.17 -1.45 -28.95
C GLY A 284 9.36 -1.43 -27.67
N SER A 285 8.69 -2.53 -27.33
CA SER A 285 7.75 -2.60 -26.21
C SER A 285 8.49 -2.60 -24.88
N PRO A 286 7.86 -2.10 -23.81
CA PRO A 286 8.41 -2.32 -22.46
C PRO A 286 8.38 -3.78 -22.02
N GLU A 287 7.43 -4.58 -22.54
CA GLU A 287 7.49 -6.02 -22.38
C GLU A 287 8.70 -6.60 -23.10
N ALA A 288 9.02 -6.06 -24.29
CA ALA A 288 10.24 -6.46 -24.99
C ALA A 288 11.50 -5.97 -24.27
N THR A 289 11.40 -4.83 -23.58
CA THR A 289 12.50 -4.32 -22.76
C THR A 289 12.79 -5.23 -21.58
N VAL A 290 11.76 -5.67 -20.86
CA VAL A 290 11.99 -6.57 -19.73
C VAL A 290 12.32 -7.98 -20.21
N SER A 291 11.92 -8.35 -21.44
CA SER A 291 12.33 -9.62 -22.03
C SER A 291 13.81 -9.64 -22.40
N ARG A 292 14.27 -8.56 -23.03
CA ARG A 292 15.70 -8.44 -23.38
C ARG A 292 16.55 -8.22 -22.15
N THR A 293 15.98 -7.63 -21.10
CA THR A 293 16.69 -7.55 -19.82
C THR A 293 16.80 -8.93 -19.16
N TYR A 294 15.72 -9.74 -19.23
CA TYR A 294 15.72 -11.09 -18.65
C TYR A 294 16.67 -12.02 -19.39
N LEU A 295 16.69 -11.91 -20.72
CA LEU A 295 17.60 -12.68 -21.56
C LEU A 295 18.87 -11.90 -21.88
N ASP A 296 19.17 -10.88 -21.10
CA ASP A 296 20.55 -10.52 -20.79
C ASP A 296 20.96 -11.08 -19.44
N TRP A 297 20.01 -11.18 -18.52
CA TRP A 297 20.30 -11.55 -17.14
C TRP A 297 20.62 -13.04 -16.99
N LEU A 298 19.93 -13.92 -17.71
CA LEU A 298 20.27 -15.36 -17.63
C LEU A 298 21.61 -15.67 -18.30
N LEU A 299 22.03 -14.85 -19.26
CA LEU A 299 23.26 -15.04 -20.00
C LEU A 299 24.36 -14.11 -19.55
N GLU A 300 24.17 -13.42 -18.45
CA GLU A 300 25.28 -12.76 -17.79
C GLU A 300 25.55 -13.34 -16.39
N VAL A 301 24.53 -13.89 -15.74
CA VAL A 301 24.66 -14.47 -14.39
C VAL A 301 25.44 -15.77 -14.52
N PRO A 302 26.32 -16.10 -13.57
CA PRO A 302 27.09 -17.34 -13.70
C PRO A 302 26.30 -18.55 -13.23
N TRP A 303 26.39 -19.62 -14.01
CA TRP A 303 25.70 -20.87 -13.71
C TRP A 303 26.67 -22.00 -13.38
N THR A 304 27.56 -22.34 -14.30
CA THR A 304 28.50 -23.44 -14.13
C THR A 304 29.93 -23.06 -14.45
N GLU A 305 30.19 -21.83 -14.88
CA GLU A 305 31.54 -21.39 -15.23
C GLU A 305 32.28 -20.97 -13.94
N ALA A 306 33.06 -21.90 -13.40
CA ALA A 306 33.61 -21.75 -12.07
C ALA A 306 35.11 -21.43 -12.12
N ASP A 307 35.55 -20.65 -11.15
CA ASP A 307 36.96 -20.42 -10.94
C ASP A 307 37.62 -21.68 -10.37
N PRO A 308 38.90 -21.91 -10.68
CA PRO A 308 39.58 -23.11 -10.15
C PRO A 308 39.86 -23.01 -8.67
N GLU A 309 39.39 -24.00 -7.91
CA GLU A 309 39.72 -24.11 -6.50
C GLU A 309 41.19 -24.47 -6.35
N VAL A 310 41.84 -23.90 -5.34
CA VAL A 310 43.28 -24.02 -5.18
C VAL A 310 43.62 -25.42 -4.64
N LEU A 311 44.62 -26.05 -5.26
CA LEU A 311 44.91 -27.46 -5.03
C LEU A 311 45.71 -27.72 -3.76
N ASP A 312 46.16 -26.69 -3.05
CA ASP A 312 46.98 -26.88 -1.86
C ASP A 312 46.65 -25.86 -0.79
N ILE A 313 46.86 -26.28 0.47
CA ILE A 313 46.50 -25.48 1.63
C ILE A 313 47.62 -24.49 1.97
N SER A 314 48.88 -24.92 1.81
CA SER A 314 50.04 -24.27 2.41
C SER A 314 50.41 -22.92 1.78
N VAL A 315 49.87 -22.60 0.60
CA VAL A 315 50.09 -21.26 0.04
C VAL A 315 48.93 -20.32 0.34
N THR A 316 47.87 -20.82 0.97
CA THR A 316 46.74 -19.98 1.37
C THR A 316 46.87 -19.51 2.81
N LYS A 317 47.46 -20.35 3.65
CA LYS A 317 47.70 -20.01 5.05
C LYS A 317 48.68 -18.85 5.19
N ARG A 318 49.69 -18.78 4.31
CA ARG A 318 50.63 -17.66 4.34
C ARG A 318 50.01 -16.36 3.84
N VAL A 319 49.04 -16.44 2.93
CA VAL A 319 48.31 -15.24 2.48
C VAL A 319 47.39 -14.75 3.59
N LEU A 320 46.82 -15.69 4.35
CA LEU A 320 46.12 -15.34 5.59
C LEU A 320 47.06 -14.76 6.65
N ASP A 321 48.29 -15.29 6.74
CA ASP A 321 49.27 -14.81 7.71
C ASP A 321 49.87 -13.45 7.32
N GLU A 322 49.71 -13.00 6.08
CA GLU A 322 50.08 -11.62 5.76
C GLU A 322 48.87 -10.69 5.69
N ASP A 323 47.70 -11.14 6.14
CA ASP A 323 46.52 -10.27 6.14
C ASP A 323 45.88 -10.11 7.51
N HIS A 324 45.66 -11.20 8.24
CA HIS A 324 45.13 -11.15 9.61
C HIS A 324 46.01 -11.95 10.55
N TYR A 325 46.07 -11.53 11.81
CA TYR A 325 46.92 -12.20 12.78
C TYR A 325 46.13 -12.91 13.88
N GLY A 326 45.28 -12.17 14.59
CA GLY A 326 44.77 -12.64 15.88
C GLY A 326 43.71 -13.71 15.80
N LEU A 327 43.06 -13.84 14.65
CA LEU A 327 42.05 -14.88 14.44
C LEU A 327 42.74 -16.16 13.98
N LYS A 328 43.35 -16.86 14.94
CA LYS A 328 43.90 -18.18 14.63
C LYS A 328 42.81 -19.24 14.49
N GLU A 329 41.72 -19.11 15.25
CA GLU A 329 40.66 -20.12 15.21
C GLU A 329 39.80 -19.94 13.95
N VAL A 330 39.62 -18.69 13.51
CA VAL A 330 38.93 -18.42 12.24
C VAL A 330 39.79 -18.85 11.06
N LYS A 331 41.12 -18.72 11.19
CA LYS A 331 42.06 -19.28 10.23
C LYS A 331 41.97 -20.80 10.18
N GLU A 332 41.83 -21.44 11.35
CA GLU A 332 41.65 -22.88 11.40
C GLU A 332 40.30 -23.31 10.84
N ARG A 333 39.26 -22.47 10.98
CA ARG A 333 37.97 -22.79 10.39
C ARG A 333 37.99 -22.59 8.87
N ILE A 334 38.82 -21.69 8.37
CA ILE A 334 38.80 -21.52 6.92
C ILE A 334 39.76 -22.50 6.20
N LEU A 335 40.90 -22.86 6.81
CA LEU A 335 41.70 -23.98 6.25
C LEU A 335 41.08 -25.34 6.56
N GLU A 336 40.21 -25.40 7.56
CA GLU A 336 39.29 -26.51 7.75
C GLU A 336 38.34 -26.64 6.57
N TYR A 337 37.83 -25.51 6.05
CA TYR A 337 37.00 -25.57 4.84
C TYR A 337 37.83 -25.95 3.60
N LEU A 338 39.10 -25.52 3.54
CA LEU A 338 40.03 -26.06 2.53
C LEU A 338 40.26 -27.56 2.68
N ALA A 339 40.30 -28.05 3.92
CA ALA A 339 40.49 -29.48 4.16
C ALA A 339 39.25 -30.28 3.77
N VAL A 340 38.07 -29.68 3.88
CA VAL A 340 36.87 -30.35 3.39
C VAL A 340 36.82 -30.36 1.87
N ARG A 341 36.98 -29.18 1.25
CA ARG A 341 36.82 -29.08 -0.20
C ARG A 341 38.00 -29.62 -0.99
N GLN A 342 39.17 -29.77 -0.37
CA GLN A 342 40.32 -30.35 -1.05
C GLN A 342 40.17 -31.87 -1.16
N LEU A 343 39.68 -32.50 -0.10
CA LEU A 343 39.63 -33.95 -0.04
C LEU A 343 38.47 -34.53 -0.85
N THR A 344 37.32 -33.87 -0.81
CA THR A 344 36.11 -34.46 -1.36
C THR A 344 36.08 -34.35 -2.89
N GLN A 345 35.97 -33.11 -3.39
CA GLN A 345 35.82 -32.75 -4.81
C GLN A 345 34.66 -33.49 -5.50
N GLY A 346 33.57 -33.66 -4.77
CA GLY A 346 32.37 -34.30 -5.29
C GLY A 346 32.43 -35.81 -5.43
N LYS A 347 32.70 -36.53 -4.34
CA LYS A 347 32.67 -37.99 -4.36
C LYS A 347 31.37 -38.49 -3.73
N GLU A 348 30.29 -38.34 -4.52
CA GLU A 348 28.88 -38.70 -4.18
C GLU A 348 28.41 -38.03 -2.90
N VAL A 349 28.71 -36.74 -2.77
CA VAL A 349 28.52 -36.01 -1.53
C VAL A 349 27.50 -34.90 -1.78
N LYS A 350 26.41 -34.91 -1.01
CA LYS A 350 25.38 -33.90 -1.05
C LYS A 350 24.83 -33.73 0.36
N GLY A 351 24.65 -32.48 0.78
CA GLY A 351 24.40 -32.18 2.17
C GLY A 351 25.44 -31.22 2.71
N HIS A 352 25.97 -30.40 1.80
CA HIS A 352 26.99 -29.41 2.10
C HIS A 352 26.47 -28.31 3.04
N ALA A 353 27.40 -27.69 3.77
CA ALA A 353 27.11 -26.49 4.54
C ALA A 353 28.33 -25.56 4.57
N PRO A 354 28.51 -24.73 3.51
CA PRO A 354 29.55 -23.69 3.51
C PRO A 354 29.07 -22.36 4.08
N ILE A 355 28.41 -22.40 5.23
CA ILE A 355 27.62 -21.27 5.72
C ILE A 355 28.21 -20.88 7.06
N LEU A 356 28.94 -19.77 7.11
CA LEU A 356 29.76 -19.44 8.27
C LEU A 356 29.42 -18.04 8.77
N CYS A 357 29.47 -17.86 10.10
CA CYS A 357 29.14 -16.60 10.73
C CYS A 357 30.25 -16.13 11.67
N PHE A 358 30.46 -14.81 11.71
CA PHE A 358 31.34 -14.19 12.70
C PHE A 358 30.53 -13.22 13.55
N VAL A 359 30.50 -13.47 14.87
CA VAL A 359 29.90 -12.60 15.87
C VAL A 359 30.96 -12.30 16.92
N GLY A 360 31.12 -11.02 17.27
CA GLY A 360 32.11 -10.60 18.23
C GLY A 360 31.93 -9.15 18.64
N PRO A 361 32.93 -8.57 19.30
CA PRO A 361 32.92 -7.13 19.53
C PRO A 361 33.07 -6.36 18.23
N PRO A 362 32.58 -5.11 18.16
CA PRO A 362 32.66 -4.35 16.91
C PRO A 362 34.07 -3.91 16.58
N GLY A 363 34.43 -4.08 15.31
CA GLY A 363 35.76 -3.74 14.86
C GLY A 363 36.83 -4.75 15.17
N VAL A 364 36.48 -6.04 15.27
CA VAL A 364 37.49 -7.05 15.58
C VAL A 364 38.10 -7.63 14.30
N GLY A 365 37.44 -7.45 13.15
CA GLY A 365 38.03 -7.90 11.91
C GLY A 365 37.06 -8.31 10.83
N LYS A 366 35.80 -8.53 11.20
CA LYS A 366 34.97 -9.46 10.48
C LYS A 366 34.28 -8.91 9.23
N THR A 367 34.53 -7.64 8.84
CA THR A 367 34.22 -7.24 7.47
C THR A 367 35.47 -7.10 6.60
N SER A 368 36.66 -7.26 7.15
CA SER A 368 37.88 -7.30 6.37
C SER A 368 38.40 -8.71 6.16
N LEU A 369 37.65 -9.73 6.60
CA LEU A 369 37.97 -11.11 6.21
C LEU A 369 37.77 -11.34 4.72
N GLY A 370 36.78 -10.70 4.10
CA GLY A 370 36.44 -10.94 2.71
C GLY A 370 37.44 -10.40 1.70
N LYS A 371 38.37 -9.55 2.13
CA LYS A 371 39.52 -9.19 1.32
C LYS A 371 40.74 -10.06 1.65
N SER A 372 40.58 -11.08 2.50
CA SER A 372 41.67 -11.96 2.89
C SER A 372 41.41 -13.43 2.57
N ILE A 373 40.20 -13.92 2.86
CA ILE A 373 39.74 -15.26 2.48
C ILE A 373 39.75 -15.42 0.96
N ALA A 374 39.29 -14.37 0.26
CA ALA A 374 39.26 -14.36 -1.19
C ALA A 374 40.65 -14.28 -1.80
N ARG A 375 41.57 -13.56 -1.15
CA ARG A 375 42.95 -13.57 -1.60
C ARG A 375 43.64 -14.88 -1.25
N SER A 376 43.17 -15.58 -0.21
CA SER A 376 43.75 -16.85 0.19
C SER A 376 43.39 -17.95 -0.80
N MET A 377 42.11 -18.32 -0.89
CA MET A 377 41.71 -19.43 -1.73
C MET A 377 41.43 -19.04 -3.19
N ASN A 378 41.81 -17.82 -3.60
CA ASN A 378 41.93 -17.36 -5.00
C ASN A 378 40.59 -17.34 -5.73
N ARG A 379 39.54 -17.00 -5.00
CA ARG A 379 38.18 -16.85 -5.52
C ARG A 379 37.81 -15.38 -5.55
N ARG A 380 37.02 -15.00 -6.56
CA ARG A 380 36.59 -13.62 -6.70
C ARG A 380 35.53 -13.28 -5.67
N PHE A 381 35.46 -12.00 -5.30
CA PHE A 381 34.76 -11.55 -4.09
C PHE A 381 33.72 -10.50 -4.42
N HIS A 382 32.58 -10.56 -3.73
CA HIS A 382 31.62 -9.46 -3.72
C HIS A 382 31.25 -9.19 -2.28
N ARG A 383 31.26 -7.92 -1.88
CA ARG A 383 30.90 -7.53 -0.52
C ARG A 383 29.44 -7.07 -0.50
N ILE A 384 28.54 -7.98 -0.15
CA ILE A 384 27.11 -7.69 -0.17
C ILE A 384 26.69 -7.03 1.15
N SER A 385 25.87 -5.99 1.05
CA SER A 385 25.48 -5.17 2.19
C SER A 385 24.03 -5.41 2.59
N LEU A 386 23.82 -5.75 3.86
CA LEU A 386 22.51 -5.74 4.48
C LEU A 386 22.55 -4.91 5.76
N GLY A 387 23.08 -3.69 5.66
CA GLY A 387 23.04 -2.78 6.79
C GLY A 387 21.62 -2.31 7.05
N GLY A 388 21.11 -1.43 6.20
CA GLY A 388 19.75 -0.97 6.36
C GLY A 388 18.83 -1.54 5.31
N VAL A 389 18.97 -2.82 5.03
CA VAL A 389 17.99 -3.48 4.17
C VAL A 389 16.74 -3.73 5.01
N ARG A 390 15.65 -3.11 4.59
CA ARG A 390 14.40 -3.14 5.34
C ARG A 390 13.38 -4.07 4.73
N ASP A 391 13.20 -3.99 3.41
CA ASP A 391 12.25 -4.83 2.70
C ASP A 391 12.84 -6.21 2.41
N GLU A 392 11.94 -7.15 2.14
CA GLU A 392 12.35 -8.47 1.66
C GLU A 392 12.88 -8.42 0.24
N ALA A 393 12.38 -7.49 -0.57
CA ALA A 393 12.59 -7.47 -2.01
C ALA A 393 13.96 -6.96 -2.43
N GLU A 394 14.82 -6.56 -1.49
CA GLU A 394 16.20 -6.27 -1.82
C GLU A 394 16.97 -7.54 -2.18
N ILE A 395 16.63 -8.65 -1.53
CA ILE A 395 17.22 -9.95 -1.84
C ILE A 395 16.27 -10.79 -2.69
N ARG A 396 14.97 -10.69 -2.40
CA ARG A 396 13.95 -11.47 -3.11
C ARG A 396 13.71 -10.96 -4.53
N GLY A 397 13.99 -9.69 -4.79
CA GLY A 397 13.80 -9.13 -6.12
C GLY A 397 12.37 -8.71 -6.37
N HIS A 398 12.05 -8.53 -7.64
CA HIS A 398 10.72 -8.13 -8.06
C HIS A 398 10.37 -8.84 -9.36
N ARG A 399 9.07 -9.00 -9.60
CA ARG A 399 8.61 -9.68 -10.80
C ARG A 399 8.78 -8.80 -12.03
N ARG A 400 8.83 -9.45 -13.20
CA ARG A 400 9.00 -8.75 -14.46
C ARG A 400 7.73 -8.04 -14.93
N THR A 401 6.58 -8.29 -14.30
CA THR A 401 5.39 -7.50 -14.56
C THR A 401 5.53 -6.08 -14.00
N TYR A 402 6.36 -5.90 -12.97
CA TYR A 402 6.68 -4.56 -12.48
C TYR A 402 7.60 -3.86 -13.47
N ILE A 403 7.23 -2.65 -13.87
CA ILE A 403 8.03 -1.88 -14.82
C ILE A 403 9.20 -1.24 -14.07
N GLY A 404 10.41 -1.54 -14.51
CA GLY A 404 11.61 -1.13 -13.82
C GLY A 404 12.29 -2.22 -13.03
N ALA A 405 12.03 -3.49 -13.35
CA ALA A 405 12.45 -4.58 -12.49
C ALA A 405 13.89 -4.98 -12.73
N LEU A 406 14.66 -5.02 -11.65
CA LEU A 406 16.00 -5.59 -11.57
C LEU A 406 15.99 -6.57 -10.41
N PRO A 407 16.81 -7.67 -10.48
CA PRO A 407 16.70 -8.72 -9.45
C PRO A 407 17.26 -8.37 -8.09
N GLY A 408 17.29 -9.38 -7.23
CA GLY A 408 17.75 -9.21 -5.88
C GLY A 408 19.25 -9.01 -5.79
N LYS A 409 19.69 -8.55 -4.62
CA LYS A 409 21.08 -8.13 -4.44
C LYS A 409 22.06 -9.29 -4.37
N ILE A 410 21.59 -10.52 -4.10
CA ILE A 410 22.42 -11.71 -4.30
C ILE A 410 22.71 -11.90 -5.78
N ILE A 411 21.70 -11.69 -6.62
CA ILE A 411 21.86 -11.83 -8.06
C ILE A 411 22.61 -10.63 -8.64
N GLN A 412 22.49 -9.45 -8.03
CA GLN A 412 23.33 -8.30 -8.39
C GLN A 412 24.78 -8.50 -7.95
N GLY A 413 24.97 -9.22 -6.84
CA GLY A 413 26.30 -9.66 -6.46
C GLY A 413 26.90 -10.62 -7.46
N MET A 414 26.08 -11.57 -7.95
CA MET A 414 26.45 -12.44 -9.07
C MET A 414 26.73 -11.69 -10.36
N LYS A 415 26.06 -10.55 -10.57
CA LYS A 415 26.39 -9.68 -11.71
C LYS A 415 27.78 -9.09 -11.57
N GLN A 416 28.13 -8.62 -10.37
CA GLN A 416 29.45 -8.00 -10.22
C GLN A 416 30.58 -9.03 -10.16
N VAL A 417 30.37 -10.20 -9.55
CA VAL A 417 31.50 -11.08 -9.27
C VAL A 417 31.92 -11.88 -10.52
N GLY A 418 30.98 -12.14 -11.43
CA GLY A 418 31.26 -12.77 -12.70
C GLY A 418 31.26 -14.29 -12.74
N VAL A 419 31.84 -14.94 -11.74
CA VAL A 419 32.03 -16.39 -11.77
C VAL A 419 31.18 -17.05 -10.69
N VAL A 420 30.83 -18.31 -10.92
CA VAL A 420 30.06 -19.10 -9.97
C VAL A 420 31.13 -19.80 -9.16
N ASN A 421 30.73 -20.44 -8.06
CA ASN A 421 31.52 -20.74 -6.87
C ASN A 421 32.36 -19.51 -6.43
N PRO A 422 31.70 -18.33 -6.04
CA PRO A 422 32.50 -17.27 -5.39
C PRO A 422 32.40 -17.33 -3.88
N VAL A 423 32.87 -16.26 -3.23
CA VAL A 423 32.72 -16.07 -1.79
C VAL A 423 31.90 -14.80 -1.54
N PHE A 424 31.01 -14.85 -0.53
CA PHE A 424 30.24 -13.69 -0.06
C PHE A 424 30.59 -13.30 1.36
N LEU A 425 30.63 -11.99 1.60
CA LEU A 425 30.56 -11.40 2.93
C LEU A 425 29.28 -10.57 3.02
N LEU A 426 28.32 -11.06 3.80
CA LEU A 426 27.17 -10.25 4.19
C LEU A 426 27.62 -9.22 5.23
N ASP A 427 27.13 -7.98 5.12
CA ASP A 427 27.73 -6.93 5.93
C ASP A 427 27.09 -6.88 7.33
N GLU A 428 25.77 -6.99 7.45
CA GLU A 428 25.14 -6.90 8.77
C GLU A 428 23.94 -7.83 8.83
N ILE A 429 23.80 -8.55 9.94
CA ILE A 429 22.72 -9.52 10.12
C ILE A 429 21.86 -9.18 11.34
N ASP A 430 22.49 -8.85 12.47
CA ASP A 430 21.78 -8.59 13.72
C ASP A 430 20.95 -7.33 13.70
N LYS A 431 21.28 -6.37 12.85
CA LYS A 431 20.48 -5.17 12.67
C LYS A 431 20.04 -5.05 11.23
N LEU A 432 19.80 -6.19 10.59
CA LEU A 432 18.94 -6.28 9.43
C LEU A 432 17.50 -6.02 9.88
N SER A 433 16.96 -4.87 9.51
CA SER A 433 15.65 -4.47 10.00
C SER A 433 14.54 -5.01 9.10
N SER A 434 13.32 -4.95 9.61
CA SER A 434 12.17 -5.53 8.95
C SER A 434 11.00 -4.55 8.97
N ASP A 435 10.07 -4.77 8.05
CA ASP A 435 8.84 -3.99 8.00
C ASP A 435 7.70 -4.94 7.62
N TRP A 436 6.58 -4.36 7.21
CA TRP A 436 5.52 -5.10 6.54
C TRP A 436 5.89 -5.30 5.07
N ARG A 437 4.94 -5.93 4.34
CA ARG A 437 5.02 -6.51 2.99
C ARG A 437 6.32 -7.27 2.71
N GLY A 438 6.79 -8.04 3.69
CA GLY A 438 7.99 -8.84 3.54
C GLY A 438 9.03 -8.65 4.62
N ASP A 439 9.37 -9.75 5.30
CA ASP A 439 10.47 -9.79 6.25
C ASP A 439 11.68 -10.33 5.49
N PRO A 440 12.82 -9.62 5.46
CA PRO A 440 14.01 -10.14 4.75
C PRO A 440 14.69 -11.32 5.42
N ALA A 441 14.30 -11.70 6.65
CA ALA A 441 14.69 -12.98 7.21
C ALA A 441 14.09 -14.16 6.44
N ALA A 442 12.93 -13.99 5.80
CA ALA A 442 12.43 -15.02 4.88
C ALA A 442 13.25 -15.10 3.61
N ALA A 443 13.79 -13.97 3.13
CA ALA A 443 14.68 -13.97 1.97
C ALA A 443 16.01 -14.62 2.30
N LEU A 444 16.52 -14.40 3.51
CA LEU A 444 17.77 -15.05 3.91
C LEU A 444 17.53 -16.48 4.39
N LEU A 445 16.30 -16.84 4.72
CA LEU A 445 15.92 -18.24 4.83
C LEU A 445 16.02 -18.92 3.46
N GLU A 446 15.53 -18.22 2.42
CA GLU A 446 15.57 -18.73 1.05
C GLU A 446 17.00 -18.79 0.52
N VAL A 447 17.89 -17.92 1.00
CA VAL A 447 19.30 -18.04 0.66
C VAL A 447 19.96 -19.17 1.46
N LEU A 448 19.92 -19.07 2.79
CA LEU A 448 20.82 -19.85 3.65
C LEU A 448 20.14 -21.10 4.21
N ASP A 449 19.67 -21.98 3.33
CA ASP A 449 19.32 -23.34 3.73
C ASP A 449 20.06 -24.34 2.87
N PRO A 450 20.51 -25.45 3.46
CA PRO A 450 20.98 -26.59 2.64
C PRO A 450 19.89 -27.25 1.81
N GLU A 451 18.62 -27.15 2.23
CA GLU A 451 17.51 -27.62 1.41
C GLU A 451 17.34 -26.78 0.16
N GLN A 452 17.46 -25.46 0.28
CA GLN A 452 17.35 -24.59 -0.89
C GLN A 452 18.63 -23.77 -1.14
N ASN A 453 19.77 -24.44 -1.12
CA ASN A 453 20.94 -23.89 -1.82
C ASN A 453 21.04 -24.42 -3.24
N HIS A 454 20.51 -25.62 -3.50
CA HIS A 454 20.56 -26.18 -4.85
C HIS A 454 19.56 -25.48 -5.78
N THR A 455 18.33 -25.30 -5.31
CA THR A 455 17.37 -24.45 -5.98
C THR A 455 17.19 -23.16 -5.17
N PHE A 456 16.98 -22.05 -5.88
CA PHE A 456 16.79 -20.79 -5.18
C PHE A 456 15.43 -20.18 -5.49
N THR A 457 15.11 -20.01 -6.77
CA THR A 457 13.88 -19.41 -7.32
C THR A 457 13.62 -18.02 -6.75
N ASP A 458 14.54 -17.12 -7.08
CA ASP A 458 14.33 -15.70 -6.83
C ASP A 458 13.20 -15.18 -7.71
N HIS A 459 12.54 -14.13 -7.26
CA HIS A 459 11.32 -13.71 -7.91
C HIS A 459 11.53 -12.71 -9.04
N TYR A 460 12.74 -12.64 -9.60
CA TYR A 460 12.97 -12.07 -10.92
C TYR A 460 13.38 -13.17 -11.90
N LEU A 461 14.47 -13.89 -11.61
CA LEU A 461 14.82 -15.08 -12.38
C LEU A 461 14.04 -16.25 -11.78
N ASP A 462 12.85 -16.50 -12.34
CA ASP A 462 11.88 -17.43 -11.78
C ASP A 462 12.27 -18.91 -11.91
N VAL A 463 13.33 -19.22 -12.66
CA VAL A 463 13.96 -20.53 -12.69
C VAL A 463 14.73 -20.79 -11.40
N PRO A 464 15.06 -22.05 -11.09
CA PRO A 464 16.04 -22.35 -10.04
C PRO A 464 17.41 -21.73 -10.30
N TYR A 465 18.05 -21.31 -9.21
CA TYR A 465 19.42 -20.82 -9.24
C TYR A 465 20.22 -21.60 -8.20
N ASP A 466 21.52 -21.74 -8.43
CA ASP A 466 22.39 -22.52 -7.58
C ASP A 466 23.14 -21.60 -6.63
N LEU A 467 22.95 -21.79 -5.33
CA LEU A 467 23.73 -21.15 -4.28
C LEU A 467 24.53 -22.19 -3.49
N SER A 468 24.91 -23.28 -4.13
CA SER A 468 25.48 -24.40 -3.39
C SER A 468 26.98 -24.26 -3.16
N LYS A 469 27.73 -23.99 -4.24
CA LYS A 469 29.18 -23.98 -4.15
C LYS A 469 29.70 -22.72 -3.48
N VAL A 470 28.91 -21.64 -3.50
CA VAL A 470 29.28 -20.35 -2.92
C VAL A 470 29.39 -20.43 -1.40
N PHE A 471 30.47 -19.86 -0.88
CA PHE A 471 30.79 -19.84 0.54
C PHE A 471 30.32 -18.52 1.14
N PHE A 472 29.81 -18.57 2.36
CA PHE A 472 29.18 -17.41 2.96
C PHE A 472 29.92 -16.92 4.20
N ILE A 473 30.04 -15.61 4.31
CA ILE A 473 30.32 -14.92 5.57
C ILE A 473 29.11 -14.05 5.89
N THR A 474 28.51 -14.29 7.05
CA THR A 474 27.49 -13.41 7.61
C THR A 474 28.09 -12.75 8.84
N THR A 475 28.07 -11.42 8.87
CA THR A 475 28.76 -10.64 9.88
C THR A 475 27.73 -9.98 10.79
N ALA A 476 27.92 -10.13 12.11
CA ALA A 476 27.03 -9.50 13.07
C ALA A 476 27.81 -9.19 14.34
N ASN A 477 27.19 -8.38 15.20
CA ASN A 477 27.79 -8.00 16.47
C ASN A 477 27.24 -8.78 17.66
N THR A 478 25.93 -8.99 17.71
CA THR A 478 25.33 -9.77 18.79
C THR A 478 24.49 -10.91 18.26
N LEU A 479 24.30 -11.91 19.13
CA LEU A 479 23.45 -13.06 18.86
C LEU A 479 22.00 -12.85 19.30
N SER A 480 21.73 -11.78 20.05
CA SER A 480 20.40 -11.58 20.62
C SER A 480 19.40 -11.10 19.58
N THR A 481 19.82 -10.22 18.67
CA THR A 481 18.92 -9.65 17.69
C THR A 481 19.05 -10.30 16.31
N ILE A 482 19.69 -11.46 16.22
CA ILE A 482 19.56 -12.29 15.01
C ILE A 482 18.12 -12.81 14.95
N PRO A 483 17.47 -12.88 13.77
CA PRO A 483 16.29 -13.75 13.63
C PRO A 483 16.66 -15.21 13.87
N ARG A 484 16.03 -15.81 14.89
CA ARG A 484 16.23 -17.15 15.47
C ARG A 484 16.32 -18.33 14.48
N PRO A 485 15.59 -18.39 13.33
CA PRO A 485 15.96 -19.39 12.31
C PRO A 485 17.34 -19.19 11.70
N LEU A 486 17.73 -17.94 11.43
CA LEU A 486 19.05 -17.66 10.88
C LEU A 486 20.13 -17.82 11.95
N LEU A 487 19.79 -17.61 13.22
CA LEU A 487 20.70 -17.98 14.30
C LEU A 487 20.83 -19.50 14.41
N ASP A 488 19.76 -20.21 14.10
CA ASP A 488 19.70 -21.65 14.27
C ASP A 488 20.51 -22.38 13.22
N ARG A 489 20.11 -22.27 11.96
CA ARG A 489 20.70 -23.09 10.89
C ARG A 489 21.78 -22.29 10.16
N MET A 490 22.82 -21.94 10.94
CA MET A 490 24.02 -21.26 10.47
C MET A 490 25.14 -21.48 11.50
N GLU A 491 26.34 -21.76 11.01
CA GLU A 491 27.49 -22.04 11.87
C GLU A 491 28.06 -20.75 12.42
N VAL A 492 28.00 -20.58 13.73
CA VAL A 492 28.40 -19.34 14.40
C VAL A 492 29.81 -19.51 14.96
N ILE A 493 30.70 -18.56 14.65
CA ILE A 493 31.93 -18.39 15.40
C ILE A 493 31.75 -17.19 16.33
N GLU A 494 31.80 -17.44 17.63
CA GLU A 494 31.83 -16.37 18.61
C GLU A 494 33.27 -15.90 18.72
N ILE A 495 33.60 -14.80 18.05
CA ILE A 495 34.95 -14.25 18.06
C ILE A 495 35.23 -13.57 19.39
N PRO A 496 36.25 -14.00 20.14
CA PRO A 496 36.63 -13.29 21.37
C PRO A 496 37.33 -11.99 21.04
N GLY A 497 37.33 -11.10 22.03
CA GLY A 497 37.93 -9.79 21.84
C GLY A 497 39.45 -9.84 21.80
N TYR A 498 40.02 -8.95 20.99
CA TYR A 498 41.46 -8.77 20.96
C TYR A 498 41.96 -8.09 22.21
N THR A 499 42.95 -8.71 22.83
CA THR A 499 43.65 -8.20 24.00
C THR A 499 45.09 -7.88 23.59
N LEU A 500 45.90 -7.41 24.55
CA LEU A 500 47.10 -6.63 24.21
C LEU A 500 48.23 -7.46 23.61
N HIS A 501 48.32 -8.75 23.94
CA HIS A 501 49.45 -9.53 23.49
C HIS A 501 49.31 -10.04 22.05
N GLU A 502 48.17 -9.81 21.41
CA GLU A 502 48.08 -9.80 19.97
C GLU A 502 47.94 -8.39 19.40
N LYS A 503 47.62 -7.39 20.24
CA LYS A 503 47.52 -6.02 19.74
C LYS A 503 48.89 -5.39 19.48
N ARG A 504 49.90 -5.81 20.26
CA ARG A 504 51.29 -5.42 20.02
C ARG A 504 51.78 -5.94 18.68
N ALA A 505 51.36 -7.14 18.30
CA ALA A 505 51.71 -7.65 16.98
C ALA A 505 50.88 -7.00 15.88
N ILE A 506 49.60 -6.68 16.15
CA ILE A 506 48.69 -6.26 15.08
C ILE A 506 49.05 -4.85 14.61
N ALA A 507 49.64 -4.03 15.52
CA ALA A 507 50.07 -2.67 15.22
C ALA A 507 51.23 -2.71 14.23
N ARG A 508 52.36 -3.25 14.71
CA ARG A 508 53.64 -3.26 14.01
C ARG A 508 53.59 -4.09 12.73
N TYR A 509 52.82 -5.17 12.71
CA TYR A 509 52.72 -5.91 11.46
C TYR A 509 51.77 -5.26 10.47
N PHE A 510 50.51 -5.03 10.86
CA PHE A 510 49.46 -4.80 9.87
C PHE A 510 48.88 -3.40 9.94
N ARG A 511 48.64 -2.88 11.15
CA ARG A 511 47.80 -1.69 11.18
C ARG A 511 48.59 -0.41 11.06
N TRP A 512 49.67 -0.27 11.85
CA TRP A 512 50.64 0.80 11.66
C TRP A 512 51.28 0.97 10.27
N PRO A 513 51.75 -0.07 9.52
CA PRO A 513 52.41 0.25 8.23
C PRO A 513 51.47 0.73 7.14
N PHE A 514 50.20 0.27 7.18
CA PHE A 514 49.16 0.73 6.27
C PHE A 514 48.88 2.23 6.43
N GLN A 515 48.80 2.69 7.66
CA GLN A 515 48.46 4.09 7.91
C GLN A 515 49.67 5.02 7.97
N VAL A 516 50.89 4.51 8.12
CA VAL A 516 52.02 5.39 7.84
C VAL A 516 52.36 5.37 6.35
N LYS A 517 51.87 4.39 5.59
CA LYS A 517 51.78 4.55 4.16
C LYS A 517 50.72 5.58 3.79
N GLU A 518 49.62 5.62 4.56
CA GLU A 518 48.57 6.61 4.31
C GLU A 518 49.00 8.01 4.72
N ALA A 519 49.81 8.13 5.77
CA ALA A 519 50.30 9.45 6.19
C ALA A 519 51.37 9.95 5.24
N GLY A 520 52.28 9.06 4.83
CA GLY A 520 53.39 9.42 3.94
C GLY A 520 54.75 9.06 4.47
N LEU A 521 54.90 8.91 5.79
CA LEU A 521 56.16 8.49 6.41
C LEU A 521 56.29 6.97 6.30
N GLU A 522 56.67 6.51 5.10
CA GLU A 522 56.76 5.08 4.82
C GLU A 522 57.93 4.42 5.56
N GLY A 523 59.07 5.08 5.58
CA GLY A 523 60.18 4.63 6.39
C GLY A 523 60.62 5.67 7.38
N ARG A 524 59.80 6.72 7.57
CA ARG A 524 60.19 7.90 8.33
C ARG A 524 59.39 8.06 9.61
N LEU A 525 59.11 6.95 10.30
CA LEU A 525 58.53 6.92 11.65
C LEU A 525 58.83 5.55 12.24
N GLU A 526 59.18 5.52 13.53
CA GLU A 526 59.20 4.27 14.29
C GLU A 526 58.48 4.47 15.62
N ILE A 527 57.89 3.36 16.12
CA ILE A 527 57.28 3.31 17.44
C ILE A 527 57.96 2.17 18.21
N THR A 528 58.24 2.38 19.50
CA THR A 528 58.65 1.28 20.35
C THR A 528 57.47 0.35 20.61
N ASP A 529 57.80 -0.87 21.05
CA ASP A 529 56.75 -1.81 21.45
C ASP A 529 56.14 -1.41 22.79
N ARG A 530 56.91 -0.72 23.63
CA ARG A 530 56.43 -0.22 24.92
C ARG A 530 55.37 0.85 24.76
N ALA A 531 55.49 1.69 23.73
CA ALA A 531 54.46 2.70 23.47
C ALA A 531 53.19 2.08 22.91
N ILE A 532 53.31 0.99 22.13
CA ILE A 532 52.16 0.24 21.64
C ILE A 532 51.42 -0.41 22.82
N GLU A 533 52.19 -1.00 23.74
CA GLU A 533 51.64 -1.61 24.95
C GLU A 533 51.00 -0.57 25.86
N ARG A 534 51.61 0.62 25.96
CA ARG A 534 51.07 1.75 26.72
C ARG A 534 49.76 2.28 26.14
N ILE A 535 49.68 2.38 24.81
CA ILE A 535 48.47 2.81 24.10
C ILE A 535 47.32 1.83 24.35
N VAL A 536 47.64 0.53 24.40
CA VAL A 536 46.57 -0.43 24.62
C VAL A 536 46.14 -0.46 26.11
N GLN A 537 47.08 -0.41 27.09
CA GLN A 537 46.61 -0.48 28.48
C GLN A 537 46.06 0.85 28.99
N GLU A 538 46.39 1.98 28.36
CA GLU A 538 46.03 3.26 28.93
C GLU A 538 45.14 4.12 28.06
N TYR A 539 45.11 3.91 26.74
CA TYR A 539 44.39 4.83 25.87
C TYR A 539 43.19 4.18 25.20
N THR A 540 43.17 2.86 25.09
CA THR A 540 42.10 2.12 24.43
C THR A 540 41.38 1.27 25.47
N ARG A 541 40.05 1.30 25.46
CA ARG A 541 39.30 0.43 26.36
C ARG A 541 38.08 -0.17 25.67
N GLU A 542 38.22 -0.61 24.42
CA GLU A 542 37.30 -1.59 23.87
C GLU A 542 38.09 -2.71 23.22
N ALA A 543 37.39 -3.81 22.97
CA ALA A 543 38.04 -5.05 22.54
C ALA A 543 38.47 -5.00 21.07
N GLY A 544 37.79 -4.19 20.26
CA GLY A 544 38.22 -4.02 18.89
C GLY A 544 39.44 -3.14 18.79
N VAL A 545 40.07 -3.19 17.62
CA VAL A 545 41.28 -2.42 17.36
C VAL A 545 40.97 -1.16 16.55
N ARG A 546 39.72 -0.69 16.64
CA ARG A 546 39.35 0.47 15.85
C ARG A 546 39.89 1.77 16.40
N ASN A 547 39.80 2.02 17.71
CA ASN A 547 40.52 3.21 18.16
C ASN A 547 42.00 2.95 18.44
N LEU A 548 42.46 1.69 18.38
CA LEU A 548 43.88 1.46 18.14
C LEU A 548 44.27 2.01 16.79
N ASP A 549 43.46 1.75 15.76
CA ASP A 549 43.68 2.27 14.41
C ASP A 549 43.58 3.78 14.36
N ARG A 550 42.60 4.35 15.08
CA ARG A 550 42.38 5.79 15.04
C ARG A 550 43.38 6.57 15.90
N GLU A 551 43.87 6.04 17.03
CA GLU A 551 44.88 6.80 17.76
C GLU A 551 46.32 6.49 17.36
N LEU A 552 46.65 5.32 16.79
CA LEU A 552 47.94 5.25 16.10
C LEU A 552 47.89 5.99 14.77
N SER A 553 46.70 6.14 14.17
CA SER A 553 46.50 7.08 13.08
C SER A 553 46.73 8.51 13.54
N LYS A 554 46.32 8.83 14.78
CA LYS A 554 46.59 10.14 15.36
C LYS A 554 48.06 10.35 15.67
N VAL A 555 48.79 9.29 16.04
CA VAL A 555 50.26 9.35 16.14
C VAL A 555 50.88 9.65 14.78
N ALA A 556 50.40 8.97 13.73
CA ALA A 556 50.92 9.15 12.38
C ALA A 556 50.60 10.53 11.81
N ARG A 557 49.42 11.06 12.08
CA ARG A 557 49.08 12.37 11.52
C ARG A 557 49.59 13.53 12.39
N LYS A 558 49.81 13.32 13.70
CA LYS A 558 50.56 14.32 14.46
C LYS A 558 52.03 14.33 14.09
N ALA A 559 52.56 13.15 13.71
CA ALA A 559 53.91 13.09 13.15
C ALA A 559 53.97 13.74 11.77
N ALA A 560 52.89 13.64 10.98
CA ALA A 560 52.83 14.36 9.71
C ALA A 560 52.67 15.86 9.93
N LYS A 561 51.99 16.27 11.01
CA LYS A 561 51.89 17.68 11.37
C LYS A 561 53.23 18.24 11.81
N ASP A 562 54.02 17.43 12.51
CA ASP A 562 55.39 17.80 12.84
C ASP A 562 56.28 17.81 11.60
N TYR A 563 56.06 16.88 10.67
CA TYR A 563 56.90 16.74 9.50
C TYR A 563 56.60 17.76 8.42
N LEU A 564 55.42 18.38 8.43
CA LEU A 564 55.11 19.40 7.44
C LEU A 564 55.21 20.83 7.96
N GLU A 565 55.02 21.07 9.26
CA GLU A 565 55.22 22.41 9.78
C GLU A 565 56.70 22.74 9.97
N LYS A 566 57.57 21.72 10.01
CA LYS A 566 59.01 21.92 9.97
C LYS A 566 59.61 20.73 9.24
N PRO A 567 60.66 20.93 8.42
CA PRO A 567 61.22 19.81 7.63
C PRO A 567 62.09 18.80 8.39
N TRP A 568 62.12 18.83 9.72
CA TRP A 568 62.95 17.94 10.52
C TRP A 568 62.45 16.50 10.43
N GLU A 569 63.36 15.57 10.70
CA GLU A 569 63.12 14.15 10.45
C GLU A 569 62.20 13.56 11.50
N GLY A 570 61.17 12.84 11.05
CA GLY A 570 60.28 12.09 11.90
C GLY A 570 60.72 10.66 12.16
N VAL A 571 61.97 10.31 11.83
CA VAL A 571 62.48 8.95 11.98
C VAL A 571 63.03 8.71 13.39
N ARG A 572 62.81 9.67 14.31
CA ARG A 572 62.89 9.41 15.74
C ARG A 572 61.90 8.32 16.14
N VAL A 573 62.30 7.49 17.07
CA VAL A 573 61.41 6.45 17.57
C VAL A 573 60.54 7.05 18.68
N VAL A 574 59.26 6.68 18.70
CA VAL A 574 58.32 7.23 19.65
C VAL A 574 58.17 6.24 20.81
N ASP A 575 58.73 6.60 21.95
CA ASP A 575 58.68 5.76 23.15
C ASP A 575 57.46 6.13 24.00
N ALA A 576 57.47 5.74 25.28
CA ALA A 576 56.31 5.89 26.14
C ALA A 576 56.08 7.35 26.55
N GLU A 577 57.14 8.08 26.88
CA GLU A 577 56.99 9.38 27.51
C GLU A 577 56.88 10.55 26.54
N ASP A 578 57.29 10.39 25.27
CA ASP A 578 57.03 11.43 24.28
C ASP A 578 55.69 11.26 23.57
N LEU A 579 54.98 10.18 23.90
CA LEU A 579 53.72 9.83 23.26
C LEU A 579 52.57 10.73 23.71
N GLU A 580 52.68 11.30 24.92
CA GLU A 580 51.68 12.21 25.44
C GLU A 580 51.68 13.57 24.72
N ALA A 581 52.79 13.93 24.08
CA ALA A 581 52.77 15.07 23.19
C ALA A 581 51.97 14.78 21.92
N TYR A 582 51.99 13.54 21.44
CA TYR A 582 51.20 13.19 20.27
C TYR A 582 49.73 13.01 20.58
N LEU A 583 49.39 12.40 21.72
CA LEU A 583 48.01 12.01 21.96
C LEU A 583 47.33 12.74 23.12
N GLY A 584 48.03 13.62 23.81
CA GLY A 584 47.37 14.46 24.80
C GLY A 584 47.14 13.75 26.11
N VAL A 585 45.93 13.87 26.63
CA VAL A 585 45.57 13.39 27.96
C VAL A 585 45.42 11.87 27.94
N PRO A 586 45.81 11.16 29.00
CA PRO A 586 45.40 9.76 29.14
C PRO A 586 43.91 9.63 29.39
N LYS A 587 43.23 8.92 28.49
CA LYS A 587 41.80 8.71 28.60
C LYS A 587 41.46 7.70 29.68
N TYR A 588 42.33 6.72 29.91
CA TYR A 588 42.12 5.68 30.90
C TYR A 588 43.40 5.50 31.70
N ARG A 589 43.32 4.75 32.79
CA ARG A 589 44.43 4.62 33.72
C ARG A 589 44.75 3.15 33.96
N PRO A 590 46.02 2.80 34.15
CA PRO A 590 46.39 1.40 34.35
C PRO A 590 46.11 0.94 35.77
N ASP A 591 46.37 -0.34 36.02
CA ASP A 591 46.17 -0.96 37.32
C ASP A 591 47.53 -1.22 37.95
N ARG A 592 47.73 -0.67 39.15
CA ARG A 592 49.05 -0.67 39.78
C ARG A 592 49.16 -1.84 40.75
N ALA A 593 50.04 -2.79 40.44
CA ALA A 593 50.39 -3.86 41.37
C ALA A 593 51.66 -3.48 42.11
N GLU A 594 51.52 -2.48 42.98
CA GLU A 594 52.65 -1.95 43.73
C GLU A 594 53.01 -2.90 44.86
N LYS A 595 54.22 -3.46 44.81
CA LYS A 595 54.59 -4.69 45.49
C LYS A 595 54.83 -4.53 46.99
N GLU A 596 54.72 -3.33 47.55
CA GLU A 596 54.66 -3.18 48.99
C GLU A 596 53.33 -3.73 49.50
N PRO A 597 53.34 -4.46 50.64
CA PRO A 597 52.10 -5.11 51.11
C PRO A 597 51.11 -4.13 51.73
N GLN A 598 49.99 -3.93 51.03
CA GLN A 598 48.90 -3.15 51.59
C GLN A 598 48.13 -3.98 52.60
N VAL A 599 47.51 -3.30 53.56
CA VAL A 599 46.96 -3.94 54.75
C VAL A 599 45.67 -4.71 54.43
N GLY A 600 44.75 -4.07 53.74
CA GLY A 600 43.46 -4.70 53.48
C GLY A 600 43.10 -4.83 52.01
N ALA A 601 44.10 -4.96 51.15
CA ALA A 601 43.87 -5.02 49.72
C ALA A 601 44.00 -6.47 49.21
N ALA A 602 43.70 -6.65 47.93
CA ALA A 602 43.81 -7.93 47.26
C ALA A 602 44.01 -7.68 45.77
N GLN A 603 44.91 -8.43 45.16
CA GLN A 603 45.18 -8.26 43.73
C GLN A 603 44.10 -9.01 42.95
N GLY A 604 43.07 -8.29 42.54
CA GLY A 604 41.93 -8.89 41.89
C GLY A 604 42.10 -9.02 40.38
N LEU A 605 41.57 -10.11 39.85
CA LEU A 605 41.56 -10.35 38.40
C LEU A 605 40.19 -10.83 37.97
N ALA A 606 39.66 -10.20 36.94
CA ALA A 606 38.48 -10.66 36.22
C ALA A 606 38.65 -10.24 34.77
N TRP A 607 37.57 -10.27 34.00
CA TRP A 607 37.68 -9.81 32.62
C TRP A 607 36.48 -8.95 32.26
N THR A 608 36.76 -7.82 31.64
CA THR A 608 35.76 -7.06 30.92
C THR A 608 35.46 -7.76 29.59
N PRO A 609 34.35 -7.41 28.92
CA PRO A 609 34.24 -7.74 27.49
C PRO A 609 35.18 -6.94 26.60
N TYR A 610 35.76 -5.85 27.10
CA TYR A 610 36.74 -5.02 26.42
C TYR A 610 38.18 -5.50 26.64
N GLY A 611 38.37 -6.76 27.02
CA GLY A 611 39.69 -7.29 27.29
C GLY A 611 39.87 -7.62 28.76
N GLY A 612 40.93 -8.38 29.04
CA GLY A 612 41.24 -8.75 30.41
C GLY A 612 41.83 -7.59 31.18
N THR A 613 41.22 -7.25 32.31
CA THR A 613 41.60 -6.09 33.10
C THR A 613 41.69 -6.49 34.57
N LEU A 614 42.74 -6.01 35.24
CA LEU A 614 42.94 -6.28 36.65
C LEU A 614 41.96 -5.50 37.51
N LEU A 615 41.77 -5.99 38.73
CA LEU A 615 40.96 -5.35 39.76
C LEU A 615 41.83 -5.09 40.97
N THR A 616 41.27 -4.38 41.96
CA THR A 616 41.90 -4.22 43.27
C THR A 616 40.76 -4.21 44.28
N ILE A 617 40.47 -5.38 44.85
CA ILE A 617 39.45 -5.51 45.89
C ILE A 617 40.07 -5.15 47.23
N GLU A 618 39.52 -4.11 47.87
CA GLU A 618 40.04 -3.54 49.10
C GLU A 618 38.96 -3.67 50.17
N ALA A 619 39.38 -3.91 51.41
CA ALA A 619 38.45 -4.15 52.50
C ALA A 619 39.07 -3.72 53.82
N VAL A 620 38.22 -3.18 54.71
CA VAL A 620 38.63 -2.88 56.07
C VAL A 620 37.67 -3.59 57.03
N ALA A 621 38.15 -3.84 58.24
CA ALA A 621 37.34 -4.36 59.33
C ALA A 621 37.35 -3.34 60.46
N VAL A 622 36.17 -2.95 60.90
CA VAL A 622 36.00 -1.96 61.95
C VAL A 622 35.05 -2.53 62.99
N PRO A 623 35.35 -2.40 64.32
CA PRO A 623 34.49 -3.02 65.33
C PRO A 623 33.13 -2.36 65.50
N GLY A 624 32.18 -2.77 64.67
CA GLY A 624 30.83 -2.25 64.71
C GLY A 624 29.76 -3.27 65.09
N THR A 625 28.94 -3.66 64.12
CA THR A 625 27.82 -4.57 64.33
C THR A 625 28.05 -5.85 63.53
N GLY A 626 27.00 -6.67 63.44
CA GLY A 626 27.04 -7.89 62.65
C GLY A 626 26.39 -7.78 61.28
N LYS A 627 26.93 -6.91 60.41
CA LYS A 627 26.37 -6.77 59.08
C LYS A 627 27.49 -6.49 58.09
N VAL A 628 27.20 -6.75 56.81
CA VAL A 628 28.13 -6.49 55.73
C VAL A 628 27.47 -5.61 54.67
N ASN A 629 28.30 -5.06 53.79
CA ASN A 629 27.83 -4.11 52.78
C ASN A 629 28.85 -4.17 51.65
N LEU A 630 28.41 -4.63 50.47
CA LEU A 630 29.22 -4.55 49.26
C LEU A 630 28.82 -3.30 48.49
N THR A 631 29.81 -2.47 48.16
CA THR A 631 29.55 -1.12 47.69
C THR A 631 30.32 -0.80 46.41
N GLY A 632 30.53 -1.80 45.55
CA GLY A 632 31.35 -1.60 44.38
C GLY A 632 30.67 -1.73 43.03
N ASN A 633 29.40 -1.28 42.94
CA ASN A 633 28.57 -1.22 41.72
C ASN A 633 28.35 -2.58 41.05
N LEU A 634 28.36 -3.66 41.83
CA LEU A 634 28.08 -4.99 41.31
C LEU A 634 26.95 -5.64 42.08
N GLY A 635 26.43 -6.73 41.51
CA GLY A 635 25.24 -7.38 42.01
C GLY A 635 25.52 -8.36 43.12
N GLU A 636 24.54 -9.25 43.34
CA GLU A 636 24.55 -10.18 44.45
C GLU A 636 25.43 -11.40 44.22
N VAL A 637 25.95 -11.60 43.01
CA VAL A 637 26.80 -12.76 42.71
C VAL A 637 28.18 -12.64 43.36
N MET A 638 28.61 -11.42 43.68
CA MET A 638 29.74 -11.24 44.57
C MET A 638 29.34 -11.30 46.04
N LYS A 639 28.07 -10.99 46.35
CA LYS A 639 27.61 -10.98 47.75
C LYS A 639 27.50 -12.39 48.32
N GLU A 640 27.06 -13.35 47.49
CA GLU A 640 27.01 -14.74 47.95
C GLU A 640 28.41 -15.33 48.11
N SER A 641 29.35 -14.89 47.29
CA SER A 641 30.76 -15.25 47.49
C SER A 641 31.35 -14.58 48.71
N ALA A 642 30.86 -13.40 49.07
CA ALA A 642 31.31 -12.72 50.29
C ALA A 642 30.81 -13.41 51.54
N HIS A 643 29.54 -13.84 51.56
CA HIS A 643 29.04 -14.66 52.67
C HIS A 643 29.69 -16.04 52.70
N ALA A 644 30.03 -16.58 51.53
CA ALA A 644 30.80 -17.82 51.43
C ALA A 644 32.20 -17.67 52.04
N ALA A 645 32.83 -16.53 51.80
CA ALA A 645 34.15 -16.24 52.32
C ALA A 645 34.15 -16.05 53.82
N LEU A 646 33.19 -15.27 54.35
CA LEU A 646 33.17 -15.02 55.79
C LEU A 646 32.67 -16.22 56.58
N THR A 647 31.80 -17.05 55.99
CA THR A 647 31.43 -18.27 56.68
C THR A 647 32.44 -19.38 56.49
N TYR A 648 33.36 -19.25 55.54
CA TYR A 648 34.57 -20.05 55.63
C TYR A 648 35.44 -19.58 56.79
N LEU A 649 35.64 -18.26 56.90
CA LEU A 649 36.56 -17.73 57.90
C LEU A 649 36.02 -17.74 59.33
N ARG A 650 34.73 -17.99 59.54
CA ARG A 650 34.30 -18.22 60.91
C ARG A 650 34.70 -19.61 61.38
N ALA A 651 34.78 -20.56 60.46
CA ALA A 651 35.53 -21.78 60.73
C ALA A 651 37.03 -21.49 60.65
N HIS A 652 37.82 -22.40 61.27
CA HIS A 652 39.28 -22.31 61.44
C HIS A 652 39.70 -21.00 62.12
N ARG A 653 38.94 -20.63 63.15
CA ARG A 653 39.17 -19.38 63.87
C ARG A 653 40.44 -19.42 64.71
N GLU A 654 40.81 -20.61 65.20
CA GLU A 654 42.05 -20.79 65.94
C GLU A 654 43.27 -20.70 65.02
N GLU A 655 43.09 -21.02 63.73
CA GLU A 655 44.19 -21.04 62.77
C GLU A 655 44.68 -19.62 62.44
N TRP A 656 43.77 -18.68 62.24
CA TRP A 656 44.16 -17.37 61.75
C TRP A 656 44.12 -16.28 62.83
N GLY A 657 44.04 -16.66 64.10
CA GLY A 657 44.21 -15.72 65.20
C GLY A 657 43.08 -14.75 65.43
N LEU A 658 41.89 -15.08 64.95
CA LEU A 658 40.73 -14.20 65.06
C LEU A 658 40.16 -14.23 66.48
N PRO A 659 39.49 -13.14 66.90
CA PRO A 659 38.77 -13.18 68.18
C PRO A 659 37.55 -14.08 68.12
N GLU A 660 36.99 -14.37 69.30
CA GLU A 660 35.99 -15.42 69.45
C GLU A 660 34.62 -15.02 68.90
N GLY A 661 34.34 -13.73 68.76
CA GLY A 661 33.04 -13.29 68.30
C GLY A 661 33.09 -12.20 67.24
N PHE A 662 33.98 -12.34 66.25
CA PHE A 662 34.28 -11.26 65.31
C PHE A 662 33.14 -10.97 64.33
N HIS A 663 32.27 -11.95 64.07
CA HIS A 663 31.19 -11.78 63.11
C HIS A 663 30.14 -10.80 63.62
N LYS A 664 29.78 -10.90 64.90
CA LYS A 664 28.86 -9.95 65.49
C LYS A 664 29.55 -8.69 65.99
N ASP A 665 30.89 -8.66 66.02
CA ASP A 665 31.62 -7.50 66.50
C ASP A 665 32.12 -6.60 65.38
N TYR A 666 32.61 -7.16 64.27
CA TYR A 666 33.21 -6.37 63.22
C TYR A 666 32.25 -6.15 62.06
N ASP A 667 32.13 -4.89 61.63
CA ASP A 667 31.56 -4.59 60.33
C ASP A 667 32.59 -4.84 59.24
N LEU A 668 32.14 -5.43 58.14
CA LEU A 668 33.01 -5.78 57.03
C LEU A 668 32.43 -5.15 55.76
N HIS A 669 33.28 -4.48 55.00
CA HIS A 669 32.82 -3.79 53.80
C HIS A 669 33.73 -4.15 52.64
N ILE A 670 33.14 -4.40 51.48
CA ILE A 670 33.84 -4.94 50.31
C ILE A 670 33.69 -3.97 49.16
N HIS A 671 34.81 -3.57 48.56
CA HIS A 671 34.82 -2.79 47.33
C HIS A 671 35.26 -3.67 46.17
N VAL A 672 34.51 -3.65 45.08
CA VAL A 672 34.96 -4.28 43.85
C VAL A 672 35.01 -3.21 42.76
N PRO A 673 35.94 -3.30 41.82
CA PRO A 673 35.86 -2.43 40.63
C PRO A 673 34.78 -2.92 39.67
N GLU A 674 34.41 -2.04 38.74
CA GLU A 674 33.32 -2.30 37.82
C GLU A 674 33.70 -3.20 36.65
N GLY A 675 34.98 -3.57 36.51
CA GLY A 675 35.41 -4.37 35.38
C GLY A 675 35.00 -5.82 35.44
N ALA A 676 34.63 -6.33 36.61
CA ALA A 676 34.14 -7.70 36.73
C ALA A 676 32.71 -7.76 36.20
N THR A 677 32.53 -8.42 35.06
CA THR A 677 31.26 -8.46 34.35
C THR A 677 30.73 -9.88 34.30
N PRO A 678 29.74 -10.23 35.12
CA PRO A 678 29.25 -11.62 35.10
C PRO A 678 28.29 -11.95 33.95
N LYS A 679 28.81 -12.62 32.94
CA LYS A 679 28.03 -13.44 32.02
C LYS A 679 28.63 -14.82 31.85
N ASP A 680 29.95 -14.93 31.85
CA ASP A 680 30.69 -16.15 32.11
C ASP A 680 31.66 -16.00 33.26
N GLY A 681 32.19 -14.79 33.47
CA GLY A 681 33.06 -14.48 34.59
C GLY A 681 32.50 -13.73 35.80
N PRO A 682 31.62 -14.35 36.63
CA PRO A 682 31.62 -13.83 38.03
C PRO A 682 32.83 -14.34 38.81
N SER A 683 33.95 -13.65 38.65
CA SER A 683 35.26 -14.13 39.05
C SER A 683 35.68 -13.54 40.38
N ALA A 684 36.97 -13.77 40.72
CA ALA A 684 37.73 -13.10 41.78
C ALA A 684 37.16 -13.34 43.17
N GLY A 685 36.63 -14.55 43.41
CA GLY A 685 36.10 -14.88 44.72
C GLY A 685 37.16 -15.07 45.78
N ILE A 686 38.32 -15.62 45.41
CA ILE A 686 39.40 -15.79 46.37
C ILE A 686 40.05 -14.46 46.75
N THR A 687 39.92 -13.44 45.89
CA THR A 687 40.31 -12.08 46.23
C THR A 687 39.40 -11.50 47.31
N ILE A 688 38.10 -11.81 47.25
CA ILE A 688 37.15 -11.43 48.29
C ILE A 688 37.50 -12.13 49.60
N ALA A 689 37.90 -13.40 49.52
CA ALA A 689 38.24 -14.20 50.69
C ALA A 689 39.51 -13.70 51.38
N THR A 690 40.52 -13.34 50.61
CA THR A 690 41.67 -12.74 51.26
C THR A 690 41.48 -11.27 51.58
N ALA A 691 40.45 -10.61 51.03
CA ALA A 691 40.13 -9.26 51.50
C ALA A 691 39.47 -9.30 52.88
N LEU A 692 38.56 -10.26 53.07
CA LEU A 692 38.05 -10.59 54.41
C LEU A 692 39.15 -11.04 55.36
N ALA A 693 40.09 -11.85 54.88
CA ALA A 693 41.16 -12.33 55.76
C ALA A 693 42.20 -11.26 56.06
N SER A 694 42.43 -10.34 55.13
CA SER A 694 43.36 -9.25 55.37
C SER A 694 42.75 -8.18 56.26
N ALA A 695 41.43 -8.01 56.19
CA ALA A 695 40.77 -7.03 57.04
C ALA A 695 40.70 -7.51 58.49
N LEU A 696 40.29 -8.77 58.70
CA LEU A 696 40.03 -9.28 60.04
C LEU A 696 41.30 -9.61 60.82
N THR A 697 42.30 -10.22 60.18
CA THR A 697 43.53 -10.55 60.90
C THR A 697 44.39 -9.32 61.13
N GLY A 698 44.32 -8.34 60.23
CA GLY A 698 45.20 -7.19 60.27
C GLY A 698 46.55 -7.40 59.62
N ARG A 699 46.84 -8.62 59.16
CA ARG A 699 48.07 -8.93 58.46
C ARG A 699 47.94 -8.52 56.99
N PRO A 700 48.97 -7.88 56.42
CA PRO A 700 48.86 -7.37 55.06
C PRO A 700 48.93 -8.45 54.00
N VAL A 701 48.49 -8.09 52.80
CA VAL A 701 48.58 -8.96 51.63
C VAL A 701 49.59 -8.32 50.69
N ARG A 702 50.62 -9.09 50.34
CA ARG A 702 51.62 -8.60 49.42
C ARG A 702 51.07 -8.65 48.00
N MET A 703 51.57 -7.74 47.16
CA MET A 703 51.09 -7.63 45.79
C MET A 703 51.97 -8.38 44.80
N ASP A 704 52.71 -9.38 45.26
CA ASP A 704 53.51 -10.21 44.37
C ASP A 704 52.71 -11.32 43.72
N ILE A 705 51.50 -11.62 44.22
CA ILE A 705 50.77 -12.81 43.83
C ILE A 705 49.40 -12.40 43.27
N ALA A 706 49.14 -12.77 42.02
CA ALA A 706 47.87 -12.58 41.35
C ALA A 706 46.91 -13.72 41.69
N MET A 707 45.61 -13.46 41.60
CA MET A 707 44.57 -14.36 42.08
C MET A 707 43.36 -14.40 41.16
N THR A 708 42.77 -15.60 41.01
CA THR A 708 41.52 -15.78 40.29
C THR A 708 40.81 -17.02 40.84
N GLY A 709 39.57 -16.86 41.29
CA GLY A 709 38.80 -18.03 41.70
C GLY A 709 37.42 -17.65 42.17
N GLU A 710 36.76 -18.62 42.81
CA GLU A 710 35.49 -18.42 43.51
C GLU A 710 35.53 -19.24 44.78
N ILE A 711 34.52 -19.06 45.64
CA ILE A 711 34.52 -19.61 47.00
C ILE A 711 33.33 -20.53 47.20
N THR A 712 33.60 -21.76 47.64
CA THR A 712 32.64 -22.60 48.33
C THR A 712 32.88 -22.46 49.84
N LEU A 713 31.80 -22.61 50.62
CA LEU A 713 31.83 -22.37 52.06
C LEU A 713 32.67 -23.37 52.85
N ARG A 714 32.94 -24.54 52.26
CA ARG A 714 33.77 -25.55 52.90
C ARG A 714 35.21 -25.09 53.01
N GLY A 715 35.72 -24.42 51.99
CA GLY A 715 37.12 -24.09 51.94
C GLY A 715 37.73 -24.58 50.64
N ARG A 716 36.88 -24.92 49.68
CA ARG A 716 37.29 -25.31 48.34
C ARG A 716 36.88 -24.22 47.35
N VAL A 717 37.45 -24.30 46.15
CA VAL A 717 37.23 -23.29 45.13
C VAL A 717 36.41 -23.88 43.99
N LEU A 718 35.77 -22.98 43.25
CA LEU A 718 35.04 -23.22 42.01
C LEU A 718 35.92 -22.84 40.81
N PRO A 719 35.73 -23.46 39.64
CA PRO A 719 36.54 -23.10 38.49
C PRO A 719 36.10 -21.79 37.85
N ILE A 720 36.80 -21.41 36.78
CA ILE A 720 36.57 -20.13 36.12
C ILE A 720 36.79 -20.32 34.63
N GLY A 721 36.15 -19.46 33.83
CA GLY A 721 36.38 -19.40 32.41
C GLY A 721 36.99 -18.07 32.01
N GLY A 722 37.43 -18.01 30.75
CA GLY A 722 38.15 -16.84 30.24
C GLY A 722 39.52 -16.66 30.86
N VAL A 723 40.27 -17.75 31.00
CA VAL A 723 41.52 -17.76 31.77
C VAL A 723 42.64 -17.05 31.00
N LYS A 724 42.56 -17.04 29.66
CA LYS A 724 43.61 -16.48 28.80
C LYS A 724 43.83 -14.99 28.99
N GLU A 725 42.75 -14.20 28.99
CA GLU A 725 42.88 -12.75 29.06
C GLU A 725 43.30 -12.28 30.45
N LYS A 726 42.91 -12.99 31.52
CA LYS A 726 43.38 -12.60 32.84
C LYS A 726 44.82 -13.04 33.10
N LEU A 727 45.28 -14.17 32.55
CA LEU A 727 46.70 -14.52 32.66
C LEU A 727 47.59 -13.55 31.87
N LEU A 728 47.16 -13.14 30.67
CA LEU A 728 47.99 -12.15 29.98
C LEU A 728 47.81 -10.74 30.54
N ALA A 729 46.70 -10.46 31.25
CA ALA A 729 46.57 -9.21 31.96
C ALA A 729 47.47 -9.18 33.19
N ALA A 730 47.67 -10.34 33.82
CA ALA A 730 48.70 -10.44 34.85
C ALA A 730 50.09 -10.31 34.26
N HIS A 731 50.30 -10.80 33.03
CA HIS A 731 51.56 -10.60 32.32
C HIS A 731 51.76 -9.15 31.88
N GLN A 732 50.68 -8.38 31.73
CA GLN A 732 50.77 -6.95 31.46
C GLN A 732 51.38 -6.19 32.63
N ALA A 733 50.94 -6.49 33.85
CA ALA A 733 51.31 -5.68 35.01
C ALA A 733 52.68 -6.04 35.58
N GLY A 734 53.36 -7.03 35.03
CA GLY A 734 54.65 -7.43 35.57
C GLY A 734 54.57 -8.35 36.76
N ILE A 735 53.39 -8.85 37.10
CA ILE A 735 53.20 -9.75 38.22
C ILE A 735 53.13 -11.18 37.68
N HIS A 736 53.94 -12.07 38.25
CA HIS A 736 54.24 -13.34 37.62
C HIS A 736 53.76 -14.57 38.39
N ARG A 737 53.04 -14.39 39.50
CA ARG A 737 52.56 -15.50 40.31
C ARG A 737 51.05 -15.44 40.34
N VAL A 738 50.36 -16.32 39.62
CA VAL A 738 48.91 -16.28 39.51
C VAL A 738 48.32 -17.54 40.14
N ILE A 739 47.33 -17.36 41.03
CA ILE A 739 46.63 -18.48 41.64
C ILE A 739 45.51 -18.92 40.69
N LEU A 740 45.45 -20.21 40.41
CA LEU A 740 44.36 -20.83 39.67
C LEU A 740 43.79 -21.99 40.47
N PRO A 741 42.54 -22.37 40.21
CA PRO A 741 42.07 -23.69 40.64
C PRO A 741 42.84 -24.81 39.94
N LYS A 742 42.99 -25.93 40.66
CA LYS A 742 43.81 -27.04 40.17
C LYS A 742 43.13 -27.78 39.02
N GLU A 743 41.81 -27.69 38.92
CA GLU A 743 41.04 -28.25 37.81
C GLU A 743 40.99 -27.33 36.60
N ASN A 744 41.63 -26.16 36.65
CA ASN A 744 41.85 -25.32 35.48
C ASN A 744 43.20 -25.54 34.84
N ALA A 745 43.75 -26.77 34.93
CA ALA A 745 45.04 -27.08 34.36
C ALA A 745 45.00 -27.24 32.84
N ALA A 746 43.81 -27.42 32.27
CA ALA A 746 43.68 -27.60 30.82
C ALA A 746 43.88 -26.31 30.04
N GLU A 747 43.77 -25.15 30.70
CA GLU A 747 43.84 -23.87 30.01
C GLU A 747 45.27 -23.38 29.78
N LEU A 748 46.28 -24.12 30.23
CA LEU A 748 47.66 -23.78 29.90
C LEU A 748 48.02 -24.16 28.47
N LYS A 749 47.25 -25.06 27.84
CA LYS A 749 47.50 -25.43 26.46
C LYS A 749 47.10 -24.33 25.49
N GLU A 750 46.15 -23.47 25.89
CA GLU A 750 45.79 -22.32 25.06
C GLU A 750 46.85 -21.23 25.11
N VAL A 751 47.65 -21.20 26.16
CA VAL A 751 48.69 -20.19 26.33
C VAL A 751 49.98 -20.72 25.70
N PRO A 752 50.57 -20.02 24.74
CA PRO A 752 51.90 -20.42 24.26
C PRO A 752 52.99 -20.06 25.27
N GLU A 753 54.20 -20.56 24.97
CA GLU A 753 55.26 -20.65 25.96
C GLU A 753 55.91 -19.30 26.28
N GLU A 754 55.79 -18.30 25.40
CA GLU A 754 56.42 -17.01 25.65
C GLU A 754 55.69 -16.19 26.71
N ILE A 755 54.42 -16.49 26.97
CA ILE A 755 53.73 -15.93 28.12
C ILE A 755 53.85 -16.87 29.32
N LEU A 756 53.85 -18.17 29.07
CA LEU A 756 53.82 -19.19 30.13
C LEU A 756 55.15 -19.33 30.85
N LYS A 757 56.27 -18.89 30.25
CA LYS A 757 57.57 -19.06 30.88
C LYS A 757 57.79 -18.10 32.06
N ASP A 758 57.04 -17.00 32.11
CA ASP A 758 57.15 -16.08 33.24
C ASP A 758 56.11 -16.36 34.31
N LEU A 759 54.94 -16.87 33.93
CA LEU A 759 53.79 -16.99 34.84
C LEU A 759 53.97 -18.21 35.72
N GLU A 760 54.34 -17.99 36.98
CA GLU A 760 54.47 -19.05 37.98
C GLU A 760 53.07 -19.39 38.48
N ILE A 761 52.47 -20.41 37.89
CA ILE A 761 51.07 -20.73 38.15
C ILE A 761 51.00 -21.71 39.30
N HIS A 762 50.43 -21.28 40.42
CA HIS A 762 50.18 -22.17 41.55
C HIS A 762 48.76 -22.69 41.43
N PHE A 763 48.63 -23.95 41.02
CA PHE A 763 47.31 -24.58 40.88
C PHE A 763 46.84 -24.98 42.27
N VAL A 764 45.93 -24.20 42.83
CA VAL A 764 45.59 -24.26 44.24
C VAL A 764 44.08 -24.49 44.35
N GLU A 765 43.69 -25.56 45.06
CA GLU A 765 42.29 -25.94 45.17
C GLU A 765 41.63 -25.48 46.46
N GLU A 766 42.40 -25.19 47.51
CA GLU A 766 41.80 -24.85 48.79
C GLU A 766 42.11 -23.41 49.20
N VAL A 767 41.13 -22.80 49.88
CA VAL A 767 41.22 -21.40 50.31
C VAL A 767 42.21 -21.25 51.45
N GLY A 768 42.38 -22.30 52.27
CA GLY A 768 43.44 -22.31 53.26
C GLY A 768 44.84 -22.33 52.66
N GLU A 769 44.98 -23.00 51.52
CA GLU A 769 46.24 -22.95 50.78
C GLU A 769 46.47 -21.59 50.13
N VAL A 770 45.39 -20.89 49.73
CA VAL A 770 45.47 -19.51 49.23
C VAL A 770 45.96 -18.59 50.33
N LEU A 771 45.38 -18.71 51.53
CA LEU A 771 45.73 -17.83 52.64
C LEU A 771 47.09 -18.18 53.25
N LYS A 772 47.52 -19.43 53.12
CA LYS A 772 48.86 -19.79 53.55
C LYS A 772 49.93 -19.35 52.56
N LEU A 773 49.63 -19.39 51.25
CA LEU A 773 50.62 -19.00 50.26
C LEU A 773 50.73 -17.47 50.17
N LEU A 774 49.62 -16.76 50.32
CA LEU A 774 49.55 -15.35 49.98
C LEU A 774 49.87 -14.43 51.16
N LEU A 775 49.17 -14.62 52.29
CA LEU A 775 48.96 -13.57 53.29
C LEU A 775 50.22 -13.34 54.12
N LEU A 776 50.78 -12.15 53.97
CA LEU A 776 52.04 -11.76 54.63
C LEU A 776 51.80 -11.52 56.11
N PRO A 777 52.53 -12.18 57.03
CA PRO A 777 52.38 -11.93 58.47
C PRO A 777 52.90 -10.57 58.90
N ARG B 6 -66.32 -33.97 -36.44
CA ARG B 6 -66.68 -35.24 -37.07
C ARG B 6 -66.18 -35.28 -38.51
N LEU B 7 -64.88 -35.13 -38.69
CA LEU B 7 -64.23 -35.12 -39.99
C LEU B 7 -63.20 -36.24 -40.02
N GLU B 8 -63.56 -37.37 -40.64
CA GLU B 8 -62.73 -38.58 -40.60
C GLU B 8 -61.73 -38.54 -41.74
N LEU B 9 -60.58 -37.92 -41.48
CA LEU B 9 -59.54 -37.68 -42.47
C LEU B 9 -58.18 -37.96 -41.83
N PRO B 10 -57.18 -38.38 -42.61
CA PRO B 10 -55.85 -38.61 -42.05
C PRO B 10 -55.11 -37.32 -41.73
N VAL B 11 -53.99 -37.48 -41.01
CA VAL B 11 -53.27 -36.40 -40.36
C VAL B 11 -51.84 -36.36 -40.88
N LEU B 12 -51.39 -35.19 -41.32
CA LEU B 12 -49.97 -34.94 -41.52
C LEU B 12 -49.41 -34.26 -40.27
N PRO B 13 -48.56 -34.91 -39.48
CA PRO B 13 -47.92 -34.23 -38.35
C PRO B 13 -46.80 -33.31 -38.78
N LEU B 14 -46.62 -32.24 -38.00
CA LEU B 14 -45.68 -31.17 -38.30
C LEU B 14 -44.72 -30.97 -37.13
N ARG B 15 -43.51 -30.52 -37.43
CA ARG B 15 -42.47 -30.41 -36.41
C ARG B 15 -42.39 -29.01 -35.78
N ASN B 16 -42.09 -27.98 -36.58
CA ASN B 16 -41.95 -26.62 -36.07
C ASN B 16 -42.96 -25.65 -36.63
N THR B 17 -43.70 -26.01 -37.68
CA THR B 17 -44.74 -25.16 -38.21
C THR B 17 -46.07 -25.51 -37.54
N VAL B 18 -46.74 -24.50 -37.02
CA VAL B 18 -48.10 -24.64 -36.51
C VAL B 18 -49.00 -23.95 -37.53
N VAL B 19 -49.56 -24.71 -38.45
CA VAL B 19 -50.37 -24.14 -39.52
C VAL B 19 -51.74 -23.79 -38.97
N LEU B 20 -52.06 -22.51 -39.01
CA LEU B 20 -53.32 -21.96 -38.56
C LEU B 20 -54.36 -22.11 -39.67
N PRO B 21 -55.67 -21.99 -39.36
CA PRO B 21 -56.69 -22.00 -40.41
C PRO B 21 -56.58 -20.83 -41.39
N HIS B 22 -56.80 -21.15 -42.68
CA HIS B 22 -56.68 -20.26 -43.85
C HIS B 22 -55.30 -19.59 -43.92
N THR B 23 -54.26 -20.42 -43.93
CA THR B 23 -52.88 -19.95 -43.95
C THR B 23 -52.17 -20.52 -45.18
N THR B 24 -51.63 -19.63 -46.02
CA THR B 24 -50.86 -20.02 -47.20
C THR B 24 -49.40 -20.20 -46.78
N THR B 25 -48.94 -21.45 -46.74
CA THR B 25 -47.60 -21.77 -46.25
C THR B 25 -47.13 -23.07 -46.88
N GLY B 26 -45.83 -23.33 -46.76
CA GLY B 26 -45.20 -24.51 -47.32
C GLY B 26 -44.75 -25.47 -46.23
N VAL B 27 -44.98 -26.77 -46.47
CA VAL B 27 -44.68 -27.83 -45.51
C VAL B 27 -43.83 -28.89 -46.22
N ASP B 28 -42.67 -29.20 -45.63
CA ASP B 28 -41.83 -30.30 -46.10
C ASP B 28 -41.97 -31.49 -45.17
N VAL B 29 -41.99 -32.69 -45.74
CA VAL B 29 -42.24 -33.93 -45.00
C VAL B 29 -40.99 -34.79 -45.05
N GLY B 30 -40.45 -35.12 -43.87
CA GLY B 30 -39.26 -35.95 -43.80
C GLY B 30 -39.54 -37.39 -43.41
N ARG B 31 -40.77 -37.84 -43.58
CA ARG B 31 -41.20 -39.17 -43.15
C ARG B 31 -41.69 -39.99 -44.33
N LEU B 32 -42.03 -41.25 -44.04
CA LEU B 32 -42.59 -42.18 -45.02
C LEU B 32 -44.03 -42.56 -44.73
N LYS B 33 -44.36 -42.79 -43.44
CA LYS B 33 -45.75 -43.02 -43.05
C LYS B 33 -46.59 -41.78 -43.23
N SER B 34 -46.01 -40.61 -42.93
CA SER B 34 -46.67 -39.34 -43.19
C SER B 34 -46.76 -39.05 -44.68
N LYS B 35 -45.76 -39.50 -45.46
CA LYS B 35 -45.80 -39.41 -46.92
C LYS B 35 -46.95 -40.23 -47.51
N ARG B 36 -47.15 -41.45 -46.99
CA ARG B 36 -48.28 -42.27 -47.41
C ARG B 36 -49.61 -41.71 -46.91
N ALA B 37 -49.60 -41.01 -45.77
CA ALA B 37 -50.80 -40.31 -45.30
C ALA B 37 -51.19 -39.15 -46.20
N VAL B 38 -50.20 -38.38 -46.68
CA VAL B 38 -50.43 -37.29 -47.63
C VAL B 38 -50.92 -37.84 -48.99
N GLU B 39 -50.35 -38.98 -49.43
CA GLU B 39 -50.79 -39.58 -50.70
C GLU B 39 -52.19 -40.19 -50.60
N GLU B 40 -52.53 -40.81 -49.47
CA GLU B 40 -53.88 -41.33 -49.28
C GLU B 40 -54.91 -40.22 -49.05
N ALA B 41 -54.48 -39.09 -48.48
CA ALA B 41 -55.39 -37.95 -48.39
C ALA B 41 -55.54 -37.23 -49.73
N LEU B 42 -54.51 -37.27 -50.57
CA LEU B 42 -54.62 -36.71 -51.91
C LEU B 42 -55.50 -37.57 -52.80
N SER B 43 -55.51 -38.89 -52.57
CA SER B 43 -56.46 -39.75 -53.27
C SER B 43 -57.88 -39.56 -52.76
N ALA B 44 -58.05 -39.26 -51.47
CA ALA B 44 -59.37 -39.14 -50.87
C ALA B 44 -59.71 -37.66 -50.64
N ASP B 45 -60.20 -37.02 -51.73
CA ASP B 45 -60.97 -35.77 -51.76
C ASP B 45 -60.08 -34.54 -51.40
N ARG B 46 -58.75 -34.72 -51.41
CA ARG B 46 -57.70 -33.70 -51.27
C ARG B 46 -57.81 -32.89 -49.96
N LEU B 47 -57.99 -33.60 -48.85
CA LEU B 47 -58.17 -32.95 -47.55
C LEU B 47 -57.22 -33.56 -46.52
N LEU B 48 -56.43 -32.71 -45.87
CA LEU B 48 -55.49 -33.11 -44.83
C LEU B 48 -55.90 -32.56 -43.47
N PHE B 49 -55.23 -33.08 -42.45
CA PHE B 49 -55.21 -32.49 -41.11
C PHE B 49 -53.76 -32.20 -40.73
N LEU B 50 -53.52 -31.01 -40.21
CA LEU B 50 -52.17 -30.54 -39.88
C LEU B 50 -52.09 -30.32 -38.36
N VAL B 51 -51.75 -31.38 -37.63
CA VAL B 51 -51.68 -31.37 -36.17
C VAL B 51 -50.21 -31.46 -35.78
N THR B 52 -49.66 -30.39 -35.22
CA THR B 52 -48.26 -30.36 -34.85
C THR B 52 -48.03 -31.08 -33.51
N GLN B 53 -46.76 -31.39 -33.24
CA GLN B 53 -46.34 -32.03 -32.01
C GLN B 53 -45.68 -30.98 -31.10
N LYS B 54 -45.07 -31.44 -30.01
CA LYS B 54 -44.62 -30.59 -28.92
C LYS B 54 -43.12 -30.76 -28.67
N ASP B 55 -42.68 -30.25 -27.50
CA ASP B 55 -41.35 -30.19 -26.88
C ASP B 55 -40.61 -31.52 -26.96
N PRO B 56 -39.22 -31.56 -26.96
CA PRO B 56 -38.47 -32.08 -28.12
C PRO B 56 -39.06 -33.23 -28.92
N GLU B 57 -39.05 -33.01 -30.25
CA GLU B 57 -39.90 -33.75 -31.17
C GLU B 57 -39.33 -35.13 -31.46
N VAL B 58 -40.20 -36.13 -31.36
CA VAL B 58 -39.89 -37.50 -31.77
C VAL B 58 -40.28 -37.61 -33.25
N ASP B 59 -39.40 -38.24 -34.05
CA ASP B 59 -39.60 -38.32 -35.50
C ASP B 59 -40.77 -39.21 -35.89
N ASP B 60 -41.14 -40.16 -35.03
CA ASP B 60 -42.40 -40.88 -35.18
C ASP B 60 -43.34 -40.42 -34.07
N PRO B 61 -44.26 -39.49 -34.34
CA PRO B 61 -45.02 -38.87 -33.25
C PRO B 61 -46.12 -39.77 -32.70
N ALA B 62 -46.26 -39.76 -31.38
CA ALA B 62 -47.33 -40.47 -30.71
C ALA B 62 -48.66 -39.75 -30.95
N PRO B 63 -49.79 -40.49 -30.93
CA PRO B 63 -51.10 -39.82 -31.00
C PRO B 63 -51.44 -38.97 -29.79
N GLU B 64 -50.88 -39.27 -28.61
CA GLU B 64 -51.11 -38.47 -27.41
C GLU B 64 -50.01 -37.45 -27.17
N ASP B 65 -49.00 -37.38 -28.04
CA ASP B 65 -47.99 -36.34 -27.99
C ASP B 65 -48.35 -35.11 -28.82
N LEU B 66 -49.55 -35.08 -29.39
CA LEU B 66 -50.03 -33.91 -30.10
C LEU B 66 -50.73 -32.97 -29.12
N TYR B 67 -51.18 -31.83 -29.63
CA TYR B 67 -51.79 -30.81 -28.80
C TYR B 67 -53.30 -31.00 -28.75
N ALA B 68 -54.02 -29.97 -28.27
CA ALA B 68 -55.46 -30.09 -28.05
C ALA B 68 -56.25 -29.88 -29.33
N VAL B 69 -55.83 -28.94 -30.19
CA VAL B 69 -56.60 -28.55 -31.37
C VAL B 69 -55.71 -28.71 -32.60
N GLY B 70 -56.17 -29.49 -33.58
CA GLY B 70 -55.54 -29.61 -34.87
C GLY B 70 -56.33 -28.86 -35.95
N THR B 71 -55.70 -28.74 -37.12
CA THR B 71 -56.16 -27.83 -38.16
C THR B 71 -56.60 -28.62 -39.39
N LEU B 72 -57.83 -28.39 -39.84
CA LEU B 72 -58.33 -28.96 -41.09
C LEU B 72 -57.68 -28.25 -42.28
N ALA B 73 -57.26 -29.03 -43.28
CA ALA B 73 -56.53 -28.51 -44.43
C ALA B 73 -57.09 -29.06 -45.74
N VAL B 74 -56.74 -28.38 -46.83
CA VAL B 74 -57.06 -28.79 -48.18
C VAL B 74 -55.76 -28.81 -49.00
N VAL B 75 -55.60 -29.82 -49.85
CA VAL B 75 -54.35 -30.01 -50.59
C VAL B 75 -54.41 -29.22 -51.90
N LYS B 76 -53.42 -28.36 -52.12
CA LYS B 76 -53.28 -27.69 -53.40
C LYS B 76 -52.61 -28.61 -54.42
N GLN B 77 -51.38 -29.03 -54.13
CA GLN B 77 -50.63 -29.96 -54.98
C GLN B 77 -49.62 -30.69 -54.10
N ALA B 78 -48.96 -31.68 -54.69
CA ALA B 78 -47.93 -32.43 -53.97
C ALA B 78 -46.91 -32.92 -55.01
N MET B 79 -45.80 -32.20 -55.13
CA MET B 79 -44.69 -32.61 -55.99
C MET B 79 -43.58 -33.22 -55.14
N ARG B 80 -42.75 -34.04 -55.80
CA ARG B 80 -41.71 -34.79 -55.12
C ARG B 80 -40.35 -34.14 -55.38
N LEU B 81 -39.67 -33.76 -54.29
CA LEU B 81 -38.30 -33.30 -54.41
C LEU B 81 -37.38 -34.50 -54.67
N PRO B 82 -36.31 -34.32 -55.47
CA PRO B 82 -35.50 -35.49 -55.89
C PRO B 82 -34.60 -36.07 -54.81
N ASP B 83 -34.40 -35.39 -53.67
CA ASP B 83 -33.57 -35.96 -52.62
C ASP B 83 -34.28 -37.00 -51.76
N GLY B 84 -35.61 -37.08 -51.84
CA GLY B 84 -36.35 -38.07 -51.08
C GLY B 84 -37.53 -37.50 -50.33
N THR B 85 -37.41 -36.27 -49.84
CA THR B 85 -38.49 -35.63 -49.11
C THR B 85 -39.57 -35.12 -50.07
N LEU B 86 -40.73 -34.80 -49.50
CA LEU B 86 -41.90 -34.38 -50.27
C LEU B 86 -42.35 -33.01 -49.78
N GLN B 87 -42.33 -32.02 -50.67
CA GLN B 87 -42.84 -30.69 -50.36
C GLN B 87 -44.34 -30.66 -50.58
N VAL B 88 -45.10 -30.35 -49.52
CA VAL B 88 -46.55 -30.31 -49.58
C VAL B 88 -46.99 -28.86 -49.39
N MET B 89 -47.61 -28.29 -50.41
CA MET B 89 -48.13 -26.94 -50.35
C MET B 89 -49.55 -26.99 -49.82
N VAL B 90 -49.80 -26.33 -48.70
CA VAL B 90 -51.03 -26.53 -47.94
C VAL B 90 -51.85 -25.24 -47.88
N GLU B 91 -53.16 -25.42 -47.88
CA GLU B 91 -54.14 -24.39 -47.56
C GLU B 91 -55.06 -24.97 -46.51
N ALA B 92 -55.42 -24.19 -45.49
CA ALA B 92 -56.21 -24.72 -44.39
C ALA B 92 -57.63 -24.17 -44.41
N ARG B 93 -58.53 -24.90 -43.73
CA ARG B 93 -59.94 -24.54 -43.72
C ARG B 93 -60.47 -24.24 -42.33
N SER B 94 -60.30 -25.14 -41.37
CA SER B 94 -60.92 -24.99 -40.06
C SER B 94 -60.03 -25.63 -39.01
N ARG B 95 -60.52 -25.66 -37.77
CA ARG B 95 -59.78 -26.22 -36.64
C ARG B 95 -60.64 -27.23 -35.90
N ALA B 96 -59.98 -28.28 -35.37
CA ALA B 96 -60.68 -29.41 -34.79
C ALA B 96 -60.02 -29.82 -33.48
N ARG B 97 -60.84 -29.96 -32.43
CA ARG B 97 -60.36 -30.43 -31.13
C ARG B 97 -60.11 -31.93 -31.17
N LEU B 98 -58.95 -32.34 -30.64
CA LEU B 98 -58.62 -33.76 -30.56
C LEU B 98 -59.39 -34.45 -29.43
N LEU B 99 -59.85 -35.67 -29.71
CA LEU B 99 -60.41 -36.53 -28.68
C LEU B 99 -59.56 -37.77 -28.46
N SER B 100 -59.34 -38.57 -29.52
CA SER B 100 -58.54 -39.79 -29.48
C SER B 100 -58.16 -40.13 -30.91
N TYR B 101 -56.88 -40.44 -31.14
CA TYR B 101 -56.39 -40.76 -32.48
C TYR B 101 -56.01 -42.24 -32.55
N VAL B 102 -55.65 -42.67 -33.76
CA VAL B 102 -55.39 -44.08 -34.07
C VAL B 102 -53.88 -44.27 -34.25
N ALA B 103 -53.32 -45.21 -33.49
CA ALA B 103 -51.89 -45.51 -33.57
C ALA B 103 -51.66 -46.74 -34.45
N ALA B 104 -51.93 -46.55 -35.74
CA ALA B 104 -51.72 -47.55 -36.78
C ALA B 104 -51.20 -46.73 -37.96
N PRO B 105 -50.10 -47.18 -38.65
CA PRO B 105 -48.93 -46.31 -38.98
C PRO B 105 -49.12 -44.81 -39.19
N TYR B 106 -50.16 -44.39 -39.89
CA TYR B 106 -50.51 -42.97 -40.02
C TYR B 106 -51.24 -42.46 -38.76
N LEU B 107 -51.85 -41.30 -38.85
CA LEU B 107 -52.68 -40.80 -37.76
C LEU B 107 -54.05 -40.42 -38.33
N ARG B 108 -55.11 -40.84 -37.63
CA ARG B 108 -56.48 -40.63 -38.07
C ARG B 108 -57.16 -39.65 -37.12
N ALA B 109 -57.90 -38.68 -37.68
CA ALA B 109 -58.51 -37.61 -36.90
C ALA B 109 -59.97 -37.92 -36.63
N VAL B 110 -60.27 -38.35 -35.40
CA VAL B 110 -61.61 -38.26 -34.81
C VAL B 110 -61.49 -37.48 -33.49
N GLY B 111 -61.91 -36.21 -33.49
CA GLY B 111 -62.40 -35.44 -34.63
C GLY B 111 -63.60 -34.60 -34.26
N GLU B 112 -63.49 -33.29 -34.43
CA GLU B 112 -64.49 -32.34 -33.97
C GLU B 112 -64.52 -31.15 -34.91
N ALA B 113 -65.16 -30.07 -34.48
CA ALA B 113 -65.16 -28.79 -35.18
C ALA B 113 -65.38 -27.69 -34.15
N ILE B 114 -65.00 -26.47 -34.50
CA ILE B 114 -65.22 -25.31 -33.63
C ILE B 114 -66.11 -24.31 -34.35
N PRO B 115 -67.45 -24.41 -34.23
CA PRO B 115 -68.35 -23.41 -34.83
C PRO B 115 -68.74 -22.30 -33.86
N GLU B 116 -67.75 -21.56 -33.35
CA GLU B 116 -68.01 -20.53 -32.34
C GLU B 116 -67.55 -19.16 -32.83
N PRO B 117 -68.45 -18.37 -33.41
CA PRO B 117 -68.15 -16.95 -33.68
C PRO B 117 -68.17 -16.15 -32.38
N PRO B 118 -67.45 -15.03 -32.29
CA PRO B 118 -67.49 -14.22 -31.08
C PRO B 118 -68.75 -13.37 -31.01
N LEU B 119 -69.00 -12.85 -29.81
CA LEU B 119 -70.14 -11.98 -29.55
C LEU B 119 -69.67 -10.54 -29.38
N LYS B 120 -70.66 -9.63 -29.33
CA LYS B 120 -70.52 -8.17 -29.24
C LYS B 120 -69.64 -7.62 -30.37
N ASP B 121 -70.09 -7.87 -31.61
CA ASP B 121 -69.28 -7.53 -32.78
C ASP B 121 -69.16 -6.03 -33.10
N PRO B 122 -70.24 -5.22 -33.20
CA PRO B 122 -69.98 -3.80 -33.55
C PRO B 122 -69.54 -2.93 -32.39
N GLU B 123 -69.71 -3.37 -31.14
CA GLU B 123 -69.39 -2.52 -30.00
C GLU B 123 -67.98 -2.77 -29.47
N LEU B 124 -67.69 -4.00 -29.05
CA LEU B 124 -66.42 -4.31 -28.40
C LEU B 124 -65.43 -5.05 -29.29
N ALA B 125 -65.92 -5.92 -30.18
CA ALA B 125 -64.99 -6.67 -31.03
C ALA B 125 -64.45 -5.83 -32.18
N ARG B 126 -65.19 -4.79 -32.59
CA ARG B 126 -64.72 -3.92 -33.68
C ARG B 126 -63.54 -3.06 -33.26
N VAL B 127 -63.58 -2.58 -32.01
CA VAL B 127 -62.46 -1.85 -31.42
C VAL B 127 -61.24 -2.74 -31.25
N LEU B 128 -61.47 -4.01 -30.90
CA LEU B 128 -60.40 -5.00 -30.73
C LEU B 128 -59.76 -5.37 -32.07
N VAL B 129 -60.58 -5.53 -33.12
CA VAL B 129 -60.09 -5.78 -34.47
C VAL B 129 -59.35 -4.57 -35.03
N ASN B 130 -59.81 -3.35 -34.70
CA ASN B 130 -59.11 -2.14 -35.11
C ASN B 130 -57.79 -1.94 -34.38
N GLU B 131 -57.70 -2.38 -33.11
CA GLU B 131 -56.41 -2.38 -32.41
C GLU B 131 -55.45 -3.40 -32.99
N VAL B 132 -55.97 -4.56 -33.40
CA VAL B 132 -55.19 -5.58 -34.12
C VAL B 132 -54.69 -5.02 -35.46
N GLN B 133 -55.52 -4.23 -36.14
CA GLN B 133 -55.16 -3.59 -37.40
C GLN B 133 -54.10 -2.51 -37.21
N GLU B 134 -54.19 -1.73 -36.11
CA GLU B 134 -53.18 -0.72 -35.81
C GLU B 134 -51.84 -1.33 -35.46
N ALA B 135 -51.84 -2.40 -34.65
CA ALA B 135 -50.59 -3.08 -34.30
C ALA B 135 -49.98 -3.81 -35.49
N PHE B 136 -50.82 -4.41 -36.35
CA PHE B 136 -50.32 -5.11 -37.53
C PHE B 136 -49.89 -4.14 -38.62
N GLU B 137 -50.44 -2.92 -38.63
CA GLU B 137 -49.97 -1.89 -39.56
C GLU B 137 -48.64 -1.30 -39.11
N ARG B 138 -48.45 -1.13 -37.79
CA ARG B 138 -47.17 -0.66 -37.28
C ARG B 138 -46.13 -1.78 -37.13
N TYR B 139 -46.52 -3.03 -37.36
CA TYR B 139 -45.63 -4.18 -37.15
C TYR B 139 -44.52 -4.26 -38.21
N LEU B 140 -44.88 -4.12 -39.49
CA LEU B 140 -43.87 -4.29 -40.54
C LEU B 140 -43.00 -3.06 -40.73
N GLN B 141 -43.40 -1.90 -40.18
CA GLN B 141 -42.58 -0.69 -40.23
C GLN B 141 -41.30 -0.80 -39.40
N ASN B 142 -41.27 -1.70 -38.42
CA ASN B 142 -40.05 -2.06 -37.71
C ASN B 142 -39.66 -3.52 -37.90
N HIS B 143 -40.49 -4.35 -38.53
CA HIS B 143 -40.11 -5.71 -38.86
C HIS B 143 -39.34 -5.77 -40.17
N LYS B 144 -39.99 -5.37 -41.27
CA LYS B 144 -39.44 -5.21 -42.64
C LYS B 144 -38.87 -6.51 -43.22
N THR B 145 -39.39 -7.67 -42.81
CA THR B 145 -38.99 -8.93 -43.43
C THR B 145 -40.10 -9.56 -44.27
N LEU B 146 -41.28 -8.95 -44.32
CA LEU B 146 -42.37 -9.45 -45.16
C LEU B 146 -42.88 -8.35 -46.08
N ARG B 147 -43.96 -8.62 -46.81
CA ARG B 147 -44.46 -7.72 -47.83
C ARG B 147 -45.59 -6.87 -47.27
N LEU B 148 -45.47 -5.55 -47.44
CA LEU B 148 -46.47 -4.61 -46.90
C LEU B 148 -47.77 -4.66 -47.67
N ASP B 149 -47.70 -4.92 -48.98
CA ASP B 149 -48.90 -5.02 -49.80
C ASP B 149 -49.69 -6.29 -49.48
N ARG B 150 -49.00 -7.36 -49.07
CA ARG B 150 -49.69 -8.55 -48.58
C ARG B 150 -50.37 -8.30 -47.24
N TYR B 151 -49.77 -7.45 -46.40
CA TYR B 151 -50.38 -7.04 -45.13
C TYR B 151 -51.63 -6.19 -45.36
N GLN B 152 -51.58 -5.32 -46.37
CA GLN B 152 -52.77 -4.53 -46.68
C GLN B 152 -53.85 -5.33 -47.41
N GLN B 153 -53.45 -6.28 -48.25
CA GLN B 153 -54.42 -7.12 -48.94
C GLN B 153 -55.06 -8.18 -48.05
N GLU B 154 -54.39 -8.58 -46.97
CA GLU B 154 -54.97 -9.55 -46.03
C GLU B 154 -55.58 -8.87 -44.81
N ALA B 155 -56.07 -7.65 -44.97
CA ALA B 155 -56.64 -6.87 -43.87
C ALA B 155 -58.15 -7.05 -43.82
N VAL B 156 -58.82 -6.17 -43.07
CA VAL B 156 -60.27 -6.16 -42.95
C VAL B 156 -60.92 -5.75 -44.27
N LYS B 157 -60.24 -4.91 -45.06
CA LYS B 157 -60.73 -4.34 -46.31
C LYS B 157 -60.98 -5.38 -47.41
N SER B 158 -60.32 -6.54 -47.34
CA SER B 158 -60.60 -7.64 -48.25
C SER B 158 -61.05 -8.92 -47.55
N THR B 159 -60.64 -9.15 -46.30
CA THR B 159 -61.01 -10.36 -45.56
C THR B 159 -61.83 -9.94 -44.34
N ARG B 160 -63.13 -10.27 -44.36
CA ARG B 160 -64.05 -9.80 -43.33
C ARG B 160 -63.97 -10.64 -42.06
N ASP B 161 -63.61 -11.92 -42.18
CA ASP B 161 -63.75 -12.89 -41.08
C ASP B 161 -62.68 -12.66 -40.00
N PRO B 162 -63.07 -12.39 -38.75
CA PRO B 162 -62.05 -12.18 -37.71
C PRO B 162 -61.34 -13.43 -37.24
N ALA B 163 -61.87 -14.63 -37.52
CA ALA B 163 -61.12 -15.85 -37.21
C ALA B 163 -59.98 -16.06 -38.20
N ILE B 164 -60.25 -15.82 -39.49
CA ILE B 164 -59.23 -15.90 -40.53
C ILE B 164 -58.21 -14.78 -40.36
N LEU B 165 -58.67 -13.57 -40.00
CA LEU B 165 -57.79 -12.45 -39.72
C LEU B 165 -56.96 -12.67 -38.46
N ALA B 166 -57.55 -13.33 -37.44
CA ALA B 166 -56.83 -13.64 -36.20
C ALA B 166 -55.76 -14.70 -36.43
N ASP B 167 -56.06 -15.70 -37.25
CA ASP B 167 -55.06 -16.71 -37.61
C ASP B 167 -53.98 -16.13 -38.52
N LEU B 168 -54.33 -15.18 -39.37
CA LEU B 168 -53.31 -14.54 -40.21
C LEU B 168 -52.45 -13.55 -39.44
N VAL B 169 -52.98 -12.91 -38.40
CA VAL B 169 -52.13 -12.00 -37.63
C VAL B 169 -51.27 -12.82 -36.65
N ALA B 170 -51.75 -13.99 -36.21
CA ALA B 170 -50.89 -14.86 -35.42
C ALA B 170 -49.86 -15.63 -36.25
N HIS B 171 -50.10 -15.81 -37.55
CA HIS B 171 -49.13 -16.53 -38.38
C HIS B 171 -47.91 -15.67 -38.71
N HIS B 172 -48.07 -14.35 -38.82
CA HIS B 172 -47.03 -13.48 -39.37
C HIS B 172 -45.96 -13.07 -38.35
N ALA B 173 -45.80 -13.78 -37.24
CA ALA B 173 -44.70 -13.57 -36.31
C ALA B 173 -43.78 -14.79 -36.30
N THR B 174 -42.75 -14.73 -35.47
CA THR B 174 -41.73 -15.78 -35.41
C THR B 174 -41.74 -16.47 -34.06
N TRP B 175 -42.93 -16.84 -33.57
CA TRP B 175 -43.07 -17.38 -32.24
C TRP B 175 -42.68 -18.86 -32.18
N THR B 176 -42.81 -19.44 -30.98
CA THR B 176 -42.41 -20.79 -30.69
C THR B 176 -43.52 -21.77 -31.05
N LEU B 177 -43.36 -23.03 -30.60
CA LEU B 177 -44.27 -24.11 -30.95
C LEU B 177 -45.57 -24.06 -30.15
N GLU B 178 -45.61 -23.33 -29.03
CA GLU B 178 -46.74 -23.32 -28.12
C GLU B 178 -47.59 -22.06 -28.23
N GLU B 179 -46.99 -20.90 -28.47
CA GLU B 179 -47.75 -19.66 -28.49
C GLU B 179 -48.52 -19.45 -29.79
N LYS B 180 -48.20 -20.19 -30.84
CA LYS B 180 -49.09 -20.29 -32.00
C LYS B 180 -50.26 -21.23 -31.69
N GLN B 181 -50.00 -22.27 -30.89
CA GLN B 181 -51.00 -23.26 -30.54
C GLN B 181 -52.04 -22.69 -29.58
N THR B 182 -51.65 -21.70 -28.77
CA THR B 182 -52.59 -21.01 -27.88
C THR B 182 -53.64 -20.23 -28.66
N ILE B 183 -53.25 -19.61 -29.78
CA ILE B 183 -54.23 -18.94 -30.64
C ILE B 183 -54.91 -19.97 -31.56
N LEU B 184 -54.30 -21.15 -31.73
CA LEU B 184 -55.01 -22.22 -32.44
C LEU B 184 -56.12 -22.83 -31.58
N GLU B 185 -55.96 -22.86 -30.26
CA GLU B 185 -56.75 -23.75 -29.41
C GLU B 185 -58.10 -23.15 -29.02
N THR B 186 -58.13 -21.85 -28.68
CA THR B 186 -59.25 -21.26 -27.94
C THR B 186 -60.48 -21.07 -28.84
N PRO B 187 -61.67 -21.49 -28.41
CA PRO B 187 -62.87 -21.20 -29.21
C PRO B 187 -63.32 -19.75 -29.16
N GLU B 188 -63.03 -19.04 -28.07
CA GLU B 188 -63.40 -17.63 -27.96
C GLU B 188 -62.41 -16.78 -28.75
N VAL B 189 -62.90 -16.13 -29.80
CA VAL B 189 -62.06 -15.40 -30.76
C VAL B 189 -61.51 -14.11 -30.14
N GLU B 190 -62.27 -13.49 -29.22
CA GLU B 190 -61.90 -12.20 -28.63
C GLU B 190 -60.70 -12.32 -27.69
N GLU B 191 -60.61 -13.44 -26.96
CA GLU B 191 -59.44 -13.68 -26.11
C GLU B 191 -58.19 -13.97 -26.93
N ARG B 192 -58.35 -14.61 -28.09
CA ARG B 192 -57.26 -14.79 -29.04
C ARG B 192 -56.81 -13.46 -29.62
N LEU B 193 -57.75 -12.55 -29.85
CA LEU B 193 -57.41 -11.22 -30.35
C LEU B 193 -56.68 -10.39 -29.30
N LYS B 194 -57.08 -10.52 -28.02
CA LYS B 194 -56.37 -9.87 -26.92
C LYS B 194 -54.96 -10.44 -26.74
N ARG B 195 -54.82 -11.76 -26.90
CA ARG B 195 -53.51 -12.40 -26.79
C ARG B 195 -52.61 -12.07 -27.98
N VAL B 196 -53.16 -11.89 -29.18
CA VAL B 196 -52.28 -11.55 -30.29
C VAL B 196 -51.97 -10.04 -30.27
N LEU B 197 -52.82 -9.22 -29.61
CA LEU B 197 -52.38 -7.86 -29.25
C LEU B 197 -51.21 -7.86 -28.28
N ALA B 198 -51.24 -8.75 -27.29
CA ALA B 198 -50.11 -8.88 -26.35
C ALA B 198 -48.85 -9.38 -27.05
N LEU B 199 -49.01 -10.31 -27.98
CA LEU B 199 -47.85 -10.88 -28.68
C LEU B 199 -47.28 -9.90 -29.71
N LEU B 200 -48.14 -9.13 -30.40
CA LEU B 200 -47.65 -8.11 -31.32
C LEU B 200 -47.08 -6.91 -30.60
N LEU B 201 -47.59 -6.58 -29.40
CA LEU B 201 -46.96 -5.56 -28.57
C LEU B 201 -45.57 -6.00 -28.14
N ARG B 202 -45.40 -7.27 -27.76
CA ARG B 202 -44.08 -7.78 -27.37
C ARG B 202 -43.12 -7.88 -28.56
N ASP B 203 -43.62 -8.24 -29.74
CA ASP B 203 -42.79 -8.24 -30.95
C ASP B 203 -42.40 -6.83 -31.39
N LEU B 204 -43.30 -5.85 -31.23
CA LEU B 204 -42.92 -4.48 -31.58
C LEU B 204 -41.99 -3.87 -30.54
N GLU B 205 -42.11 -4.28 -29.27
CA GLU B 205 -41.12 -3.95 -28.25
C GLU B 205 -39.79 -4.67 -28.42
N ARG B 206 -39.74 -5.74 -29.20
CA ARG B 206 -38.45 -6.24 -29.67
C ARG B 206 -37.91 -5.48 -30.89
N PHE B 207 -38.78 -5.15 -31.85
CA PHE B 207 -38.29 -4.62 -33.13
C PHE B 207 -37.92 -3.14 -33.06
N GLU B 208 -38.68 -2.33 -32.31
CA GLU B 208 -38.28 -0.95 -32.08
C GLU B 208 -37.04 -0.86 -31.19
N LEU B 209 -36.88 -1.82 -30.29
CA LEU B 209 -35.64 -1.96 -29.53
C LEU B 209 -34.44 -2.30 -30.40
N ASP B 210 -34.61 -3.17 -31.41
CA ASP B 210 -33.51 -3.48 -32.32
C ASP B 210 -33.17 -2.30 -33.24
N LYS B 211 -34.19 -1.52 -33.62
CA LYS B 211 -33.95 -0.26 -34.32
C LYS B 211 -33.22 0.76 -33.44
N LYS B 212 -33.53 0.79 -32.14
CA LYS B 212 -32.72 1.61 -31.23
C LYS B 212 -31.34 1.04 -30.95
N ILE B 213 -31.14 -0.29 -31.11
CA ILE B 213 -29.80 -0.87 -31.03
C ILE B 213 -28.93 -0.39 -32.19
N ALA B 214 -29.47 -0.43 -33.42
CA ALA B 214 -28.73 0.08 -34.59
C ALA B 214 -28.53 1.59 -34.53
N ALA B 215 -29.58 2.33 -34.16
CA ALA B 215 -29.52 3.78 -34.02
C ALA B 215 -28.84 4.24 -32.73
N ARG B 216 -28.49 3.32 -31.84
CA ARG B 216 -27.60 3.55 -30.71
C ARG B 216 -26.14 3.25 -31.02
N VAL B 217 -25.87 2.26 -31.86
CA VAL B 217 -24.47 1.95 -32.14
C VAL B 217 -23.88 2.86 -33.22
N LYS B 218 -24.73 3.51 -34.06
CA LYS B 218 -24.20 4.21 -35.25
C LYS B 218 -23.38 5.46 -34.90
N GLU B 219 -23.82 6.26 -33.91
CA GLU B 219 -23.09 7.49 -33.60
C GLU B 219 -21.80 7.22 -32.83
N GLN B 220 -21.71 6.13 -32.08
CA GLN B 220 -20.46 5.87 -31.39
C GLN B 220 -19.52 5.03 -32.25
N MET B 221 -20.01 4.37 -33.31
CA MET B 221 -19.09 3.93 -34.36
C MET B 221 -18.54 5.10 -35.18
N ASP B 222 -19.33 6.15 -35.39
CA ASP B 222 -18.81 7.39 -35.98
C ASP B 222 -17.79 8.06 -35.05
N GLN B 223 -18.07 8.07 -33.74
CA GLN B 223 -17.13 8.54 -32.72
C GLN B 223 -15.88 7.66 -32.65
N ASN B 224 -16.04 6.37 -32.91
CA ASN B 224 -14.95 5.41 -32.87
C ASN B 224 -13.98 5.61 -34.02
N GLN B 225 -14.50 5.77 -35.25
CA GLN B 225 -13.61 6.04 -36.38
C GLN B 225 -13.03 7.44 -36.33
N ARG B 226 -13.77 8.40 -35.74
CA ARG B 226 -13.25 9.75 -35.50
C ARG B 226 -12.09 9.74 -34.51
N GLU B 227 -12.25 9.06 -33.36
CA GLU B 227 -11.19 9.02 -32.37
C GLU B 227 -10.03 8.13 -32.80
N TYR B 228 -10.30 7.13 -33.66
CA TYR B 228 -9.26 6.23 -34.16
C TYR B 228 -8.34 6.97 -35.13
N TYR B 229 -8.96 7.72 -36.05
CA TYR B 229 -8.21 8.61 -36.95
C TYR B 229 -7.51 9.72 -36.18
N LEU B 230 -8.11 10.18 -35.08
CA LEU B 230 -7.49 11.21 -34.24
C LEU B 230 -6.24 10.70 -33.53
N ARG B 231 -6.28 9.52 -32.89
CA ARG B 231 -5.06 9.17 -32.14
C ARG B 231 -4.00 8.56 -33.03
N GLU B 232 -4.37 7.91 -34.15
CA GLU B 232 -3.33 7.58 -35.12
C GLU B 232 -2.84 8.77 -35.94
N GLN B 233 -3.56 9.89 -35.96
CA GLN B 233 -3.02 11.08 -36.59
C GLN B 233 -2.06 11.82 -35.67
N MET B 234 -2.49 12.10 -34.46
CA MET B 234 -1.74 13.03 -33.65
C MET B 234 -1.35 12.44 -32.29
N LYS B 235 -1.05 11.13 -32.24
CA LYS B 235 0.18 10.73 -31.59
C LYS B 235 1.36 10.84 -32.56
N ALA B 236 1.06 10.78 -33.86
CA ALA B 236 2.09 10.71 -34.90
C ALA B 236 2.53 12.07 -35.42
N ILE B 237 1.81 13.15 -35.11
CA ILE B 237 2.35 14.48 -35.43
C ILE B 237 3.51 14.90 -34.53
N GLN B 238 3.75 14.24 -33.40
CA GLN B 238 4.81 14.61 -32.47
C GLN B 238 6.22 14.26 -32.95
N LYS B 239 6.36 13.41 -33.96
CA LYS B 239 7.69 12.99 -34.36
C LYS B 239 8.41 13.99 -35.27
N GLU B 240 7.69 14.94 -35.87
CA GLU B 240 8.33 15.92 -36.76
C GLU B 240 8.90 17.10 -35.98
N LEU B 241 8.48 17.29 -34.72
CA LEU B 241 9.01 18.36 -33.88
C LEU B 241 10.47 18.10 -33.50
N GLY B 242 10.85 16.83 -33.33
CA GLY B 242 12.22 16.50 -32.99
C GLY B 242 13.18 16.68 -34.15
N GLY B 243 12.83 16.13 -35.32
CA GLY B 243 13.71 16.18 -36.48
C GLY B 243 14.93 15.29 -36.32
N GLY B 244 14.71 13.98 -36.29
CA GLY B 244 15.70 13.06 -35.76
C GLY B 244 15.57 12.85 -34.28
N GLU B 245 14.44 13.28 -33.68
CA GLU B 245 14.02 13.05 -32.29
C GLU B 245 14.96 13.68 -31.26
N ASP B 246 15.67 14.75 -31.66
CA ASP B 246 16.66 15.51 -30.87
C ASP B 246 17.75 14.59 -30.31
N PHE B 247 18.56 14.09 -31.26
CA PHE B 247 19.66 13.13 -31.05
C PHE B 247 19.18 11.83 -30.41
N LEU B 248 18.19 11.21 -31.09
CA LEU B 248 17.63 9.87 -30.83
C LEU B 248 17.01 9.81 -29.43
N THR B 249 16.16 10.80 -29.15
CA THR B 249 15.64 11.19 -27.82
C THR B 249 16.76 11.31 -26.78
N GLU B 250 17.68 12.25 -27.08
CA GLU B 250 18.79 12.79 -26.23
C GLU B 250 19.70 11.71 -25.64
N ILE B 251 19.81 10.54 -26.28
CA ILE B 251 20.74 9.53 -25.79
C ILE B 251 22.11 9.73 -26.43
N GLU B 252 22.19 10.46 -27.53
CA GLU B 252 23.45 10.61 -28.25
C GLU B 252 24.36 11.69 -27.64
N GLU B 253 23.89 12.40 -26.61
CA GLU B 253 24.79 13.19 -25.76
C GLU B 253 25.34 12.38 -24.60
N LEU B 254 24.57 11.36 -24.17
CA LEU B 254 24.84 10.64 -22.93
C LEU B 254 26.08 9.76 -23.03
N ARG B 255 26.43 9.32 -24.25
CA ARG B 255 27.61 8.49 -24.47
C ARG B 255 28.91 9.24 -24.20
N GLU B 256 29.06 10.43 -24.79
CA GLU B 256 30.24 11.22 -24.48
C GLU B 256 30.13 11.95 -23.14
N ARG B 257 28.93 12.06 -22.56
CA ARG B 257 28.84 12.45 -21.16
C ARG B 257 29.43 11.38 -20.23
N ILE B 258 29.19 10.10 -20.56
CA ILE B 258 29.87 8.98 -19.87
C ILE B 258 31.38 9.01 -20.12
N GLU B 259 31.78 9.32 -21.35
CA GLU B 259 33.20 9.27 -21.73
C GLU B 259 34.03 10.41 -21.11
N LYS B 260 33.48 11.63 -21.04
CA LYS B 260 34.14 12.70 -20.32
C LYS B 260 33.71 12.80 -18.86
N LYS B 261 32.88 11.89 -18.36
CA LYS B 261 32.66 11.84 -16.92
C LYS B 261 33.81 11.15 -16.19
N GLY B 262 34.60 10.34 -16.88
CA GLY B 262 35.73 9.66 -16.29
C GLY B 262 35.36 8.59 -15.29
N MET B 263 34.41 7.73 -15.65
CA MET B 263 33.90 6.71 -14.75
C MET B 263 34.90 5.57 -14.60
N PRO B 264 34.86 4.85 -13.49
CA PRO B 264 35.56 3.56 -13.42
C PRO B 264 34.94 2.52 -14.34
N GLU B 265 35.72 1.51 -14.68
CA GLU B 265 35.38 0.51 -15.70
C GLU B 265 34.15 -0.38 -15.45
N PRO B 266 33.88 -0.98 -14.25
CA PRO B 266 32.64 -1.79 -14.15
C PRO B 266 31.36 -0.98 -14.13
N VAL B 267 31.37 0.16 -13.45
CA VAL B 267 30.20 1.04 -13.45
C VAL B 267 30.05 1.74 -14.81
N LYS B 268 31.16 1.93 -15.54
CA LYS B 268 31.12 2.51 -16.88
C LYS B 268 30.53 1.53 -17.88
N GLU B 269 30.91 0.25 -17.78
CA GLU B 269 30.32 -0.79 -18.62
C GLU B 269 28.88 -1.07 -18.24
N LYS B 270 28.52 -0.91 -16.96
CA LYS B 270 27.13 -1.08 -16.52
C LYS B 270 26.24 0.05 -17.03
N ALA B 271 26.75 1.30 -17.00
CA ALA B 271 26.01 2.43 -17.52
C ALA B 271 25.91 2.40 -19.04
N LEU B 272 26.95 1.91 -19.72
CA LEU B 272 26.86 1.74 -21.17
C LEU B 272 25.95 0.59 -21.56
N LYS B 273 25.85 -0.46 -20.73
CA LYS B 273 24.93 -1.56 -20.98
C LYS B 273 23.48 -1.12 -20.77
N GLU B 274 23.23 -0.30 -19.74
CA GLU B 274 21.92 0.30 -19.55
C GLU B 274 21.59 1.33 -20.64
N LEU B 275 22.62 1.98 -21.21
CA LEU B 275 22.38 2.86 -22.35
C LEU B 275 22.07 2.07 -23.61
N LYS B 276 22.66 0.87 -23.78
CA LYS B 276 22.26 -0.03 -24.86
C LYS B 276 20.86 -0.59 -24.68
N ARG B 277 20.43 -0.76 -23.42
CA ARG B 277 19.03 -1.05 -23.15
C ARG B 277 18.13 0.14 -23.52
N LEU B 278 18.59 1.35 -23.23
CA LEU B 278 17.76 2.54 -23.42
C LEU B 278 17.75 3.01 -24.88
N GLU B 279 18.67 2.49 -25.71
CA GLU B 279 18.68 2.79 -27.14
C GLU B 279 17.45 2.24 -27.86
N ARG B 280 17.02 1.03 -27.51
CA ARG B 280 16.08 0.30 -28.37
C ARG B 280 14.62 0.55 -28.06
N MET B 281 14.29 1.03 -26.86
CA MET B 281 12.90 0.98 -26.42
C MET B 281 12.09 2.17 -26.90
N GLN B 282 10.79 2.12 -26.64
CA GLN B 282 9.90 3.26 -26.83
C GLN B 282 10.20 4.32 -25.77
N PRO B 283 10.47 5.57 -26.16
CA PRO B 283 10.79 6.60 -25.15
C PRO B 283 9.60 7.10 -24.34
N GLY B 284 8.36 6.77 -24.71
CA GLY B 284 7.22 7.18 -23.92
C GLY B 284 6.90 6.31 -22.72
N SER B 285 7.61 5.20 -22.54
CA SER B 285 7.31 4.22 -21.49
C SER B 285 7.76 4.73 -20.12
N PRO B 286 7.16 4.22 -19.03
CA PRO B 286 7.75 4.47 -17.69
C PRO B 286 9.09 3.78 -17.46
N GLU B 287 9.40 2.73 -18.22
CA GLU B 287 10.75 2.16 -18.22
C GLU B 287 11.76 3.14 -18.77
N ALA B 288 11.35 3.95 -19.76
CA ALA B 288 12.21 4.98 -20.34
C ALA B 288 12.51 6.09 -19.35
N THR B 289 11.53 6.52 -18.56
CA THR B 289 11.82 7.55 -17.58
C THR B 289 12.55 7.01 -16.35
N VAL B 290 12.38 5.73 -16.00
CA VAL B 290 13.15 5.25 -14.86
C VAL B 290 14.59 4.90 -15.29
N SER B 291 14.80 4.45 -16.53
CA SER B 291 16.16 4.26 -17.02
C SER B 291 16.82 5.58 -17.38
N ARG B 292 16.04 6.58 -17.77
CA ARG B 292 16.59 7.89 -18.07
C ARG B 292 16.98 8.63 -16.79
N THR B 293 16.18 8.46 -15.73
CA THR B 293 16.57 8.94 -14.40
C THR B 293 17.77 8.16 -13.85
N TYR B 294 17.88 6.87 -14.21
CA TYR B 294 18.98 6.03 -13.76
C TYR B 294 20.31 6.47 -14.42
N LEU B 295 20.30 6.65 -15.74
CA LEU B 295 21.47 7.16 -16.46
C LEU B 295 21.79 8.60 -16.11
N ASP B 296 20.76 9.44 -15.87
CA ASP B 296 20.98 10.81 -15.43
C ASP B 296 21.63 10.86 -14.06
N TRP B 297 21.20 9.98 -13.16
CA TRP B 297 21.77 9.91 -11.81
C TRP B 297 23.19 9.35 -11.82
N LEU B 298 23.51 8.45 -12.77
CA LEU B 298 24.91 8.07 -12.98
C LEU B 298 25.76 9.19 -13.56
N LEU B 299 25.19 10.05 -14.42
CA LEU B 299 26.00 11.14 -14.95
C LEU B 299 26.24 12.26 -13.94
N GLU B 300 25.22 12.72 -13.22
CA GLU B 300 25.43 13.87 -12.35
C GLU B 300 25.88 13.50 -10.94
N VAL B 301 26.21 12.23 -10.71
CA VAL B 301 26.98 11.89 -9.52
C VAL B 301 28.42 12.02 -10.02
N PRO B 302 29.39 12.38 -9.20
CA PRO B 302 30.77 12.49 -9.70
C PRO B 302 31.58 11.22 -9.49
N TRP B 303 32.51 10.99 -10.42
CA TRP B 303 33.37 9.81 -10.37
C TRP B 303 34.85 10.16 -10.30
N THR B 304 35.35 11.00 -11.18
CA THR B 304 36.73 11.48 -11.10
C THR B 304 36.82 12.98 -10.92
N GLU B 305 35.69 13.69 -10.94
CA GLU B 305 35.69 15.14 -10.77
C GLU B 305 35.96 15.48 -9.31
N ALA B 306 37.08 16.14 -9.05
CA ALA B 306 37.49 16.51 -7.71
C ALA B 306 37.95 17.96 -7.72
N ASP B 307 37.52 18.72 -6.72
CA ASP B 307 38.11 20.02 -6.50
C ASP B 307 39.54 19.89 -5.98
N PRO B 308 40.44 20.81 -6.34
CA PRO B 308 41.82 20.71 -5.83
C PRO B 308 41.91 21.13 -4.38
N GLU B 309 42.46 20.24 -3.56
CA GLU B 309 42.72 20.58 -2.17
C GLU B 309 43.94 21.48 -2.09
N VAL B 310 43.75 22.70 -1.58
CA VAL B 310 44.88 23.59 -1.37
C VAL B 310 45.67 23.12 -0.15
N LEU B 311 46.99 23.10 -0.28
CA LEU B 311 47.86 22.53 0.74
C LEU B 311 48.40 23.57 1.69
N ASP B 312 47.81 24.77 1.70
CA ASP B 312 48.26 25.85 2.57
C ASP B 312 47.76 25.57 3.99
N ILE B 313 48.70 25.36 4.90
CA ILE B 313 48.37 25.17 6.31
C ILE B 313 47.91 26.48 6.94
N SER B 314 48.53 27.60 6.53
CA SER B 314 48.26 28.90 7.13
C SER B 314 46.90 29.46 6.72
N VAL B 315 46.47 29.19 5.47
CA VAL B 315 45.16 29.64 5.00
C VAL B 315 44.04 28.87 5.70
N THR B 316 44.23 27.56 5.86
CA THR B 316 43.27 26.71 6.59
C THR B 316 43.22 27.08 8.08
N LYS B 317 44.38 27.40 8.67
CA LYS B 317 44.45 27.83 10.06
C LYS B 317 43.81 29.20 10.27
N ARG B 318 44.01 30.13 9.33
CA ARG B 318 43.41 31.46 9.47
C ARG B 318 41.91 31.45 9.17
N VAL B 319 41.42 30.51 8.36
CA VAL B 319 39.97 30.45 8.14
C VAL B 319 39.29 29.74 9.32
N LEU B 320 39.97 28.74 9.90
CA LEU B 320 39.52 28.11 11.14
C LEU B 320 39.53 29.07 12.32
N ASP B 321 40.49 30.00 12.35
CA ASP B 321 40.50 31.03 13.39
C ASP B 321 39.58 32.21 13.08
N GLU B 322 39.21 32.41 11.81
CA GLU B 322 38.24 33.44 11.45
C GLU B 322 36.81 32.94 11.46
N ASP B 323 36.59 31.66 11.73
CA ASP B 323 35.24 31.20 12.02
C ASP B 323 35.06 30.75 13.47
N HIS B 324 36.07 30.12 14.06
CA HIS B 324 35.99 29.61 15.42
C HIS B 324 37.18 30.02 16.28
N TYR B 325 36.96 30.11 17.58
CA TYR B 325 38.03 30.40 18.52
C TYR B 325 38.27 29.19 19.42
N GLY B 326 39.54 28.84 19.59
CA GLY B 326 40.00 28.07 20.75
C GLY B 326 39.65 26.61 20.76
N LEU B 327 39.12 26.07 19.67
CA LEU B 327 38.77 24.66 19.61
C LEU B 327 40.01 23.91 19.12
N LYS B 328 40.93 23.68 20.07
CA LYS B 328 42.33 23.40 19.75
C LYS B 328 42.53 22.00 19.20
N GLU B 329 41.76 21.02 19.71
CA GLU B 329 41.88 19.63 19.28
C GLU B 329 41.38 19.44 17.84
N VAL B 330 40.25 20.04 17.51
CA VAL B 330 39.73 19.85 16.15
C VAL B 330 40.46 20.76 15.14
N LYS B 331 41.00 21.91 15.57
CA LYS B 331 41.80 22.73 14.66
C LYS B 331 43.15 22.10 14.35
N GLU B 332 43.78 21.51 15.37
CA GLU B 332 44.98 20.71 15.15
C GLU B 332 44.68 19.46 14.32
N ARG B 333 43.47 18.89 14.48
CA ARG B 333 43.02 17.75 13.70
C ARG B 333 42.85 18.09 12.22
N ILE B 334 42.32 19.28 11.92
CA ILE B 334 42.16 19.70 10.53
C ILE B 334 43.50 20.01 9.88
N LEU B 335 44.40 20.73 10.59
CA LEU B 335 45.72 21.00 10.02
C LEU B 335 46.61 19.76 9.90
N GLU B 336 46.40 18.76 10.76
CA GLU B 336 47.12 17.51 10.52
C GLU B 336 46.44 16.63 9.47
N TYR B 337 45.15 16.84 9.19
CA TYR B 337 44.54 16.20 8.03
C TYR B 337 45.09 16.78 6.74
N LEU B 338 45.31 18.10 6.71
CA LEU B 338 46.00 18.72 5.59
C LEU B 338 47.47 18.30 5.51
N ALA B 339 48.11 18.07 6.66
CA ALA B 339 49.47 17.57 6.67
C ALA B 339 49.56 16.12 6.19
N VAL B 340 48.49 15.35 6.32
CA VAL B 340 48.41 14.07 5.61
C VAL B 340 48.29 14.32 4.11
N ARG B 341 47.36 15.19 3.71
CA ARG B 341 47.04 15.36 2.29
C ARG B 341 48.07 16.20 1.53
N GLN B 342 48.92 16.95 2.23
CA GLN B 342 50.08 17.54 1.58
C GLN B 342 51.15 16.50 1.35
N LEU B 343 51.30 15.56 2.29
CA LEU B 343 52.37 14.57 2.20
C LEU B 343 52.04 13.45 1.24
N THR B 344 50.76 13.05 1.16
CA THR B 344 50.38 11.95 0.28
C THR B 344 50.11 12.39 -1.15
N GLN B 345 50.19 13.69 -1.43
CA GLN B 345 49.99 14.22 -2.78
C GLN B 345 51.18 13.83 -3.65
N GLY B 346 50.98 12.85 -4.53
CA GLY B 346 52.04 12.25 -5.29
C GLY B 346 52.31 10.80 -4.93
N LYS B 347 51.73 10.31 -3.84
CA LYS B 347 51.85 8.91 -3.43
C LYS B 347 50.49 8.26 -3.53
N GLU B 348 50.36 7.28 -4.44
CA GLU B 348 49.07 6.66 -4.73
C GLU B 348 48.77 5.60 -3.69
N VAL B 349 48.18 6.04 -2.59
CA VAL B 349 47.69 5.14 -1.55
C VAL B 349 46.17 5.26 -1.49
N LYS B 350 45.55 4.37 -0.71
CA LYS B 350 44.09 4.29 -0.61
C LYS B 350 43.60 5.37 0.36
N GLY B 351 43.50 6.59 -0.15
CA GLY B 351 43.34 7.78 0.65
C GLY B 351 41.98 7.99 1.28
N HIS B 352 41.69 7.20 2.31
CA HIS B 352 40.42 7.30 3.03
C HIS B 352 40.41 8.53 3.92
N ALA B 353 39.56 9.51 3.58
CA ALA B 353 39.36 10.66 4.43
C ALA B 353 38.50 10.27 5.64
N PRO B 354 38.86 10.71 6.85
CA PRO B 354 38.37 10.06 8.08
C PRO B 354 36.94 10.44 8.44
N ILE B 355 36.50 9.93 9.60
CA ILE B 355 35.08 9.92 9.98
C ILE B 355 35.04 10.57 11.36
N LEU B 356 34.82 11.88 11.42
CA LEU B 356 34.98 12.59 12.68
C LEU B 356 33.70 12.61 13.48
N CYS B 357 33.82 12.28 14.77
CA CYS B 357 32.73 12.34 15.74
C CYS B 357 32.93 13.48 16.71
N PHE B 358 31.88 14.25 16.93
CA PHE B 358 31.91 15.43 17.78
C PHE B 358 30.88 15.25 18.89
N VAL B 359 31.33 14.85 20.07
CA VAL B 359 30.48 14.73 21.22
C VAL B 359 30.77 15.86 22.19
N GLY B 360 29.92 16.01 23.20
CA GLY B 360 30.00 17.09 24.14
C GLY B 360 28.60 17.62 24.41
N PRO B 361 28.49 18.68 25.22
CA PRO B 361 27.17 19.29 25.48
C PRO B 361 26.65 20.02 24.26
N PRO B 362 25.34 20.26 24.16
CA PRO B 362 24.81 20.99 23.00
C PRO B 362 25.14 22.47 23.05
N GLY B 363 25.63 22.99 21.94
CA GLY B 363 25.92 24.40 21.80
C GLY B 363 27.38 24.75 21.73
N VAL B 364 28.27 23.77 21.62
CA VAL B 364 29.70 24.05 21.56
C VAL B 364 30.08 24.58 20.17
N GLY B 365 29.29 24.30 19.15
CA GLY B 365 29.70 24.62 17.80
C GLY B 365 30.35 23.47 17.09
N LYS B 366 30.43 22.32 17.76
CA LYS B 366 30.75 21.04 17.17
C LYS B 366 29.65 20.54 16.23
N THR B 367 28.43 21.06 16.35
CA THR B 367 27.28 20.62 15.60
C THR B 367 26.98 21.47 14.38
N SER B 368 27.67 22.60 14.20
CA SER B 368 27.60 23.36 12.95
C SER B 368 29.00 23.79 12.52
N LEU B 369 29.98 22.91 12.75
CA LEU B 369 31.36 23.20 12.41
C LEU B 369 31.63 23.01 10.93
N GLY B 370 30.77 22.24 10.24
CA GLY B 370 31.01 21.80 8.88
C GLY B 370 30.99 22.90 7.82
N LYS B 371 30.33 24.03 8.13
CA LYS B 371 30.46 25.21 7.27
C LYS B 371 31.87 25.78 7.31
N SER B 372 32.48 25.82 8.49
CA SER B 372 33.87 26.26 8.62
C SER B 372 34.85 25.23 8.09
N ILE B 373 34.49 23.95 8.17
CA ILE B 373 35.31 22.90 7.58
C ILE B 373 35.28 23.01 6.05
N ALA B 374 34.12 23.35 5.50
CA ALA B 374 33.97 23.61 4.07
C ALA B 374 34.74 24.86 3.62
N ARG B 375 34.73 25.90 4.46
CA ARG B 375 35.49 27.10 4.14
C ARG B 375 36.99 26.87 4.30
N SER B 376 37.38 25.96 5.19
CA SER B 376 38.80 25.73 5.46
C SER B 376 39.46 24.81 4.46
N MET B 377 38.71 23.91 3.83
CA MET B 377 39.27 23.11 2.74
C MET B 377 39.20 23.83 1.41
N ASN B 378 38.34 24.86 1.31
CA ASN B 378 37.75 25.39 0.07
C ASN B 378 37.17 24.25 -0.78
N ARG B 379 36.38 23.41 -0.14
CA ARG B 379 35.64 22.35 -0.82
C ARG B 379 34.15 22.56 -0.57
N ARG B 380 33.33 21.96 -1.43
CA ARG B 380 31.91 22.27 -1.45
C ARG B 380 31.19 21.52 -0.33
N PHE B 381 29.97 21.96 -0.04
CA PHE B 381 29.30 21.63 1.21
C PHE B 381 27.87 21.19 0.95
N HIS B 382 27.45 20.15 1.66
CA HIS B 382 26.03 19.79 1.75
C HIS B 382 25.81 19.09 3.07
N ARG B 383 25.20 19.79 4.02
CA ARG B 383 24.86 19.18 5.30
C ARG B 383 23.66 18.27 5.13
N ILE B 384 23.77 17.06 5.68
CA ILE B 384 22.84 15.97 5.37
C ILE B 384 21.96 15.77 6.59
N SER B 385 20.65 15.86 6.39
CA SER B 385 19.68 15.84 7.48
C SER B 385 19.52 14.41 7.98
N LEU B 386 20.05 14.12 9.16
CA LEU B 386 19.88 12.83 9.82
C LEU B 386 19.39 13.01 11.24
N GLY B 387 18.47 13.95 11.46
CA GLY B 387 17.95 14.17 12.79
C GLY B 387 16.74 13.31 13.10
N GLY B 388 16.97 12.19 13.80
CA GLY B 388 15.90 11.30 14.20
C GLY B 388 15.25 10.53 13.08
N VAL B 389 16.04 10.14 12.07
CA VAL B 389 15.49 9.49 10.88
C VAL B 389 15.12 8.06 11.22
N ARG B 390 13.90 7.66 10.82
CA ARG B 390 13.40 6.30 11.02
C ARG B 390 13.63 5.40 9.82
N ASP B 391 14.06 5.95 8.69
CA ASP B 391 14.02 5.27 7.41
C ASP B 391 15.44 4.94 6.94
N GLU B 392 15.70 3.67 6.71
CA GLU B 392 17.04 3.25 6.30
C GLU B 392 17.30 3.54 4.83
N ALA B 393 16.25 3.51 4.02
CA ALA B 393 16.31 3.85 2.59
C ALA B 393 16.17 5.35 2.34
N GLU B 394 16.13 6.14 3.40
CA GLU B 394 16.43 7.55 3.35
C GLU B 394 17.93 7.80 3.28
N ILE B 395 18.74 6.84 3.75
CA ILE B 395 20.19 6.89 3.62
C ILE B 395 20.62 6.14 2.37
N ARG B 396 20.31 4.84 2.30
CA ARG B 396 20.90 4.04 1.23
C ARG B 396 20.04 3.95 -0.02
N GLY B 397 18.86 4.55 -0.02
CA GLY B 397 18.03 4.60 -1.21
C GLY B 397 17.17 3.38 -1.40
N HIS B 398 16.27 3.49 -2.37
CA HIS B 398 15.43 2.39 -2.84
C HIS B 398 15.95 1.95 -4.21
N ARG B 399 15.54 0.76 -4.64
CA ARG B 399 15.82 0.42 -6.02
C ARG B 399 14.84 1.10 -6.96
N ARG B 400 15.18 1.06 -8.25
CA ARG B 400 14.43 1.73 -9.29
C ARG B 400 13.13 1.01 -9.66
N THR B 401 12.90 -0.21 -9.15
CA THR B 401 11.60 -0.85 -9.29
C THR B 401 10.56 -0.14 -8.43
N TYR B 402 10.96 0.39 -7.28
CA TYR B 402 10.16 1.40 -6.60
C TYR B 402 10.18 2.65 -7.46
N ILE B 403 9.01 3.27 -7.64
CA ILE B 403 8.74 3.93 -8.91
C ILE B 403 9.30 5.35 -8.96
N GLY B 404 9.28 6.10 -7.86
CA GLY B 404 9.80 7.45 -7.89
C GLY B 404 11.04 7.59 -7.04
N ALA B 405 11.91 6.59 -7.10
CA ALA B 405 12.94 6.37 -6.09
C ALA B 405 14.10 7.34 -6.21
N LEU B 406 14.77 7.54 -5.09
CA LEU B 406 15.93 8.38 -4.90
C LEU B 406 17.05 7.53 -4.28
N PRO B 407 18.32 7.86 -4.53
CA PRO B 407 19.41 7.05 -3.96
C PRO B 407 19.80 7.42 -2.54
N GLY B 408 19.05 8.26 -1.85
CA GLY B 408 19.39 8.70 -0.52
C GLY B 408 20.01 10.08 -0.51
N LYS B 409 20.10 10.64 0.69
CA LYS B 409 20.51 12.02 0.84
C LYS B 409 22.01 12.18 0.68
N ILE B 410 22.78 11.12 0.91
CA ILE B 410 24.23 11.19 0.73
C ILE B 410 24.56 11.28 -0.76
N ILE B 411 23.84 10.55 -1.59
CA ILE B 411 23.98 10.70 -3.03
C ILE B 411 23.29 11.98 -3.53
N GLN B 412 22.33 12.52 -2.77
CA GLN B 412 21.80 13.85 -3.12
C GLN B 412 22.79 14.96 -2.76
N GLY B 413 23.59 14.75 -1.72
CA GLY B 413 24.74 15.62 -1.49
C GLY B 413 25.81 15.46 -2.55
N MET B 414 25.95 14.25 -3.10
CA MET B 414 26.83 14.03 -4.25
C MET B 414 26.32 14.73 -5.50
N LYS B 415 24.99 14.82 -5.66
CA LYS B 415 24.40 15.69 -6.70
C LYS B 415 24.76 17.15 -6.49
N GLN B 416 24.36 17.72 -5.36
CA GLN B 416 24.38 19.17 -5.22
C GLN B 416 25.79 19.70 -4.91
N VAL B 417 26.68 18.84 -4.42
CA VAL B 417 28.09 19.22 -4.36
C VAL B 417 28.76 19.02 -5.71
N GLY B 418 28.63 17.83 -6.31
CA GLY B 418 29.14 17.59 -7.63
C GLY B 418 30.61 17.21 -7.75
N VAL B 419 31.35 17.14 -6.64
CA VAL B 419 32.73 16.65 -6.69
C VAL B 419 32.88 15.50 -5.70
N VAL B 420 33.89 14.65 -5.95
CA VAL B 420 34.02 13.39 -5.22
C VAL B 420 34.61 13.54 -3.83
N ASN B 421 35.07 14.74 -3.45
CA ASN B 421 35.56 15.01 -2.10
C ASN B 421 34.75 16.15 -1.47
N PRO B 422 33.58 15.84 -0.88
CA PRO B 422 32.89 16.85 -0.09
C PRO B 422 33.16 16.75 1.39
N VAL B 423 32.56 17.66 2.14
CA VAL B 423 32.39 17.52 3.58
C VAL B 423 30.89 17.42 3.86
N PHE B 424 30.51 16.38 4.60
CA PHE B 424 29.12 16.11 4.93
C PHE B 424 28.91 16.26 6.43
N LEU B 425 28.11 17.25 6.80
CA LEU B 425 27.72 17.46 8.20
C LEU B 425 26.51 16.58 8.47
N LEU B 426 26.76 15.35 8.91
CA LEU B 426 25.69 14.44 9.30
C LEU B 426 25.23 14.85 10.70
N ASP B 427 24.05 15.45 10.80
CA ASP B 427 23.61 15.93 12.10
C ASP B 427 22.94 14.82 12.91
N GLU B 428 23.19 14.86 14.23
CA GLU B 428 22.45 14.14 15.27
C GLU B 428 22.52 12.62 15.12
N ILE B 429 23.76 12.11 15.13
CA ILE B 429 24.02 10.69 14.94
C ILE B 429 23.61 9.89 16.17
N ASP B 430 23.64 10.52 17.34
CA ASP B 430 23.11 9.91 18.56
C ASP B 430 21.59 9.80 18.55
N LYS B 431 20.91 10.63 17.76
CA LYS B 431 19.47 10.72 17.78
C LYS B 431 18.77 9.78 16.81
N LEU B 432 19.53 8.94 16.08
CA LEU B 432 18.92 7.95 15.20
C LEU B 432 18.23 6.87 16.00
N SER B 433 16.98 6.55 15.61
CA SER B 433 16.21 5.54 16.30
C SER B 433 16.72 4.15 15.96
N SER B 434 16.92 3.34 16.99
CA SER B 434 17.43 1.98 16.85
C SER B 434 16.38 1.00 17.34
N ASP B 435 15.80 0.24 16.41
CA ASP B 435 14.72 -0.69 16.71
C ASP B 435 14.70 -1.73 15.59
N TRP B 436 13.95 -2.82 15.79
CA TRP B 436 13.89 -3.85 14.75
C TRP B 436 13.02 -3.40 13.58
N ARG B 437 12.03 -2.54 13.82
CA ARG B 437 11.22 -2.00 12.73
C ARG B 437 11.97 -0.91 11.98
N GLY B 438 12.77 -0.11 12.68
CA GLY B 438 13.57 0.91 12.04
C GLY B 438 14.90 1.13 12.72
N ASP B 439 16.00 1.01 11.97
CA ASP B 439 17.33 1.35 12.48
C ASP B 439 18.20 1.86 11.33
N PRO B 440 18.20 3.17 11.06
CA PRO B 440 19.12 3.71 10.04
C PRO B 440 20.55 3.88 10.50
N ALA B 441 20.87 3.64 11.78
CA ALA B 441 22.26 3.58 12.20
C ALA B 441 22.97 2.38 11.57
N ALA B 442 22.23 1.29 11.37
CA ALA B 442 22.69 0.17 10.55
C ALA B 442 22.95 0.58 9.10
N ALA B 443 22.16 1.52 8.58
CA ALA B 443 22.50 2.10 7.28
C ALA B 443 23.68 3.07 7.37
N LEU B 444 23.98 3.64 8.55
CA LEU B 444 25.21 4.40 8.68
C LEU B 444 26.45 3.51 8.72
N LEU B 445 26.30 2.23 9.15
CA LEU B 445 27.45 1.31 9.16
C LEU B 445 28.02 0.95 7.79
N GLU B 446 27.27 1.04 6.68
CA GLU B 446 27.93 0.83 5.40
C GLU B 446 28.77 2.03 5.00
N VAL B 447 28.20 3.22 5.18
CA VAL B 447 28.74 4.44 4.56
C VAL B 447 29.75 5.13 5.46
N LEU B 448 30.03 4.59 6.64
CA LEU B 448 31.03 5.13 7.56
C LEU B 448 31.99 4.05 8.07
N ASP B 449 32.50 3.21 7.17
CA ASP B 449 33.56 2.27 7.52
C ASP B 449 34.82 2.58 6.71
N PRO B 450 35.88 3.12 7.33
CA PRO B 450 37.08 3.55 6.57
C PRO B 450 37.93 2.48 5.85
N GLU B 451 37.53 1.21 5.83
CA GLU B 451 38.14 0.27 4.89
C GLU B 451 37.20 -0.12 3.76
N GLN B 452 35.91 0.18 3.84
CA GLN B 452 34.99 -0.24 2.78
C GLN B 452 33.97 0.84 2.41
N ASN B 453 34.32 2.12 2.51
CA ASN B 453 33.45 3.14 1.94
C ASN B 453 33.52 3.19 0.43
N HIS B 454 34.62 2.73 -0.18
CA HIS B 454 34.69 2.67 -1.62
C HIS B 454 33.86 1.54 -2.21
N THR B 455 33.51 0.54 -1.39
CA THR B 455 32.51 -0.46 -1.75
C THR B 455 31.14 -0.19 -1.15
N PHE B 456 30.80 1.10 -0.94
CA PHE B 456 29.42 1.48 -0.65
C PHE B 456 28.55 1.22 -1.86
N THR B 457 27.66 0.24 -1.75
CA THR B 457 26.56 0.11 -2.68
C THR B 457 25.32 0.77 -2.06
N ASP B 458 24.70 1.66 -2.82
CA ASP B 458 23.35 2.11 -2.53
C ASP B 458 22.35 1.17 -3.19
N HIS B 459 21.11 1.62 -3.32
CA HIS B 459 20.13 0.78 -3.97
C HIS B 459 19.66 1.31 -5.31
N TYR B 460 19.87 2.59 -5.60
CA TYR B 460 19.43 3.15 -6.88
C TYR B 460 20.53 3.24 -7.93
N LEU B 461 21.72 3.73 -7.58
CA LEU B 461 22.85 3.54 -8.48
C LEU B 461 23.31 2.09 -8.44
N ASP B 462 23.38 1.55 -7.22
CA ASP B 462 23.49 0.14 -6.84
C ASP B 462 24.84 -0.40 -7.37
N VAL B 463 25.85 0.44 -7.25
CA VAL B 463 27.22 0.13 -7.65
C VAL B 463 28.10 0.50 -6.47
N PRO B 464 29.31 -0.07 -6.38
CA PRO B 464 30.29 0.45 -5.41
C PRO B 464 30.73 1.87 -5.74
N TYR B 465 30.30 2.81 -4.90
CA TYR B 465 30.63 4.21 -5.04
C TYR B 465 31.84 4.55 -4.19
N ASP B 466 32.76 5.32 -4.77
CA ASP B 466 34.04 5.63 -4.14
C ASP B 466 33.79 6.73 -3.12
N LEU B 467 33.72 6.37 -1.84
CA LEU B 467 33.57 7.32 -0.76
C LEU B 467 34.80 7.34 0.15
N SER B 468 35.99 7.13 -0.42
CA SER B 468 37.20 7.30 0.36
C SER B 468 37.49 8.78 0.62
N LYS B 469 37.17 9.63 -0.35
CA LYS B 469 37.59 11.03 -0.31
C LYS B 469 36.56 11.95 0.33
N VAL B 470 35.38 11.45 0.74
CA VAL B 470 34.43 12.28 1.45
C VAL B 470 34.89 12.48 2.89
N PHE B 471 34.86 13.72 3.34
CA PHE B 471 35.34 14.07 4.66
C PHE B 471 34.11 14.13 5.56
N PHE B 472 33.71 12.98 6.12
CA PHE B 472 32.47 12.89 6.87
C PHE B 472 32.60 13.54 8.24
N ILE B 473 31.54 14.25 8.62
CA ILE B 473 31.45 14.90 9.92
C ILE B 473 30.19 14.37 10.61
N THR B 474 30.37 13.75 11.77
CA THR B 474 29.26 13.23 12.56
C THR B 474 29.20 13.96 13.89
N THR B 475 27.98 14.29 14.32
CA THR B 475 27.76 15.10 15.51
C THR B 475 26.86 14.35 16.47
N ALA B 476 27.04 14.61 17.77
CA ALA B 476 26.26 13.96 18.80
C ALA B 476 26.26 14.82 20.06
N ASN B 477 25.13 14.86 20.75
CA ASN B 477 25.05 15.59 22.00
C ASN B 477 25.32 14.73 23.23
N THR B 478 25.48 13.42 23.04
CA THR B 478 25.85 12.51 24.12
C THR B 478 26.56 11.31 23.51
N LEU B 479 27.20 10.53 24.39
CA LEU B 479 28.00 9.40 23.93
C LEU B 479 27.16 8.14 23.77
N SER B 480 26.36 7.81 24.78
CA SER B 480 25.86 6.46 24.98
C SER B 480 24.72 6.06 24.05
N THR B 481 23.95 7.02 23.52
CA THR B 481 22.81 6.63 22.69
C THR B 481 23.20 6.38 21.24
N ILE B 482 24.46 6.65 20.88
CA ILE B 482 25.00 6.08 19.63
C ILE B 482 25.10 4.57 19.80
N PRO B 483 24.75 3.76 18.79
CA PRO B 483 24.91 2.31 18.92
C PRO B 483 26.36 1.87 18.98
N ARG B 484 26.56 0.71 19.60
CA ARG B 484 27.90 0.21 19.91
C ARG B 484 28.76 -0.16 18.68
N PRO B 485 28.23 -0.61 17.52
CA PRO B 485 29.07 -0.55 16.33
C PRO B 485 29.43 0.85 15.87
N LEU B 486 28.46 1.78 15.88
CA LEU B 486 28.62 3.03 15.13
C LEU B 486 29.53 4.04 15.82
N LEU B 487 29.56 4.07 17.16
CA LEU B 487 30.50 4.94 17.86
C LEU B 487 31.94 4.44 17.73
N ASP B 488 32.12 3.14 17.51
CA ASP B 488 33.42 2.54 17.32
C ASP B 488 34.08 2.91 15.98
N ARG B 489 33.30 3.37 15.01
CA ARG B 489 33.83 3.56 13.67
C ARG B 489 34.52 4.91 13.53
N MET B 490 34.24 5.83 14.44
CA MET B 490 34.34 7.26 14.24
C MET B 490 35.43 7.87 15.13
N GLU B 491 36.23 8.79 14.56
CA GLU B 491 37.19 9.56 15.37
C GLU B 491 36.44 10.50 16.31
N VAL B 492 36.35 10.09 17.57
CA VAL B 492 35.67 10.86 18.60
C VAL B 492 36.57 12.00 19.04
N ILE B 493 36.36 13.17 18.45
CA ILE B 493 37.00 14.37 18.94
C ILE B 493 36.13 14.84 20.11
N GLU B 494 36.45 14.36 21.30
CA GLU B 494 35.65 14.65 22.48
C GLU B 494 36.08 16.05 22.91
N ILE B 495 35.25 17.03 22.60
CA ILE B 495 35.47 18.39 23.05
C ILE B 495 34.42 18.73 24.11
N PRO B 496 34.82 19.20 25.28
CA PRO B 496 33.87 19.38 26.37
C PRO B 496 33.13 20.70 26.29
N GLY B 497 32.37 20.99 27.33
CA GLY B 497 31.77 22.30 27.45
C GLY B 497 32.82 23.38 27.70
N TYR B 498 32.46 24.61 27.35
CA TYR B 498 33.41 25.70 27.31
C TYR B 498 33.74 26.21 28.70
N THR B 499 35.01 26.55 28.90
CA THR B 499 35.41 27.14 30.15
C THR B 499 35.31 28.67 30.02
N LEU B 500 35.60 29.39 31.11
CA LEU B 500 35.02 30.73 31.27
C LEU B 500 35.82 31.80 30.54
N HIS B 501 37.15 31.72 30.52
CA HIS B 501 37.92 32.68 29.72
C HIS B 501 37.82 32.36 28.24
N GLU B 502 37.63 31.07 27.92
CA GLU B 502 37.22 30.67 26.57
C GLU B 502 35.85 31.22 26.22
N LYS B 503 34.93 31.28 27.20
CA LYS B 503 33.62 31.89 26.97
C LYS B 503 33.71 33.40 26.77
N ARG B 504 34.64 34.04 27.51
CA ARG B 504 34.89 35.47 27.39
C ARG B 504 35.42 35.85 26.01
N ALA B 505 36.44 35.13 25.55
CA ALA B 505 37.00 35.45 24.25
C ALA B 505 36.16 34.93 23.08
N ILE B 506 35.33 33.88 23.28
CA ILE B 506 34.46 33.43 22.19
C ILE B 506 33.34 34.45 21.99
N ALA B 507 32.89 35.12 23.08
CA ALA B 507 31.90 36.19 22.96
C ALA B 507 32.52 37.41 22.29
N ARG B 508 33.68 37.84 22.83
CA ARG B 508 34.38 39.08 22.43
C ARG B 508 34.85 39.02 20.98
N TYR B 509 35.32 37.87 20.51
CA TYR B 509 35.70 37.81 19.11
C TYR B 509 34.53 37.50 18.19
N PHE B 510 33.73 36.44 18.45
CA PHE B 510 32.85 35.98 17.37
C PHE B 510 31.41 35.72 17.79
N ARG B 511 30.94 36.27 18.91
CA ARG B 511 29.51 36.19 19.18
C ARG B 511 28.89 37.54 19.42
N TRP B 512 29.61 38.42 20.11
CA TRP B 512 29.23 39.82 20.21
C TRP B 512 29.18 40.59 18.88
N PRO B 513 30.18 40.54 17.96
CA PRO B 513 30.03 41.33 16.72
C PRO B 513 29.00 40.78 15.76
N PHE B 514 28.75 39.46 15.78
CA PHE B 514 27.69 38.90 14.96
C PHE B 514 26.31 39.32 15.44
N GLN B 515 26.08 39.33 16.76
CA GLN B 515 24.76 39.72 17.25
C GLN B 515 24.54 41.22 17.23
N VAL B 516 25.60 42.02 17.40
CA VAL B 516 25.42 43.46 17.26
C VAL B 516 25.35 43.88 15.79
N LYS B 517 25.91 43.09 14.86
CA LYS B 517 25.55 43.28 13.45
C LYS B 517 24.16 42.75 13.13
N GLU B 518 23.66 41.77 13.90
CA GLU B 518 22.26 41.37 13.79
C GLU B 518 21.30 42.40 14.33
N ALA B 519 21.75 43.28 15.22
CA ALA B 519 20.97 44.41 15.65
C ALA B 519 21.17 45.65 14.78
N GLY B 520 21.99 45.56 13.74
CA GLY B 520 22.19 46.68 12.85
C GLY B 520 23.07 47.78 13.38
N LEU B 521 23.86 47.50 14.40
CA LEU B 521 24.79 48.47 14.98
C LEU B 521 26.19 48.03 14.56
N GLU B 522 26.74 48.70 13.56
CA GLU B 522 28.04 48.32 13.05
C GLU B 522 29.18 48.77 13.95
N GLY B 523 29.02 49.91 14.62
CA GLY B 523 30.02 50.37 15.56
C GLY B 523 29.41 51.11 16.74
N ARG B 524 28.09 51.05 16.86
CA ARG B 524 27.39 51.83 17.87
C ARG B 524 27.52 51.22 19.26
N LEU B 525 27.47 49.90 19.36
CA LEU B 525 27.31 49.20 20.63
C LEU B 525 28.54 48.35 20.89
N GLU B 526 29.17 48.54 22.04
CA GLU B 526 30.27 47.70 22.50
C GLU B 526 30.00 47.22 23.91
N ILE B 527 30.98 46.52 24.49
CA ILE B 527 30.83 45.91 25.81
C ILE B 527 32.22 45.80 26.43
N THR B 528 32.28 45.88 27.76
CA THR B 528 33.50 45.52 28.47
C THR B 528 33.62 44.01 28.57
N ASP B 529 34.85 43.56 28.81
CA ASP B 529 35.08 42.14 29.07
C ASP B 529 34.58 41.71 30.45
N ARG B 530 34.48 42.66 31.39
CA ARG B 530 33.93 42.38 32.70
C ARG B 530 32.43 42.09 32.63
N ALA B 531 31.72 42.77 31.73
CA ALA B 531 30.30 42.49 31.54
C ALA B 531 30.07 41.18 30.79
N ILE B 532 31.01 40.81 29.92
CA ILE B 532 30.99 39.51 29.27
C ILE B 532 31.26 38.41 30.30
N GLU B 533 32.16 38.68 31.26
CA GLU B 533 32.40 37.76 32.38
C GLU B 533 31.17 37.60 33.25
N ARG B 534 30.51 38.73 33.58
CA ARG B 534 29.33 38.73 34.44
C ARG B 534 28.11 38.08 33.79
N ILE B 535 27.94 38.23 32.47
CA ILE B 535 26.85 37.54 31.80
C ILE B 535 27.15 36.04 31.69
N VAL B 536 28.45 35.66 31.65
CA VAL B 536 28.83 34.24 31.66
C VAL B 536 28.56 33.60 33.03
N GLN B 537 28.90 34.27 34.15
CA GLN B 537 28.58 33.61 35.43
C GLN B 537 27.10 33.73 35.78
N GLU B 538 26.55 34.94 35.76
CA GLU B 538 25.23 35.16 36.31
C GLU B 538 24.10 34.82 35.34
N TYR B 539 24.39 34.53 34.08
CA TYR B 539 23.30 34.31 33.13
C TYR B 539 23.43 33.03 32.32
N THR B 540 24.54 32.31 32.42
CA THR B 540 24.69 31.01 31.78
C THR B 540 25.09 29.99 32.83
N ARG B 541 24.25 28.99 33.04
CA ARG B 541 24.70 27.75 33.65
C ARG B 541 24.52 26.68 32.59
N GLU B 542 24.97 26.99 31.38
CA GLU B 542 25.06 26.07 30.27
C GLU B 542 26.51 25.68 30.07
N ALA B 543 26.76 24.88 29.05
CA ALA B 543 28.10 24.59 28.62
C ALA B 543 28.33 24.93 27.15
N GLY B 544 27.35 25.50 26.48
CA GLY B 544 27.45 25.92 25.12
C GLY B 544 27.74 27.40 24.99
N VAL B 545 27.27 28.00 23.89
CA VAL B 545 27.43 29.43 23.71
C VAL B 545 26.08 29.96 23.25
N ARG B 546 25.15 29.05 22.92
CA ARG B 546 23.84 29.44 22.39
C ARG B 546 22.96 30.10 23.43
N ASN B 547 23.00 29.63 24.68
CA ASN B 547 22.28 30.34 25.74
C ASN B 547 23.08 31.50 26.30
N LEU B 548 24.31 31.72 25.83
CA LEU B 548 24.98 33.00 25.92
C LEU B 548 24.66 33.87 24.71
N ASP B 549 24.44 33.25 23.54
CA ASP B 549 24.10 33.97 22.31
C ASP B 549 22.74 34.64 22.41
N ARG B 550 21.76 33.99 23.05
CA ARG B 550 20.44 34.61 23.17
C ARG B 550 20.43 35.73 24.19
N GLU B 551 21.26 35.65 25.23
CA GLU B 551 21.32 36.78 26.17
C GLU B 551 22.11 37.95 25.61
N LEU B 552 23.17 37.69 24.82
CA LEU B 552 23.85 38.74 24.06
C LEU B 552 22.94 39.33 22.99
N SER B 553 22.09 38.50 22.39
CA SER B 553 21.09 38.94 21.44
C SER B 553 20.01 39.77 22.11
N LYS B 554 19.66 39.46 23.35
CA LYS B 554 18.64 40.25 24.04
C LYS B 554 19.21 41.58 24.53
N VAL B 555 20.51 41.61 24.84
CA VAL B 555 21.22 42.88 25.09
C VAL B 555 21.23 43.77 23.85
N ALA B 556 21.55 43.17 22.69
CA ALA B 556 21.56 43.91 21.43
C ALA B 556 20.15 44.28 20.96
N ARG B 557 19.15 43.48 21.31
CA ARG B 557 17.77 43.80 20.96
C ARG B 557 17.20 44.92 21.81
N LYS B 558 17.48 44.92 23.13
CA LYS B 558 17.04 46.03 23.98
C LYS B 558 17.80 47.32 23.67
N ALA B 559 19.06 47.20 23.24
CA ALA B 559 19.74 48.40 22.76
C ALA B 559 19.28 48.85 21.39
N ALA B 560 18.71 47.95 20.57
CA ALA B 560 18.05 48.38 19.34
C ALA B 560 16.75 49.11 19.63
N LYS B 561 16.03 48.66 20.67
CA LYS B 561 14.87 49.38 21.19
C LYS B 561 15.25 50.76 21.73
N ASP B 562 16.35 50.84 22.48
CA ASP B 562 16.85 52.13 22.97
C ASP B 562 17.42 52.99 21.86
N TYR B 563 17.88 52.39 20.76
CA TYR B 563 18.30 53.14 19.58
C TYR B 563 17.11 53.77 18.88
N LEU B 564 16.00 53.03 18.76
CA LEU B 564 14.82 53.65 18.14
C LEU B 564 14.06 54.59 19.07
N GLU B 565 14.25 54.49 20.39
CA GLU B 565 13.70 55.52 21.26
C GLU B 565 14.56 56.79 21.21
N LYS B 566 15.86 56.64 21.46
CA LYS B 566 16.79 57.76 21.41
C LYS B 566 17.86 57.47 20.35
N PRO B 567 18.01 58.34 19.29
CA PRO B 567 18.73 57.95 18.07
C PRO B 567 20.23 57.73 18.20
N TRP B 568 20.97 58.70 18.75
CA TRP B 568 22.39 58.46 18.98
C TRP B 568 22.60 57.66 20.25
N GLU B 569 21.70 57.80 21.23
CA GLU B 569 21.89 57.29 22.59
C GLU B 569 21.52 55.81 22.75
N GLY B 570 21.56 55.01 21.69
CA GLY B 570 21.83 53.59 21.85
C GLY B 570 23.20 53.49 22.50
N VAL B 571 23.29 52.71 23.57
CA VAL B 571 24.35 52.86 24.56
C VAL B 571 25.66 52.29 24.01
N ARG B 572 26.73 53.09 24.11
CA ARG B 572 28.01 52.75 23.52
C ARG B 572 28.68 51.60 24.27
N VAL B 573 29.01 51.82 25.54
CA VAL B 573 29.73 50.85 26.36
C VAL B 573 28.84 50.51 27.55
N VAL B 574 28.50 49.23 27.69
CA VAL B 574 27.78 48.75 28.85
C VAL B 574 28.77 48.06 29.77
N ASP B 575 28.58 48.23 31.08
CA ASP B 575 29.67 48.04 32.03
C ASP B 575 29.21 47.30 33.28
N ALA B 576 28.39 46.25 33.09
CA ALA B 576 28.01 45.22 34.07
C ALA B 576 27.21 45.76 35.26
N GLU B 577 26.65 46.96 35.16
CA GLU B 577 25.80 47.49 36.21
C GLU B 577 24.46 47.84 35.60
N ASP B 578 24.50 48.23 34.32
CA ASP B 578 23.30 48.41 33.51
C ASP B 578 22.84 47.12 32.84
N LEU B 579 23.57 46.01 33.02
CA LEU B 579 23.21 44.72 32.44
C LEU B 579 21.96 44.14 33.10
N GLU B 580 21.69 44.52 34.36
CA GLU B 580 20.44 44.12 35.00
C GLU B 580 19.24 44.87 34.41
N ALA B 581 19.46 46.05 33.84
CA ALA B 581 18.40 46.71 33.07
C ALA B 581 18.25 46.12 31.68
N TYR B 582 19.27 45.41 31.20
CA TYR B 582 19.22 44.76 29.89
C TYR B 582 18.74 43.32 29.95
N LEU B 583 18.76 42.68 31.11
CA LEU B 583 18.43 41.26 31.20
C LEU B 583 17.50 40.93 32.36
N GLY B 584 17.02 41.92 33.10
CA GLY B 584 16.22 41.61 34.28
C GLY B 584 17.08 41.19 35.45
N VAL B 585 16.56 40.26 36.23
CA VAL B 585 17.28 39.73 37.41
C VAL B 585 18.42 38.83 36.93
N PRO B 586 19.58 38.84 37.60
CA PRO B 586 20.52 37.72 37.49
C PRO B 586 19.85 36.42 37.89
N LYS B 587 19.72 35.52 36.91
CA LYS B 587 18.90 34.32 37.09
C LYS B 587 19.58 33.31 38.00
N TYR B 588 20.84 32.99 37.71
CA TYR B 588 21.55 31.87 38.32
C TYR B 588 22.79 32.45 38.98
N ARG B 589 22.78 32.52 40.32
CA ARG B 589 23.82 33.20 41.06
C ARG B 589 25.09 32.36 41.07
N PRO B 590 26.29 32.97 40.85
CA PRO B 590 27.52 32.16 40.80
C PRO B 590 28.02 31.64 42.13
N ASP B 591 29.20 31.02 42.09
CA ASP B 591 29.75 30.28 43.22
C ASP B 591 30.28 31.25 44.26
N ARG B 592 29.62 31.29 45.42
CA ARG B 592 30.04 32.16 46.51
C ARG B 592 31.14 31.46 47.29
N ALA B 593 32.37 31.97 47.18
CA ALA B 593 33.48 31.42 47.93
C ALA B 593 33.40 31.85 49.40
N GLU B 594 34.13 31.14 50.25
CA GLU B 594 34.08 31.35 51.69
C GLU B 594 35.47 31.71 52.20
N LYS B 595 35.55 32.83 52.92
CA LYS B 595 36.76 33.24 53.63
C LYS B 595 36.68 32.83 55.10
N GLU B 596 35.63 32.14 55.49
CA GLU B 596 35.39 31.69 56.84
C GLU B 596 35.48 30.18 56.93
N PRO B 597 36.03 29.63 58.02
CA PRO B 597 36.00 28.17 58.19
C PRO B 597 34.61 27.70 58.59
N GLN B 598 34.21 26.56 58.03
CA GLN B 598 32.87 26.02 58.24
C GLN B 598 32.97 24.76 59.06
N VAL B 599 32.14 24.66 60.10
CA VAL B 599 32.27 23.59 61.10
C VAL B 599 31.73 22.26 60.59
N GLY B 600 30.93 22.26 59.53
CA GLY B 600 30.38 21.01 59.05
C GLY B 600 30.28 20.84 57.54
N ALA B 601 30.97 21.68 56.77
CA ALA B 601 30.93 21.57 55.32
C ALA B 601 32.34 21.72 54.77
N ALA B 602 32.43 21.64 53.44
CA ALA B 602 33.69 21.79 52.73
C ALA B 602 33.42 22.29 51.33
N GLN B 603 34.30 23.16 50.84
CA GLN B 603 34.23 23.63 49.46
C GLN B 603 34.74 22.52 48.54
N GLY B 604 34.03 22.26 47.46
CA GLY B 604 34.32 21.11 46.63
C GLY B 604 34.09 21.36 45.16
N LEU B 605 34.86 20.66 44.34
CA LEU B 605 34.86 20.77 42.89
C LEU B 605 34.04 19.64 42.29
N ALA B 606 33.39 19.92 41.16
CA ALA B 606 32.62 18.90 40.47
C ALA B 606 32.58 19.18 38.98
N TRP B 607 32.70 18.12 38.18
CA TRP B 607 32.50 18.20 36.73
C TRP B 607 31.01 18.04 36.44
N THR B 608 30.32 19.18 36.50
CA THR B 608 28.91 19.25 36.15
C THR B 608 28.75 19.18 34.62
N PRO B 609 27.53 18.89 34.12
CA PRO B 609 27.28 19.03 32.67
C PRO B 609 27.37 20.46 32.14
N TYR B 610 27.28 21.49 32.98
CA TYR B 610 27.55 22.85 32.52
C TYR B 610 29.03 23.23 32.61
N GLY B 611 29.90 22.32 33.04
CA GLY B 611 31.31 22.61 33.20
C GLY B 611 31.75 22.39 34.64
N GLY B 612 32.57 23.31 35.14
CA GLY B 612 32.99 23.27 36.52
C GLY B 612 32.07 24.05 37.44
N THR B 613 32.25 23.82 38.74
CA THR B 613 31.53 24.53 39.78
C THR B 613 32.35 24.50 41.06
N LEU B 614 31.88 25.22 42.07
CA LEU B 614 32.37 25.05 43.43
C LEU B 614 31.15 24.66 44.28
N LEU B 615 30.98 23.37 44.50
CA LEU B 615 29.95 22.92 45.41
C LEU B 615 30.38 23.13 46.85
N THR B 616 29.41 23.24 47.75
CA THR B 616 29.69 23.31 49.18
C THR B 616 29.11 22.01 49.75
N ILE B 617 29.93 20.97 49.78
CA ILE B 617 29.50 19.65 50.22
C ILE B 617 29.40 19.63 51.74
N GLU B 618 28.24 19.26 52.24
CA GLU B 618 27.71 19.75 53.50
C GLU B 618 27.06 18.60 54.26
N ALA B 619 27.34 18.51 55.57
CA ALA B 619 26.91 17.35 56.34
C ALA B 619 26.68 17.72 57.79
N VAL B 620 25.86 16.91 58.48
CA VAL B 620 25.56 17.08 59.90
C VAL B 620 25.85 15.76 60.63
N ALA B 621 25.74 15.82 61.96
CA ALA B 621 25.98 14.67 62.83
C ALA B 621 24.91 14.56 63.91
N VAL B 622 23.64 14.60 63.49
CA VAL B 622 22.49 14.49 64.42
C VAL B 622 22.43 13.06 64.95
N PRO B 623 22.17 12.84 66.25
CA PRO B 623 22.18 11.47 66.77
C PRO B 623 20.88 10.73 66.58
N GLY B 624 21.01 9.42 66.39
CA GLY B 624 19.87 8.55 66.16
C GLY B 624 20.23 7.08 66.01
N THR B 625 19.67 6.43 64.98
CA THR B 625 19.85 4.99 64.81
C THR B 625 21.19 4.60 64.20
N GLY B 626 21.85 5.50 63.47
CA GLY B 626 23.08 5.19 62.79
C GLY B 626 22.97 5.00 61.30
N LYS B 627 21.79 5.23 60.72
CA LYS B 627 21.62 5.11 59.28
C LYS B 627 22.24 6.31 58.56
N VAL B 628 22.63 6.08 57.31
CA VAL B 628 23.24 7.10 56.46
C VAL B 628 22.28 7.41 55.32
N ASN B 629 21.93 8.68 55.18
CA ASN B 629 20.93 9.10 54.20
C ASN B 629 21.49 10.26 53.39
N LEU B 630 21.67 10.03 52.09
CA LEU B 630 22.10 11.05 51.15
C LEU B 630 20.89 11.62 50.41
N THR B 631 21.14 12.55 49.49
CA THR B 631 20.04 13.19 48.79
C THR B 631 19.71 12.49 47.48
N GLY B 632 18.69 13.02 46.80
CA GLY B 632 18.43 12.73 45.41
C GLY B 632 19.33 13.54 44.50
N ASN B 633 19.21 13.24 43.19
CA ASN B 633 19.91 13.68 41.97
C ASN B 633 21.28 12.96 41.86
N LEU B 634 21.94 12.63 42.98
CA LEU B 634 23.15 11.83 42.98
C LEU B 634 22.88 10.34 42.88
N GLY B 635 21.68 9.89 43.27
CA GLY B 635 21.34 8.49 43.27
C GLY B 635 22.02 7.69 44.36
N GLU B 636 22.82 6.70 43.96
CA GLU B 636 23.59 5.89 44.89
C GLU B 636 25.10 5.96 44.65
N VAL B 637 25.53 6.52 43.52
CA VAL B 637 26.93 6.42 43.12
C VAL B 637 27.80 7.40 43.90
N MET B 638 27.23 8.50 44.41
CA MET B 638 27.92 9.35 45.36
C MET B 638 27.80 8.79 46.78
N LYS B 639 26.71 8.06 47.05
CA LYS B 639 26.47 7.44 48.36
C LYS B 639 27.46 6.31 48.63
N GLU B 640 27.92 5.63 47.57
CA GLU B 640 28.96 4.61 47.70
C GLU B 640 30.29 5.20 48.15
N SER B 641 30.68 6.34 47.57
CA SER B 641 31.91 7.03 48.01
C SER B 641 31.73 7.67 49.37
N ALA B 642 30.49 8.05 49.70
CA ALA B 642 30.16 8.58 51.03
C ALA B 642 30.33 7.52 52.11
N HIS B 643 29.79 6.33 51.87
CA HIS B 643 29.94 5.22 52.80
C HIS B 643 31.37 4.70 52.83
N ALA B 644 32.09 4.82 51.72
CA ALA B 644 33.51 4.44 51.66
C ALA B 644 34.38 5.36 52.52
N ALA B 645 34.13 6.68 52.44
CA ALA B 645 34.86 7.63 53.26
C ALA B 645 34.47 7.53 54.73
N LEU B 646 33.21 7.20 55.01
CA LEU B 646 32.78 7.01 56.39
C LEU B 646 33.38 5.73 57.00
N THR B 647 33.51 4.67 56.20
CA THR B 647 34.19 3.47 56.71
C THR B 647 35.70 3.65 56.80
N TYR B 648 36.28 4.55 55.99
CA TYR B 648 37.70 4.88 56.17
C TYR B 648 37.92 5.66 57.46
N LEU B 649 37.04 6.63 57.74
CA LEU B 649 37.16 7.40 58.98
C LEU B 649 36.75 6.57 60.20
N ARG B 650 35.93 5.54 60.01
CA ARG B 650 35.71 4.56 61.06
C ARG B 650 36.94 3.71 61.29
N ALA B 651 37.67 3.37 60.22
CA ALA B 651 38.88 2.57 60.35
C ALA B 651 40.05 3.35 60.95
N HIS B 652 40.01 4.68 60.89
CA HIS B 652 40.99 5.52 61.56
C HIS B 652 40.28 6.42 62.55
N ARG B 653 39.42 5.79 63.37
CA ARG B 653 38.66 6.48 64.41
C ARG B 653 39.58 7.07 65.48
N GLU B 654 40.63 6.34 65.86
CA GLU B 654 41.53 6.76 66.92
C GLU B 654 42.42 7.93 66.48
N GLU B 655 42.83 7.98 65.21
CA GLU B 655 43.76 8.99 64.74
C GLU B 655 43.14 10.37 64.59
N TRP B 656 41.81 10.47 64.49
CA TRP B 656 41.14 11.76 64.38
C TRP B 656 40.26 12.07 65.59
N GLY B 657 40.46 11.36 66.70
CA GLY B 657 39.78 11.65 67.96
C GLY B 657 38.28 11.39 67.99
N LEU B 658 37.83 10.30 67.40
CA LEU B 658 36.41 10.03 67.40
C LEU B 658 36.02 9.23 68.65
N PRO B 659 34.78 9.35 69.13
CA PRO B 659 34.33 8.49 70.23
C PRO B 659 34.12 7.06 69.78
N GLU B 660 34.16 6.16 70.75
CA GLU B 660 34.01 4.73 70.48
C GLU B 660 32.56 4.39 70.18
N GLY B 661 32.32 3.72 69.06
CA GLY B 661 30.97 3.44 68.61
C GLY B 661 30.21 4.66 68.17
N PHE B 662 30.88 5.61 67.50
CA PHE B 662 30.25 6.84 67.06
C PHE B 662 29.33 6.65 65.86
N HIS B 663 29.52 5.57 65.10
CA HIS B 663 28.72 5.32 63.90
C HIS B 663 27.29 4.95 64.25
N LYS B 664 27.10 4.17 65.32
CA LYS B 664 25.77 3.80 65.78
C LYS B 664 25.09 4.91 66.58
N ASP B 665 25.84 5.94 66.99
CA ASP B 665 25.24 7.07 67.68
C ASP B 665 24.58 8.03 66.69
N TYR B 666 25.35 8.53 65.73
CA TYR B 666 24.88 9.59 64.85
C TYR B 666 24.25 9.04 63.58
N ASP B 667 23.07 9.54 63.25
CA ASP B 667 22.55 9.42 61.89
C ASP B 667 23.25 10.43 61.00
N LEU B 668 23.68 9.99 59.82
CA LEU B 668 24.41 10.86 58.90
C LEU B 668 23.48 11.32 57.80
N HIS B 669 23.38 12.63 57.63
CA HIS B 669 22.49 13.29 56.69
C HIS B 669 23.30 14.24 55.81
N ILE B 670 24.29 13.66 55.13
CA ILE B 670 25.11 14.38 54.18
C ILE B 670 24.25 14.87 53.02
N HIS B 671 24.34 16.16 52.73
CA HIS B 671 23.46 16.80 51.77
C HIS B 671 24.23 17.81 50.90
N VAL B 672 24.26 17.51 49.61
CA VAL B 672 25.08 18.18 48.60
C VAL B 672 24.28 19.30 47.98
N PRO B 673 24.88 20.23 47.17
CA PRO B 673 24.06 21.23 46.45
C PRO B 673 23.38 20.76 45.16
N GLU B 674 23.30 19.43 44.97
CA GLU B 674 22.69 18.71 43.82
C GLU B 674 23.12 19.24 42.45
N GLY B 675 24.43 19.42 42.26
CA GLY B 675 24.94 19.58 40.91
C GLY B 675 26.11 18.68 40.59
N ALA B 676 25.90 17.72 39.69
CA ALA B 676 26.89 16.73 39.26
C ALA B 676 26.34 16.04 38.02
N THR B 677 27.22 15.28 37.36
CA THR B 677 26.85 14.32 36.34
C THR B 677 27.00 12.90 36.91
N PRO B 678 26.31 11.89 36.32
CA PRO B 678 26.56 10.51 36.78
C PRO B 678 27.77 9.81 36.20
N LYS B 679 28.92 10.49 36.15
CA LYS B 679 30.22 9.84 36.10
C LYS B 679 31.24 10.59 36.94
N ASP B 680 30.91 11.79 37.41
CA ASP B 680 31.62 12.50 38.46
C ASP B 680 31.08 12.15 39.84
N GLY B 681 30.11 11.23 39.90
CA GLY B 681 29.66 10.59 41.12
C GLY B 681 30.70 9.86 41.94
N PRO B 682 31.58 9.04 41.33
CA PRO B 682 32.78 8.60 42.07
C PRO B 682 33.72 9.72 42.46
N SER B 683 33.79 10.79 41.67
CA SER B 683 34.62 11.92 42.00
C SER B 683 33.97 12.77 43.09
N ALA B 684 34.75 13.78 43.56
CA ALA B 684 34.47 14.62 44.72
C ALA B 684 34.17 13.79 45.97
N GLY B 685 35.02 12.79 46.23
CA GLY B 685 34.83 11.92 47.37
C GLY B 685 35.48 12.42 48.64
N ILE B 686 36.59 13.16 48.48
CA ILE B 686 37.30 13.69 49.64
C ILE B 686 36.56 14.88 50.24
N THR B 687 35.63 15.47 49.49
CA THR B 687 34.65 16.43 50.03
C THR B 687 33.82 15.80 51.14
N ILE B 688 33.29 14.60 50.88
CA ILE B 688 32.51 13.87 51.89
C ILE B 688 33.44 13.32 52.98
N ALA B 689 34.71 13.01 52.64
CA ALA B 689 35.67 12.57 53.66
C ALA B 689 36.01 13.67 54.67
N THR B 690 36.20 14.90 54.19
CA THR B 690 36.28 16.03 55.11
C THR B 690 34.93 16.41 55.72
N ALA B 691 33.81 16.07 55.07
CA ALA B 691 32.50 16.33 55.67
C ALA B 691 32.19 15.37 56.82
N LEU B 692 32.81 14.20 56.83
CA LEU B 692 32.87 13.36 58.02
C LEU B 692 33.97 13.78 58.99
N ALA B 693 35.05 14.39 58.49
CA ALA B 693 36.03 14.96 59.41
C ALA B 693 35.49 16.20 60.11
N SER B 694 34.72 17.01 59.39
CA SER B 694 34.00 18.11 60.01
C SER B 694 32.72 17.59 60.68
N ALA B 695 32.33 18.27 61.77
CA ALA B 695 31.10 18.15 62.55
C ALA B 695 30.89 16.84 63.32
N LEU B 696 31.76 15.86 63.13
CA LEU B 696 31.80 14.66 63.95
C LEU B 696 32.98 14.66 64.89
N THR B 697 34.10 15.24 64.46
CA THR B 697 35.16 15.68 65.34
C THR B 697 34.88 17.07 65.92
N GLY B 698 33.89 17.78 65.39
CA GLY B 698 33.62 19.13 65.81
C GLY B 698 34.64 20.15 65.36
N ARG B 699 35.39 19.85 64.30
CA ARG B 699 36.51 20.67 63.88
C ARG B 699 36.28 21.20 62.47
N PRO B 700 36.47 22.50 62.23
CA PRO B 700 36.26 23.04 60.89
C PRO B 700 37.43 22.72 59.95
N VAL B 701 37.20 23.00 58.67
CA VAL B 701 38.21 22.83 57.65
C VAL B 701 38.76 24.18 57.25
N ARG B 702 39.82 24.18 56.43
CA ARG B 702 40.44 25.43 56.01
C ARG B 702 39.60 26.10 54.93
N MET B 703 39.57 27.44 54.98
CA MET B 703 38.66 28.23 54.18
C MET B 703 39.12 28.46 52.75
N ASP B 704 40.43 28.40 52.49
CA ASP B 704 40.95 28.68 51.16
C ASP B 704 41.23 27.42 50.37
N ILE B 705 40.86 26.26 50.89
CA ILE B 705 41.20 24.98 50.28
C ILE B 705 39.91 24.28 49.87
N ALA B 706 39.65 24.27 48.56
CA ALA B 706 38.64 23.43 47.95
C ALA B 706 39.32 22.21 47.35
N MET B 707 38.51 21.23 46.92
CA MET B 707 39.05 19.88 46.82
C MET B 707 38.19 19.01 45.91
N THR B 708 38.78 17.92 45.42
CA THR B 708 38.13 16.89 44.61
C THR B 708 38.96 15.60 44.65
N GLY B 709 38.29 14.46 44.62
CA GLY B 709 38.98 13.18 44.67
C GLY B 709 38.01 12.02 44.65
N GLU B 710 38.56 10.81 44.69
CA GLU B 710 37.78 9.58 44.69
C GLU B 710 38.25 8.68 45.83
N ILE B 711 37.30 8.03 46.49
CA ILE B 711 37.54 7.27 47.73
C ILE B 711 37.40 5.78 47.45
N THR B 712 38.42 5.01 47.81
CA THR B 712 38.26 3.59 48.07
C THR B 712 38.33 3.33 49.57
N LEU B 713 38.02 2.09 49.93
CA LEU B 713 37.76 1.72 51.32
C LEU B 713 39.01 1.67 52.18
N ARG B 714 40.18 1.45 51.57
CA ARG B 714 41.42 1.58 52.32
C ARG B 714 41.74 3.05 52.59
N GLY B 715 41.47 3.92 51.63
CA GLY B 715 41.79 5.32 51.76
C GLY B 715 42.77 5.80 50.71
N ARG B 716 42.90 5.06 49.62
CA ARG B 716 43.73 5.51 48.51
C ARG B 716 42.93 6.43 47.60
N VAL B 717 43.54 7.53 47.19
CA VAL B 717 42.84 8.54 46.39
C VAL B 717 42.94 8.13 44.92
N LEU B 718 41.85 7.62 44.36
CA LEU B 718 41.80 7.34 42.94
C LEU B 718 41.67 8.65 42.13
N PRO B 719 42.24 8.69 40.92
CA PRO B 719 42.13 9.92 40.12
C PRO B 719 40.76 10.10 39.49
N ILE B 720 40.56 11.32 38.99
CA ILE B 720 39.28 11.78 38.46
C ILE B 720 39.43 12.09 36.98
N GLY B 721 38.35 12.53 36.35
CA GLY B 721 38.38 12.85 34.94
C GLY B 721 37.75 14.19 34.64
N GLY B 722 38.30 14.86 33.62
CA GLY B 722 37.80 16.15 33.17
C GLY B 722 38.07 17.29 34.13
N VAL B 723 39.34 17.68 34.26
CA VAL B 723 39.76 18.55 35.36
C VAL B 723 39.94 20.00 34.97
N LYS B 724 39.90 20.35 33.68
CA LYS B 724 40.30 21.69 33.23
C LYS B 724 39.29 22.76 33.64
N GLU B 725 38.01 22.49 33.42
CA GLU B 725 36.97 23.39 33.90
C GLU B 725 36.79 23.33 35.41
N LYS B 726 37.17 22.22 36.06
CA LYS B 726 37.14 22.15 37.52
C LYS B 726 38.19 23.04 38.16
N LEU B 727 39.43 22.98 37.66
CA LEU B 727 40.50 23.88 38.09
C LEU B 727 40.23 25.34 37.75
N LEU B 728 39.65 25.63 36.58
CA LEU B 728 39.41 27.04 36.31
C LEU B 728 38.15 27.55 37.01
N ALA B 729 37.23 26.66 37.40
CA ALA B 729 36.10 27.07 38.23
C ALA B 729 36.52 27.30 39.68
N ALA B 730 37.48 26.51 40.16
CA ALA B 730 38.05 26.79 41.48
C ALA B 730 38.90 28.06 41.46
N HIS B 731 39.56 28.32 40.33
CA HIS B 731 40.28 29.58 40.12
C HIS B 731 39.33 30.77 40.03
N GLN B 732 38.11 30.54 39.52
CA GLN B 732 37.11 31.59 39.32
C GLN B 732 36.63 32.19 40.65
N ALA B 733 36.41 31.35 41.65
CA ALA B 733 36.09 31.85 42.97
C ALA B 733 37.39 32.13 43.73
N GLY B 734 37.28 32.48 45.00
CA GLY B 734 38.45 32.84 45.79
C GLY B 734 39.22 31.68 46.40
N ILE B 735 39.53 30.66 45.61
CA ILE B 735 40.30 29.51 46.03
C ILE B 735 41.55 29.45 45.18
N HIS B 736 42.72 29.45 45.84
CA HIS B 736 43.99 29.30 45.14
C HIS B 736 44.82 28.18 45.73
N ARG B 737 44.18 27.25 46.43
CA ARG B 737 44.84 26.04 46.95
C ARG B 737 43.85 24.91 46.75
N VAL B 738 44.19 23.96 45.88
CA VAL B 738 43.28 22.88 45.51
C VAL B 738 43.93 21.55 45.88
N ILE B 739 43.11 20.59 46.30
CA ILE B 739 43.57 19.21 46.46
C ILE B 739 43.22 18.42 45.20
N LEU B 740 44.21 17.76 44.63
CA LEU B 740 44.08 16.83 43.52
C LEU B 740 44.55 15.44 43.94
N PRO B 741 44.12 14.39 43.24
CA PRO B 741 44.81 13.10 43.34
C PRO B 741 46.18 13.15 42.69
N LYS B 742 47.00 12.16 43.03
CA LYS B 742 48.42 12.13 42.65
C LYS B 742 48.60 11.90 41.15
N GLU B 743 47.81 10.98 40.57
CA GLU B 743 47.98 10.63 39.16
C GLU B 743 47.08 11.44 38.23
N ASN B 744 46.66 12.64 38.64
CA ASN B 744 46.03 13.59 37.72
C ASN B 744 47.01 14.64 37.23
N ALA B 745 48.31 14.43 37.39
CA ALA B 745 49.30 15.33 36.81
C ALA B 745 49.33 15.21 35.29
N ALA B 746 48.99 14.04 34.76
CA ALA B 746 48.90 13.84 33.32
C ALA B 746 47.71 14.59 32.73
N GLU B 747 46.60 14.69 33.48
CA GLU B 747 45.52 15.57 33.05
C GLU B 747 45.84 17.04 33.29
N LEU B 748 46.63 17.33 34.32
CA LEU B 748 46.94 18.70 34.69
C LEU B 748 47.95 19.35 33.76
N LYS B 749 48.76 18.55 33.06
CA LYS B 749 49.65 19.13 32.04
C LYS B 749 48.90 19.63 30.82
N GLU B 750 47.71 19.09 30.53
CA GLU B 750 46.90 19.59 29.44
C GLU B 750 46.19 20.91 29.80
N VAL B 751 46.03 21.18 31.08
CA VAL B 751 45.45 22.45 31.57
C VAL B 751 46.44 23.57 31.30
N PRO B 752 45.99 24.75 30.75
CA PRO B 752 46.94 25.80 30.34
C PRO B 752 47.69 26.54 31.45
N GLU B 753 48.50 27.52 31.03
CA GLU B 753 49.58 28.06 31.84
C GLU B 753 49.08 28.98 32.95
N GLU B 754 48.07 29.81 32.68
CA GLU B 754 47.63 30.81 33.64
C GLU B 754 46.86 30.18 34.80
N ILE B 755 46.23 29.03 34.56
CA ILE B 755 45.54 28.30 35.61
C ILE B 755 46.55 27.70 36.58
N LEU B 756 47.65 27.15 36.05
CA LEU B 756 48.68 26.59 36.92
C LEU B 756 49.52 27.68 37.60
N LYS B 757 49.62 28.87 37.01
CA LYS B 757 50.40 29.91 37.67
C LYS B 757 49.58 30.74 38.65
N ASP B 758 48.24 30.67 38.62
CA ASP B 758 47.48 31.42 39.61
C ASP B 758 47.39 30.69 40.95
N LEU B 759 47.02 29.42 40.93
CA LEU B 759 46.70 28.66 42.14
C LEU B 759 47.84 27.74 42.58
N GLU B 760 47.56 26.92 43.59
CA GLU B 760 48.48 25.94 44.14
C GLU B 760 47.83 24.56 44.14
N ILE B 761 48.58 23.54 43.75
CA ILE B 761 48.09 22.17 43.67
C ILE B 761 48.74 21.33 44.74
N HIS B 762 48.08 20.23 45.11
CA HIS B 762 48.58 19.30 46.12
C HIS B 762 48.28 17.87 45.65
N PHE B 763 49.30 17.14 45.22
CA PHE B 763 49.13 15.79 44.75
C PHE B 763 49.09 14.83 45.94
N VAL B 764 47.98 14.11 46.09
CA VAL B 764 47.64 13.36 47.29
C VAL B 764 47.38 11.91 46.94
N GLU B 765 48.08 10.99 47.62
CA GLU B 765 47.90 9.55 47.48
C GLU B 765 46.88 8.98 48.47
N GLU B 766 46.93 9.43 49.73
CA GLU B 766 46.12 8.86 50.81
C GLU B 766 45.41 9.97 51.55
N VAL B 767 44.20 9.66 52.06
CA VAL B 767 43.29 10.68 52.60
C VAL B 767 43.76 11.18 53.98
N GLY B 768 44.69 10.45 54.62
CA GLY B 768 45.40 10.99 55.78
C GLY B 768 46.27 12.21 55.48
N GLU B 769 46.79 12.32 54.25
CA GLU B 769 47.47 13.54 53.83
C GLU B 769 46.49 14.70 53.61
N VAL B 770 45.24 14.39 53.26
CA VAL B 770 44.20 15.42 53.22
C VAL B 770 43.85 15.87 54.63
N LEU B 771 43.64 14.93 55.54
CA LEU B 771 43.14 15.25 56.86
C LEU B 771 44.24 15.71 57.82
N LYS B 772 45.51 15.62 57.44
CA LYS B 772 46.57 16.26 58.21
C LYS B 772 46.60 17.77 58.01
N LEU B 773 46.00 18.26 56.92
CA LEU B 773 45.99 19.68 56.59
C LEU B 773 44.77 20.42 57.13
N LEU B 774 43.62 19.75 57.22
CA LEU B 774 42.32 20.41 57.22
C LEU B 774 41.55 20.21 58.53
N LEU B 775 42.24 19.93 59.63
CA LEU B 775 41.60 19.77 60.93
C LEU B 775 42.30 20.72 61.89
N LEU B 776 41.63 21.83 62.23
CA LEU B 776 42.34 22.98 62.82
C LEU B 776 42.62 22.79 64.32
N PRO B 777 41.71 22.23 65.15
CA PRO B 777 42.30 21.74 66.42
C PRO B 777 42.88 20.34 66.26
N ARG C 6 6.43 49.35 -104.53
CA ARG C 6 5.06 49.73 -104.83
C ARG C 6 4.18 48.50 -105.03
N LEU C 7 3.72 47.92 -103.91
CA LEU C 7 2.85 46.76 -103.93
C LEU C 7 1.47 47.14 -103.40
N GLU C 8 0.43 46.86 -104.18
CA GLU C 8 -0.94 47.19 -103.82
C GLU C 8 -1.58 45.96 -103.18
N LEU C 9 -1.32 45.79 -101.89
CA LEU C 9 -1.78 44.64 -101.12
C LEU C 9 -2.54 45.12 -99.89
N PRO C 10 -3.58 44.40 -99.45
CA PRO C 10 -4.40 44.89 -98.33
C PRO C 10 -3.72 44.70 -96.97
N VAL C 11 -4.32 45.32 -95.96
CA VAL C 11 -3.77 45.38 -94.61
C VAL C 11 -4.69 44.59 -93.68
N LEU C 12 -4.09 43.69 -92.90
CA LEU C 12 -4.78 43.09 -91.77
C LEU C 12 -4.42 43.89 -90.52
N PRO C 13 -5.36 44.58 -89.87
CA PRO C 13 -4.99 45.44 -88.74
C PRO C 13 -4.71 44.66 -87.47
N LEU C 14 -3.83 45.24 -86.65
CA LEU C 14 -3.42 44.64 -85.38
C LEU C 14 -3.64 45.65 -84.25
N ARG C 15 -4.04 45.14 -83.08
CA ARG C 15 -4.33 46.01 -81.95
C ARG C 15 -3.06 46.41 -81.22
N ASN C 16 -2.34 45.44 -80.67
CA ASN C 16 -1.10 45.70 -79.93
C ASN C 16 0.06 44.81 -80.32
N THR C 17 -0.17 43.74 -81.08
CA THR C 17 0.90 42.87 -81.52
C THR C 17 1.69 43.54 -82.64
N VAL C 18 3.01 43.48 -82.55
CA VAL C 18 3.92 44.07 -83.54
C VAL C 18 4.74 42.94 -84.12
N VAL C 19 4.65 42.76 -85.44
CA VAL C 19 5.26 41.63 -86.14
C VAL C 19 6.45 42.13 -86.95
N LEU C 20 7.61 41.51 -86.73
CA LEU C 20 8.88 41.76 -87.40
C LEU C 20 9.14 40.70 -88.47
N PRO C 21 9.95 41.01 -89.50
CA PRO C 21 10.24 40.02 -90.54
C PRO C 21 11.03 38.80 -90.08
N HIS C 22 10.80 37.69 -90.80
CA HIS C 22 11.28 36.33 -90.49
C HIS C 22 10.90 35.89 -89.08
N THR C 23 9.61 36.07 -88.76
CA THR C 23 9.07 35.68 -87.47
C THR C 23 7.63 35.21 -87.67
N THR C 24 7.35 33.97 -87.27
CA THR C 24 6.02 33.38 -87.41
C THR C 24 5.25 33.57 -86.11
N THR C 25 4.08 34.19 -86.20
CA THR C 25 3.23 34.42 -85.03
C THR C 25 1.77 34.20 -85.42
N GLY C 26 0.91 34.22 -84.42
CA GLY C 26 -0.52 33.98 -84.60
C GLY C 26 -1.31 35.27 -84.47
N VAL C 27 -2.28 35.45 -85.37
CA VAL C 27 -3.14 36.62 -85.41
C VAL C 27 -4.58 36.16 -85.29
N ASP C 28 -5.30 36.65 -84.29
CA ASP C 28 -6.72 36.36 -84.12
C ASP C 28 -7.55 37.38 -84.88
N VAL C 29 -8.51 36.89 -85.66
CA VAL C 29 -9.38 37.73 -86.48
C VAL C 29 -10.80 37.58 -85.95
N GLY C 30 -11.39 38.70 -85.54
CA GLY C 30 -12.73 38.67 -84.97
C GLY C 30 -13.68 39.71 -85.53
N ARG C 31 -13.42 40.19 -86.73
CA ARG C 31 -14.27 41.17 -87.39
C ARG C 31 -14.65 40.66 -88.78
N LEU C 32 -15.78 41.16 -89.29
CA LEU C 32 -16.28 40.71 -90.59
C LEU C 32 -15.48 41.31 -91.74
N LYS C 33 -15.05 42.57 -91.60
CA LYS C 33 -14.26 43.24 -92.64
C LYS C 33 -12.86 42.65 -92.72
N SER C 34 -12.28 42.29 -91.57
CA SER C 34 -10.98 41.63 -91.57
C SER C 34 -11.05 40.21 -92.10
N LYS C 35 -12.17 39.51 -91.85
CA LYS C 35 -12.39 38.18 -92.41
C LYS C 35 -12.56 38.24 -93.93
N ARG C 36 -13.27 39.26 -94.43
CA ARG C 36 -13.39 39.45 -95.88
C ARG C 36 -12.08 39.88 -96.51
N ALA C 37 -11.25 40.64 -95.78
CA ALA C 37 -9.93 41.03 -96.27
C ALA C 37 -8.98 39.83 -96.35
N VAL C 38 -9.05 38.92 -95.35
CA VAL C 38 -8.26 37.70 -95.36
C VAL C 38 -8.73 36.76 -96.47
N GLU C 39 -10.04 36.62 -96.66
CA GLU C 39 -10.57 35.76 -97.71
C GLU C 39 -10.40 36.33 -99.11
N GLU C 40 -10.22 37.65 -99.25
CA GLU C 40 -9.86 38.21 -100.54
C GLU C 40 -8.36 38.17 -100.80
N ALA C 41 -7.54 38.30 -99.75
CA ALA C 41 -6.09 38.27 -99.93
C ALA C 41 -5.52 36.85 -99.95
N LEU C 42 -6.33 35.84 -99.63
CA LEU C 42 -5.88 34.46 -99.74
C LEU C 42 -5.68 34.05 -101.20
N SER C 43 -6.56 34.53 -102.09
CA SER C 43 -6.39 34.28 -103.52
C SER C 43 -5.38 35.22 -104.16
N ALA C 44 -5.03 36.33 -103.49
CA ALA C 44 -4.07 37.30 -104.02
C ALA C 44 -2.67 37.03 -103.46
N ASP C 45 -2.18 35.81 -103.76
CA ASP C 45 -0.82 35.30 -103.56
C ASP C 45 -0.47 35.20 -102.05
N ARG C 46 -1.52 35.11 -101.20
CA ARG C 46 -1.47 34.92 -99.74
C ARG C 46 -0.64 35.99 -99.02
N LEU C 47 -0.83 37.24 -99.40
CA LEU C 47 -0.04 38.35 -98.89
C LEU C 47 -0.92 39.37 -98.18
N LEU C 48 -0.45 39.85 -97.03
CA LEU C 48 -1.18 40.82 -96.22
C LEU C 48 -0.19 41.74 -95.53
N PHE C 49 -0.58 43.01 -95.39
CA PHE C 49 0.18 43.95 -94.59
C PHE C 49 -0.27 43.90 -93.13
N LEU C 50 0.68 44.14 -92.23
CA LEU C 50 0.41 44.12 -90.79
C LEU C 50 0.86 45.46 -90.22
N VAL C 51 -0.09 46.39 -90.06
CA VAL C 51 0.16 47.72 -89.52
C VAL C 51 -0.59 47.84 -88.21
N THR C 52 0.14 48.14 -87.14
CA THR C 52 -0.46 48.31 -85.82
C THR C 52 -0.92 49.74 -85.62
N GLN C 53 -1.79 49.93 -84.63
CA GLN C 53 -2.34 51.23 -84.30
C GLN C 53 -1.62 51.81 -83.08
N LYS C 54 -2.09 52.96 -82.62
CA LYS C 54 -1.42 53.70 -81.56
C LYS C 54 -1.90 53.24 -80.19
N ASP C 55 -1.51 54.00 -79.15
CA ASP C 55 -1.82 53.69 -77.75
C ASP C 55 -3.32 53.83 -77.41
N PRO C 56 -4.10 54.78 -77.94
CA PRO C 56 -5.56 54.53 -77.94
C PRO C 56 -5.93 53.50 -79.00
N GLU C 57 -6.71 52.50 -78.58
CA GLU C 57 -7.06 51.37 -79.43
C GLU C 57 -8.56 51.36 -79.65
N VAL C 58 -8.97 51.85 -80.82
CA VAL C 58 -10.36 51.84 -81.26
C VAL C 58 -10.54 50.62 -82.16
N ASP C 59 -11.66 49.90 -81.97
CA ASP C 59 -11.91 48.65 -82.69
C ASP C 59 -12.14 48.87 -84.19
N ASP C 60 -12.60 50.04 -84.59
CA ASP C 60 -12.60 50.43 -86.00
C ASP C 60 -11.52 51.49 -86.19
N PRO C 61 -10.35 51.12 -86.73
CA PRO C 61 -9.22 52.08 -86.74
C PRO C 61 -9.33 53.11 -87.84
N ALA C 62 -9.03 54.36 -87.47
CA ALA C 62 -8.94 55.45 -88.42
C ALA C 62 -7.67 55.31 -89.25
N PRO C 63 -7.64 55.86 -90.47
CA PRO C 63 -6.37 55.93 -91.22
C PRO C 63 -5.32 56.85 -90.61
N GLU C 64 -5.72 57.82 -89.79
CA GLU C 64 -4.77 58.66 -89.06
C GLU C 64 -4.33 58.04 -87.74
N ASP C 65 -4.90 56.91 -87.35
CA ASP C 65 -4.53 56.22 -86.12
C ASP C 65 -3.50 55.12 -86.34
N LEU C 66 -2.99 54.98 -87.55
CA LEU C 66 -2.00 53.96 -87.88
C LEU C 66 -0.64 54.61 -88.08
N TYR C 67 0.41 53.87 -87.73
CA TYR C 67 1.77 54.38 -87.77
C TYR C 67 2.28 54.42 -89.22
N ALA C 68 3.39 55.15 -89.41
CA ALA C 68 3.88 55.51 -90.73
C ALA C 68 4.76 54.44 -91.37
N VAL C 69 5.12 53.37 -90.66
CA VAL C 69 5.92 52.28 -91.22
C VAL C 69 5.10 51.00 -91.12
N GLY C 70 4.89 50.33 -92.26
CA GLY C 70 4.18 49.08 -92.31
C GLY C 70 5.10 47.90 -92.54
N THR C 71 4.49 46.71 -92.50
CA THR C 71 5.23 45.45 -92.63
C THR C 71 4.37 44.45 -93.40
N LEU C 72 4.92 43.91 -94.49
CA LEU C 72 4.23 42.93 -95.31
C LEU C 72 4.47 41.52 -94.80
N ALA C 73 3.43 40.69 -94.81
CA ALA C 73 3.50 39.33 -94.32
C ALA C 73 2.92 38.36 -95.35
N VAL C 74 3.34 37.10 -95.25
CA VAL C 74 2.81 36.03 -96.08
C VAL C 74 1.90 35.18 -95.19
N VAL C 75 0.87 34.58 -95.81
CA VAL C 75 -0.14 33.81 -95.10
C VAL C 75 0.17 32.33 -95.27
N LYS C 76 0.31 31.62 -94.16
CA LYS C 76 0.59 30.19 -94.19
C LYS C 76 -0.70 29.36 -94.24
N GLN C 77 -1.57 29.53 -93.24
CA GLN C 77 -2.80 28.74 -93.16
C GLN C 77 -3.89 29.57 -92.51
N ALA C 78 -5.12 29.14 -92.72
CA ALA C 78 -6.30 29.78 -92.13
C ALA C 78 -7.21 28.72 -91.56
N MET C 79 -7.45 28.79 -90.25
CA MET C 79 -8.29 27.83 -89.54
C MET C 79 -9.50 28.55 -88.96
N ARG C 80 -10.69 27.99 -89.18
CA ARG C 80 -11.93 28.56 -88.68
C ARG C 80 -12.25 27.96 -87.33
N LEU C 81 -12.13 28.76 -86.27
CA LEU C 81 -12.51 28.32 -84.94
C LEU C 81 -14.03 28.29 -84.81
N PRO C 82 -14.59 27.33 -84.06
CA PRO C 82 -16.06 27.18 -84.03
C PRO C 82 -16.80 28.23 -83.22
N ASP C 83 -16.13 29.04 -82.41
CA ASP C 83 -16.84 30.05 -81.64
C ASP C 83 -17.19 31.30 -82.45
N GLY C 84 -16.59 31.47 -83.63
CA GLY C 84 -16.91 32.61 -84.47
C GLY C 84 -15.70 33.32 -85.02
N THR C 85 -14.63 33.37 -84.22
CA THR C 85 -13.40 34.04 -84.65
C THR C 85 -12.59 33.13 -85.57
N LEU C 86 -11.59 33.71 -86.22
CA LEU C 86 -10.71 32.99 -87.13
C LEU C 86 -9.27 33.22 -86.72
N GLN C 87 -8.47 32.16 -86.78
CA GLN C 87 -7.05 32.20 -86.44
C GLN C 87 -6.22 32.00 -87.70
N VAL C 88 -5.29 32.92 -87.94
CA VAL C 88 -4.41 32.87 -89.11
C VAL C 88 -2.96 32.90 -88.63
N MET C 89 -2.13 32.04 -89.22
CA MET C 89 -0.71 31.97 -88.92
C MET C 89 0.04 32.69 -90.04
N VAL C 90 0.76 33.76 -89.68
CA VAL C 90 1.47 34.57 -90.66
C VAL C 90 2.94 34.69 -90.27
N GLU C 91 3.78 34.88 -91.28
CA GLU C 91 5.20 35.18 -91.10
C GLU C 91 5.52 36.39 -91.95
N ALA C 92 6.16 37.39 -91.35
CA ALA C 92 6.43 38.63 -92.05
C ALA C 92 7.72 38.52 -92.87
N ARG C 93 7.78 39.29 -93.96
CA ARG C 93 8.86 39.20 -94.93
C ARG C 93 9.67 40.49 -95.03
N SER C 94 9.01 41.63 -95.22
CA SER C 94 9.72 42.89 -95.43
C SER C 94 8.87 44.03 -94.89
N ARG C 95 9.52 45.17 -94.66
CA ARG C 95 8.89 46.36 -94.13
C ARG C 95 8.68 47.39 -95.23
N ALA C 96 7.65 48.22 -95.07
CA ALA C 96 7.28 49.22 -96.07
C ALA C 96 6.98 50.55 -95.39
N ARG C 97 7.17 51.63 -96.13
CA ARG C 97 6.92 52.98 -95.66
C ARG C 97 5.61 53.49 -96.26
N LEU C 98 4.77 54.10 -95.43
CA LEU C 98 3.48 54.60 -95.88
C LEU C 98 3.61 55.85 -96.74
N LEU C 99 2.73 55.96 -97.73
CA LEU C 99 2.55 57.20 -98.48
C LEU C 99 1.17 57.79 -98.26
N SER C 100 0.11 57.02 -98.55
CA SER C 100 -1.27 57.46 -98.36
C SER C 100 -2.17 56.24 -98.26
N TYR C 101 -3.23 56.37 -97.46
CA TYR C 101 -4.31 55.39 -97.43
C TYR C 101 -5.60 55.99 -97.98
N VAL C 102 -6.45 55.11 -98.51
CA VAL C 102 -7.74 55.48 -99.09
C VAL C 102 -8.83 54.91 -98.18
N ALA C 103 -9.81 55.74 -97.82
CA ALA C 103 -10.90 55.32 -96.97
C ALA C 103 -11.83 54.36 -97.73
N ALA C 104 -11.93 53.14 -97.22
CA ALA C 104 -12.63 52.05 -97.89
C ALA C 104 -13.06 51.04 -96.85
N PRO C 105 -14.01 50.14 -97.18
CA PRO C 105 -14.24 48.97 -96.31
C PRO C 105 -13.03 48.07 -96.16
N TYR C 106 -12.23 47.90 -97.20
CA TYR C 106 -10.93 47.26 -97.08
C TYR C 106 -9.87 48.35 -96.87
N LEU C 107 -8.60 47.99 -96.95
CA LEU C 107 -7.51 48.96 -96.85
C LEU C 107 -6.58 48.81 -98.04
N ARG C 108 -6.17 49.95 -98.59
CA ARG C 108 -5.23 50.00 -99.72
C ARG C 108 -3.96 50.69 -99.25
N ALA C 109 -2.82 50.03 -99.45
CA ALA C 109 -1.55 50.47 -98.88
C ALA C 109 -0.51 50.65 -99.98
N VAL C 110 -0.10 51.89 -100.22
CA VAL C 110 1.18 52.20 -100.85
C VAL C 110 1.97 53.09 -99.87
N GLY C 111 3.25 52.76 -99.64
CA GLY C 111 3.91 51.53 -100.05
C GLY C 111 5.30 51.76 -100.60
N GLU C 112 6.29 51.16 -99.95
CA GLU C 112 7.71 51.33 -100.28
C GLU C 112 8.43 50.04 -99.96
N ALA C 113 9.75 50.11 -99.90
CA ALA C 113 10.60 49.01 -99.44
C ALA C 113 11.85 49.62 -98.82
N ILE C 114 12.59 48.80 -98.08
CA ILE C 114 13.83 49.26 -97.44
C ILE C 114 15.01 48.45 -97.99
N PRO C 115 15.65 48.87 -99.10
CA PRO C 115 16.91 48.24 -99.52
C PRO C 115 18.14 48.98 -99.00
N GLU C 116 18.24 49.09 -97.66
CA GLU C 116 19.27 49.92 -97.02
C GLU C 116 20.13 49.06 -96.09
N PRO C 117 21.25 48.51 -96.58
CA PRO C 117 22.23 47.91 -95.67
C PRO C 117 23.05 48.98 -94.98
N PRO C 118 23.57 48.72 -93.78
CA PRO C 118 24.43 49.70 -93.12
C PRO C 118 25.85 49.67 -93.68
N LEU C 119 26.61 50.68 -93.30
CA LEU C 119 28.01 50.83 -93.72
C LEU C 119 28.95 50.49 -92.58
N LYS C 120 30.23 50.33 -92.95
CA LYS C 120 31.35 49.93 -92.07
C LYS C 120 31.06 48.61 -91.35
N ASP C 121 30.92 47.54 -92.16
CA ASP C 121 30.55 46.24 -91.60
C ASP C 121 31.66 45.54 -90.80
N PRO C 122 32.81 45.13 -91.38
CA PRO C 122 33.57 44.06 -90.72
C PRO C 122 34.47 44.50 -89.56
N GLU C 123 34.55 45.80 -89.27
CA GLU C 123 35.35 46.30 -88.16
C GLU C 123 34.52 46.67 -86.94
N LEU C 124 33.36 47.30 -87.15
CA LEU C 124 32.49 47.74 -86.07
C LEU C 124 31.24 46.87 -85.91
N ALA C 125 30.61 46.49 -87.03
CA ALA C 125 29.32 45.81 -86.97
C ALA C 125 29.45 44.37 -86.53
N ARG C 126 30.60 43.72 -86.78
CA ARG C 126 30.84 42.37 -86.29
C ARG C 126 30.95 42.34 -84.76
N VAL C 127 31.65 43.33 -84.19
CA VAL C 127 31.76 43.48 -82.75
C VAL C 127 30.41 43.86 -82.14
N LEU C 128 29.61 44.65 -82.87
CA LEU C 128 28.29 45.06 -82.39
C LEU C 128 27.29 43.90 -82.38
N VAL C 129 27.29 43.07 -83.42
CA VAL C 129 26.45 41.87 -83.46
C VAL C 129 26.91 40.84 -82.42
N ASN C 130 28.23 40.78 -82.15
CA ASN C 130 28.74 39.91 -81.08
C ASN C 130 28.32 40.39 -79.69
N GLU C 131 28.29 41.72 -79.47
CA GLU C 131 27.82 42.24 -78.19
C GLU C 131 26.31 42.07 -78.02
N VAL C 132 25.56 42.21 -79.11
CA VAL C 132 24.11 41.93 -79.12
C VAL C 132 23.84 40.45 -78.84
N GLN C 133 24.68 39.56 -79.40
CA GLN C 133 24.57 38.12 -79.15
C GLN C 133 24.88 37.74 -77.71
N GLU C 134 25.91 38.38 -77.11
CA GLU C 134 26.26 38.12 -75.72
C GLU C 134 25.20 38.67 -74.75
N ALA C 135 24.64 39.85 -75.04
CA ALA C 135 23.59 40.40 -74.19
C ALA C 135 22.27 39.63 -74.34
N PHE C 136 21.97 39.14 -75.54
CA PHE C 136 20.78 38.33 -75.77
C PHE C 136 20.93 36.95 -75.16
N GLU C 137 22.15 36.41 -75.10
CA GLU C 137 22.38 35.14 -74.42
C GLU C 137 22.29 35.31 -72.91
N ARG C 138 22.77 36.44 -72.38
CA ARG C 138 22.68 36.68 -70.94
C ARG C 138 21.29 37.17 -70.50
N TYR C 139 20.41 37.53 -71.44
CA TYR C 139 19.07 37.99 -71.06
C TYR C 139 18.19 36.85 -70.56
N LEU C 140 18.43 35.60 -70.98
CA LEU C 140 17.63 34.48 -70.52
C LEU C 140 17.97 34.08 -69.09
N GLN C 141 19.15 34.46 -68.59
CA GLN C 141 19.53 34.17 -67.21
C GLN C 141 18.73 34.98 -66.20
N ASN C 142 18.16 36.12 -66.61
CA ASN C 142 17.27 36.89 -65.76
C ASN C 142 15.82 36.88 -66.22
N HIS C 143 15.55 36.51 -67.47
CA HIS C 143 14.17 36.43 -67.94
C HIS C 143 13.53 35.09 -67.61
N LYS C 144 14.24 34.00 -67.97
CA LYS C 144 13.89 32.59 -67.67
C LYS C 144 12.54 32.16 -68.24
N THR C 145 12.14 32.71 -69.38
CA THR C 145 10.89 32.35 -70.04
C THR C 145 11.05 31.88 -71.47
N LEU C 146 12.19 32.10 -72.10
CA LEU C 146 12.35 31.81 -73.52
C LEU C 146 12.91 30.41 -73.74
N ARG C 147 12.98 30.01 -75.01
CA ARG C 147 13.49 28.71 -75.39
C ARG C 147 15.01 28.72 -75.39
N LEU C 148 15.62 27.64 -74.89
CA LEU C 148 17.06 27.62 -74.67
C LEU C 148 17.84 27.34 -75.95
N ASP C 149 17.47 26.28 -76.69
CA ASP C 149 18.21 25.90 -77.88
C ASP C 149 17.82 26.72 -79.11
N ARG C 150 16.78 27.56 -79.02
CA ARG C 150 16.45 28.50 -80.09
C ARG C 150 17.51 29.60 -80.24
N TYR C 151 18.25 29.89 -79.17
CA TYR C 151 19.40 30.81 -79.25
C TYR C 151 20.50 30.25 -80.13
N GLN C 152 20.84 28.97 -79.94
CA GLN C 152 21.87 28.35 -80.76
C GLN C 152 21.37 28.02 -82.15
N GLN C 153 20.07 27.82 -82.32
CA GLN C 153 19.50 27.65 -83.65
C GLN C 153 19.25 28.96 -84.38
N GLU C 154 19.35 30.10 -83.68
CA GLU C 154 19.15 31.42 -84.27
C GLU C 154 20.31 32.35 -83.89
N ALA C 155 21.53 31.86 -83.98
CA ALA C 155 22.70 32.60 -83.54
C ALA C 155 23.34 33.36 -84.72
N VAL C 156 24.55 33.87 -84.48
CA VAL C 156 25.38 34.43 -85.54
C VAL C 156 25.85 33.30 -86.47
N LYS C 157 26.14 32.13 -85.89
CA LYS C 157 26.58 30.96 -86.65
C LYS C 157 25.47 30.38 -87.53
N SER C 158 24.21 30.52 -87.10
CA SER C 158 23.09 30.05 -87.89
C SER C 158 22.54 31.12 -88.83
N THR C 159 22.33 32.33 -88.32
CA THR C 159 21.78 33.43 -89.10
C THR C 159 22.89 34.46 -89.34
N ARG C 160 23.19 34.71 -90.61
CA ARG C 160 24.26 35.65 -90.94
C ARG C 160 23.75 37.09 -91.03
N ASP C 161 22.47 37.28 -91.32
CA ASP C 161 21.90 38.61 -91.53
C ASP C 161 21.68 39.31 -90.19
N PRO C 162 22.25 40.49 -89.96
CA PRO C 162 22.01 41.19 -88.68
C PRO C 162 20.61 41.78 -88.55
N ALA C 163 19.89 42.00 -89.65
CA ALA C 163 18.54 42.54 -89.56
C ALA C 163 17.56 41.46 -89.08
N ILE C 164 17.72 40.23 -89.59
CA ILE C 164 16.91 39.09 -89.17
C ILE C 164 17.22 38.72 -87.72
N LEU C 165 18.50 38.80 -87.34
CA LEU C 165 18.92 38.52 -85.98
C LEU C 165 18.45 39.61 -85.02
N ALA C 166 18.42 40.87 -85.46
CA ALA C 166 17.89 41.96 -84.66
C ALA C 166 16.38 41.87 -84.49
N ASP C 167 15.68 41.39 -85.53
CA ASP C 167 14.24 41.14 -85.42
C ASP C 167 13.94 39.98 -84.47
N LEU C 168 14.80 38.96 -84.48
CA LEU C 168 14.64 37.84 -83.54
C LEU C 168 15.01 38.22 -82.11
N VAL C 169 15.91 39.19 -81.94
CA VAL C 169 16.18 39.74 -80.61
C VAL C 169 14.99 40.56 -80.12
N ALA C 170 14.47 41.45 -80.97
CA ALA C 170 13.42 42.37 -80.53
C ALA C 170 12.04 41.74 -80.46
N HIS C 171 11.84 40.56 -81.09
CA HIS C 171 10.54 39.90 -80.99
C HIS C 171 10.35 39.22 -79.63
N HIS C 172 11.40 38.61 -79.09
CA HIS C 172 11.28 37.72 -77.93
C HIS C 172 11.44 38.43 -76.60
N ALA C 173 11.12 39.71 -76.51
CA ALA C 173 11.20 40.46 -75.27
C ALA C 173 9.85 41.05 -74.92
N THR C 174 9.82 41.90 -73.89
CA THR C 174 8.58 42.42 -73.33
C THR C 174 8.47 43.93 -73.53
N TRP C 175 8.73 44.40 -74.75
CA TRP C 175 8.68 45.82 -75.05
C TRP C 175 7.25 46.34 -75.08
N THR C 176 7.13 47.67 -75.03
CA THR C 176 5.85 48.34 -75.18
C THR C 176 5.54 48.55 -76.65
N LEU C 177 4.45 49.27 -76.93
CA LEU C 177 4.03 49.49 -78.31
C LEU C 177 4.91 50.54 -79.00
N GLU C 178 5.29 51.60 -78.27
CA GLU C 178 6.12 52.65 -78.82
C GLU C 178 7.55 52.19 -79.04
N GLU C 179 8.07 51.31 -78.17
CA GLU C 179 9.41 50.77 -78.33
C GLU C 179 9.50 49.82 -79.52
N LYS C 180 8.48 48.97 -79.72
CA LYS C 180 8.41 48.10 -80.89
C LYS C 180 8.20 48.90 -82.18
N GLN C 181 7.46 50.02 -82.09
CA GLN C 181 7.26 50.87 -83.25
C GLN C 181 8.55 51.62 -83.63
N THR C 182 9.33 52.04 -82.64
CA THR C 182 10.62 52.67 -82.95
C THR C 182 11.67 51.66 -83.40
N ILE C 183 11.56 50.39 -82.99
CA ILE C 183 12.40 49.34 -83.57
C ILE C 183 12.02 49.09 -85.02
N LEU C 184 10.72 48.99 -85.32
CA LEU C 184 10.26 48.72 -86.68
C LEU C 184 10.39 49.94 -87.60
N GLU C 185 10.53 51.14 -87.03
CA GLU C 185 10.58 52.36 -87.84
C GLU C 185 11.97 52.62 -88.42
N THR C 186 13.02 52.37 -87.63
CA THR C 186 14.38 52.80 -87.98
C THR C 186 14.98 51.88 -89.04
N PRO C 187 15.43 52.40 -90.18
CA PRO C 187 16.03 51.53 -91.21
C PRO C 187 17.49 51.18 -90.95
N GLU C 188 18.21 51.98 -90.16
CA GLU C 188 19.62 51.70 -89.88
C GLU C 188 19.71 50.58 -88.85
N VAL C 189 20.56 49.59 -89.14
CA VAL C 189 20.66 48.40 -88.30
C VAL C 189 21.41 48.71 -87.00
N GLU C 190 22.53 49.45 -87.11
CA GLU C 190 23.47 49.61 -85.99
C GLU C 190 22.92 50.50 -84.89
N GLU C 191 22.11 51.50 -85.24
CA GLU C 191 21.43 52.33 -84.24
C GLU C 191 20.38 51.52 -83.47
N ARG C 192 19.69 50.61 -84.16
CA ARG C 192 18.77 49.68 -83.50
C ARG C 192 19.50 48.71 -82.59
N LEU C 193 20.69 48.26 -82.99
CA LEU C 193 21.48 47.34 -82.16
C LEU C 193 22.01 48.03 -80.91
N LYS C 194 22.44 49.30 -81.02
CA LYS C 194 22.87 50.06 -79.85
C LYS C 194 21.70 50.39 -78.93
N ARG C 195 20.52 50.67 -79.53
CA ARG C 195 19.31 50.93 -78.75
C ARG C 195 18.83 49.69 -78.01
N VAL C 196 18.90 48.51 -78.64
CA VAL C 196 18.43 47.30 -77.96
C VAL C 196 19.49 46.83 -76.96
N LEU C 197 20.77 47.19 -77.15
CA LEU C 197 21.80 46.95 -76.15
C LEU C 197 21.56 47.76 -74.87
N ALA C 198 21.25 49.06 -75.03
CA ALA C 198 20.97 49.92 -73.89
C ALA C 198 19.66 49.55 -73.19
N LEU C 199 18.62 49.23 -73.96
CA LEU C 199 17.33 48.88 -73.35
C LEU C 199 17.33 47.47 -72.76
N LEU C 200 18.12 46.53 -73.31
CA LEU C 200 18.25 45.23 -72.67
C LEU C 200 19.13 45.28 -71.44
N LEU C 201 20.10 46.21 -71.38
CA LEU C 201 20.82 46.44 -70.12
C LEU C 201 19.91 47.06 -69.06
N ARG C 202 18.97 47.92 -69.48
CA ARG C 202 17.94 48.45 -68.58
C ARG C 202 17.01 47.34 -68.09
N ASP C 203 16.65 46.40 -68.96
CA ASP C 203 15.80 45.26 -68.57
C ASP C 203 16.53 44.30 -67.65
N LEU C 204 17.84 44.10 -67.86
CA LEU C 204 18.62 43.27 -66.95
C LEU C 204 18.80 43.94 -65.59
N GLU C 205 18.93 45.27 -65.55
CA GLU C 205 18.95 45.99 -64.27
C GLU C 205 17.61 45.92 -63.55
N ARG C 206 16.51 45.98 -64.30
CA ARG C 206 15.17 45.86 -63.71
C ARG C 206 14.90 44.46 -63.18
N PHE C 207 15.36 43.42 -63.89
CA PHE C 207 15.19 42.06 -63.41
C PHE C 207 16.13 41.73 -62.25
N GLU C 208 17.32 42.35 -62.20
CA GLU C 208 18.19 42.20 -61.04
C GLU C 208 17.63 42.91 -59.81
N LEU C 209 16.97 44.05 -60.01
CA LEU C 209 16.26 44.73 -58.91
C LEU C 209 15.07 43.90 -58.41
N ASP C 210 14.34 43.25 -59.34
CA ASP C 210 13.23 42.38 -58.96
C ASP C 210 13.72 41.13 -58.22
N LYS C 211 14.88 40.60 -58.61
CA LYS C 211 15.46 39.46 -57.90
C LYS C 211 16.00 39.84 -56.52
N LYS C 212 16.53 41.07 -56.37
CA LYS C 212 16.98 41.53 -55.05
C LYS C 212 15.80 41.78 -54.11
N ILE C 213 14.71 42.35 -54.62
CA ILE C 213 13.49 42.52 -53.81
C ILE C 213 12.86 41.17 -53.47
N ALA C 214 12.95 40.19 -54.40
CA ALA C 214 12.44 38.84 -54.15
C ALA C 214 13.26 38.11 -53.08
N ALA C 215 14.59 38.32 -53.08
CA ALA C 215 15.44 37.75 -52.02
C ALA C 215 15.17 38.43 -50.67
N ARG C 216 14.96 39.75 -50.67
CA ARG C 216 14.63 40.48 -49.45
C ARG C 216 13.26 40.10 -48.89
N VAL C 217 12.31 39.74 -49.75
CA VAL C 217 11.04 39.22 -49.29
C VAL C 217 11.20 37.81 -48.72
N LYS C 218 11.90 36.92 -49.46
CA LYS C 218 11.98 35.51 -49.09
C LYS C 218 12.84 35.24 -47.85
N GLU C 219 13.75 36.16 -47.50
CA GLU C 219 14.43 36.08 -46.19
C GLU C 219 13.44 36.27 -45.04
N GLN C 220 12.55 37.25 -45.16
CA GLN C 220 11.53 37.45 -44.14
C GLN C 220 10.44 36.38 -44.20
N MET C 221 10.22 35.79 -45.38
CA MET C 221 9.32 34.64 -45.52
C MET C 221 9.85 33.42 -44.76
N ASP C 222 11.15 33.14 -44.85
CA ASP C 222 11.75 32.03 -44.11
C ASP C 222 11.80 32.32 -42.61
N GLN C 223 12.06 33.58 -42.24
CA GLN C 223 12.05 33.99 -40.83
C GLN C 223 10.65 33.90 -40.22
N ASN C 224 9.60 34.13 -41.01
CA ASN C 224 8.25 33.84 -40.53
C ASN C 224 7.97 32.34 -40.54
N GLN C 225 8.55 31.60 -41.50
CA GLN C 225 8.27 30.17 -41.72
C GLN C 225 8.69 29.31 -40.54
N ARG C 226 9.92 29.51 -40.04
CA ARG C 226 10.44 28.66 -38.96
C ARG C 226 9.71 28.90 -37.63
N GLU C 227 9.46 30.18 -37.31
CA GLU C 227 8.73 30.56 -36.10
C GLU C 227 7.28 30.09 -36.12
N TYR C 228 6.62 30.18 -37.28
CA TYR C 228 5.23 29.78 -37.32
C TYR C 228 5.08 28.26 -37.46
N TYR C 229 6.08 27.55 -38.00
CA TYR C 229 6.12 26.09 -37.89
C TYR C 229 6.22 25.63 -36.45
N LEU C 230 7.08 26.28 -35.66
CA LEU C 230 7.23 25.89 -34.25
C LEU C 230 6.00 26.25 -33.42
N ARG C 231 5.36 27.39 -33.72
CA ARG C 231 4.13 27.78 -33.00
C ARG C 231 2.94 26.90 -33.38
N GLU C 232 2.82 26.56 -34.67
CA GLU C 232 1.74 25.69 -35.14
C GLU C 232 1.89 24.26 -34.61
N GLN C 233 3.13 23.74 -34.60
CA GLN C 233 3.38 22.42 -34.03
C GLN C 233 3.21 22.41 -32.51
N MET C 234 3.48 23.53 -31.84
CA MET C 234 3.30 23.63 -30.39
C MET C 234 1.82 23.61 -30.03
N LYS C 235 0.99 24.34 -30.79
CA LYS C 235 -0.46 24.33 -30.57
C LYS C 235 -1.09 22.97 -30.90
N ALA C 236 -0.70 22.38 -32.05
CA ALA C 236 -1.30 21.13 -32.51
C ALA C 236 -0.86 19.95 -31.65
N ILE C 237 0.33 20.02 -31.07
CA ILE C 237 0.76 18.99 -30.13
C ILE C 237 0.08 19.20 -28.77
N GLN C 238 -0.14 20.46 -28.34
CA GLN C 238 -0.77 20.67 -27.04
C GLN C 238 -2.29 20.47 -27.05
N LYS C 239 -2.93 20.27 -28.20
CA LYS C 239 -4.37 19.99 -28.19
C LYS C 239 -4.71 18.49 -28.35
N GLU C 240 -3.94 17.58 -27.73
CA GLU C 240 -3.93 16.17 -28.16
C GLU C 240 -5.14 15.36 -27.72
N LEU C 241 -5.92 15.83 -26.75
CA LEU C 241 -7.08 15.06 -26.28
C LEU C 241 -8.36 15.56 -26.95
N GLY C 242 -8.33 15.60 -28.28
CA GLY C 242 -9.40 16.16 -29.07
C GLY C 242 -9.60 17.65 -28.88
N GLY C 243 -8.51 18.38 -28.67
CA GLY C 243 -8.62 19.72 -28.14
C GLY C 243 -8.77 19.77 -26.63
N GLY C 244 -8.32 18.74 -25.93
CA GLY C 244 -8.48 18.66 -24.49
C GLY C 244 -7.51 19.49 -23.68
N GLU C 245 -6.43 19.97 -24.32
CA GLU C 245 -5.44 20.93 -23.80
C GLU C 245 -4.74 20.42 -22.54
N ASP C 246 -3.97 19.35 -22.72
CA ASP C 246 -3.20 18.76 -21.63
C ASP C 246 -1.74 18.58 -22.05
N PHE C 247 -0.89 18.44 -21.03
CA PHE C 247 0.48 17.89 -21.05
C PHE C 247 1.54 18.74 -21.75
N LEU C 248 1.15 19.78 -22.48
CA LEU C 248 2.09 20.84 -22.79
C LEU C 248 1.54 22.22 -22.54
N THR C 249 0.22 22.39 -22.50
CA THR C 249 -0.38 23.60 -21.92
C THR C 249 -0.05 23.69 -20.43
N GLU C 250 -0.31 22.61 -19.69
CA GLU C 250 -0.05 22.63 -18.25
C GLU C 250 1.43 22.50 -17.91
N ILE C 251 2.21 21.73 -18.68
CA ILE C 251 3.65 21.62 -18.41
C ILE C 251 4.40 22.88 -18.86
N GLU C 252 3.95 23.50 -19.96
CA GLU C 252 4.58 24.74 -20.42
C GLU C 252 4.21 25.91 -19.51
N GLU C 253 2.92 26.02 -19.12
CA GLU C 253 2.48 27.03 -18.15
C GLU C 253 3.05 26.77 -16.76
N LEU C 254 3.34 25.49 -16.45
CA LEU C 254 4.10 25.13 -15.27
C LEU C 254 5.52 25.68 -15.34
N ARG C 255 6.12 25.71 -16.52
CA ARG C 255 7.45 26.31 -16.67
C ARG C 255 7.42 27.84 -16.51
N GLU C 256 6.39 28.55 -17.05
CA GLU C 256 6.39 29.98 -16.68
C GLU C 256 5.95 30.27 -15.25
N ARG C 257 5.26 29.35 -14.53
CA ARG C 257 5.06 29.68 -13.12
C ARG C 257 6.24 29.24 -12.23
N ILE C 258 7.12 28.35 -12.72
CA ILE C 258 8.47 28.25 -12.14
C ILE C 258 9.23 29.56 -12.32
N GLU C 259 9.25 30.09 -13.55
CA GLU C 259 9.98 31.32 -13.81
C GLU C 259 9.31 32.58 -13.24
N LYS C 260 8.03 32.50 -12.89
CA LYS C 260 7.29 33.60 -12.28
C LYS C 260 7.24 33.49 -10.76
N LYS C 261 7.55 32.32 -10.19
CA LYS C 261 7.54 32.17 -8.74
C LYS C 261 8.69 32.91 -8.06
N GLY C 262 9.86 32.98 -8.69
CA GLY C 262 10.99 33.62 -8.06
C GLY C 262 11.82 32.66 -7.23
N MET C 263 12.04 31.49 -7.80
CA MET C 263 12.71 30.40 -7.13
C MET C 263 14.23 30.66 -7.10
N PRO C 264 14.94 30.15 -6.08
CA PRO C 264 16.41 30.30 -6.05
C PRO C 264 17.06 29.41 -7.10
N GLU C 265 18.27 29.82 -7.50
CA GLU C 265 18.95 29.17 -8.63
C GLU C 265 19.34 27.68 -8.46
N PRO C 266 19.90 27.17 -7.33
CA PRO C 266 20.05 25.71 -7.26
C PRO C 266 18.75 24.97 -7.00
N VAL C 267 17.71 25.66 -6.55
CA VAL C 267 16.38 25.06 -6.55
C VAL C 267 15.86 24.99 -7.99
N LYS C 268 16.13 26.04 -8.79
CA LYS C 268 15.56 26.18 -10.12
C LYS C 268 16.20 25.23 -11.13
N GLU C 269 17.50 24.93 -10.99
CA GLU C 269 18.14 23.92 -11.85
C GLU C 269 17.55 22.54 -11.63
N LYS C 270 17.30 22.18 -10.35
CA LYS C 270 16.66 20.91 -10.00
C LYS C 270 15.21 20.85 -10.49
N ALA C 271 14.50 21.99 -10.40
CA ALA C 271 13.12 22.06 -10.86
C ALA C 271 13.01 21.94 -12.38
N LEU C 272 13.93 22.56 -13.11
CA LEU C 272 13.91 22.41 -14.56
C LEU C 272 14.36 21.03 -15.04
N LYS C 273 15.28 20.35 -14.34
CA LYS C 273 15.57 18.98 -14.81
C LYS C 273 14.49 17.99 -14.41
N GLU C 274 13.78 18.25 -13.30
CA GLU C 274 12.61 17.42 -12.99
C GLU C 274 11.46 17.71 -13.94
N LEU C 275 11.37 18.93 -14.47
CA LEU C 275 10.40 19.19 -15.53
C LEU C 275 10.82 18.57 -16.87
N LYS C 276 12.13 18.48 -17.13
CA LYS C 276 12.60 17.74 -18.30
C LYS C 276 12.41 16.23 -18.16
N ARG C 277 12.39 15.72 -16.92
CA ARG C 277 11.86 14.38 -16.68
C ARG C 277 10.37 14.31 -16.99
N LEU C 278 9.61 15.30 -16.47
CA LEU C 278 8.15 15.24 -16.47
C LEU C 278 7.54 15.47 -17.85
N GLU C 279 8.29 16.08 -18.76
CA GLU C 279 7.85 16.21 -20.15
C GLU C 279 7.85 14.86 -20.87
N ARG C 280 8.75 13.96 -20.47
CA ARG C 280 9.06 12.76 -21.25
C ARG C 280 8.38 11.50 -20.72
N MET C 281 7.13 11.59 -20.28
CA MET C 281 6.28 10.41 -20.11
C MET C 281 5.07 10.53 -21.04
N GLN C 282 4.10 9.66 -20.80
CA GLN C 282 2.68 9.56 -21.06
C GLN C 282 1.91 10.28 -19.96
N PRO C 283 0.71 10.81 -20.22
CA PRO C 283 -0.06 11.41 -19.11
C PRO C 283 -0.61 10.38 -18.12
N GLY C 284 -1.01 9.21 -18.58
CA GLY C 284 -1.36 8.17 -17.64
C GLY C 284 -0.11 7.40 -17.26
N SER C 285 0.51 7.79 -16.13
CA SER C 285 1.72 7.17 -15.67
C SER C 285 1.78 7.30 -14.16
N PRO C 286 2.01 6.22 -13.42
CA PRO C 286 2.10 6.32 -11.95
C PRO C 286 3.41 6.89 -11.42
N GLU C 287 4.38 7.22 -12.28
CA GLU C 287 5.53 8.02 -11.86
C GLU C 287 5.30 9.50 -12.11
N ALA C 288 4.43 9.83 -13.09
CA ALA C 288 4.07 11.21 -13.37
C ALA C 288 3.24 11.83 -12.24
N THR C 289 2.45 11.02 -11.54
CA THR C 289 1.70 11.50 -10.39
C THR C 289 2.55 11.61 -9.13
N VAL C 290 3.79 11.14 -9.15
CA VAL C 290 4.76 11.45 -8.11
C VAL C 290 5.58 12.68 -8.50
N SER C 291 5.96 12.75 -9.78
CA SER C 291 6.84 13.81 -10.25
C SER C 291 6.13 15.16 -10.34
N ARG C 292 4.91 15.21 -10.87
CA ARG C 292 4.19 16.49 -10.93
C ARG C 292 3.65 16.90 -9.57
N THR C 293 3.42 15.95 -8.67
CA THR C 293 3.16 16.26 -7.26
C THR C 293 4.39 16.88 -6.61
N TYR C 294 5.58 16.39 -6.97
CA TYR C 294 6.83 17.00 -6.48
C TYR C 294 7.05 18.40 -7.04
N LEU C 295 6.69 18.64 -8.32
CA LEU C 295 6.75 20.01 -8.85
C LEU C 295 5.72 20.94 -8.23
N ASP C 296 4.54 20.41 -7.90
CA ASP C 296 3.53 21.18 -7.17
C ASP C 296 3.99 21.51 -5.77
N TRP C 297 4.76 20.62 -5.15
CA TRP C 297 5.31 20.87 -3.83
C TRP C 297 6.63 21.65 -3.86
N LEU C 298 7.29 21.77 -5.01
CA LEU C 298 8.35 22.76 -5.15
C LEU C 298 7.80 24.16 -5.40
N LEU C 299 6.68 24.27 -6.10
CA LEU C 299 6.25 25.58 -6.56
C LEU C 299 5.18 26.20 -5.69
N GLU C 300 4.34 25.40 -5.03
CA GLU C 300 3.28 25.96 -4.20
C GLU C 300 3.83 26.49 -2.89
N VAL C 301 4.99 25.98 -2.46
CA VAL C 301 5.66 26.49 -1.28
C VAL C 301 6.31 27.83 -1.65
N PRO C 302 6.44 28.76 -0.72
CA PRO C 302 7.09 30.03 -1.04
C PRO C 302 8.59 29.91 -1.09
N TRP C 303 9.19 30.76 -1.91
CA TRP C 303 10.64 30.84 -2.00
C TRP C 303 11.17 32.24 -1.72
N THR C 304 10.59 33.27 -2.35
CA THR C 304 10.99 34.65 -2.09
C THR C 304 9.82 35.56 -1.76
N GLU C 305 8.58 35.06 -1.79
CA GLU C 305 7.37 35.85 -1.54
C GLU C 305 7.23 36.12 -0.05
N ALA C 306 7.80 37.23 0.41
CA ALA C 306 7.69 37.63 1.80
C ALA C 306 6.57 38.65 1.99
N ASP C 307 6.18 38.84 3.25
CA ASP C 307 5.15 39.80 3.62
C ASP C 307 5.68 41.24 3.56
N PRO C 308 4.80 42.21 3.31
CA PRO C 308 5.14 43.59 3.66
C PRO C 308 5.14 43.78 5.17
N GLU C 309 6.33 43.95 5.73
CA GLU C 309 6.52 44.04 7.17
C GLU C 309 6.02 45.38 7.72
N VAL C 310 5.54 45.34 8.96
CA VAL C 310 4.84 46.46 9.57
C VAL C 310 5.85 47.53 10.02
N LEU C 311 5.53 48.78 9.73
CA LEU C 311 6.51 49.86 9.87
C LEU C 311 6.61 50.34 11.32
N ASP C 312 5.49 50.73 11.91
CA ASP C 312 5.53 51.51 13.15
C ASP C 312 5.56 50.59 14.37
N ILE C 313 6.34 51.01 15.37
CA ILE C 313 6.47 50.28 16.63
C ILE C 313 5.16 50.32 17.42
N SER C 314 4.55 51.51 17.51
CA SER C 314 3.37 51.69 18.34
C SER C 314 2.11 51.10 17.71
N VAL C 315 2.10 50.93 16.38
CA VAL C 315 0.99 50.25 15.71
C VAL C 315 0.96 48.77 16.09
N THR C 316 2.12 48.12 16.07
CA THR C 316 2.27 46.73 16.52
C THR C 316 2.02 46.61 18.02
N LYS C 317 2.41 47.64 18.79
CA LYS C 317 2.14 47.69 20.22
C LYS C 317 0.64 47.80 20.52
N ARG C 318 -0.11 48.58 19.73
CA ARG C 318 -1.54 48.72 19.97
C ARG C 318 -2.32 47.49 19.52
N VAL C 319 -1.92 46.86 18.41
CA VAL C 319 -2.60 45.63 17.98
C VAL C 319 -2.25 44.47 18.94
N LEU C 320 -1.05 44.47 19.50
CA LEU C 320 -0.71 43.48 20.53
C LEU C 320 -1.41 43.76 21.85
N ASP C 321 -1.64 45.02 22.18
CA ASP C 321 -2.38 45.41 23.37
C ASP C 321 -3.89 45.47 23.15
N GLU C 322 -4.36 45.15 21.95
CA GLU C 322 -5.76 44.80 21.74
C GLU C 322 -6.06 43.35 22.11
N ASP C 323 -5.05 42.52 22.27
CA ASP C 323 -5.24 41.10 22.56
C ASP C 323 -4.76 40.69 23.93
N HIS C 324 -3.61 41.19 24.38
CA HIS C 324 -3.03 40.78 25.66
C HIS C 324 -2.69 41.96 26.55
N TYR C 325 -2.84 41.72 27.85
CA TYR C 325 -2.48 42.65 28.92
C TYR C 325 -1.38 42.00 29.75
N GLY C 326 -0.52 42.83 30.33
CA GLY C 326 0.60 42.32 31.09
C GLY C 326 1.70 41.90 30.14
N LEU C 327 2.51 40.93 30.59
CA LEU C 327 3.44 40.12 29.78
C LEU C 327 4.54 40.97 29.13
N LYS C 328 5.20 41.79 29.95
CA LYS C 328 6.10 42.81 29.43
C LYS C 328 7.41 42.21 28.92
N GLU C 329 7.82 41.07 29.49
CA GLU C 329 9.05 40.38 29.08
C GLU C 329 8.95 39.70 27.72
N VAL C 330 7.75 39.54 27.17
CA VAL C 330 7.58 38.99 25.83
C VAL C 330 7.03 40.02 24.84
N LYS C 331 6.22 40.98 25.29
CA LYS C 331 5.77 42.08 24.43
C LYS C 331 6.91 43.04 24.11
N GLU C 332 7.73 43.33 25.12
CA GLU C 332 8.94 44.11 24.91
C GLU C 332 9.93 43.37 24.03
N ARG C 333 9.99 42.03 24.16
CA ARG C 333 10.86 41.18 23.35
C ARG C 333 10.47 41.18 21.87
N ILE C 334 9.17 41.05 21.58
CA ILE C 334 8.75 41.04 20.18
C ILE C 334 8.81 42.44 19.57
N LEU C 335 8.64 43.49 20.38
CA LEU C 335 8.88 44.82 19.82
C LEU C 335 10.37 45.16 19.71
N GLU C 336 11.24 44.48 20.46
CA GLU C 336 12.68 44.54 20.20
C GLU C 336 13.03 43.88 18.87
N TYR C 337 12.34 42.78 18.55
CA TYR C 337 12.51 42.14 17.24
C TYR C 337 12.02 43.04 16.12
N LEU C 338 10.93 43.78 16.37
CA LEU C 338 10.50 44.80 15.41
C LEU C 338 11.48 45.97 15.31
N ALA C 339 12.12 46.35 16.41
CA ALA C 339 13.13 47.41 16.38
C ALA C 339 14.39 46.96 15.64
N VAL C 340 14.71 45.66 15.72
CA VAL C 340 15.78 45.08 14.92
C VAL C 340 15.42 45.10 13.44
N ARG C 341 14.20 44.66 13.09
CA ARG C 341 13.88 44.59 11.66
C ARG C 341 13.47 45.93 11.06
N GLN C 342 13.26 46.97 11.86
CA GLN C 342 13.29 48.33 11.35
C GLN C 342 14.67 48.96 11.44
N LEU C 343 15.61 48.34 12.15
CA LEU C 343 16.99 48.82 12.18
C LEU C 343 17.89 48.07 11.22
N THR C 344 17.55 46.83 10.86
CA THR C 344 18.29 46.07 9.85
C THR C 344 17.55 45.97 8.52
N GLN C 345 16.61 46.88 8.27
CA GLN C 345 15.89 46.85 6.99
C GLN C 345 16.75 47.36 5.84
N GLY C 346 17.69 48.28 6.13
CA GLY C 346 18.60 48.76 5.11
C GLY C 346 19.85 47.94 5.01
N LYS C 347 20.10 47.10 6.01
CA LYS C 347 21.27 46.22 6.03
C LYS C 347 20.87 44.83 5.55
N GLU C 348 20.70 44.72 4.22
CA GLU C 348 20.18 43.50 3.60
C GLU C 348 21.32 42.51 3.32
N VAL C 349 21.91 42.01 4.40
CA VAL C 349 22.96 41.00 4.35
C VAL C 349 22.50 39.70 5.00
N LYS C 350 21.73 39.80 6.08
CA LYS C 350 21.51 38.71 7.01
C LYS C 350 20.03 38.45 7.19
N GLY C 351 19.74 37.37 7.90
CA GLY C 351 18.39 36.88 8.10
C GLY C 351 18.13 36.57 9.56
N HIS C 352 17.89 35.27 9.83
CA HIS C 352 17.97 34.65 11.16
C HIS C 352 16.90 35.18 12.14
N ALA C 353 15.65 34.93 11.78
CA ALA C 353 14.54 35.22 12.69
C ALA C 353 14.58 34.29 13.90
N PRO C 354 14.42 34.80 15.11
CA PRO C 354 14.72 34.00 16.30
C PRO C 354 13.59 33.06 16.68
N ILE C 355 13.91 32.16 17.60
CA ILE C 355 13.04 31.05 17.98
C ILE C 355 12.70 31.22 19.46
N LEU C 356 11.43 31.12 19.82
CA LEU C 356 11.00 31.39 21.19
C LEU C 356 10.33 30.18 21.82
N CYS C 357 10.54 30.03 23.13
CA CYS C 357 9.91 29.02 23.96
C CYS C 357 9.01 29.67 25.00
N PHE C 358 7.84 29.08 25.20
CA PHE C 358 6.86 29.54 26.18
C PHE C 358 6.67 28.46 27.24
N VAL C 359 7.48 28.51 28.28
CA VAL C 359 7.25 27.64 29.42
C VAL C 359 6.23 28.28 30.34
N GLY C 360 5.55 27.46 31.13
CA GLY C 360 4.63 27.97 32.12
C GLY C 360 3.64 26.91 32.53
N PRO C 361 2.82 27.23 33.52
CA PRO C 361 1.54 26.54 33.68
C PRO C 361 0.65 26.79 32.46
N PRO C 362 -0.16 25.82 32.05
CA PRO C 362 -0.74 25.84 30.70
C PRO C 362 -1.90 26.80 30.47
N GLY C 363 -2.19 27.75 31.37
CA GLY C 363 -3.24 28.70 31.12
C GLY C 363 -2.79 30.15 31.06
N VAL C 364 -1.54 30.40 30.69
CA VAL C 364 -1.00 31.74 30.74
C VAL C 364 -1.01 32.42 29.36
N GLY C 365 -1.69 31.82 28.38
CA GLY C 365 -1.95 32.51 27.13
C GLY C 365 -1.16 32.08 25.94
N LYS C 366 -0.35 31.02 26.05
CA LYS C 366 0.78 30.77 25.14
C LYS C 366 0.37 30.35 23.73
N THR C 367 -0.85 29.85 23.55
CA THR C 367 -1.37 29.65 22.20
C THR C 367 -1.97 30.94 21.66
N SER C 368 -2.74 31.65 22.49
CA SER C 368 -3.34 32.93 22.11
C SER C 368 -2.30 34.02 21.93
N LEU C 369 -1.20 33.96 22.70
CA LEU C 369 -0.08 34.86 22.51
C LEU C 369 0.59 34.66 21.16
N GLY C 370 0.78 33.39 20.76
CA GLY C 370 1.34 33.08 19.45
C GLY C 370 0.42 33.40 18.30
N LYS C 371 -0.90 33.43 18.54
CA LYS C 371 -1.79 34.01 17.55
C LYS C 371 -1.63 35.54 17.52
N SER C 372 -1.37 36.15 18.67
CA SER C 372 -1.32 37.60 18.76
C SER C 372 -0.05 38.20 18.15
N ILE C 373 1.05 37.44 18.11
CA ILE C 373 2.25 37.86 17.35
C ILE C 373 1.93 38.00 15.86
N ALA C 374 1.20 37.02 15.31
CA ALA C 374 0.84 37.07 13.90
C ALA C 374 -0.24 38.10 13.61
N ARG C 375 -1.11 38.38 14.59
CA ARG C 375 -2.06 39.47 14.43
C ARG C 375 -1.35 40.82 14.51
N SER C 376 -0.34 40.93 15.38
CA SER C 376 0.33 42.21 15.59
C SER C 376 1.30 42.56 14.48
N MET C 377 1.98 41.58 13.90
CA MET C 377 2.93 41.90 12.84
C MET C 377 2.36 41.71 11.44
N ASN C 378 1.05 41.44 11.33
CA ASN C 378 0.28 41.29 10.08
C ASN C 378 0.83 40.18 9.18
N ARG C 379 1.33 39.12 9.79
CA ARG C 379 1.85 37.96 9.08
C ARG C 379 0.80 36.87 9.05
N ARG C 380 0.85 36.02 8.02
CA ARG C 380 -0.07 34.90 7.95
C ARG C 380 0.31 33.82 8.94
N PHE C 381 -0.71 33.20 9.54
CA PHE C 381 -0.57 32.37 10.72
C PHE C 381 -0.91 30.94 10.40
N HIS C 382 -0.09 30.03 10.92
CA HIS C 382 -0.42 28.61 10.87
C HIS C 382 0.20 27.96 12.10
N ARG C 383 -0.62 27.30 12.90
CA ARG C 383 -0.14 26.55 14.04
C ARG C 383 -0.29 25.07 13.78
N ILE C 384 0.65 24.28 14.29
CA ILE C 384 0.49 22.84 14.38
C ILE C 384 0.73 22.43 15.84
N SER C 385 0.20 21.27 16.20
CA SER C 385 0.41 20.73 17.52
C SER C 385 1.38 19.56 17.43
N LEU C 386 2.52 19.73 18.08
CA LEU C 386 3.49 18.66 18.22
C LEU C 386 3.41 17.97 19.56
N GLY C 387 2.35 18.23 20.32
CA GLY C 387 2.07 17.48 21.52
C GLY C 387 1.58 16.09 21.19
N GLY C 388 2.37 15.08 21.55
CA GLY C 388 2.00 13.70 21.34
C GLY C 388 2.44 13.11 20.01
N VAL C 389 3.19 13.85 19.20
CA VAL C 389 3.62 13.33 17.92
C VAL C 389 4.77 12.35 18.12
N ARG C 390 4.59 11.12 17.62
CA ARG C 390 5.63 10.10 17.65
C ARG C 390 6.20 9.78 16.28
N ASP C 391 6.12 10.71 15.34
CA ASP C 391 6.66 10.52 14.00
C ASP C 391 7.51 11.71 13.60
N GLU C 392 8.60 11.46 12.87
CA GLU C 392 9.28 12.60 12.27
C GLU C 392 8.54 13.12 11.05
N ALA C 393 7.66 12.32 10.44
CA ALA C 393 7.09 12.66 9.14
C ALA C 393 6.02 13.73 9.22
N GLU C 394 5.54 14.06 10.42
CA GLU C 394 4.72 15.24 10.59
C GLU C 394 5.55 16.52 10.55
N ILE C 395 6.86 16.43 10.77
CA ILE C 395 7.72 17.61 10.81
C ILE C 395 8.58 17.70 9.55
N ARG C 396 9.14 16.57 9.12
CA ARG C 396 10.12 16.50 8.05
C ARG C 396 9.65 15.69 6.84
N GLY C 397 8.53 14.98 6.93
CA GLY C 397 7.99 14.28 5.77
C GLY C 397 8.53 12.88 5.55
N HIS C 398 8.25 12.37 4.35
CA HIS C 398 8.73 11.07 3.89
C HIS C 398 9.55 11.20 2.60
N ARG C 399 10.12 10.05 2.20
CA ARG C 399 10.73 9.87 0.89
C ARG C 399 9.66 9.99 -0.21
N ARG C 400 10.12 10.45 -1.39
CA ARG C 400 9.28 10.75 -2.54
C ARG C 400 8.53 9.52 -3.06
N THR C 401 9.19 8.35 -3.06
CA THR C 401 8.64 7.16 -3.68
C THR C 401 7.63 6.42 -2.81
N TYR C 402 7.44 6.84 -1.57
CA TYR C 402 6.35 6.33 -0.75
C TYR C 402 5.02 6.78 -1.31
N ILE C 403 4.00 5.97 -1.10
CA ILE C 403 2.74 6.23 -1.78
C ILE C 403 1.93 7.23 -0.96
N GLY C 404 1.32 8.18 -1.67
CA GLY C 404 0.65 9.31 -1.05
C GLY C 404 1.57 10.26 -0.30
N ALA C 405 2.80 10.43 -0.75
CA ALA C 405 3.81 11.11 0.04
C ALA C 405 3.63 12.62 0.04
N LEU C 406 3.77 13.21 1.20
CA LEU C 406 3.68 14.65 1.43
C LEU C 406 4.83 15.01 2.37
N PRO C 407 5.25 16.29 2.40
CA PRO C 407 6.25 16.69 3.41
C PRO C 407 5.65 16.86 4.81
N GLY C 408 6.46 17.38 5.73
CA GLY C 408 5.99 17.64 7.07
C GLY C 408 5.06 18.83 7.15
N LYS C 409 4.54 19.06 8.37
CA LYS C 409 3.51 20.09 8.53
C LYS C 409 4.09 21.50 8.60
N ILE C 410 5.42 21.65 8.66
CA ILE C 410 6.05 22.93 8.34
C ILE C 410 5.81 23.28 6.88
N ILE C 411 6.09 22.33 6.00
CA ILE C 411 5.97 22.58 4.57
C ILE C 411 4.51 22.46 4.13
N GLN C 412 3.70 21.66 4.85
CA GLN C 412 2.26 21.69 4.64
C GLN C 412 1.63 22.98 5.17
N GLY C 413 2.23 23.57 6.20
CA GLY C 413 1.78 24.86 6.67
C GLY C 413 2.12 25.99 5.72
N MET C 414 3.26 25.89 5.04
CA MET C 414 3.53 26.85 3.97
C MET C 414 2.94 26.47 2.63
N LYS C 415 2.36 25.29 2.48
CA LYS C 415 1.29 25.13 1.51
C LYS C 415 0.06 25.93 1.92
N GLN C 416 -0.23 25.97 3.23
CA GLN C 416 -1.46 26.63 3.68
C GLN C 416 -1.34 28.16 3.65
N VAL C 417 -0.18 28.73 3.98
CA VAL C 417 -0.06 30.19 4.04
C VAL C 417 0.74 30.77 2.86
N GLY C 418 1.75 30.07 2.34
CA GLY C 418 2.45 30.50 1.15
C GLY C 418 3.33 31.74 1.25
N VAL C 419 3.85 32.07 2.43
CA VAL C 419 4.71 33.24 2.59
C VAL C 419 6.04 32.85 3.24
N VAL C 420 7.08 33.63 2.93
CA VAL C 420 8.42 33.42 3.49
C VAL C 420 8.49 33.89 4.94
N ASN C 421 7.58 34.77 5.36
CA ASN C 421 7.48 35.17 6.74
C ASN C 421 6.17 34.72 7.42
N PRO C 422 5.99 33.44 7.81
CA PRO C 422 4.87 33.14 8.71
C PRO C 422 5.27 33.04 10.17
N VAL C 423 4.28 33.08 11.04
CA VAL C 423 4.48 32.86 12.48
C VAL C 423 3.98 31.45 12.77
N PHE C 424 4.89 30.48 12.70
CA PHE C 424 4.56 29.11 13.11
C PHE C 424 4.53 28.98 14.61
N LEU C 425 3.34 28.66 15.11
CA LEU C 425 3.11 28.37 16.52
C LEU C 425 3.21 26.86 16.70
N LEU C 426 4.34 26.39 17.19
CA LEU C 426 4.58 24.96 17.38
C LEU C 426 4.05 24.60 18.77
N ASP C 427 2.84 24.04 18.81
CA ASP C 427 2.17 23.77 20.08
C ASP C 427 2.72 22.56 20.79
N GLU C 428 2.96 22.73 22.10
CA GLU C 428 3.19 21.68 23.10
C GLU C 428 4.46 20.86 22.80
N ILE C 429 5.58 21.57 22.81
CA ILE C 429 6.88 20.95 22.53
C ILE C 429 7.36 20.14 23.74
N ASP C 430 6.83 20.43 24.93
CA ASP C 430 7.15 19.63 26.11
C ASP C 430 6.53 18.23 26.08
N LYS C 431 5.51 17.98 25.26
CA LYS C 431 4.83 16.70 25.22
C LYS C 431 5.03 15.96 23.89
N LEU C 432 6.26 15.96 23.37
CA LEU C 432 6.60 14.99 22.33
C LEU C 432 6.72 13.60 22.91
N SER C 433 6.57 12.60 22.04
CA SER C 433 6.74 11.20 22.40
C SER C 433 8.05 10.71 21.81
N SER C 434 8.91 10.17 22.66
CA SER C 434 10.21 9.63 22.22
C SER C 434 10.05 8.14 21.90
N ASP C 435 9.38 7.88 20.78
CA ASP C 435 9.07 6.53 20.36
C ASP C 435 10.26 5.93 19.60
N TRP C 436 10.13 4.65 19.23
CA TRP C 436 11.12 3.97 18.41
C TRP C 436 10.98 4.27 16.92
N ARG C 437 9.96 5.02 16.52
CA ARG C 437 9.67 5.30 15.11
C ARG C 437 10.30 6.60 14.65
N GLY C 438 11.48 6.93 15.17
CA GLY C 438 12.12 8.19 14.87
C GLY C 438 11.75 9.20 15.92
N ASP C 439 12.74 9.85 16.51
CA ASP C 439 12.48 10.85 17.53
C ASP C 439 12.09 12.16 16.87
N PRO C 440 10.87 12.68 17.09
CA PRO C 440 10.49 13.95 16.45
C PRO C 440 11.04 15.16 17.16
N ALA C 441 11.55 15.01 18.39
CA ALA C 441 12.34 16.06 19.01
C ALA C 441 13.63 16.30 18.23
N ALA C 442 14.20 15.25 17.67
CA ALA C 442 15.30 15.42 16.74
C ALA C 442 14.87 15.93 15.37
N ALA C 443 13.57 15.88 15.06
CA ALA C 443 13.10 16.68 13.95
C ALA C 443 12.88 18.14 14.34
N LEU C 444 12.76 18.44 15.64
CA LEU C 444 12.89 19.83 16.07
C LEU C 444 14.34 20.29 16.17
N LEU C 445 15.29 19.35 16.21
CA LEU C 445 16.73 19.69 16.18
C LEU C 445 17.21 20.40 14.91
N GLU C 446 16.50 20.29 13.79
CA GLU C 446 16.93 21.06 12.62
C GLU C 446 16.06 22.25 12.30
N VAL C 447 14.78 22.24 12.69
CA VAL C 447 13.87 23.28 12.20
C VAL C 447 13.95 24.54 13.07
N LEU C 448 14.79 24.55 14.12
CA LEU C 448 14.88 25.69 15.00
C LEU C 448 16.27 26.34 15.04
N ASP C 449 17.12 26.10 14.04
CA ASP C 449 18.50 26.59 14.08
C ASP C 449 18.81 27.53 12.92
N PRO C 450 19.18 28.79 13.19
CA PRO C 450 19.31 29.77 12.10
C PRO C 450 20.56 29.60 11.25
N GLU C 451 21.50 28.76 11.68
CA GLU C 451 22.60 28.38 10.81
C GLU C 451 22.17 27.37 9.76
N GLN C 452 21.10 26.59 10.01
CA GLN C 452 20.60 25.68 8.99
C GLN C 452 19.09 25.74 8.75
N ASN C 453 18.39 26.78 9.22
CA ASN C 453 17.10 27.02 8.58
C ASN C 453 17.22 27.59 7.17
N HIS C 454 18.34 28.21 6.82
CA HIS C 454 18.56 28.61 5.44
C HIS C 454 18.80 27.41 4.53
N THR C 455 19.34 26.31 5.09
CA THR C 455 19.54 25.06 4.38
C THR C 455 18.79 23.90 5.04
N PHE C 456 17.52 24.09 5.37
CA PHE C 456 16.73 23.02 5.97
C PHE C 456 16.36 21.97 4.93
N THR C 457 16.74 20.73 5.20
CA THR C 457 16.60 19.64 4.24
C THR C 457 15.43 18.76 4.69
N ASP C 458 14.28 18.97 4.05
CA ASP C 458 13.08 18.17 4.26
C ASP C 458 13.25 16.84 3.54
N HIS C 459 12.53 15.79 4.00
CA HIS C 459 12.63 14.50 3.31
C HIS C 459 11.95 14.53 1.95
N TYR C 460 10.80 15.19 1.82
CA TYR C 460 10.13 15.24 0.53
C TYR C 460 10.72 16.37 -0.31
N LEU C 461 10.77 17.58 0.24
CA LEU C 461 11.43 18.71 -0.41
C LEU C 461 12.94 18.49 -0.35
N ASP C 462 13.46 17.86 -1.40
CA ASP C 462 14.80 17.29 -1.42
C ASP C 462 15.88 18.36 -1.45
N VAL C 463 15.61 19.47 -2.12
CA VAL C 463 16.52 20.60 -2.21
C VAL C 463 16.41 21.30 -0.85
N PRO C 464 17.49 21.83 -0.27
CA PRO C 464 17.36 22.48 1.04
C PRO C 464 16.62 23.81 0.97
N TYR C 465 15.73 23.99 1.93
CA TYR C 465 14.72 25.04 1.96
C TYR C 465 15.17 26.17 2.87
N ASP C 466 14.72 27.38 2.57
CA ASP C 466 15.08 28.56 3.35
C ASP C 466 13.95 28.83 4.35
N LEU C 467 14.25 28.67 5.63
CA LEU C 467 13.30 28.90 6.71
C LEU C 467 13.81 29.95 7.68
N SER C 468 14.92 30.62 7.39
CA SER C 468 15.54 31.52 8.36
C SER C 468 14.78 32.83 8.49
N LYS C 469 13.91 33.16 7.53
CA LYS C 469 13.02 34.31 7.67
C LYS C 469 11.82 34.00 8.55
N VAL C 470 11.56 32.73 8.85
CA VAL C 470 10.34 32.33 9.54
C VAL C 470 10.51 32.54 11.04
N PHE C 471 9.57 33.27 11.64
CA PHE C 471 9.47 33.44 13.09
C PHE C 471 8.82 32.20 13.68
N PHE C 472 9.65 31.27 14.16
CA PHE C 472 9.14 30.12 14.89
C PHE C 472 8.88 30.52 16.34
N ILE C 473 7.70 30.18 16.84
CA ILE C 473 7.35 30.40 18.24
C ILE C 473 6.80 29.10 18.80
N THR C 474 7.29 28.69 19.97
CA THR C 474 6.97 27.38 20.53
C THR C 474 6.45 27.54 21.94
N THR C 475 5.68 26.54 22.38
CA THR C 475 5.02 26.56 23.68
C THR C 475 5.50 25.38 24.52
N ALA C 476 5.10 25.40 25.79
CA ALA C 476 5.31 24.29 26.72
C ALA C 476 4.23 24.31 27.79
N THR C 478 6.55 23.47 30.93
CA THR C 478 7.43 22.77 31.85
C THR C 478 8.76 22.48 31.17
N LEU C 479 9.86 22.86 31.84
CA LEU C 479 11.18 22.75 31.23
C LEU C 479 11.69 21.31 31.19
N SER C 480 11.32 20.50 32.20
CA SER C 480 12.01 19.25 32.47
C SER C 480 11.70 18.16 31.45
N THR C 481 10.52 18.21 30.85
CA THR C 481 10.14 17.26 29.80
C THR C 481 10.34 17.80 28.40
N ILE C 482 10.89 19.01 28.26
CA ILE C 482 11.56 19.42 27.02
C ILE C 482 12.93 18.74 26.98
N PRO C 483 13.39 18.25 25.82
CA PRO C 483 14.76 17.69 25.74
C PRO C 483 15.85 18.74 25.95
N ARG C 484 17.00 18.25 26.43
CA ARG C 484 18.17 19.08 26.72
C ARG C 484 18.73 19.91 25.56
N PRO C 485 18.90 19.40 24.30
CA PRO C 485 19.31 20.33 23.23
C PRO C 485 18.26 21.35 22.85
N LEU C 486 16.98 20.97 22.89
CA LEU C 486 15.91 21.90 22.52
C LEU C 486 15.69 22.99 23.57
N LEU C 487 15.77 22.66 24.85
CA LEU C 487 15.63 23.70 25.88
C LEU C 487 16.88 24.56 25.95
N ASP C 488 18.05 24.02 25.58
CA ASP C 488 19.21 24.89 25.37
C ASP C 488 19.18 25.64 24.04
N ARG C 489 18.25 25.30 23.13
CA ARG C 489 18.34 25.69 21.72
C ARG C 489 17.34 26.76 21.29
N MET C 490 16.21 26.86 21.97
CA MET C 490 15.21 27.85 21.63
C MET C 490 14.96 28.71 22.87
N GLU C 491 14.79 30.01 22.63
CA GLU C 491 14.89 31.02 23.69
C GLU C 491 13.70 30.93 24.61
N VAL C 492 13.97 30.65 25.89
CA VAL C 492 12.94 30.49 26.88
C VAL C 492 12.39 31.87 27.27
N ILE C 493 11.07 31.98 27.31
CA ILE C 493 10.40 33.12 27.90
C ILE C 493 9.69 32.60 29.14
N GLU C 494 10.26 32.88 30.31
CA GLU C 494 9.76 32.36 31.58
C GLU C 494 8.51 33.14 31.93
N ILE C 495 7.36 32.58 31.55
CA ILE C 495 6.07 33.16 31.88
C ILE C 495 5.50 32.39 33.08
N PRO C 496 5.47 32.98 34.27
CA PRO C 496 4.86 32.30 35.41
C PRO C 496 3.36 32.54 35.46
N GLY C 497 2.72 32.13 36.55
CA GLY C 497 1.35 32.51 36.78
C GLY C 497 1.21 33.99 37.06
N TYR C 498 0.06 34.54 36.69
CA TYR C 498 -0.17 35.97 36.77
C TYR C 498 -0.41 36.39 38.22
N THR C 499 -0.20 37.68 38.48
CA THR C 499 -0.51 38.26 39.77
C THR C 499 -1.98 38.64 39.84
N LEU C 500 -2.49 38.71 41.08
CA LEU C 500 -3.90 38.99 41.35
C LEU C 500 -4.30 40.39 40.89
N HIS C 501 -3.40 41.36 41.09
CA HIS C 501 -3.68 42.75 40.77
C HIS C 501 -3.64 43.01 39.27
N GLU C 502 -3.04 42.12 38.49
CA GLU C 502 -3.28 42.10 37.06
C GLU C 502 -4.28 41.02 36.65
N LYS C 503 -4.67 40.11 37.57
CA LYS C 503 -5.75 39.18 37.23
C LYS C 503 -7.11 39.87 37.20
N ARG C 504 -7.29 40.89 38.05
CA ARG C 504 -8.44 41.80 38.00
C ARG C 504 -8.55 42.49 36.65
N ALA C 505 -7.45 43.07 36.20
CA ALA C 505 -7.43 43.82 34.96
C ALA C 505 -7.47 42.91 33.74
N ILE C 506 -6.95 41.69 33.83
CA ILE C 506 -6.95 40.81 32.65
C ILE C 506 -8.37 40.25 32.46
N ALA C 507 -9.12 40.08 33.57
CA ALA C 507 -10.51 39.67 33.52
C ALA C 507 -11.37 40.78 32.93
N ARG C 508 -11.35 41.95 33.59
CA ARG C 508 -12.16 43.12 33.27
C ARG C 508 -11.87 43.67 31.88
N TYR C 509 -10.60 43.62 31.44
CA TYR C 509 -10.29 44.17 30.14
C TYR C 509 -10.52 43.19 29.01
N PHE C 510 -10.05 41.92 29.13
CA PHE C 510 -10.03 41.07 27.96
C PHE C 510 -10.78 39.76 28.09
N ARG C 511 -10.94 39.23 29.30
CA ARG C 511 -11.43 37.86 29.35
C ARG C 511 -12.94 37.85 29.49
N TRP C 512 -13.44 38.57 30.49
CA TRP C 512 -14.87 38.84 30.63
C TRP C 512 -15.59 39.57 29.49
N PRO C 513 -15.05 40.59 28.77
CA PRO C 513 -15.82 41.13 27.63
C PRO C 513 -16.07 40.17 26.47
N PHE C 514 -15.15 39.24 26.19
CA PHE C 514 -15.43 38.25 25.16
C PHE C 514 -16.41 37.19 25.68
N GLN C 515 -16.40 36.90 26.98
CA GLN C 515 -17.35 35.94 27.54
C GLN C 515 -18.76 36.53 27.64
N VAL C 516 -18.88 37.84 27.83
CA VAL C 516 -20.23 38.41 27.84
C VAL C 516 -20.67 38.70 26.41
N LYS C 517 -19.71 38.79 25.46
CA LYS C 517 -20.06 38.75 24.05
C LYS C 517 -20.57 37.37 23.65
N GLU C 518 -20.03 36.32 24.27
CA GLU C 518 -20.56 34.97 24.10
C GLU C 518 -21.94 34.83 24.73
N ALA C 519 -22.15 35.47 25.89
CA ALA C 519 -23.43 35.41 26.57
C ALA C 519 -24.47 36.34 25.95
N GLY C 520 -24.07 37.26 25.08
CA GLY C 520 -25.00 38.17 24.44
C GLY C 520 -25.57 39.24 25.35
N LEU C 521 -24.86 39.58 26.42
CA LEU C 521 -25.33 40.50 27.44
C LEU C 521 -24.41 41.71 27.58
N GLU C 522 -23.90 42.21 26.44
CA GLU C 522 -22.85 43.22 26.44
C GLU C 522 -23.34 44.61 26.88
N GLY C 523 -24.64 44.84 26.88
CA GLY C 523 -25.19 46.03 27.50
C GLY C 523 -26.00 45.70 28.73
N ARG C 524 -25.86 44.48 29.24
CA ARG C 524 -26.68 43.99 30.34
C ARG C 524 -25.91 43.64 31.60
N LEU C 525 -24.60 43.48 31.53
CA LEU C 525 -23.83 42.98 32.66
C LEU C 525 -22.59 43.82 32.93
N GLU C 526 -22.23 43.89 34.21
CA GLU C 526 -20.91 44.31 34.65
C GLU C 526 -20.64 43.67 36.00
N ILE C 527 -19.36 43.46 36.31
CA ILE C 527 -18.92 42.86 37.56
C ILE C 527 -17.85 43.75 38.19
N THR C 528 -18.06 44.13 39.45
CA THR C 528 -17.10 44.92 40.20
C THR C 528 -15.84 44.11 40.51
N ASP C 529 -14.74 44.83 40.76
CA ASP C 529 -13.44 44.19 40.96
C ASP C 529 -13.31 43.49 42.30
N ARG C 530 -14.18 43.81 43.27
CA ARG C 530 -14.25 43.06 44.52
C ARG C 530 -14.70 41.62 44.29
N ALA C 531 -15.65 41.43 43.37
CA ALA C 531 -16.13 40.09 43.04
C ALA C 531 -15.08 39.31 42.26
N ILE C 532 -14.33 40.00 41.40
CA ILE C 532 -13.23 39.38 40.66
C ILE C 532 -12.10 38.99 41.62
N GLU C 533 -11.85 39.84 42.63
CA GLU C 533 -10.89 39.53 43.70
C GLU C 533 -11.32 38.32 44.54
N ARG C 534 -12.62 38.21 44.84
CA ARG C 534 -13.11 37.06 45.59
C ARG C 534 -13.08 35.78 44.77
N ILE C 535 -13.30 35.88 43.45
CA ILE C 535 -13.19 34.71 42.57
C ILE C 535 -11.76 34.23 42.48
N VAL C 536 -10.81 35.13 42.22
CA VAL C 536 -9.41 34.71 42.12
C VAL C 536 -8.75 34.45 43.46
N GLN C 537 -9.40 34.80 44.57
CA GLN C 537 -8.91 34.39 45.88
C GLN C 537 -9.45 33.02 46.27
N GLU C 538 -10.76 32.79 46.12
CA GLU C 538 -11.39 31.62 46.72
C GLU C 538 -11.83 30.54 45.75
N TYR C 539 -12.11 30.87 44.48
CA TYR C 539 -12.74 29.92 43.58
C TYR C 539 -11.78 29.34 42.54
N THR C 540 -10.80 30.10 42.06
CA THR C 540 -9.93 29.60 41.01
C THR C 540 -8.83 28.71 41.57
N ARG C 541 -7.91 29.31 42.35
CA ARG C 541 -6.69 28.73 42.92
C ARG C 541 -5.85 28.10 41.80
N GLU C 542 -5.39 28.99 40.93
CA GLU C 542 -4.90 28.62 39.61
C GLU C 542 -3.91 29.66 39.13
N ALA C 543 -2.82 29.20 38.53
CA ALA C 543 -1.88 30.12 37.89
C ALA C 543 -2.45 30.72 36.61
N GLY C 544 -3.24 29.94 35.88
CA GLY C 544 -3.75 30.35 34.59
C GLY C 544 -5.00 31.20 34.68
N VAL C 545 -5.49 31.58 33.50
CA VAL C 545 -6.66 32.43 33.35
C VAL C 545 -7.89 31.55 33.05
N ARG C 546 -7.76 30.25 33.23
CA ARG C 546 -8.67 29.27 32.66
C ARG C 546 -9.79 28.86 33.61
N ASN C 547 -9.49 28.72 34.90
CA ASN C 547 -10.57 28.68 35.89
C ASN C 547 -11.24 30.05 36.02
N LEU C 548 -10.48 31.13 35.79
CA LEU C 548 -11.06 32.45 35.64
C LEU C 548 -11.97 32.54 34.41
N ASP C 549 -11.55 31.92 33.29
CA ASP C 549 -12.37 31.85 32.08
C ASP C 549 -13.66 31.07 32.30
N ARG C 550 -13.55 29.94 32.97
CA ARG C 550 -14.71 29.05 33.10
C ARG C 550 -15.67 29.55 34.18
N GLU C 551 -15.17 30.17 35.25
CA GLU C 551 -16.05 30.72 36.27
C GLU C 551 -16.62 32.09 35.88
N LEU C 552 -15.87 32.91 35.14
CA LEU C 552 -16.44 34.15 34.64
C LEU C 552 -17.24 33.96 33.36
N SER C 553 -17.21 32.76 32.77
CA SER C 553 -18.24 32.34 31.86
C SER C 553 -19.45 31.78 32.59
N LYS C 554 -19.22 31.15 33.76
CA LYS C 554 -20.28 30.55 34.56
C LYS C 554 -21.24 31.59 35.13
N VAL C 555 -20.69 32.72 35.61
CA VAL C 555 -21.57 33.80 36.07
C VAL C 555 -22.27 34.49 34.89
N ALA C 556 -21.64 34.48 33.71
CA ALA C 556 -22.25 35.03 32.51
C ALA C 556 -23.42 34.18 32.03
N ARG C 557 -23.33 32.86 32.21
CA ARG C 557 -24.44 32.01 31.79
C ARG C 557 -25.52 31.83 32.85
N LYS C 558 -25.21 31.96 34.15
CA LYS C 558 -26.24 32.28 35.16
C LYS C 558 -27.00 33.56 34.82
N ALA C 559 -26.29 34.61 34.44
CA ALA C 559 -26.98 35.84 34.07
C ALA C 559 -27.66 35.74 32.70
N ALA C 560 -27.22 34.85 31.82
CA ALA C 560 -27.89 34.64 30.54
C ALA C 560 -29.21 33.90 30.73
N LYS C 561 -29.21 32.85 31.55
CA LYS C 561 -30.46 32.14 31.80
C LYS C 561 -31.36 32.88 32.78
N ASP C 562 -30.81 33.83 33.55
CA ASP C 562 -31.67 34.78 34.25
C ASP C 562 -32.19 35.88 33.32
N TYR C 563 -31.44 36.19 32.24
CA TYR C 563 -31.91 37.14 31.26
C TYR C 563 -33.04 36.57 30.42
N LEU C 564 -33.03 35.24 30.22
CA LEU C 564 -34.11 34.61 29.46
C LEU C 564 -35.43 34.59 30.23
N GLU C 565 -35.38 34.31 31.53
CA GLU C 565 -36.61 34.25 32.31
C GLU C 565 -37.14 35.63 32.69
N LYS C 566 -36.26 36.64 32.77
CA LYS C 566 -36.63 37.99 33.18
C LYS C 566 -35.76 38.95 32.40
N PRO C 567 -36.33 39.97 31.71
CA PRO C 567 -35.54 40.77 30.74
C PRO C 567 -34.50 41.74 31.31
N TRP C 568 -34.30 41.77 32.64
CA TRP C 568 -33.10 42.22 33.37
C TRP C 568 -32.90 43.75 33.41
N GLU C 569 -33.68 44.50 32.62
CA GLU C 569 -33.83 45.97 32.54
C GLU C 569 -32.59 46.70 31.99
N GLY C 570 -31.48 46.01 31.73
CA GLY C 570 -30.27 46.67 31.26
C GLY C 570 -29.09 46.51 32.19
N VAL C 571 -28.44 47.63 32.49
CA VAL C 571 -27.16 47.66 33.19
C VAL C 571 -27.41 47.45 34.69
N ARG C 572 -27.11 46.25 35.19
CA ARG C 572 -27.22 45.93 36.62
C ARG C 572 -25.96 45.24 37.11
N VAL C 573 -25.75 45.34 38.44
CA VAL C 573 -24.47 45.09 39.10
C VAL C 573 -24.44 43.67 39.67
N VAL C 574 -23.35 42.94 39.42
CA VAL C 574 -23.04 41.71 40.14
C VAL C 574 -21.87 42.02 41.07
N ASP C 575 -22.11 41.90 42.38
CA ASP C 575 -21.12 42.19 43.40
C ASP C 575 -20.51 40.89 43.95
N ALA C 576 -19.78 41.02 45.06
CA ALA C 576 -19.08 39.88 45.65
C ALA C 576 -19.95 39.04 46.57
N GLU C 577 -21.22 39.41 46.77
CA GLU C 577 -22.07 38.70 47.71
C GLU C 577 -23.02 37.70 47.04
N ASP C 578 -23.41 37.93 45.80
CA ASP C 578 -24.31 36.99 45.11
C ASP C 578 -23.56 35.94 44.30
N LEU C 579 -22.22 35.86 44.44
CA LEU C 579 -21.45 34.85 43.75
C LEU C 579 -21.69 33.45 44.30
N GLU C 580 -22.12 33.34 45.57
CA GLU C 580 -22.52 32.06 46.10
C GLU C 580 -23.85 31.59 45.50
N ALA C 581 -24.70 32.53 45.09
CA ALA C 581 -25.87 32.18 44.29
C ALA C 581 -25.54 32.00 42.81
N TYR C 582 -24.36 32.43 42.38
CA TYR C 582 -23.94 32.32 40.99
C TYR C 582 -22.98 31.16 40.75
N LEU C 583 -21.86 31.12 41.48
CA LEU C 583 -20.94 30.00 41.31
C LEU C 583 -21.24 28.85 42.26
N GLY C 584 -21.60 29.15 43.50
CA GLY C 584 -21.76 28.13 44.50
C GLY C 584 -20.81 28.34 45.65
N VAL C 585 -20.47 27.26 46.35
CA VAL C 585 -19.60 27.35 47.53
C VAL C 585 -18.17 27.63 47.09
N PRO C 586 -17.40 28.46 47.82
CA PRO C 586 -15.97 28.59 47.53
C PRO C 586 -15.23 27.30 47.83
N LYS C 587 -14.57 26.76 46.79
CA LYS C 587 -13.90 25.48 46.90
C LYS C 587 -12.59 25.58 47.68
N TYR C 588 -11.97 26.75 47.71
CA TYR C 588 -10.65 26.92 48.29
C TYR C 588 -10.67 28.06 49.29
N ARG C 589 -10.04 27.84 50.44
CA ARG C 589 -10.09 28.80 51.56
C ARG C 589 -8.68 29.27 51.92
N PRO C 590 -8.18 30.38 51.34
CA PRO C 590 -6.99 31.05 51.85
C PRO C 590 -7.29 32.11 52.92
N ASP C 591 -8.13 31.74 53.90
CA ASP C 591 -8.52 32.64 54.97
C ASP C 591 -7.60 32.50 56.18
N ARG C 592 -6.60 31.62 56.11
CA ARG C 592 -5.78 31.29 57.27
C ARG C 592 -4.75 32.39 57.49
N ALA C 593 -4.95 33.18 58.53
CA ALA C 593 -3.94 34.08 59.05
C ALA C 593 -3.95 33.97 60.57
N GLU C 594 -2.79 34.17 61.19
CA GLU C 594 -2.68 34.04 62.63
C GLU C 594 -3.25 35.28 63.31
N LYS C 595 -4.12 35.06 64.30
CA LYS C 595 -4.69 36.11 65.13
C LYS C 595 -4.11 36.15 66.54
N GLU C 596 -3.21 35.23 66.88
CA GLU C 596 -2.74 35.01 68.23
C GLU C 596 -1.39 34.33 68.04
N PRO C 597 -0.36 34.64 68.84
CA PRO C 597 0.98 34.07 68.57
C PRO C 597 1.05 32.60 68.96
N GLN C 598 1.25 31.75 67.96
CA GLN C 598 1.15 30.31 68.11
C GLN C 598 2.54 29.70 68.12
N VAL C 599 2.72 28.70 68.97
CA VAL C 599 4.03 28.11 69.22
C VAL C 599 4.37 27.15 68.08
N GLY C 600 5.35 27.51 67.26
CA GLY C 600 5.91 26.63 66.26
C GLY C 600 5.33 26.74 64.86
N ALA C 601 4.22 27.46 64.68
CA ALA C 601 3.51 27.48 63.40
C ALA C 601 3.97 28.70 62.61
N ALA C 602 5.06 28.54 61.88
CA ALA C 602 5.61 29.63 61.09
C ALA C 602 4.94 29.69 59.73
N GLN C 603 5.11 30.82 59.05
CA GLN C 603 4.42 31.11 57.79
C GLN C 603 5.34 30.77 56.63
N GLY C 604 4.99 29.73 55.88
CA GLY C 604 5.78 29.28 54.74
C GLY C 604 5.14 29.64 53.41
N LEU C 605 5.99 29.96 52.44
CA LEU C 605 5.54 30.55 51.17
C LEU C 605 6.23 29.87 50.00
N ALA C 606 6.20 28.55 49.97
CA ALA C 606 6.68 27.81 48.81
C ALA C 606 5.74 28.06 47.64
N TRP C 607 6.27 28.61 46.55
CA TRP C 607 5.44 29.04 45.43
C TRP C 607 4.99 27.83 44.61
N THR C 608 3.69 27.78 44.37
CA THR C 608 3.05 26.57 43.87
C THR C 608 3.19 26.51 42.36
N PRO C 609 2.88 25.35 41.74
CA PRO C 609 2.55 25.37 40.30
C PRO C 609 1.29 26.15 39.95
N TYR C 610 0.37 26.37 40.89
CA TYR C 610 -0.80 27.22 40.68
C TYR C 610 -0.56 28.67 41.07
N GLY C 611 0.69 29.13 41.08
CA GLY C 611 0.99 30.49 41.49
C GLY C 611 1.80 30.54 42.78
N GLY C 612 1.18 30.97 43.86
CA GLY C 612 1.78 30.91 45.17
C GLY C 612 0.76 31.03 46.28
N THR C 613 0.89 30.24 47.34
CA THR C 613 0.00 30.31 48.48
C THR C 613 0.82 30.41 49.75
N LEU C 614 0.14 30.79 50.84
CA LEU C 614 0.76 30.80 52.17
C LEU C 614 0.52 29.41 52.77
N LEU C 615 1.51 28.54 52.66
CA LEU C 615 1.40 27.17 53.15
C LEU C 615 2.26 27.11 54.41
N THR C 616 1.60 27.27 55.57
CA THR C 616 2.29 27.48 56.84
C THR C 616 2.99 26.20 57.33
N ILE C 617 4.08 26.40 58.05
CA ILE C 617 4.97 25.32 58.46
C ILE C 617 4.96 25.24 59.98
N GLU C 618 4.74 24.05 60.51
CA GLU C 618 4.55 23.84 61.94
C GLU C 618 5.41 22.70 62.44
N ALA C 619 5.76 22.77 63.74
CA ALA C 619 6.66 21.80 64.35
C ALA C 619 6.40 21.74 65.85
N VAL C 620 6.62 20.57 66.43
CA VAL C 620 6.62 20.39 67.88
C VAL C 620 7.96 19.83 68.31
N ALA C 621 8.20 19.88 69.62
CA ALA C 621 9.39 19.29 70.22
C ALA C 621 8.94 18.39 71.37
N VAL C 622 9.33 17.13 71.32
CA VAL C 622 8.99 16.17 72.38
C VAL C 622 10.28 15.72 73.07
N PRO C 623 10.25 15.41 74.40
CA PRO C 623 11.47 14.95 75.08
C PRO C 623 11.99 13.59 74.64
N GLY C 624 13.13 13.56 73.93
CA GLY C 624 13.63 12.30 73.40
C GLY C 624 15.14 12.15 73.27
N THR C 625 15.58 11.71 72.09
CA THR C 625 17.00 11.47 71.81
C THR C 625 17.57 12.29 70.66
N GLY C 626 16.72 12.93 69.85
CA GLY C 626 17.18 13.72 68.73
C GLY C 626 16.84 13.21 67.35
N LYS C 627 15.83 12.34 67.21
CA LYS C 627 15.42 11.84 65.91
C LYS C 627 14.59 12.90 65.18
N VAL C 628 14.99 13.21 63.95
CA VAL C 628 14.44 14.34 63.20
C VAL C 628 13.73 13.77 61.97
N ASN C 629 12.40 13.72 62.02
CA ASN C 629 11.58 13.25 60.92
C ASN C 629 10.85 14.43 60.28
N LEU C 630 10.85 14.49 58.96
CA LEU C 630 10.07 15.48 58.20
C LEU C 630 9.25 14.74 57.16
N THR C 631 7.99 14.48 57.48
CA THR C 631 7.06 13.83 56.59
C THR C 631 6.22 14.89 55.86
N GLY C 632 5.29 14.43 55.02
CA GLY C 632 4.34 15.32 54.38
C GLY C 632 4.52 15.55 52.89
N ASN C 633 4.90 14.47 52.17
CA ASN C 633 5.06 14.40 50.71
C ASN C 633 6.12 15.37 50.17
N LEU C 634 7.09 15.73 51.03
CA LEU C 634 8.14 16.67 50.67
C LEU C 634 9.27 16.38 51.66
N GLY C 635 10.23 15.57 51.23
CA GLY C 635 11.11 14.90 52.15
C GLY C 635 12.49 15.50 52.32
N GLU C 636 13.41 15.08 51.46
CA GLU C 636 14.84 15.25 51.66
C GLU C 636 15.32 16.69 51.44
N VAL C 637 14.62 17.45 50.59
CA VAL C 637 14.98 18.85 50.32
C VAL C 637 14.70 19.73 51.54
N MET C 638 13.63 19.44 52.27
CA MET C 638 13.37 20.16 53.51
C MET C 638 14.26 19.70 54.67
N LYS C 639 14.63 18.41 54.69
CA LYS C 639 15.54 17.91 55.73
C LYS C 639 16.96 18.44 55.53
N GLU C 640 17.32 18.70 54.26
CA GLU C 640 18.57 19.34 53.85
C GLU C 640 18.77 20.71 54.50
N SER C 641 17.70 21.48 54.64
CA SER C 641 17.77 22.77 55.33
C SER C 641 17.51 22.64 56.83
N ALA C 642 16.67 21.68 57.23
CA ALA C 642 16.30 21.52 58.64
C ALA C 642 17.46 21.01 59.50
N HIS C 643 18.31 20.15 58.93
CA HIS C 643 19.50 19.67 59.63
C HIS C 643 20.53 20.78 59.83
N ALA C 644 20.70 21.64 58.82
CA ALA C 644 21.59 22.79 58.93
C ALA C 644 21.04 23.82 59.92
N ALA C 645 19.71 23.93 60.00
CA ALA C 645 19.07 24.76 61.02
C ALA C 645 19.30 24.22 62.43
N LEU C 646 19.22 22.90 62.60
CA LEU C 646 19.39 22.31 63.93
C LEU C 646 20.84 22.35 64.38
N THR C 647 21.79 22.22 63.46
CA THR C 647 23.17 22.41 63.87
C THR C 647 23.55 23.89 63.96
N TYR C 648 22.76 24.81 63.39
CA TYR C 648 22.90 26.21 63.78
C TYR C 648 22.42 26.43 65.21
N LEU C 649 21.35 25.75 65.61
CA LEU C 649 20.91 25.86 67.00
C LEU C 649 21.82 25.13 67.99
N ARG C 650 22.61 24.14 67.56
CA ARG C 650 23.75 23.78 68.41
C ARG C 650 24.85 24.84 68.36
N ALA C 651 25.00 25.53 67.23
CA ALA C 651 26.07 26.52 67.12
C ALA C 651 25.80 27.80 67.91
N HIS C 652 24.54 28.15 68.13
CA HIS C 652 24.18 29.42 68.77
C HIS C 652 23.04 29.27 69.77
N ARG C 653 23.17 28.33 70.70
CA ARG C 653 22.11 28.09 71.68
C ARG C 653 22.09 29.09 72.83
N GLU C 654 23.10 29.96 72.94
CA GLU C 654 23.31 30.76 74.15
C GLU C 654 22.32 31.92 74.26
N GLU C 655 22.02 32.60 73.16
CA GLU C 655 21.28 33.86 73.24
C GLU C 655 19.77 33.68 73.36
N TRP C 656 19.25 32.47 73.18
CA TRP C 656 17.81 32.24 73.26
C TRP C 656 17.42 31.35 74.44
N GLY C 657 18.32 31.19 75.41
CA GLY C 657 18.03 30.48 76.66
C GLY C 657 17.78 28.99 76.54
N LEU C 658 18.55 28.31 75.73
CA LEU C 658 18.28 26.91 75.45
C LEU C 658 18.94 25.99 76.47
N PRO C 659 18.39 24.78 76.64
CA PRO C 659 19.13 23.73 77.33
C PRO C 659 20.36 23.29 76.53
N GLU C 660 21.36 22.79 77.26
CA GLU C 660 22.64 22.46 76.66
C GLU C 660 22.57 21.18 75.82
N GLY C 661 22.08 20.10 76.42
CA GLY C 661 21.97 18.84 75.70
C GLY C 661 20.61 18.61 75.07
N PHE C 662 20.11 19.60 74.34
CA PHE C 662 18.78 19.52 73.75
C PHE C 662 18.71 18.54 72.58
N HIS C 663 19.83 18.34 71.87
CA HIS C 663 19.82 17.42 70.74
C HIS C 663 19.96 15.97 71.14
N LYS C 664 20.25 15.70 72.42
CA LYS C 664 20.14 14.35 72.98
C LYS C 664 19.04 14.25 74.02
N ASP C 665 18.35 15.36 74.33
CA ASP C 665 17.21 15.33 75.23
C ASP C 665 15.86 15.51 74.53
N TYR C 666 15.82 16.20 73.40
CA TYR C 666 14.56 16.44 72.70
C TYR C 666 14.55 15.80 71.32
N ASP C 667 13.49 15.05 71.01
CA ASP C 667 13.18 14.63 69.65
C ASP C 667 12.39 15.72 68.95
N LEU C 668 12.76 16.02 67.72
CA LEU C 668 12.18 17.15 66.99
C LEU C 668 11.52 16.62 65.73
N HIS C 669 10.19 16.45 65.77
CA HIS C 669 9.40 15.98 64.65
C HIS C 669 8.74 17.16 63.95
N ILE C 670 8.70 17.13 62.61
CA ILE C 670 8.18 18.22 61.79
C ILE C 670 7.33 17.53 60.71
N HIS C 671 6.23 18.15 60.26
CA HIS C 671 5.75 17.84 58.92
C HIS C 671 5.33 19.12 58.20
N VAL C 672 5.75 19.25 56.95
CA VAL C 672 5.12 20.17 56.01
C VAL C 672 3.73 19.62 55.67
N PRO C 673 2.66 20.43 55.75
CA PRO C 673 1.31 19.85 55.67
C PRO C 673 0.87 19.38 54.27
N GLU C 674 1.18 20.14 53.23
CA GLU C 674 0.74 19.75 51.89
C GLU C 674 1.91 19.66 50.91
N GLY C 675 2.87 20.56 51.02
CA GLY C 675 4.03 20.57 50.14
C GLY C 675 3.72 20.94 48.70
N ALA C 676 2.84 21.91 48.48
CA ALA C 676 2.50 22.37 47.14
C ALA C 676 3.64 23.24 46.64
N THR C 677 4.59 22.58 45.99
CA THR C 677 5.77 23.22 45.41
C THR C 677 6.30 22.30 44.31
N PRO C 678 7.06 22.83 43.36
CA PRO C 678 7.88 21.95 42.51
C PRO C 678 9.17 21.55 43.20
N LYS C 679 10.03 20.84 42.50
CA LYS C 679 11.31 20.40 43.04
C LYS C 679 12.41 21.45 42.88
N ASP C 680 12.07 22.63 42.35
CA ASP C 680 13.01 23.74 42.22
C ASP C 680 13.08 24.60 43.47
N GLY C 681 12.25 24.35 44.48
CA GLY C 681 12.19 25.22 45.63
C GLY C 681 12.59 24.58 46.94
N PRO C 682 13.77 24.95 47.46
CA PRO C 682 14.08 24.73 48.88
C PRO C 682 13.70 25.92 49.76
N SER C 683 12.79 26.77 49.27
CA SER C 683 12.57 28.13 49.75
C SER C 683 11.89 28.25 51.12
N ALA C 684 11.59 27.14 51.80
CA ALA C 684 11.12 27.19 53.17
C ALA C 684 12.24 26.94 54.20
N GLY C 685 13.48 27.30 53.88
CA GLY C 685 14.60 26.96 54.76
C GLY C 685 14.69 27.82 56.02
N ILE C 686 14.48 29.14 55.89
CA ILE C 686 14.47 29.93 57.11
C ILE C 686 13.15 29.78 57.85
N THR C 687 12.08 29.38 57.14
CA THR C 687 10.83 29.02 57.78
C THR C 687 10.95 27.74 58.59
N ILE C 688 11.69 26.74 58.07
CA ILE C 688 11.88 25.50 58.80
C ILE C 688 12.85 25.73 59.96
N ALA C 689 13.74 26.73 59.83
CA ALA C 689 14.61 27.14 60.92
C ALA C 689 13.83 27.79 62.07
N THR C 690 12.92 28.71 61.75
CA THR C 690 12.18 29.37 62.82
C THR C 690 11.06 28.50 63.37
N ALA C 691 10.52 27.55 62.59
CA ALA C 691 9.56 26.61 63.16
C ALA C 691 10.25 25.56 64.01
N LEU C 692 11.49 25.23 63.63
CA LEU C 692 12.34 24.34 64.42
C LEU C 692 12.71 24.97 65.75
N ALA C 693 13.08 26.26 65.75
CA ALA C 693 13.45 26.92 66.98
C ALA C 693 12.24 27.31 67.83
N SER C 694 11.11 27.64 67.18
CA SER C 694 9.92 28.00 67.94
C SER C 694 9.25 26.77 68.54
N ALA C 695 9.44 25.60 67.93
CA ALA C 695 9.11 24.36 68.61
C ALA C 695 10.05 24.11 69.78
N LEU C 696 11.34 24.43 69.60
CA LEU C 696 12.37 24.10 70.59
C LEU C 696 12.32 25.02 71.80
N THR C 697 12.18 26.33 71.57
CA THR C 697 12.17 27.28 72.68
C THR C 697 10.85 27.25 73.43
N GLY C 698 9.74 27.09 72.71
CA GLY C 698 8.44 27.40 73.22
C GLY C 698 8.01 28.83 72.99
N ARG C 699 8.91 29.68 72.51
CA ARG C 699 8.57 31.04 72.17
C ARG C 699 7.77 31.06 70.87
N PRO C 700 6.62 31.72 70.82
CA PRO C 700 5.81 31.72 69.60
C PRO C 700 6.36 32.64 68.53
N VAL C 701 5.98 32.36 67.29
CA VAL C 701 6.26 33.25 66.16
C VAL C 701 5.13 34.25 66.02
N ARG C 702 5.41 35.33 65.28
CA ARG C 702 4.55 36.50 65.26
C ARG C 702 3.41 36.37 64.26
N MET C 703 2.47 37.33 64.37
CA MET C 703 1.24 37.29 63.58
C MET C 703 1.50 37.64 62.13
N ASP C 704 2.23 38.74 61.89
CA ASP C 704 2.16 39.42 60.62
C ASP C 704 3.43 39.35 59.77
N ILE C 705 4.40 38.51 60.11
CA ILE C 705 5.65 38.46 59.38
C ILE C 705 5.75 37.13 58.64
N ALA C 706 5.91 37.21 57.32
CA ALA C 706 6.12 36.08 56.44
C ALA C 706 7.61 35.89 56.17
N MET C 707 7.96 34.69 55.72
CA MET C 707 9.23 34.11 56.14
C MET C 707 9.62 33.04 55.12
N THR C 708 10.61 33.33 54.25
CA THR C 708 11.01 32.38 53.21
C THR C 708 12.46 32.61 52.75
N GLY C 709 13.20 31.52 52.56
CA GLY C 709 14.62 31.60 52.29
C GLY C 709 15.29 30.23 52.33
N GLU C 710 16.63 30.25 52.37
CA GLU C 710 17.45 29.03 52.37
C GLU C 710 18.73 29.32 53.17
N ILE C 711 19.36 28.27 53.74
CA ILE C 711 20.47 28.44 54.69
C ILE C 711 21.63 27.48 54.43
N THR C 712 22.71 27.70 55.20
CA THR C 712 23.96 26.91 55.33
C THR C 712 24.17 26.46 56.79
N LEU C 713 25.37 25.94 57.08
CA LEU C 713 25.83 25.74 58.46
C LEU C 713 25.90 27.04 59.25
N ARG C 714 26.46 28.09 58.65
CA ARG C 714 26.94 29.26 59.39
C ARG C 714 25.83 30.16 59.88
N GLY C 715 24.59 29.92 59.49
CA GLY C 715 23.56 30.90 59.69
C GLY C 715 23.57 31.97 58.63
N ARG C 716 24.17 31.70 57.48
CA ARG C 716 24.12 32.64 56.36
C ARG C 716 22.91 32.30 55.50
N VAL C 717 22.05 33.28 55.28
CA VAL C 717 20.85 33.07 54.48
C VAL C 717 21.23 33.04 53.00
N LEU C 718 20.39 32.35 52.21
CA LEU C 718 20.67 32.14 50.81
C LEU C 718 19.50 32.64 49.97
N PRO C 719 19.77 33.23 48.80
CA PRO C 719 18.69 33.72 47.94
C PRO C 719 17.94 32.58 47.26
N ILE C 720 16.69 32.88 46.90
CA ILE C 720 15.74 31.92 46.37
C ILE C 720 15.14 32.48 45.08
N GLY C 721 14.21 31.71 44.50
CA GLY C 721 13.54 32.12 43.28
C GLY C 721 12.04 32.05 43.44
N GLY C 722 11.33 32.57 42.43
CA GLY C 722 9.89 32.68 42.48
C GLY C 722 9.39 33.66 43.51
N VAL C 723 10.11 34.77 43.71
CA VAL C 723 9.91 35.65 44.85
C VAL C 723 8.68 36.52 44.68
N LYS C 724 8.33 36.88 43.43
CA LYS C 724 7.16 37.70 43.13
C LYS C 724 5.85 36.98 43.46
N GLU C 725 5.81 35.66 43.28
CA GLU C 725 4.66 34.87 43.70
C GLU C 725 4.58 34.75 45.22
N LYS C 726 5.72 34.81 45.91
CA LYS C 726 5.70 34.79 47.37
C LYS C 726 5.19 36.12 47.93
N LEU C 727 5.58 37.23 47.31
CA LEU C 727 5.01 38.54 47.67
C LEU C 727 3.53 38.63 47.31
N LEU C 728 3.12 37.97 46.22
CA LEU C 728 1.70 37.82 45.87
C LEU C 728 0.93 37.04 46.93
N ALA C 729 1.49 35.92 47.39
CA ALA C 729 0.84 35.05 48.37
C ALA C 729 0.73 35.71 49.73
N ALA C 730 1.78 36.44 50.12
CA ALA C 730 1.74 37.22 51.36
C ALA C 730 0.73 38.36 51.27
N HIS C 731 0.69 39.07 50.14
CA HIS C 731 -0.16 40.25 50.02
C HIS C 731 -1.63 39.87 49.85
N GLN C 732 -1.93 38.66 49.35
CA GLN C 732 -3.31 38.20 49.36
C GLN C 732 -3.67 37.45 50.63
N ALA C 733 -2.68 37.03 51.42
CA ALA C 733 -2.95 36.25 52.63
C ALA C 733 -3.10 37.11 53.88
N GLY C 734 -3.35 38.40 53.73
CA GLY C 734 -3.51 39.28 54.88
C GLY C 734 -2.22 39.64 55.56
N ILE C 735 -1.09 39.47 54.89
CA ILE C 735 0.24 39.64 55.46
C ILE C 735 0.91 40.82 54.76
N HIS C 736 1.53 41.70 55.51
CA HIS C 736 2.18 42.85 54.91
C HIS C 736 3.63 43.03 55.32
N ARG C 737 4.06 42.46 56.44
CA ARG C 737 5.48 42.36 56.76
C ARG C 737 6.00 41.02 56.27
N VAL C 738 7.16 41.04 55.62
CA VAL C 738 7.74 39.85 55.00
C VAL C 738 9.26 40.01 54.98
N ILE C 739 9.96 38.92 55.28
CA ILE C 739 11.41 38.92 55.38
C ILE C 739 11.97 38.08 54.24
N LEU C 740 12.84 38.68 53.44
CA LEU C 740 13.59 38.05 52.37
C LEU C 740 15.07 38.11 52.69
N PRO C 741 15.89 37.23 52.11
CA PRO C 741 17.34 37.38 52.21
C PRO C 741 17.87 38.58 51.45
N LYS C 742 19.15 38.89 51.73
CA LYS C 742 19.80 40.11 51.22
C LYS C 742 20.07 40.07 49.73
N GLU C 743 20.15 38.89 49.13
CA GLU C 743 20.52 38.76 47.72
C GLU C 743 19.31 38.49 46.83
N ASN C 744 18.11 38.78 47.32
CA ASN C 744 16.91 38.75 46.51
C ASN C 744 16.45 40.14 46.10
N ALA C 745 17.31 41.15 46.27
CA ALA C 745 16.99 42.52 45.91
C ALA C 745 17.10 42.79 44.41
N ALA C 746 17.72 41.87 43.66
CA ALA C 746 17.88 42.06 42.22
C ALA C 746 16.57 41.89 41.48
N GLU C 747 15.68 41.01 41.97
CA GLU C 747 14.35 40.86 41.40
C GLU C 747 13.35 41.82 42.02
N LEU C 748 13.75 42.57 43.04
CA LEU C 748 12.90 43.63 43.60
C LEU C 748 13.22 44.98 42.99
N LYS C 749 13.24 45.03 41.65
CA LYS C 749 13.41 46.26 40.90
C LYS C 749 12.22 46.53 39.98
N GLU C 750 11.23 45.64 39.96
CA GLU C 750 10.11 45.73 39.04
C GLU C 750 8.82 45.48 39.81
N VAL C 751 7.72 46.00 39.25
CA VAL C 751 6.41 46.30 39.85
C VAL C 751 6.44 46.73 41.33
N PRO C 752 7.04 47.89 41.65
CA PRO C 752 7.24 48.23 43.07
C PRO C 752 6.06 48.90 43.75
N GLU C 753 4.97 49.14 43.04
CA GLU C 753 3.87 49.93 43.58
C GLU C 753 2.53 49.22 43.49
N GLU C 754 2.31 48.43 42.42
CA GLU C 754 1.03 47.73 42.23
C GLU C 754 0.87 46.58 43.22
N ILE C 755 1.94 45.81 43.44
CA ILE C 755 1.89 44.71 44.38
C ILE C 755 2.70 45.00 45.65
N LEU C 756 3.73 45.83 45.59
CA LEU C 756 4.58 46.12 46.74
C LEU C 756 4.18 47.44 47.40
N LYS C 757 2.92 47.50 47.84
CA LYS C 757 2.42 48.74 48.44
C LYS C 757 2.92 48.93 49.86
N ASP C 758 2.54 48.03 50.77
CA ASP C 758 3.09 48.00 52.12
C ASP C 758 4.14 46.90 52.13
N LEU C 759 5.35 47.26 51.71
CA LEU C 759 6.38 46.25 51.42
C LEU C 759 7.07 45.77 52.70
N GLU C 760 7.80 46.70 53.35
CA GLU C 760 8.67 46.53 54.54
C GLU C 760 9.50 45.23 54.57
N ILE C 761 10.40 45.13 53.59
CA ILE C 761 11.38 44.05 53.57
C ILE C 761 12.40 44.29 54.67
N HIS C 762 12.57 43.32 55.57
CA HIS C 762 13.76 43.25 56.39
C HIS C 762 14.78 42.44 55.61
N PHE C 763 15.67 43.12 54.89
CA PHE C 763 16.75 42.48 54.12
C PHE C 763 17.75 41.88 55.09
N VAL C 764 17.68 40.57 55.25
CA VAL C 764 18.37 39.88 56.34
C VAL C 764 19.64 39.24 55.80
N GLU C 765 20.68 39.21 56.64
CA GLU C 765 21.95 38.59 56.33
C GLU C 765 22.21 37.33 57.14
N GLU C 766 21.83 37.31 58.42
CA GLU C 766 22.13 36.19 59.30
C GLU C 766 20.86 35.68 59.97
N VAL C 767 20.93 34.41 60.39
CA VAL C 767 19.80 33.70 60.98
C VAL C 767 19.56 34.14 62.43
N GLY C 768 20.62 34.67 63.08
CA GLY C 768 20.49 35.13 64.47
C GLY C 768 19.61 36.36 64.64
N GLU C 769 19.73 37.34 63.73
CA GLU C 769 18.85 38.50 63.84
C GLU C 769 17.43 38.22 63.37
N VAL C 770 17.21 37.26 62.45
CA VAL C 770 15.82 37.00 62.05
C VAL C 770 15.11 36.15 63.10
N LEU C 771 15.86 35.31 63.82
CA LEU C 771 15.29 34.60 64.96
C LEU C 771 15.20 35.50 66.20
N LYS C 772 15.95 36.62 66.20
CA LYS C 772 15.69 37.68 67.16
C LYS C 772 14.42 38.45 66.82
N LEU C 773 14.19 38.70 65.52
CA LEU C 773 13.05 39.53 65.11
C LEU C 773 11.73 38.79 65.19
N LEU C 774 11.71 37.49 64.88
CA LEU C 774 10.44 36.78 64.84
C LEU C 774 10.06 36.17 66.19
N LEU C 775 11.02 35.76 66.98
CA LEU C 775 10.77 35.25 68.34
C LEU C 775 10.98 36.35 69.38
N LEU C 776 10.24 37.45 69.19
CA LEU C 776 10.20 38.51 70.20
C LEU C 776 9.54 38.11 71.54
N PRO C 777 8.35 37.48 71.62
CA PRO C 777 7.84 37.14 72.98
C PRO C 777 8.51 35.90 73.53
N PRO C 778 8.60 35.77 74.87
CA PRO C 778 9.12 34.55 75.49
C PRO C 778 8.17 33.37 75.36
N ARG D 6 32.14 -26.26 -84.79
CA ARG D 6 33.40 -25.52 -84.80
C ARG D 6 33.25 -24.25 -85.64
N LEU D 7 32.59 -23.24 -85.08
CA LEU D 7 32.30 -21.99 -85.77
C LEU D 7 32.94 -20.84 -85.01
N GLU D 8 33.72 -20.02 -85.72
CA GLU D 8 34.47 -18.93 -85.11
C GLU D 8 33.60 -17.67 -85.05
N LEU D 9 32.70 -17.66 -84.05
CA LEU D 9 31.77 -16.58 -83.79
C LEU D 9 31.94 -16.09 -82.35
N PRO D 10 31.79 -14.79 -82.08
CA PRO D 10 32.10 -14.27 -80.74
C PRO D 10 30.98 -14.54 -79.73
N VAL D 11 31.20 -14.08 -78.50
CA VAL D 11 30.33 -14.34 -77.36
C VAL D 11 29.78 -13.02 -76.85
N LEU D 12 28.45 -12.93 -76.78
CA LEU D 12 27.81 -11.96 -75.91
C LEU D 12 27.49 -12.67 -74.60
N PRO D 13 28.11 -12.29 -73.48
CA PRO D 13 27.80 -12.93 -72.21
C PRO D 13 26.44 -12.54 -71.67
N LEU D 14 25.86 -13.45 -70.88
CA LEU D 14 24.54 -13.28 -70.31
C LEU D 14 24.66 -13.09 -68.80
N ARG D 15 23.86 -12.16 -68.27
CA ARG D 15 24.00 -11.82 -66.85
C ARG D 15 23.28 -12.83 -65.96
N ASN D 16 21.96 -12.93 -66.09
CA ASN D 16 21.16 -13.83 -65.25
C ASN D 16 20.54 -14.98 -66.01
N THR D 17 19.79 -14.70 -67.07
CA THR D 17 19.09 -15.75 -67.79
C THR D 17 20.04 -16.51 -68.71
N VAL D 18 19.60 -17.70 -69.13
CA VAL D 18 20.30 -18.50 -70.13
C VAL D 18 19.31 -18.73 -71.26
N VAL D 19 19.68 -18.31 -72.47
CA VAL D 19 18.78 -18.32 -73.61
C VAL D 19 18.77 -19.71 -74.23
N LEU D 20 17.67 -20.42 -74.08
CA LEU D 20 17.48 -21.79 -74.52
C LEU D 20 17.05 -21.81 -76.00
N PRO D 21 17.37 -22.91 -76.72
CA PRO D 21 17.05 -22.98 -78.17
C PRO D 21 15.57 -22.93 -78.53
N HIS D 22 15.31 -22.31 -79.70
CA HIS D 22 13.99 -22.01 -80.27
C HIS D 22 13.10 -21.22 -79.32
N THR D 23 13.70 -20.21 -78.67
CA THR D 23 12.98 -19.37 -77.72
C THR D 23 13.48 -17.94 -77.86
N THR D 24 12.56 -16.99 -78.05
CA THR D 24 12.90 -15.59 -78.26
C THR D 24 12.79 -14.82 -76.95
N THR D 25 13.88 -14.16 -76.57
CA THR D 25 13.92 -13.34 -75.37
C THR D 25 14.94 -12.22 -75.56
N GLY D 26 15.07 -11.37 -74.56
CA GLY D 26 15.94 -10.20 -74.63
C GLY D 26 17.04 -10.24 -73.58
N VAL D 27 18.23 -9.81 -73.97
CA VAL D 27 19.40 -9.77 -73.10
C VAL D 27 19.91 -8.33 -73.06
N ASP D 28 20.02 -7.77 -71.87
CA ASP D 28 20.54 -6.41 -71.71
C ASP D 28 22.05 -6.41 -71.85
N VAL D 29 22.57 -5.49 -72.66
CA VAL D 29 23.98 -5.42 -73.01
C VAL D 29 24.57 -4.16 -72.38
N GLY D 30 25.29 -4.32 -71.27
CA GLY D 30 25.91 -3.21 -70.57
C GLY D 30 27.41 -3.05 -70.75
N ARG D 31 28.06 -3.91 -71.50
CA ARG D 31 29.50 -3.87 -71.72
C ARG D 31 29.78 -3.36 -73.12
N LEU D 32 30.72 -2.41 -73.25
CA LEU D 32 31.08 -1.84 -74.55
C LEU D 32 31.81 -2.85 -75.44
N LYS D 33 32.62 -3.73 -74.84
CA LYS D 33 33.25 -4.83 -75.56
C LYS D 33 32.21 -5.84 -76.05
N SER D 34 31.11 -5.99 -75.33
CA SER D 34 30.01 -6.81 -75.82
C SER D 34 29.27 -6.14 -76.97
N LYS D 35 29.24 -4.80 -77.02
CA LYS D 35 28.70 -4.11 -78.19
C LYS D 35 29.60 -4.29 -79.41
N ARG D 36 30.93 -4.32 -79.18
CA ARG D 36 31.84 -4.67 -80.27
C ARG D 36 31.70 -6.12 -80.71
N ALA D 37 31.37 -7.02 -79.77
CA ALA D 37 31.08 -8.41 -80.12
C ALA D 37 29.78 -8.56 -80.91
N VAL D 38 28.76 -7.77 -80.56
CA VAL D 38 27.49 -7.76 -81.30
C VAL D 38 27.67 -7.16 -82.70
N GLU D 39 28.45 -6.08 -82.82
CA GLU D 39 28.74 -5.49 -84.13
C GLU D 39 29.65 -6.36 -84.98
N GLU D 40 30.50 -7.18 -84.37
CA GLU D 40 31.25 -8.17 -85.14
C GLU D 40 30.36 -9.33 -85.58
N ALA D 41 29.46 -9.78 -84.71
CA ALA D 41 28.64 -10.96 -84.99
C ALA D 41 27.42 -10.67 -85.85
N LEU D 42 27.06 -9.40 -86.03
CA LEU D 42 25.84 -9.08 -86.78
C LEU D 42 26.02 -9.27 -88.28
N SER D 43 27.25 -9.14 -88.77
CA SER D 43 27.56 -9.41 -90.17
C SER D 43 27.92 -10.87 -90.44
N ALA D 44 28.22 -11.65 -89.40
CA ALA D 44 28.57 -13.06 -89.55
C ALA D 44 27.35 -13.95 -89.32
N ASP D 45 26.36 -13.74 -90.20
CA ASP D 45 25.10 -14.51 -90.33
C ASP D 45 24.24 -14.35 -89.04
N ARG D 46 24.41 -13.19 -88.37
CA ARG D 46 23.70 -12.74 -87.16
C ARG D 46 23.82 -13.72 -85.99
N LEU D 47 24.93 -14.44 -85.88
CA LEU D 47 25.05 -15.57 -84.97
C LEU D 47 25.96 -15.24 -83.80
N LEU D 48 25.48 -15.51 -82.59
CA LEU D 48 26.23 -15.31 -81.35
C LEU D 48 26.25 -16.60 -80.55
N PHE D 49 27.39 -16.87 -79.91
CA PHE D 49 27.49 -17.96 -78.94
C PHE D 49 27.21 -17.39 -77.56
N LEU D 50 25.97 -17.52 -77.08
CA LEU D 50 25.59 -16.92 -75.81
C LEU D 50 26.07 -17.82 -74.67
N VAL D 51 27.21 -17.45 -74.08
CA VAL D 51 27.82 -18.19 -72.98
C VAL D 51 27.72 -17.33 -71.73
N THR D 52 27.00 -17.83 -70.73
CA THR D 52 26.69 -17.01 -69.56
C THR D 52 27.87 -16.99 -68.58
N GLN D 53 27.75 -16.12 -67.58
CA GLN D 53 28.78 -15.89 -66.60
C GLN D 53 28.44 -16.71 -65.34
N LYS D 54 29.19 -16.53 -64.26
CA LYS D 54 29.08 -17.34 -63.05
C LYS D 54 29.25 -16.44 -61.84
N ASP D 55 29.61 -17.07 -60.70
CA ASP D 55 29.97 -16.67 -59.34
C ASP D 55 30.83 -15.39 -59.39
N PRO D 56 30.71 -14.41 -58.41
CA PRO D 56 30.14 -13.09 -58.71
C PRO D 56 30.35 -12.47 -60.09
N GLU D 57 29.24 -11.89 -60.57
CA GLU D 57 29.04 -11.45 -61.95
C GLU D 57 29.74 -10.11 -62.17
N VAL D 58 31.06 -10.18 -62.33
CA VAL D 58 31.88 -9.01 -62.63
C VAL D 58 31.69 -8.64 -64.09
N ASP D 59 31.61 -7.33 -64.39
CA ASP D 59 31.40 -6.84 -65.75
C ASP D 59 32.60 -7.04 -66.67
N ASP D 60 33.79 -7.35 -66.15
CA ASP D 60 34.93 -7.73 -66.98
C ASP D 60 35.26 -9.20 -66.69
N PRO D 61 34.79 -10.14 -67.51
CA PRO D 61 34.96 -11.55 -67.19
C PRO D 61 36.33 -12.10 -67.52
N ALA D 62 36.75 -13.06 -66.69
CA ALA D 62 37.88 -13.92 -66.98
C ALA D 62 37.47 -14.98 -68.00
N PRO D 63 38.43 -15.59 -68.72
CA PRO D 63 38.07 -16.76 -69.54
C PRO D 63 37.66 -17.99 -68.75
N GLU D 64 38.05 -18.09 -67.47
CA GLU D 64 37.53 -19.13 -66.59
C GLU D 64 36.31 -18.66 -65.79
N ASP D 65 35.81 -17.45 -66.07
CA ASP D 65 34.58 -16.95 -65.47
C ASP D 65 33.37 -17.20 -66.35
N LEU D 66 33.44 -18.17 -67.26
CA LEU D 66 32.32 -18.59 -68.07
C LEU D 66 32.05 -20.07 -67.82
N TYR D 67 30.77 -20.45 -67.87
CA TYR D 67 30.39 -21.83 -67.63
C TYR D 67 30.77 -22.72 -68.81
N ALA D 68 30.84 -24.03 -68.54
CA ALA D 68 31.46 -24.99 -69.44
C ALA D 68 30.61 -25.35 -70.65
N VAL D 69 29.33 -24.97 -70.69
CA VAL D 69 28.44 -25.29 -71.81
C VAL D 69 27.83 -23.99 -72.33
N GLY D 70 27.96 -23.75 -73.63
CA GLY D 70 27.43 -22.57 -74.27
C GLY D 70 26.24 -22.85 -75.16
N THR D 71 25.76 -21.79 -75.83
CA THR D 71 24.57 -21.86 -76.66
C THR D 71 24.73 -20.93 -77.86
N LEU D 72 24.62 -21.47 -79.07
CA LEU D 72 24.61 -20.66 -80.28
C LEU D 72 23.23 -20.02 -80.47
N ALA D 73 23.22 -18.76 -80.90
CA ALA D 73 21.98 -17.99 -81.00
C ALA D 73 21.99 -17.06 -82.21
N VAL D 74 20.85 -16.98 -82.91
CA VAL D 74 20.67 -16.05 -84.01
C VAL D 74 20.05 -14.76 -83.45
N VAL D 75 20.45 -13.62 -84.00
CA VAL D 75 20.02 -12.30 -83.51
C VAL D 75 18.91 -11.79 -84.41
N LYS D 76 17.74 -11.51 -83.82
CA LYS D 76 16.64 -10.96 -84.58
C LYS D 76 16.85 -9.47 -84.89
N GLN D 77 17.16 -8.67 -83.86
CA GLN D 77 17.39 -7.25 -84.06
C GLN D 77 18.41 -6.77 -83.03
N ALA D 78 19.05 -5.65 -83.35
CA ALA D 78 20.16 -5.08 -82.59
C ALA D 78 19.93 -3.60 -82.33
N MET D 79 18.75 -3.26 -81.80
CA MET D 79 18.38 -1.87 -81.54
C MET D 79 19.17 -1.29 -80.37
N ARG D 80 19.29 0.03 -80.37
CA ARG D 80 20.09 0.76 -79.39
C ARG D 80 19.20 1.66 -78.55
N LEU D 81 19.26 1.49 -77.24
CA LEU D 81 18.67 2.46 -76.34
C LEU D 81 19.56 3.71 -76.29
N PRO D 82 18.97 4.91 -76.14
CA PRO D 82 19.77 6.15 -76.33
C PRO D 82 20.76 6.48 -75.22
N ASP D 83 20.76 5.78 -74.08
CA ASP D 83 21.85 5.95 -73.13
C ASP D 83 23.13 5.29 -73.62
N GLY D 84 23.00 4.25 -74.45
CA GLY D 84 24.15 3.57 -75.01
C GLY D 84 23.96 2.07 -75.06
N THR D 85 23.13 1.54 -74.16
CA THR D 85 22.94 0.10 -74.04
C THR D 85 22.03 -0.43 -75.16
N LEU D 86 22.03 -1.75 -75.31
CA LEU D 86 21.30 -2.43 -76.38
C LEU D 86 20.42 -3.50 -75.78
N GLN D 87 19.12 -3.44 -76.06
CA GLN D 87 18.19 -4.52 -75.70
C GLN D 87 18.07 -5.42 -76.92
N VAL D 88 18.92 -6.44 -76.98
CA VAL D 88 19.05 -7.29 -78.16
C VAL D 88 18.07 -8.45 -78.03
N MET D 89 17.15 -8.56 -78.99
CA MET D 89 16.27 -9.72 -79.09
C MET D 89 17.05 -10.89 -79.64
N VAL D 90 17.22 -11.94 -78.83
CA VAL D 90 17.96 -13.13 -79.22
C VAL D 90 17.00 -14.33 -79.26
N GLU D 91 17.21 -15.18 -80.25
CA GLU D 91 16.55 -16.49 -80.31
C GLU D 91 17.64 -17.53 -80.50
N ALA D 92 17.65 -18.55 -79.66
CA ALA D 92 18.77 -19.47 -79.68
C ALA D 92 18.49 -20.69 -80.56
N ARG D 93 19.57 -21.36 -80.95
CA ARG D 93 19.52 -22.41 -81.96
C ARG D 93 19.93 -23.77 -81.42
N SER D 94 21.11 -23.88 -80.81
CA SER D 94 21.61 -25.16 -80.32
C SER D 94 22.61 -24.91 -79.20
N ARG D 95 22.77 -25.93 -78.36
CA ARG D 95 23.73 -25.87 -77.26
C ARG D 95 25.13 -26.21 -77.75
N ALA D 96 26.13 -25.53 -77.17
CA ALA D 96 27.52 -25.65 -77.61
C ALA D 96 28.42 -26.00 -76.43
N ARG D 97 29.60 -26.53 -76.75
CA ARG D 97 30.57 -26.97 -75.76
C ARG D 97 31.84 -26.16 -75.89
N LEU D 98 32.45 -25.85 -74.74
CA LEU D 98 33.65 -25.01 -74.70
C LEU D 98 34.93 -25.83 -74.78
N LEU D 99 35.88 -25.33 -75.56
CA LEU D 99 37.21 -25.95 -75.68
C LEU D 99 38.31 -25.03 -75.16
N SER D 100 38.44 -23.82 -75.70
CA SER D 100 39.52 -22.90 -75.32
C SER D 100 39.08 -21.49 -75.71
N TYR D 101 39.02 -20.58 -74.73
CA TYR D 101 38.52 -19.23 -74.96
C TYR D 101 39.64 -18.21 -74.76
N VAL D 102 39.59 -17.15 -75.57
CA VAL D 102 40.64 -16.12 -75.63
C VAL D 102 40.03 -14.81 -75.14
N ALA D 103 40.68 -14.17 -74.17
CA ALA D 103 40.20 -12.91 -73.60
C ALA D 103 40.98 -11.74 -74.21
N ALA D 104 40.56 -11.36 -75.41
CA ALA D 104 40.95 -10.14 -76.11
C ALA D 104 39.67 -9.47 -76.59
N PRO D 105 39.51 -8.12 -76.40
CA PRO D 105 38.33 -7.55 -75.72
C PRO D 105 36.99 -8.29 -75.72
N TYR D 106 36.56 -8.88 -76.85
CA TYR D 106 35.41 -9.79 -76.86
C TYR D 106 35.81 -11.19 -76.35
N LEU D 107 34.95 -12.18 -76.55
CA LEU D 107 35.28 -13.54 -76.16
C LEU D 107 35.06 -14.46 -77.36
N ARG D 108 36.11 -15.20 -77.72
CA ARG D 108 36.10 -16.06 -78.90
C ARG D 108 35.60 -17.45 -78.51
N ALA D 109 34.84 -18.07 -79.41
CA ALA D 109 34.16 -19.32 -79.08
C ALA D 109 34.44 -20.42 -80.10
N VAL D 110 34.93 -21.55 -79.60
CA VAL D 110 34.57 -22.87 -80.10
C VAL D 110 33.97 -23.65 -78.91
N GLY D 111 32.76 -24.20 -79.09
CA GLY D 111 31.92 -24.12 -80.28
C GLY D 111 31.62 -25.48 -80.87
N GLU D 112 30.43 -25.99 -80.56
CA GLU D 112 29.97 -27.31 -80.97
C GLU D 112 28.46 -27.25 -81.19
N ALA D 113 27.86 -28.42 -81.39
CA ALA D 113 26.41 -28.58 -81.45
C ALA D 113 26.08 -30.00 -81.00
N ILE D 114 25.09 -30.14 -80.12
CA ILE D 114 24.75 -31.46 -79.57
C ILE D 114 23.32 -31.84 -79.94
N PRO D 115 23.06 -32.48 -81.10
CA PRO D 115 21.76 -33.16 -81.30
C PRO D 115 21.80 -34.65 -80.92
N GLU D 116 21.81 -34.92 -79.62
CA GLU D 116 22.01 -36.28 -79.11
C GLU D 116 20.81 -36.76 -78.31
N PRO D 117 19.90 -37.53 -78.91
CA PRO D 117 18.86 -38.20 -78.11
C PRO D 117 19.29 -39.60 -77.71
N PRO D 118 18.81 -40.10 -76.56
CA PRO D 118 19.11 -41.49 -76.19
C PRO D 118 18.18 -42.49 -76.83
N LEU D 119 18.31 -43.76 -76.43
CA LEU D 119 17.40 -44.82 -76.88
C LEU D 119 16.21 -44.91 -75.91
N LYS D 120 15.41 -45.97 -76.10
CA LYS D 120 14.17 -46.28 -75.35
C LYS D 120 13.17 -45.12 -75.40
N ASP D 121 12.97 -44.58 -76.61
CA ASP D 121 12.06 -43.43 -76.77
C ASP D 121 10.57 -43.78 -76.64
N PRO D 122 9.94 -44.63 -77.48
CA PRO D 122 8.47 -44.60 -77.53
C PRO D 122 7.77 -45.37 -76.41
N GLU D 123 8.49 -46.01 -75.51
CA GLU D 123 7.89 -46.69 -74.37
C GLU D 123 7.99 -45.89 -73.08
N LEU D 124 9.11 -45.20 -72.86
CA LEU D 124 9.32 -44.41 -71.65
C LEU D 124 9.24 -42.91 -71.91
N ALA D 125 9.94 -42.42 -72.94
CA ALA D 125 10.00 -40.99 -73.20
C ALA D 125 8.70 -40.45 -73.77
N ARG D 126 7.92 -41.30 -74.46
CA ARG D 126 6.60 -40.91 -74.95
C ARG D 126 5.61 -40.64 -73.81
N VAL D 127 5.75 -41.37 -72.71
CA VAL D 127 4.96 -41.06 -71.52
C VAL D 127 5.60 -39.89 -70.75
N LEU D 128 6.93 -39.77 -70.80
CA LEU D 128 7.65 -38.81 -69.98
C LEU D 128 7.47 -37.37 -70.44
N VAL D 129 7.47 -37.15 -71.77
CA VAL D 129 7.21 -35.82 -72.34
C VAL D 129 5.76 -35.39 -72.09
N ASN D 130 4.83 -36.35 -72.10
CA ASN D 130 3.44 -36.10 -71.73
C ASN D 130 3.30 -35.75 -70.23
N GLU D 131 4.15 -36.35 -69.39
CA GLU D 131 4.17 -35.97 -67.97
C GLU D 131 4.76 -34.58 -67.73
N VAL D 132 5.75 -34.19 -68.55
CA VAL D 132 6.28 -32.83 -68.51
C VAL D 132 5.21 -31.82 -68.97
N GLN D 133 4.39 -32.21 -69.96
CA GLN D 133 3.23 -31.42 -70.40
C GLN D 133 2.19 -31.29 -69.29
N GLU D 134 1.88 -32.39 -68.59
CA GLU D 134 0.89 -32.37 -67.53
C GLU D 134 1.37 -31.62 -66.29
N ALA D 135 2.69 -31.59 -66.05
CA ALA D 135 3.21 -30.75 -64.97
C ALA D 135 3.20 -29.28 -65.36
N PHE D 136 3.57 -28.96 -66.60
CA PHE D 136 3.78 -27.57 -66.99
C PHE D 136 2.47 -26.85 -67.30
N GLU D 137 1.47 -27.57 -67.82
CA GLU D 137 0.14 -26.99 -67.98
C GLU D 137 -0.59 -26.80 -66.65
N ARG D 138 -0.22 -27.55 -65.60
CA ARG D 138 -0.67 -27.24 -64.26
C ARG D 138 0.21 -26.22 -63.56
N TYR D 139 1.43 -26.00 -64.06
CA TYR D 139 2.29 -24.93 -63.57
C TYR D 139 1.83 -23.57 -64.09
N LEU D 140 1.05 -23.57 -65.18
CA LEU D 140 0.40 -22.38 -65.75
C LEU D 140 -0.42 -21.55 -64.75
N GLN D 141 -1.30 -22.21 -63.98
CA GLN D 141 -2.23 -21.48 -63.14
C GLN D 141 -1.58 -20.91 -61.89
N ASN D 142 -0.61 -21.60 -61.30
CA ASN D 142 0.12 -21.09 -60.15
C ASN D 142 1.46 -20.46 -60.51
N HIS D 143 1.72 -20.23 -61.79
CA HIS D 143 2.72 -19.28 -62.25
C HIS D 143 2.10 -17.92 -62.51
N LYS D 144 1.09 -17.87 -63.38
CA LYS D 144 0.09 -16.82 -63.63
C LYS D 144 0.63 -15.52 -64.24
N THR D 145 1.95 -15.37 -64.42
CA THR D 145 2.53 -14.15 -64.97
C THR D 145 2.86 -14.27 -66.45
N LEU D 146 2.41 -15.34 -67.11
CA LEU D 146 2.68 -15.49 -68.54
C LEU D 146 1.41 -15.78 -69.32
N ARG D 147 1.56 -16.11 -70.60
CA ARG D 147 0.45 -16.17 -71.53
C ARG D 147 -0.30 -17.50 -71.40
N LEU D 148 -1.62 -17.46 -71.62
CA LEU D 148 -2.48 -18.60 -71.37
C LEU D 148 -2.33 -19.69 -72.43
N ASP D 149 -2.27 -19.32 -73.70
CA ASP D 149 -2.19 -20.33 -74.76
C ASP D 149 -0.77 -20.67 -75.18
N ARG D 150 0.24 -19.95 -74.65
CA ARG D 150 1.62 -20.18 -75.03
C ARG D 150 2.17 -21.50 -74.48
N TYR D 151 1.73 -21.89 -73.28
CA TYR D 151 2.19 -23.15 -72.70
C TYR D 151 1.57 -24.35 -73.39
N GLN D 152 0.35 -24.20 -73.91
CA GLN D 152 -0.25 -25.24 -74.73
C GLN D 152 0.31 -25.25 -76.15
N GLN D 153 0.80 -24.10 -76.63
CA GLN D 153 1.54 -24.08 -77.89
C GLN D 153 2.95 -24.65 -77.74
N GLU D 154 3.48 -24.70 -76.53
CA GLU D 154 4.79 -25.29 -76.26
C GLU D 154 4.68 -26.68 -75.62
N ALA D 155 3.51 -27.31 -75.75
CA ALA D 155 3.25 -28.63 -75.22
C ALA D 155 3.54 -29.69 -76.28
N VAL D 156 3.05 -30.91 -76.03
CA VAL D 156 3.21 -32.05 -76.94
C VAL D 156 2.41 -31.83 -78.23
N LYS D 157 1.27 -31.12 -78.12
CA LYS D 157 0.32 -30.94 -79.21
C LYS D 157 0.85 -30.09 -80.37
N SER D 158 1.88 -29.28 -80.14
CA SER D 158 2.51 -28.53 -81.22
C SER D 158 4.02 -28.73 -81.32
N THR D 159 4.69 -29.19 -80.27
CA THR D 159 6.12 -29.47 -80.29
C THR D 159 6.33 -30.96 -80.03
N ARG D 160 7.04 -31.63 -80.94
CA ARG D 160 7.26 -33.07 -80.84
C ARG D 160 8.66 -33.41 -80.35
N ASP D 161 9.64 -32.57 -80.65
CA ASP D 161 11.04 -32.81 -80.26
C ASP D 161 11.19 -32.56 -78.76
N PRO D 162 11.67 -33.54 -77.97
CA PRO D 162 11.81 -33.30 -76.53
C PRO D 162 12.94 -32.36 -76.14
N ALA D 163 13.92 -32.12 -77.02
CA ALA D 163 14.94 -31.12 -76.74
C ALA D 163 14.35 -29.71 -76.82
N ILE D 164 13.59 -29.43 -77.88
CA ILE D 164 12.97 -28.13 -78.08
C ILE D 164 11.86 -27.89 -77.05
N LEU D 165 11.09 -28.95 -76.74
CA LEU D 165 10.06 -28.85 -75.72
C LEU D 165 10.65 -28.72 -74.32
N ALA D 166 11.80 -29.37 -74.07
CA ALA D 166 12.50 -29.20 -72.79
C ALA D 166 13.05 -27.79 -72.62
N ASP D 167 13.53 -27.19 -73.72
CA ASP D 167 13.95 -25.79 -73.71
C ASP D 167 12.78 -24.84 -73.50
N LEU D 168 11.62 -25.14 -74.10
CA LEU D 168 10.46 -24.26 -73.96
C LEU D 168 9.79 -24.38 -72.60
N VAL D 169 9.84 -25.57 -71.97
CA VAL D 169 9.44 -25.69 -70.56
C VAL D 169 10.43 -24.97 -69.66
N ALA D 170 11.73 -25.17 -69.87
CA ALA D 170 12.73 -24.70 -68.93
C ALA D 170 13.06 -23.22 -69.05
N HIS D 171 12.66 -22.54 -70.14
CA HIS D 171 12.95 -21.11 -70.24
C HIS D 171 11.92 -20.25 -69.52
N HIS D 172 10.68 -20.73 -69.37
CA HIS D 172 9.55 -19.89 -68.96
C HIS D 172 9.39 -19.81 -67.44
N ALA D 173 10.47 -19.90 -66.69
CA ALA D 173 10.52 -19.55 -65.28
C ALA D 173 11.76 -18.69 -65.05
N THR D 174 11.90 -18.17 -63.83
CA THR D 174 13.04 -17.34 -63.46
C THR D 174 13.87 -18.16 -62.48
N TRP D 175 14.92 -18.81 -62.97
CA TRP D 175 15.61 -19.78 -62.15
C TRP D 175 16.78 -19.09 -61.43
N THR D 176 17.67 -19.89 -60.87
CA THR D 176 19.03 -19.44 -60.58
C THR D 176 19.97 -19.90 -61.69
N LEU D 177 21.16 -19.31 -61.68
CA LEU D 177 22.08 -19.37 -62.82
C LEU D 177 22.74 -20.74 -62.98
N GLU D 178 23.17 -21.33 -61.86
CA GLU D 178 23.81 -22.64 -61.86
C GLU D 178 22.82 -23.75 -62.21
N GLU D 179 21.56 -23.59 -61.82
CA GLU D 179 20.57 -24.59 -62.20
C GLU D 179 20.10 -24.43 -63.65
N LYS D 180 20.19 -23.22 -64.22
CA LYS D 180 20.05 -23.05 -65.67
C LYS D 180 21.22 -23.72 -66.41
N GLN D 181 22.42 -23.68 -65.81
CA GLN D 181 23.54 -24.44 -66.37
C GLN D 181 23.34 -25.95 -66.24
N THR D 182 22.64 -26.42 -65.20
CA THR D 182 22.39 -27.86 -65.15
C THR D 182 21.25 -28.28 -66.09
N ILE D 183 20.38 -27.35 -66.50
CA ILE D 183 19.54 -27.61 -67.68
C ILE D 183 20.42 -27.74 -68.92
N LEU D 184 21.32 -26.78 -69.10
CA LEU D 184 22.03 -26.61 -70.36
C LEU D 184 23.11 -27.67 -70.57
N GLU D 185 23.64 -28.22 -69.48
CA GLU D 185 24.78 -29.13 -69.55
C GLU D 185 24.38 -30.52 -70.05
N THR D 186 23.17 -30.96 -69.71
CA THR D 186 22.78 -32.36 -69.87
C THR D 186 22.47 -32.70 -71.32
N PRO D 187 23.15 -33.70 -71.93
CA PRO D 187 22.79 -34.13 -73.28
C PRO D 187 21.66 -35.16 -73.31
N GLU D 188 21.42 -35.81 -72.17
CA GLU D 188 20.39 -36.82 -72.06
C GLU D 188 19.03 -36.15 -72.00
N VAL D 189 18.06 -36.73 -72.71
CA VAL D 189 16.68 -36.22 -72.66
C VAL D 189 16.05 -36.51 -71.31
N GLU D 190 16.18 -37.76 -70.85
CA GLU D 190 15.48 -38.23 -69.64
C GLU D 190 16.06 -37.63 -68.36
N GLU D 191 17.36 -37.36 -68.34
CA GLU D 191 18.00 -36.77 -67.15
C GLU D 191 17.60 -35.32 -66.97
N ARG D 192 17.58 -34.52 -68.04
CA ARG D 192 17.15 -33.13 -67.91
C ARG D 192 15.63 -33.02 -67.74
N LEU D 193 14.86 -33.98 -68.27
CA LEU D 193 13.41 -33.96 -68.03
C LEU D 193 13.06 -34.37 -66.61
N LYS D 194 13.79 -35.33 -66.03
CA LYS D 194 13.61 -35.65 -64.62
C LYS D 194 14.15 -34.54 -63.71
N ARG D 195 15.16 -33.79 -64.17
CA ARG D 195 15.66 -32.63 -63.45
C ARG D 195 14.61 -31.52 -63.39
N VAL D 196 13.98 -31.21 -64.53
CA VAL D 196 12.97 -30.15 -64.51
C VAL D 196 11.68 -30.63 -63.87
N LEU D 197 11.37 -31.94 -63.92
CA LEU D 197 10.22 -32.49 -63.19
C LEU D 197 10.47 -32.51 -61.68
N ALA D 198 11.73 -32.64 -61.26
CA ALA D 198 12.03 -32.57 -59.84
C ALA D 198 11.98 -31.14 -59.32
N LEU D 199 12.48 -30.18 -60.10
CA LEU D 199 12.69 -28.85 -59.52
C LEU D 199 12.30 -27.72 -60.46
N LEU D 200 11.16 -27.86 -61.16
CA LEU D 200 10.55 -26.68 -61.78
C LEU D 200 9.89 -25.79 -60.74
N LEU D 201 9.46 -26.39 -59.63
CA LEU D 201 8.38 -25.83 -58.83
C LEU D 201 8.84 -24.71 -57.89
N ARG D 202 10.10 -24.71 -57.45
CA ARG D 202 10.56 -23.75 -56.44
C ARG D 202 10.78 -22.35 -57.00
N ASP D 203 10.67 -22.17 -58.31
CA ASP D 203 10.80 -20.90 -58.99
C ASP D 203 9.43 -20.20 -59.08
N LEU D 204 8.91 -19.90 -57.89
CA LEU D 204 7.61 -19.25 -57.65
C LEU D 204 6.42 -20.02 -58.25
N GLU D 205 6.41 -21.35 -58.12
CA GLU D 205 5.17 -22.08 -58.31
C GLU D 205 4.28 -21.95 -57.08
N ARG D 206 4.88 -21.96 -55.89
CA ARG D 206 4.10 -21.94 -54.67
C ARG D 206 3.83 -20.51 -54.20
N PHE D 207 4.26 -19.49 -54.97
CA PHE D 207 4.00 -18.10 -54.63
C PHE D 207 2.53 -17.74 -54.81
N GLU D 208 1.85 -18.33 -55.81
CA GLU D 208 0.42 -18.06 -55.96
C GLU D 208 -0.37 -18.84 -54.92
N LEU D 209 0.16 -19.98 -54.46
CA LEU D 209 -0.43 -20.68 -53.33
C LEU D 209 -0.17 -19.94 -52.02
N ASP D 210 0.93 -19.18 -51.95
CA ASP D 210 1.18 -18.28 -50.83
C ASP D 210 0.21 -17.10 -50.90
N LYS D 211 -0.19 -16.68 -52.10
CA LYS D 211 -1.26 -15.70 -52.21
C LYS D 211 -2.63 -16.29 -51.86
N LYS D 212 -2.82 -17.60 -52.10
CA LYS D 212 -4.01 -18.28 -51.56
C LYS D 212 -3.98 -18.38 -50.05
N ILE D 213 -2.79 -18.53 -49.46
CA ILE D 213 -2.62 -18.45 -48.01
C ILE D 213 -2.95 -17.04 -47.51
N ALA D 214 -2.48 -16.02 -48.23
CA ALA D 214 -2.78 -14.62 -47.90
C ALA D 214 -4.24 -14.25 -48.11
N ALA D 215 -4.96 -14.99 -48.96
CA ALA D 215 -6.42 -14.86 -49.06
C ALA D 215 -7.11 -15.24 -47.75
N ARG D 216 -6.70 -16.36 -47.12
CA ARG D 216 -7.29 -16.67 -45.82
C ARG D 216 -6.69 -15.82 -44.70
N VAL D 217 -5.52 -15.20 -44.91
CA VAL D 217 -5.05 -14.15 -43.99
C VAL D 217 -5.99 -12.94 -44.04
N LYS D 218 -6.45 -12.57 -45.24
CA LYS D 218 -7.43 -11.48 -45.35
C LYS D 218 -8.81 -11.90 -44.85
N GLU D 219 -9.16 -13.19 -44.96
CA GLU D 219 -10.40 -13.66 -44.32
C GLU D 219 -10.30 -13.65 -42.80
N GLN D 220 -9.15 -14.08 -42.24
CA GLN D 220 -8.92 -14.03 -40.80
C GLN D 220 -8.82 -12.60 -40.29
N MET D 221 -8.31 -11.70 -41.12
CA MET D 221 -8.40 -10.26 -40.93
C MET D 221 -9.86 -9.80 -40.86
N ASP D 222 -10.73 -10.37 -41.71
CA ASP D 222 -12.13 -9.98 -41.71
C ASP D 222 -12.88 -10.46 -40.45
N GLN D 223 -12.63 -11.71 -39.97
CA GLN D 223 -13.31 -12.02 -38.69
C GLN D 223 -12.61 -11.41 -37.49
N ASN D 224 -11.34 -11.03 -37.58
CA ASN D 224 -10.71 -10.31 -36.47
C ASN D 224 -11.25 -8.89 -36.36
N GLN D 225 -11.46 -8.23 -37.51
CA GLN D 225 -12.14 -6.94 -37.52
C GLN D 225 -13.62 -7.06 -37.16
N ARG D 226 -14.23 -8.21 -37.45
CA ARG D 226 -15.61 -8.48 -37.02
C ARG D 226 -15.71 -8.62 -35.49
N GLU D 227 -14.75 -9.32 -34.87
CA GLU D 227 -14.73 -9.44 -33.41
C GLU D 227 -14.39 -8.12 -32.73
N TYR D 228 -13.49 -7.33 -33.34
CA TYR D 228 -13.14 -6.01 -32.83
C TYR D 228 -14.32 -5.03 -32.94
N TYR D 229 -15.04 -5.08 -34.06
CA TYR D 229 -16.25 -4.29 -34.27
C TYR D 229 -17.39 -4.73 -33.35
N LEU D 230 -17.49 -6.03 -33.05
CA LEU D 230 -18.53 -6.54 -32.17
C LEU D 230 -18.28 -6.11 -30.72
N ARG D 231 -17.02 -6.22 -30.28
CA ARG D 231 -16.59 -5.78 -28.96
C ARG D 231 -16.75 -4.28 -28.78
N GLU D 232 -16.52 -3.50 -29.84
CA GLU D 232 -16.80 -2.07 -29.72
C GLU D 232 -18.28 -1.71 -29.84
N GLN D 233 -19.10 -2.47 -30.59
CA GLN D 233 -20.51 -2.09 -30.66
C GLN D 233 -21.28 -2.50 -29.41
N MET D 234 -20.76 -3.45 -28.64
CA MET D 234 -21.42 -3.69 -27.36
C MET D 234 -21.10 -2.58 -26.36
N LYS D 235 -19.88 -2.00 -26.46
CA LYS D 235 -19.56 -0.77 -25.74
C LYS D 235 -20.39 0.42 -26.24
N ALA D 236 -20.75 0.41 -27.52
CA ALA D 236 -21.68 1.41 -28.06
C ALA D 236 -23.08 1.27 -27.48
N ILE D 237 -23.54 0.04 -27.21
CA ILE D 237 -24.77 -0.14 -26.45
C ILE D 237 -24.57 0.31 -24.98
N GLN D 238 -23.38 0.09 -24.42
CA GLN D 238 -23.10 0.46 -23.03
C GLN D 238 -23.02 1.97 -22.80
N LYS D 239 -22.67 2.76 -23.84
CA LYS D 239 -22.54 4.22 -23.68
C LYS D 239 -23.87 4.92 -23.43
N GLU D 240 -24.96 4.41 -23.98
CA GLU D 240 -26.29 4.88 -23.63
C GLU D 240 -27.08 3.90 -22.79
N LEU D 241 -26.47 2.78 -22.40
CA LEU D 241 -26.90 2.12 -21.17
C LEU D 241 -26.59 3.01 -19.97
N GLY D 242 -25.41 3.64 -19.97
CA GLY D 242 -25.13 4.65 -18.96
C GLY D 242 -23.72 4.71 -18.44
N GLY D 243 -22.84 3.84 -18.93
CA GLY D 243 -21.47 3.79 -18.44
C GLY D 243 -20.60 4.95 -18.88
N GLY D 244 -21.00 5.69 -19.92
CA GLY D 244 -20.24 6.82 -20.39
C GLY D 244 -20.88 8.16 -20.08
N GLU D 245 -21.67 8.24 -19.02
CA GLU D 245 -22.32 9.47 -18.60
C GLU D 245 -21.49 10.16 -17.52
N ASP D 246 -22.04 11.25 -16.98
CA ASP D 246 -21.29 12.05 -16.00
C ASP D 246 -21.29 11.39 -14.63
N PHE D 247 -22.39 10.76 -14.23
CA PHE D 247 -22.52 10.22 -12.89
C PHE D 247 -21.76 8.91 -12.72
N LEU D 248 -21.57 8.16 -13.80
CA LEU D 248 -21.12 6.77 -13.73
C LEU D 248 -19.66 6.65 -14.17
N THR D 249 -18.84 6.07 -13.28
CA THR D 249 -17.39 5.72 -13.40
C THR D 249 -16.50 6.76 -14.12
N GLU D 250 -16.53 7.99 -13.61
CA GLU D 250 -15.34 8.84 -13.60
C GLU D 250 -15.38 9.72 -12.36
N ILE D 251 -14.34 10.56 -12.21
CA ILE D 251 -14.17 11.40 -11.04
C ILE D 251 -14.89 12.74 -11.14
N GLU D 252 -15.68 12.96 -12.21
CA GLU D 252 -16.39 14.22 -12.38
C GLU D 252 -17.55 14.34 -11.40
N GLU D 253 -18.10 13.20 -10.95
CA GLU D 253 -19.08 13.18 -9.87
C GLU D 253 -18.44 13.58 -8.54
N LEU D 254 -17.15 13.27 -8.34
CA LEU D 254 -16.44 13.72 -7.14
C LEU D 254 -16.17 15.21 -7.16
N ARG D 255 -16.12 15.83 -8.33
CA ARG D 255 -16.02 17.29 -8.40
C ARG D 255 -17.33 17.95 -8.02
N GLU D 256 -18.46 17.33 -8.40
CA GLU D 256 -19.77 17.93 -8.16
C GLU D 256 -20.18 17.88 -6.69
N ARG D 257 -19.64 16.92 -5.92
CA ARG D 257 -19.92 16.84 -4.49
C ARG D 257 -19.27 17.97 -3.70
N ILE D 258 -18.22 18.59 -4.24
CA ILE D 258 -17.56 19.70 -3.57
C ILE D 258 -18.46 20.94 -3.58
N GLU D 259 -18.98 21.30 -4.75
CA GLU D 259 -19.92 22.42 -4.80
C GLU D 259 -21.32 22.04 -4.35
N LYS D 260 -21.64 20.73 -4.25
CA LYS D 260 -22.87 20.32 -3.59
C LYS D 260 -22.73 20.47 -2.08
N LYS D 261 -21.52 20.32 -1.55
CA LYS D 261 -21.31 20.30 -0.11
C LYS D 261 -21.34 21.70 0.52
N GLY D 262 -21.15 22.75 -0.28
CA GLY D 262 -20.89 24.06 0.29
C GLY D 262 -19.53 24.12 0.95
N MET D 263 -18.57 23.44 0.38
CA MET D 263 -17.31 23.03 0.97
C MET D 263 -16.31 24.18 0.86
N PRO D 264 -15.65 24.57 1.97
CA PRO D 264 -15.07 25.93 2.07
C PRO D 264 -13.84 26.19 1.21
N GLU D 265 -13.56 27.51 1.07
CA GLU D 265 -12.66 27.99 0.01
C GLU D 265 -11.18 27.59 0.09
N PRO D 266 -10.43 27.75 1.21
CA PRO D 266 -8.98 27.45 1.13
C PRO D 266 -8.63 25.96 1.08
N VAL D 267 -9.62 25.10 1.27
CA VAL D 267 -9.54 23.71 0.86
C VAL D 267 -10.34 23.46 -0.44
N LYS D 268 -11.09 24.46 -0.96
CA LYS D 268 -11.68 24.27 -2.28
C LYS D 268 -10.66 24.41 -3.40
N GLU D 269 -9.78 25.44 -3.37
CA GLU D 269 -8.73 25.38 -4.40
C GLU D 269 -7.54 24.49 -4.04
N LYS D 270 -7.60 23.73 -2.94
CA LYS D 270 -6.71 22.59 -2.73
C LYS D 270 -7.35 21.28 -3.20
N ALA D 271 -8.66 21.10 -2.96
CA ALA D 271 -9.35 19.89 -3.36
C ALA D 271 -9.60 19.83 -4.85
N LEU D 272 -9.77 20.98 -5.53
CA LEU D 272 -9.79 20.95 -6.99
C LEU D 272 -8.43 20.64 -7.59
N LYS D 273 -7.33 20.99 -6.90
CA LYS D 273 -6.02 20.50 -7.32
C LYS D 273 -5.86 19.00 -7.04
N GLU D 274 -6.51 18.50 -5.99
CA GLU D 274 -6.50 17.05 -5.73
C GLU D 274 -7.29 16.29 -6.80
N LEU D 275 -8.44 16.82 -7.21
CA LEU D 275 -9.13 16.25 -8.37
C LEU D 275 -8.40 16.47 -9.69
N LYS D 276 -7.55 17.49 -9.80
CA LYS D 276 -6.66 17.59 -10.95
C LYS D 276 -5.58 16.51 -10.93
N ARG D 277 -5.11 16.15 -9.72
CA ARG D 277 -4.17 15.04 -9.57
C ARG D 277 -4.83 13.71 -9.94
N LEU D 278 -6.10 13.54 -9.59
CA LEU D 278 -6.84 12.37 -10.07
C LEU D 278 -7.16 12.47 -11.55
N GLU D 279 -7.26 13.68 -12.10
CA GLU D 279 -7.47 13.85 -13.55
C GLU D 279 -6.26 13.43 -14.34
N ARG D 280 -5.06 13.74 -13.85
CA ARG D 280 -3.87 13.55 -14.68
C ARG D 280 -3.43 12.08 -14.71
N MET D 281 -3.36 11.43 -13.56
CA MET D 281 -3.00 10.01 -13.55
C MET D 281 -4.20 9.15 -13.93
N GLN D 282 -3.88 7.97 -14.45
CA GLN D 282 -4.91 6.97 -14.69
C GLN D 282 -5.38 6.36 -13.37
N PRO D 283 -6.69 6.25 -13.14
CA PRO D 283 -7.16 5.54 -11.95
C PRO D 283 -6.87 4.05 -12.04
N GLY D 284 -6.60 3.45 -10.89
CA GLY D 284 -5.91 2.18 -10.85
C GLY D 284 -4.43 2.30 -10.58
N SER D 285 -3.97 3.48 -10.22
CA SER D 285 -2.65 3.66 -9.65
C SER D 285 -2.67 3.28 -8.17
N PRO D 286 -1.51 2.96 -7.58
CA PRO D 286 -1.45 2.86 -6.11
C PRO D 286 -1.66 4.18 -5.39
N GLU D 287 -1.36 5.31 -6.04
CA GLU D 287 -1.70 6.63 -5.50
C GLU D 287 -3.20 6.86 -5.47
N ALA D 288 -3.92 6.26 -6.43
CA ALA D 288 -5.34 6.53 -6.62
C ALA D 288 -6.21 5.95 -5.52
N THR D 289 -5.79 4.85 -4.89
CA THR D 289 -6.53 4.25 -3.78
C THR D 289 -6.48 5.12 -2.54
N VAL D 290 -5.28 5.60 -2.19
CA VAL D 290 -5.07 6.48 -1.05
C VAL D 290 -5.72 7.85 -1.28
N SER D 291 -5.64 8.35 -2.52
CA SER D 291 -6.22 9.65 -2.82
C SER D 291 -7.75 9.59 -2.95
N ARG D 292 -8.32 8.48 -3.43
CA ARG D 292 -9.77 8.33 -3.42
C ARG D 292 -10.30 8.11 -2.00
N THR D 293 -9.51 7.46 -1.14
CA THR D 293 -9.83 7.40 0.29
C THR D 293 -9.78 8.79 0.93
N TYR D 294 -8.83 9.63 0.48
CA TYR D 294 -8.79 11.01 0.94
C TYR D 294 -9.97 11.83 0.44
N LEU D 295 -10.47 11.55 -0.77
CA LEU D 295 -11.64 12.28 -1.25
C LEU D 295 -12.92 11.81 -0.55
N ASP D 296 -12.98 10.53 -0.13
CA ASP D 296 -14.06 10.11 0.76
C ASP D 296 -13.96 10.79 2.12
N TRP D 297 -12.75 10.89 2.67
CA TRP D 297 -12.57 11.54 3.97
C TRP D 297 -12.58 13.06 3.89
N LEU D 298 -12.67 13.64 2.70
CA LEU D 298 -12.96 15.06 2.54
C LEU D 298 -14.39 15.35 2.13
N LEU D 299 -15.12 14.38 1.58
CA LEU D 299 -16.43 14.70 1.03
C LEU D 299 -17.62 14.10 1.77
N GLU D 300 -17.49 12.99 2.51
CA GLU D 300 -18.53 12.70 3.51
C GLU D 300 -18.09 13.02 4.94
N VAL D 301 -17.32 14.09 5.10
CA VAL D 301 -17.19 14.77 6.38
C VAL D 301 -17.97 16.09 6.27
N PRO D 302 -18.55 16.62 7.34
CA PRO D 302 -19.41 17.80 7.20
C PRO D 302 -18.62 19.09 7.22
N TRP D 303 -19.10 20.07 6.45
CA TRP D 303 -18.36 21.31 6.28
C TRP D 303 -19.15 22.55 6.68
N THR D 304 -20.31 22.81 6.08
CA THR D 304 -21.12 23.96 6.46
C THR D 304 -22.58 23.63 6.75
N GLU D 305 -23.01 22.38 6.58
CA GLU D 305 -24.39 22.04 6.89
C GLU D 305 -24.57 21.92 8.40
N ALA D 306 -25.63 22.54 8.92
CA ALA D 306 -25.81 22.66 10.34
C ALA D 306 -27.19 22.14 10.73
N ASP D 307 -27.28 21.64 11.96
CA ASP D 307 -28.57 21.28 12.50
C ASP D 307 -29.37 22.54 12.81
N PRO D 308 -30.69 22.49 12.65
CA PRO D 308 -31.53 23.59 13.15
C PRO D 308 -31.52 23.61 14.68
N GLU D 309 -31.00 24.70 15.23
CA GLU D 309 -30.90 24.84 16.68
C GLU D 309 -32.28 25.09 17.27
N VAL D 310 -32.56 24.43 18.39
CA VAL D 310 -33.87 24.49 19.01
C VAL D 310 -33.98 25.79 19.80
N LEU D 311 -35.13 26.45 19.69
CA LEU D 311 -35.40 27.67 20.42
C LEU D 311 -36.31 27.44 21.62
N ASP D 312 -36.95 26.29 21.72
CA ASP D 312 -37.86 25.99 22.82
C ASP D 312 -37.05 25.38 23.96
N ILE D 313 -36.89 26.14 25.03
CA ILE D 313 -36.06 25.72 26.17
C ILE D 313 -36.82 24.68 27.01
N SER D 314 -38.16 24.69 26.97
CA SER D 314 -38.97 23.79 27.79
C SER D 314 -38.95 22.36 27.29
N VAL D 315 -38.81 22.17 25.97
CA VAL D 315 -38.75 20.84 25.36
C VAL D 315 -37.45 20.14 25.75
N THR D 316 -36.35 20.88 25.80
CA THR D 316 -35.07 20.27 26.17
C THR D 316 -34.97 19.95 27.65
N LYS D 317 -35.54 20.79 28.52
CA LYS D 317 -35.53 20.43 29.94
C LYS D 317 -36.54 19.33 30.23
N ARG D 318 -37.62 19.22 29.45
CA ARG D 318 -38.52 18.09 29.67
C ARG D 318 -37.95 16.79 29.12
N VAL D 319 -37.08 16.84 28.10
CA VAL D 319 -36.38 15.63 27.65
C VAL D 319 -35.31 15.23 28.66
N LEU D 320 -34.52 16.20 29.16
CA LEU D 320 -33.49 15.92 30.14
C LEU D 320 -34.05 15.51 31.50
N ASP D 321 -35.24 15.97 31.86
CA ASP D 321 -35.96 15.46 33.01
C ASP D 321 -36.86 14.27 32.67
N GLU D 322 -36.92 13.87 31.40
CA GLU D 322 -37.57 12.62 31.04
C GLU D 322 -36.61 11.43 31.08
N ASP D 323 -35.30 11.64 30.95
CA ASP D 323 -34.40 10.50 31.17
C ASP D 323 -33.36 10.68 32.27
N HIS D 324 -33.25 11.85 32.89
CA HIS D 324 -32.32 12.02 34.00
C HIS D 324 -32.93 12.83 35.14
N TYR D 325 -32.65 12.40 36.36
CA TYR D 325 -33.20 13.04 37.55
C TYR D 325 -32.08 13.24 38.55
N GLY D 326 -32.17 14.34 39.31
CA GLY D 326 -31.21 14.63 40.35
C GLY D 326 -29.93 15.28 39.88
N LEU D 327 -29.79 15.56 38.58
CA LEU D 327 -28.62 16.28 38.07
C LEU D 327 -28.97 17.77 37.99
N LYS D 328 -29.12 18.36 39.17
CA LYS D 328 -29.57 19.73 39.31
C LYS D 328 -28.49 20.76 39.02
N GLU D 329 -27.24 20.34 38.83
CA GLU D 329 -26.19 21.19 38.29
C GLU D 329 -25.93 20.93 36.82
N VAL D 330 -25.98 19.66 36.40
CA VAL D 330 -25.51 19.26 35.07
C VAL D 330 -26.55 19.61 34.01
N LYS D 331 -27.82 19.24 34.23
CA LYS D 331 -28.88 19.59 33.29
C LYS D 331 -29.18 21.08 33.30
N GLU D 332 -28.96 21.72 34.46
CA GLU D 332 -28.95 23.17 34.59
C GLU D 332 -27.88 23.81 33.71
N ARG D 333 -26.70 23.19 33.64
CA ARG D 333 -25.61 23.67 32.79
C ARG D 333 -25.93 23.46 31.30
N ILE D 334 -26.63 22.38 30.96
CA ILE D 334 -26.98 22.13 29.56
C ILE D 334 -28.08 23.08 29.07
N LEU D 335 -29.13 23.30 29.88
CA LEU D 335 -30.16 24.28 29.51
C LEU D 335 -29.64 25.71 29.60
N GLU D 336 -28.64 25.93 30.45
CA GLU D 336 -27.87 27.17 30.49
C GLU D 336 -27.11 27.41 29.20
N TYR D 337 -26.51 26.35 28.64
CA TYR D 337 -25.82 26.45 27.35
C TYR D 337 -26.80 26.71 26.22
N LEU D 338 -28.01 26.13 26.30
CA LEU D 338 -29.05 26.44 25.33
C LEU D 338 -29.55 27.88 25.48
N ALA D 339 -29.62 28.40 26.70
CA ALA D 339 -30.02 29.79 26.92
C ALA D 339 -28.94 30.77 26.47
N VAL D 340 -27.67 30.35 26.50
CA VAL D 340 -26.62 31.08 25.80
C VAL D 340 -26.85 31.03 24.29
N ARG D 341 -27.17 29.84 23.77
CA ARG D 341 -27.45 29.65 22.34
C ARG D 341 -28.76 30.31 21.90
N GLN D 342 -29.69 30.56 22.85
CA GLN D 342 -30.92 31.28 22.55
C GLN D 342 -30.66 32.76 22.26
N LEU D 343 -29.59 33.32 22.81
CA LEU D 343 -29.36 34.76 22.77
C LEU D 343 -28.39 35.21 21.69
N THR D 344 -27.29 34.48 21.48
CA THR D 344 -26.12 35.05 20.82
C THR D 344 -26.07 34.81 19.31
N GLN D 345 -27.09 34.20 18.71
CA GLN D 345 -27.03 33.90 17.28
C GLN D 345 -27.30 35.10 16.39
N GLY D 346 -27.81 36.21 16.95
CA GLY D 346 -28.08 37.38 16.14
C GLY D 346 -26.85 38.18 15.77
N LYS D 347 -25.74 37.97 16.47
CA LYS D 347 -24.50 38.69 16.23
C LYS D 347 -23.48 37.77 15.58
N GLU D 348 -22.34 38.37 15.23
CA GLU D 348 -21.24 37.67 14.54
C GLU D 348 -20.22 37.11 15.56
N VAL D 349 -20.74 36.31 16.47
CA VAL D 349 -19.99 35.81 17.62
C VAL D 349 -19.11 34.64 17.18
N LYS D 350 -18.00 34.45 17.89
CA LYS D 350 -17.22 33.21 17.81
C LYS D 350 -18.07 32.06 18.36
N GLY D 351 -17.83 30.85 17.83
CA GLY D 351 -18.63 29.68 18.17
C GLY D 351 -18.52 29.21 19.61
N HIS D 352 -17.36 28.67 19.97
CA HIS D 352 -16.93 28.35 21.34
C HIS D 352 -17.86 27.35 22.04
N ALA D 353 -17.94 26.15 21.48
CA ALA D 353 -18.69 25.09 22.13
C ALA D 353 -17.88 24.57 23.31
N PRO D 354 -18.43 24.58 24.53
CA PRO D 354 -17.60 24.39 25.72
C PRO D 354 -17.26 22.93 25.97
N ILE D 355 -16.30 22.73 26.86
CA ILE D 355 -15.70 21.44 27.13
C ILE D 355 -16.04 21.08 28.57
N LEU D 356 -16.80 20.00 28.76
CA LEU D 356 -17.29 19.64 30.09
C LEU D 356 -16.67 18.32 30.54
N CYS D 357 -16.34 18.23 31.83
CA CYS D 357 -15.79 17.01 32.43
C CYS D 357 -16.72 16.53 33.52
N PHE D 358 -17.24 15.32 33.35
CA PHE D 358 -18.17 14.72 34.31
C PHE D 358 -17.39 13.82 35.26
N VAL D 359 -17.35 14.21 36.53
CA VAL D 359 -16.48 13.60 37.53
C VAL D 359 -17.35 12.91 38.56
N GLY D 360 -17.08 11.63 38.84
CA GLY D 360 -17.81 10.96 39.88
C GLY D 360 -17.40 9.52 40.13
N PRO D 361 -18.20 8.82 40.96
CA PRO D 361 -18.05 7.37 41.09
C PRO D 361 -18.48 6.67 39.80
N PRO D 362 -17.95 5.47 39.51
CA PRO D 362 -18.24 4.86 38.20
C PRO D 362 -19.66 4.30 38.13
N GLY D 363 -20.42 4.80 37.17
CA GLY D 363 -21.83 4.51 37.11
C GLY D 363 -22.67 5.47 37.92
N VAL D 364 -22.36 6.76 37.82
CA VAL D 364 -23.17 7.81 38.41
C VAL D 364 -24.06 8.47 37.36
N GLY D 365 -23.94 8.05 36.11
CA GLY D 365 -24.86 8.50 35.07
C GLY D 365 -24.23 9.23 33.92
N LYS D 366 -22.97 8.92 33.62
CA LYS D 366 -22.20 9.76 32.72
C LYS D 366 -22.31 9.34 31.26
N THR D 367 -22.37 8.04 30.97
CA THR D 367 -22.30 7.56 29.59
C THR D 367 -23.62 7.76 28.85
N SER D 368 -24.76 7.53 29.53
CA SER D 368 -26.06 7.79 28.91
C SER D 368 -26.42 9.27 28.88
N LEU D 369 -25.65 10.11 29.57
CA LEU D 369 -25.94 11.54 29.62
C LEU D 369 -25.71 12.20 28.27
N GLY D 370 -24.70 11.76 27.51
CA GLY D 370 -24.51 12.26 26.15
C GLY D 370 -25.60 11.83 25.19
N LYS D 371 -26.17 10.64 25.42
CA LYS D 371 -27.38 10.22 24.71
C LYS D 371 -28.56 11.10 25.07
N SER D 372 -28.62 11.56 26.33
CA SER D 372 -29.65 12.53 26.70
C SER D 372 -29.40 13.92 26.08
N ILE D 373 -28.13 14.29 25.85
CA ILE D 373 -27.81 15.55 25.15
C ILE D 373 -28.28 15.51 23.71
N ALA D 374 -27.96 14.42 23.00
CA ALA D 374 -28.41 14.27 21.61
C ALA D 374 -29.89 13.98 21.50
N ARG D 375 -30.54 13.50 22.55
CA ARG D 375 -31.99 13.45 22.56
C ARG D 375 -32.58 14.82 22.90
N SER D 376 -31.83 15.67 23.62
CA SER D 376 -32.34 16.97 24.04
C SER D 376 -32.37 17.98 22.91
N MET D 377 -31.21 18.37 22.38
CA MET D 377 -31.24 19.36 21.29
C MET D 377 -30.99 18.72 19.91
N ASN D 378 -31.58 17.52 19.74
CA ASN D 378 -31.71 16.65 18.56
C ASN D 378 -30.46 16.53 17.68
N ARG D 379 -29.31 16.41 18.32
CA ARG D 379 -28.03 16.25 17.63
C ARG D 379 -27.84 14.78 17.27
N ARG D 380 -26.66 14.44 16.78
CA ARG D 380 -26.30 13.07 16.48
C ARG D 380 -25.16 12.67 17.42
N PHE D 381 -25.29 11.51 18.05
CA PHE D 381 -24.42 11.11 19.15
C PHE D 381 -23.32 10.18 18.65
N HIS D 382 -22.12 10.33 19.22
CA HIS D 382 -21.14 9.26 19.15
C HIS D 382 -20.33 9.30 20.44
N ARG D 383 -20.09 8.14 21.03
CA ARG D 383 -19.17 8.02 22.14
C ARG D 383 -17.80 7.60 21.62
N ILE D 384 -16.77 8.32 22.06
CA ILE D 384 -15.39 8.02 21.69
C ILE D 384 -14.74 7.39 22.92
N SER D 385 -14.44 6.10 22.84
CA SER D 385 -14.00 5.34 24.00
C SER D 385 -12.50 5.56 24.20
N LEU D 386 -12.16 6.65 24.88
CA LEU D 386 -10.78 6.91 25.27
C LEU D 386 -10.26 5.97 26.35
N GLY D 387 -11.14 5.30 27.10
CA GLY D 387 -10.70 4.22 27.95
C GLY D 387 -10.28 3.05 27.09
N GLY D 388 -8.97 2.82 27.01
CA GLY D 388 -8.41 1.81 26.13
C GLY D 388 -7.66 2.35 24.93
N VAL D 389 -7.68 3.66 24.69
CA VAL D 389 -6.88 4.26 23.63
C VAL D 389 -5.50 4.60 24.21
N ARG D 390 -4.47 3.96 23.67
CA ARG D 390 -3.09 4.30 23.98
C ARG D 390 -2.31 4.75 22.76
N ASP D 391 -2.94 4.74 21.58
CA ASP D 391 -2.26 5.01 20.33
C ASP D 391 -2.55 6.42 19.84
N GLU D 392 -1.64 6.94 19.03
CA GLU D 392 -1.82 8.23 18.38
C GLU D 392 -2.69 8.15 17.14
N ALA D 393 -2.97 6.93 16.66
CA ALA D 393 -3.76 6.76 15.44
C ALA D 393 -5.24 6.99 15.68
N GLU D 394 -5.70 6.99 16.93
CA GLU D 394 -7.13 6.97 17.23
C GLU D 394 -7.67 8.29 17.75
N ILE D 395 -6.86 9.35 17.82
CA ILE D 395 -7.41 10.66 18.19
C ILE D 395 -7.15 11.68 17.10
N ARG D 396 -5.88 11.88 16.75
CA ARG D 396 -5.52 12.84 15.73
C ARG D 396 -4.88 12.10 14.54
N GLY D 397 -4.67 10.80 14.70
CA GLY D 397 -4.38 9.94 13.57
C GLY D 397 -2.97 10.09 13.04
N HIS D 398 -2.80 9.59 11.82
CA HIS D 398 -1.54 9.74 11.11
C HIS D 398 -1.85 9.91 9.62
N ARG D 399 -0.80 9.92 8.81
CA ARG D 399 -0.77 10.67 7.57
C ARG D 399 -1.46 9.93 6.42
N ARG D 400 -1.31 10.47 5.22
CA ARG D 400 -1.73 9.80 3.99
C ARG D 400 -0.97 8.51 3.76
N THR D 401 0.34 8.53 4.05
CA THR D 401 1.27 7.51 3.58
C THR D 401 1.10 6.20 4.34
N TYR D 402 0.66 6.29 5.58
CA TYR D 402 0.54 5.11 6.42
C TYR D 402 -0.69 4.30 6.00
N ILE D 403 -0.48 3.00 5.83
CA ILE D 403 -1.54 2.12 5.36
C ILE D 403 -2.55 1.77 6.43
N GLY D 404 -2.25 2.08 7.70
CA GLY D 404 -3.30 2.26 8.69
C GLY D 404 -3.79 3.69 8.63
N ALA D 405 -4.54 4.03 7.58
CA ALA D 405 -4.89 5.41 7.26
C ALA D 405 -6.08 5.84 8.10
N LEU D 406 -5.79 6.32 9.31
CA LEU D 406 -6.82 6.76 10.23
C LEU D 406 -6.78 8.26 10.41
N PRO D 407 -7.91 8.97 10.26
CA PRO D 407 -8.04 10.34 10.76
C PRO D 407 -8.58 10.38 12.20
N GLY D 408 -7.94 9.63 13.10
CA GLY D 408 -8.40 9.51 14.46
C GLY D 408 -9.68 8.69 14.57
N LYS D 409 -10.36 8.86 15.70
CA LYS D 409 -11.77 8.48 15.82
C LYS D 409 -12.68 9.68 15.91
N ILE D 410 -12.12 10.89 15.88
CA ILE D 410 -12.94 12.11 15.86
C ILE D 410 -13.66 12.26 14.52
N ILE D 411 -12.90 12.21 13.42
CA ILE D 411 -13.48 12.47 12.12
C ILE D 411 -14.10 11.21 11.52
N GLN D 412 -13.84 10.04 12.12
CA GLN D 412 -14.72 8.88 11.92
C GLN D 412 -16.11 9.16 12.50
N GLY D 413 -16.13 9.85 13.65
CA GLY D 413 -17.38 10.28 14.25
C GLY D 413 -18.12 11.31 13.42
N MET D 414 -17.40 12.29 12.86
CA MET D 414 -18.04 13.21 11.92
C MET D 414 -18.43 12.55 10.60
N LYS D 415 -17.74 11.46 10.21
CA LYS D 415 -18.14 10.71 9.03
C LYS D 415 -19.49 10.02 9.24
N GLN D 416 -19.70 9.38 10.39
CA GLN D 416 -20.99 8.72 10.56
C GLN D 416 -22.06 9.68 11.08
N VAL D 417 -21.67 10.86 11.57
CA VAL D 417 -22.64 11.89 11.97
C VAL D 417 -23.06 12.73 10.77
N GLY D 418 -22.09 13.34 10.06
CA GLY D 418 -22.42 14.11 8.88
C GLY D 418 -23.03 15.48 9.10
N VAL D 419 -22.97 16.05 10.31
CA VAL D 419 -23.39 17.43 10.54
C VAL D 419 -22.36 18.07 11.46
N VAL D 420 -22.12 19.38 11.27
CA VAL D 420 -20.95 20.03 11.86
C VAL D 420 -21.07 20.33 13.35
N ASN D 421 -22.24 20.14 13.96
CA ASN D 421 -22.41 20.39 15.39
C ASN D 421 -22.99 19.20 16.17
N PRO D 422 -22.22 18.08 16.33
CA PRO D 422 -22.73 16.97 17.12
C PRO D 422 -22.39 17.13 18.59
N VAL D 423 -22.69 16.11 19.38
CA VAL D 423 -22.12 15.93 20.71
C VAL D 423 -21.18 14.72 20.66
N PHE D 424 -19.98 14.88 21.22
CA PHE D 424 -19.05 13.78 21.43
C PHE D 424 -18.95 13.44 22.90
N LEU D 425 -18.90 12.14 23.17
CA LEU D 425 -18.66 11.62 24.50
C LEU D 425 -17.26 11.02 24.50
N LEU D 426 -16.30 11.78 25.01
CA LEU D 426 -14.93 11.28 25.12
C LEU D 426 -14.85 10.52 26.43
N ASP D 427 -15.22 9.25 26.39
CA ASP D 427 -15.44 8.47 27.60
C ASP D 427 -14.12 8.01 28.21
N GLU D 428 -14.01 8.14 29.54
CA GLU D 428 -12.91 7.68 30.41
C GLU D 428 -11.57 8.33 30.01
N ILE D 429 -11.52 9.65 30.26
CA ILE D 429 -10.34 10.48 30.03
C ILE D 429 -9.19 10.11 30.96
N ASP D 430 -9.49 9.62 32.17
CA ASP D 430 -8.43 9.31 33.12
C ASP D 430 -7.69 8.01 32.84
N LYS D 431 -8.12 7.22 31.85
CA LYS D 431 -7.35 6.07 31.40
C LYS D 431 -6.46 6.41 30.21
N LEU D 432 -5.66 7.46 30.34
CA LEU D 432 -4.70 7.89 29.34
C LEU D 432 -3.34 8.02 30.02
N SER D 433 -2.44 7.09 29.74
CA SER D 433 -1.10 7.09 30.32
C SER D 433 -0.06 7.18 29.22
N SER D 434 1.14 7.59 29.61
CA SER D 434 2.29 7.69 28.72
C SER D 434 3.19 6.49 29.01
N ASP D 435 3.00 5.42 28.24
CA ASP D 435 3.66 4.14 28.46
C ASP D 435 4.20 3.61 27.13
N TRP D 436 5.02 4.45 26.48
CA TRP D 436 5.84 4.25 25.27
C TRP D 436 5.05 4.02 23.98
N ARG D 437 3.73 4.16 24.01
CA ARG D 437 2.92 4.09 22.81
C ARG D 437 2.52 5.48 22.32
N GLY D 438 3.13 6.51 22.88
CA GLY D 438 2.67 7.87 22.70
C GLY D 438 1.60 8.24 23.72
N ASP D 439 1.48 9.54 23.96
CA ASP D 439 0.41 10.02 24.81
C ASP D 439 -0.73 10.70 24.04
N PRO D 440 -1.88 10.06 23.90
CA PRO D 440 -2.99 10.66 23.15
C PRO D 440 -3.73 11.76 23.89
N ALA D 441 -3.48 11.90 25.20
CA ALA D 441 -3.98 13.04 25.97
C ALA D 441 -3.36 14.35 25.50
N ALA D 442 -2.13 14.31 24.99
CA ALA D 442 -1.52 15.48 24.39
C ALA D 442 -2.11 15.83 23.03
N ALA D 443 -2.80 14.88 22.38
CA ALA D 443 -3.61 15.20 21.21
C ALA D 443 -5.03 15.64 21.60
N LEU D 444 -5.52 15.15 22.74
CA LEU D 444 -6.76 15.67 23.33
C LEU D 444 -6.62 17.11 23.81
N LEU D 445 -5.38 17.52 24.11
CA LEU D 445 -5.05 18.94 24.26
C LEU D 445 -5.39 19.76 23.02
N GLU D 446 -5.23 19.20 21.82
CA GLU D 446 -5.72 19.90 20.64
C GLU D 446 -7.23 19.74 20.45
N VAL D 447 -7.79 18.59 20.85
CA VAL D 447 -9.22 18.30 20.65
C VAL D 447 -10.12 19.20 21.51
N LEU D 448 -9.71 19.53 22.73
CA LEU D 448 -10.57 20.27 23.63
C LEU D 448 -10.17 21.74 23.79
N ASP D 449 -9.50 22.32 22.80
CA ASP D 449 -8.97 23.67 22.89
C ASP D 449 -9.76 24.60 21.97
N PRO D 450 -10.58 25.53 22.50
CA PRO D 450 -11.56 26.25 21.66
C PRO D 450 -11.02 27.25 20.63
N GLU D 451 -9.76 27.70 20.72
CA GLU D 451 -9.20 28.39 19.56
C GLU D 451 -8.41 27.46 18.65
N GLN D 452 -7.97 26.31 19.16
CA GLN D 452 -7.41 25.29 18.28
C GLN D 452 -8.47 24.41 17.66
N ASN D 453 -9.72 24.53 18.10
CA ASN D 453 -10.80 23.81 17.41
C ASN D 453 -11.22 24.50 16.12
N HIS D 454 -10.90 25.79 15.97
CA HIS D 454 -11.16 26.45 14.69
C HIS D 454 -10.20 25.99 13.62
N THR D 455 -8.95 25.69 14.00
CA THR D 455 -7.95 25.13 13.10
C THR D 455 -7.45 23.83 13.72
N PHE D 456 -8.16 22.73 13.46
CA PHE D 456 -7.83 21.45 14.10
C PHE D 456 -6.58 20.81 13.53
N THR D 457 -6.40 20.87 12.21
CA THR D 457 -5.35 20.29 11.35
C THR D 457 -4.96 18.84 11.71
N ASP D 458 -5.90 17.93 11.45
CA ASP D 458 -5.70 16.50 11.63
C ASP D 458 -4.65 15.99 10.65
N HIS D 459 -3.93 14.94 11.09
CA HIS D 459 -2.74 14.47 10.39
C HIS D 459 -3.05 13.75 9.09
N TYR D 460 -4.24 13.14 8.99
CA TYR D 460 -4.61 12.52 7.73
C TYR D 460 -5.05 13.57 6.72
N LEU D 461 -5.61 14.67 7.21
CA LEU D 461 -6.01 15.76 6.36
C LEU D 461 -4.82 16.69 6.12
N ASP D 462 -4.99 17.62 5.20
CA ASP D 462 -4.15 18.81 5.11
C ASP D 462 -4.92 20.06 5.46
N VAL D 463 -6.17 19.90 5.88
CA VAL D 463 -7.06 21.02 6.14
C VAL D 463 -7.09 21.28 7.65
N PRO D 464 -7.02 22.54 8.08
CA PRO D 464 -7.45 22.87 9.43
C PRO D 464 -8.96 22.71 9.57
N TYR D 465 -9.39 21.72 10.35
CA TYR D 465 -10.81 21.46 10.50
C TYR D 465 -11.42 22.37 11.56
N ASP D 466 -12.73 22.57 11.46
CA ASP D 466 -13.46 23.46 12.36
C ASP D 466 -14.28 22.61 13.33
N LEU D 467 -13.72 22.37 14.51
CA LEU D 467 -14.40 21.68 15.59
C LEU D 467 -14.97 22.64 16.63
N SER D 468 -15.02 23.94 16.32
CA SER D 468 -15.43 24.94 17.29
C SER D 468 -16.93 24.94 17.55
N LYS D 469 -17.72 24.38 16.65
CA LYS D 469 -19.15 24.22 16.85
C LYS D 469 -19.50 22.87 17.46
N VAL D 470 -18.51 22.05 17.78
CA VAL D 470 -18.75 20.66 18.19
C VAL D 470 -18.73 20.63 19.71
N PHE D 471 -19.84 20.21 20.30
CA PHE D 471 -20.06 20.28 21.74
C PHE D 471 -19.48 19.03 22.39
N PHE D 472 -18.20 19.08 22.74
CA PHE D 472 -17.56 17.93 23.38
C PHE D 472 -17.96 17.88 24.86
N ILE D 473 -18.33 16.70 25.33
CA ILE D 473 -18.43 16.42 26.75
C ILE D 473 -17.56 15.22 27.08
N THR D 474 -16.85 15.30 28.20
CA THR D 474 -15.88 14.29 28.60
C THR D 474 -16.29 13.73 29.96
N THR D 475 -15.86 12.51 30.25
CA THR D 475 -16.13 11.88 31.53
C THR D 475 -14.83 11.53 32.23
N ALA D 476 -14.91 11.37 33.55
CA ALA D 476 -13.76 10.99 34.35
C ALA D 476 -14.21 10.25 35.59
N ASN D 477 -13.65 9.06 35.83
CA ASN D 477 -13.85 8.40 37.11
C ASN D 477 -13.03 9.08 38.20
N THR D 478 -11.85 9.60 37.86
CA THR D 478 -11.05 10.36 38.81
C THR D 478 -10.28 11.43 38.03
N LEU D 479 -9.59 12.29 38.77
CA LEU D 479 -8.86 13.40 38.16
C LEU D 479 -7.37 13.33 38.41
N SER D 480 -6.89 12.31 39.13
CA SER D 480 -5.47 12.24 39.47
C SER D 480 -4.63 11.78 38.29
N THR D 481 -5.13 10.86 37.48
CA THR D 481 -4.37 10.30 36.37
C THR D 481 -4.62 11.03 35.06
N ILE D 482 -5.52 12.02 35.04
CA ILE D 482 -5.53 12.99 33.94
C ILE D 482 -4.30 13.86 34.04
N PRO D 483 -3.58 14.13 32.94
CA PRO D 483 -2.50 15.11 32.99
C PRO D 483 -3.03 16.52 33.24
N ARG D 484 -2.15 17.33 33.84
CA ARG D 484 -2.53 18.66 34.33
C ARG D 484 -2.97 19.68 33.26
N PRO D 485 -2.39 19.77 32.04
CA PRO D 485 -3.03 20.65 31.04
C PRO D 485 -4.36 20.15 30.51
N LEU D 486 -4.59 18.83 30.44
CA LEU D 486 -5.90 18.35 29.98
C LEU D 486 -6.96 18.46 31.08
N LEU D 487 -6.54 18.26 32.35
CA LEU D 487 -7.39 18.56 33.50
C LEU D 487 -7.75 20.03 33.58
N ASP D 488 -6.78 20.90 33.27
CA ASP D 488 -6.97 22.33 33.30
C ASP D 488 -7.82 22.74 32.09
N ARG D 489 -7.77 21.97 31.00
CA ARG D 489 -8.44 22.28 29.76
C ARG D 489 -9.95 22.11 29.83
N MET D 490 -10.42 21.17 30.65
CA MET D 490 -11.83 20.85 30.74
C MET D 490 -12.50 21.74 31.79
N GLU D 491 -13.82 21.62 31.92
CA GLU D 491 -14.56 22.24 33.02
C GLU D 491 -15.04 21.13 33.95
N VAL D 492 -14.68 21.23 35.22
CA VAL D 492 -14.96 20.18 36.19
C VAL D 492 -16.42 20.32 36.62
N ILE D 493 -17.30 19.55 35.97
CA ILE D 493 -18.68 19.40 36.42
C ILE D 493 -18.66 18.14 37.29
N GLU D 494 -18.48 18.35 38.60
CA GLU D 494 -18.33 17.24 39.53
C GLU D 494 -19.71 16.70 39.88
N ILE D 495 -20.03 15.51 39.37
CA ILE D 495 -21.31 14.88 39.64
C ILE D 495 -21.25 14.16 40.99
N PRO D 496 -22.05 14.54 41.97
CA PRO D 496 -22.05 13.81 43.24
C PRO D 496 -22.83 12.52 43.14
N GLY D 497 -22.60 11.64 44.10
CA GLY D 497 -23.35 10.42 44.22
C GLY D 497 -24.73 10.66 44.81
N TYR D 498 -25.50 9.58 44.87
CA TYR D 498 -26.92 9.67 45.16
C TYR D 498 -27.22 9.04 46.52
N THR D 499 -28.21 9.59 47.22
CA THR D 499 -28.57 9.12 48.55
C THR D 499 -29.49 7.90 48.46
N LEU D 500 -30.07 7.49 49.58
CA LEU D 500 -31.00 6.36 49.58
C LEU D 500 -32.32 6.72 48.90
N HIS D 501 -32.88 7.88 49.25
CA HIS D 501 -34.11 8.33 48.60
C HIS D 501 -33.85 8.78 47.17
N GLU D 502 -32.64 9.26 46.87
CA GLU D 502 -32.32 9.65 45.51
C GLU D 502 -32.13 8.44 44.61
N LYS D 503 -31.48 7.38 45.10
CA LYS D 503 -31.39 6.13 44.36
C LYS D 503 -32.74 5.42 44.25
N ARG D 504 -33.59 5.61 45.27
CA ARG D 504 -34.99 5.19 45.21
C ARG D 504 -35.75 5.90 44.11
N ALA D 505 -35.54 7.21 43.97
CA ALA D 505 -36.18 7.99 42.91
C ALA D 505 -35.66 7.63 41.53
N ILE D 506 -34.34 7.38 41.41
CA ILE D 506 -33.72 6.96 40.15
C ILE D 506 -34.23 5.60 39.71
N ALA D 507 -34.33 4.64 40.65
CA ALA D 507 -34.85 3.30 40.39
C ALA D 507 -36.32 3.33 39.98
N ARG D 508 -37.18 3.89 40.86
CA ARG D 508 -38.63 3.93 40.71
C ARG D 508 -39.08 4.74 39.50
N TYR D 509 -38.36 5.82 39.18
CA TYR D 509 -38.78 6.58 38.03
C TYR D 509 -38.18 6.03 36.74
N PHE D 510 -36.85 5.89 36.67
CA PHE D 510 -36.17 5.74 35.39
C PHE D 510 -35.42 4.42 35.20
N ARG D 511 -35.19 3.63 36.25
CA ARG D 511 -34.38 2.42 36.07
C ARG D 511 -35.13 1.11 36.24
N TRP D 512 -35.97 1.00 37.25
CA TRP D 512 -36.90 -0.12 37.25
C TRP D 512 -37.93 -0.07 36.11
N PRO D 513 -38.57 1.07 35.72
CA PRO D 513 -39.42 1.02 34.50
C PRO D 513 -38.67 0.77 33.20
N PHE D 514 -37.41 1.20 33.09
CA PHE D 514 -36.59 0.83 31.94
C PHE D 514 -36.29 -0.67 31.91
N GLN D 515 -36.03 -1.25 33.07
CA GLN D 515 -35.71 -2.67 33.12
C GLN D 515 -36.95 -3.54 32.98
N VAL D 516 -38.13 -3.07 33.41
CA VAL D 516 -39.31 -3.90 33.24
C VAL D 516 -39.95 -3.62 31.88
N LYS D 517 -39.64 -2.48 31.25
CA LYS D 517 -39.98 -2.28 29.84
C LYS D 517 -39.06 -3.10 28.96
N GLU D 518 -37.82 -3.31 29.40
CA GLU D 518 -36.98 -4.38 28.90
C GLU D 518 -37.57 -5.73 29.28
N ALA D 519 -37.23 -6.75 28.47
CA ALA D 519 -37.70 -8.14 28.42
C ALA D 519 -39.17 -8.27 28.03
N GLY D 520 -39.84 -7.20 27.60
CA GLY D 520 -41.28 -7.21 27.42
C GLY D 520 -41.96 -6.55 28.60
N LEU D 521 -42.87 -7.29 29.27
CA LEU D 521 -43.30 -7.10 30.67
C LEU D 521 -43.85 -5.71 31.00
N GLU D 522 -44.82 -5.26 30.20
CA GLU D 522 -45.26 -3.87 30.24
C GLU D 522 -46.07 -3.51 31.49
N GLY D 523 -46.60 -4.49 32.21
CA GLY D 523 -47.24 -4.22 33.49
C GLY D 523 -47.09 -5.34 34.51
N ARG D 524 -46.09 -6.21 34.31
CA ARG D 524 -46.10 -7.50 34.98
C ARG D 524 -45.61 -7.44 36.43
N LEU D 525 -44.71 -6.52 36.76
CA LEU D 525 -44.23 -6.42 38.13
C LEU D 525 -44.54 -5.07 38.75
N GLU D 526 -44.26 -4.99 40.05
CA GLU D 526 -44.22 -3.76 40.84
C GLU D 526 -43.28 -4.04 41.99
N ILE D 527 -42.53 -3.01 42.41
CA ILE D 527 -41.51 -3.19 43.43
C ILE D 527 -41.71 -2.10 44.49
N THR D 528 -41.57 -2.47 45.76
CA THR D 528 -41.81 -1.54 46.85
C THR D 528 -40.57 -0.71 47.17
N ASP D 529 -40.79 0.36 47.93
CA ASP D 529 -39.70 1.23 48.38
C ASP D 529 -38.79 0.53 49.37
N ARG D 530 -39.35 -0.36 50.20
CA ARG D 530 -38.57 -1.16 51.12
C ARG D 530 -37.69 -2.17 50.39
N ALA D 531 -38.15 -2.66 49.23
CA ALA D 531 -37.38 -3.63 48.45
C ALA D 531 -36.18 -2.98 47.77
N ILE D 532 -36.36 -1.81 47.17
CA ILE D 532 -35.23 -1.11 46.56
C ILE D 532 -34.32 -0.49 47.62
N GLU D 533 -34.87 -0.17 48.79
CA GLU D 533 -34.07 0.32 49.91
C GLU D 533 -33.22 -0.82 50.47
N ARG D 534 -33.79 -2.03 50.47
CA ARG D 534 -33.07 -3.23 50.87
C ARG D 534 -32.02 -3.65 49.86
N ILE D 535 -32.25 -3.46 48.55
CA ILE D 535 -31.24 -3.88 47.58
C ILE D 535 -30.08 -2.86 47.57
N VAL D 536 -30.36 -1.60 47.95
CA VAL D 536 -29.31 -0.61 48.19
C VAL D 536 -28.50 -0.96 49.44
N GLN D 537 -29.17 -1.42 50.51
CA GLN D 537 -28.45 -1.82 51.72
C GLN D 537 -27.64 -3.11 51.54
N GLU D 538 -28.18 -4.07 50.81
CA GLU D 538 -27.58 -5.40 50.79
C GLU D 538 -26.58 -5.62 49.67
N TYR D 539 -26.70 -4.93 48.53
CA TYR D 539 -25.86 -5.31 47.41
C TYR D 539 -24.94 -4.21 46.89
N THR D 540 -25.36 -2.95 46.94
CA THR D 540 -24.64 -1.86 46.27
C THR D 540 -24.07 -0.88 47.29
N ARG D 541 -22.74 -0.76 47.34
CA ARG D 541 -22.10 0.29 48.12
C ARG D 541 -21.13 1.11 47.29
N GLU D 542 -21.32 1.21 45.98
CA GLU D 542 -20.40 1.93 45.11
C GLU D 542 -20.68 3.43 45.05
N ALA D 543 -21.73 3.89 45.76
CA ALA D 543 -22.27 5.26 45.76
C ALA D 543 -22.66 5.73 44.36
N GLY D 544 -23.16 4.78 43.57
CA GLY D 544 -23.58 5.00 42.19
C GLY D 544 -24.66 3.98 41.89
N VAL D 545 -25.09 3.97 40.63
CA VAL D 545 -26.17 3.09 40.20
C VAL D 545 -25.75 2.17 39.05
N ARG D 546 -24.44 1.89 38.90
CA ARG D 546 -24.03 0.86 37.95
C ARG D 546 -24.39 -0.52 38.45
N ASN D 547 -23.93 -0.87 39.65
CA ASN D 547 -24.31 -2.15 40.25
C ASN D 547 -25.75 -2.18 40.71
N LEU D 548 -26.39 -1.02 40.93
CA LEU D 548 -27.84 -1.01 41.13
C LEU D 548 -28.57 -1.37 39.84
N ASP D 549 -28.04 -0.95 38.69
CA ASP D 549 -28.59 -1.39 37.41
C ASP D 549 -28.31 -2.86 37.16
N ARG D 550 -27.17 -3.39 37.64
CA ARG D 550 -26.87 -4.82 37.48
C ARG D 550 -27.75 -5.69 38.38
N GLU D 551 -27.91 -5.31 39.66
CA GLU D 551 -28.71 -6.12 40.57
C GLU D 551 -30.20 -5.97 40.29
N LEU D 552 -30.67 -4.76 39.96
CA LEU D 552 -32.04 -4.57 39.50
C LEU D 552 -32.26 -4.99 38.06
N SER D 553 -31.21 -5.36 37.32
CA SER D 553 -31.36 -6.10 36.09
C SER D 553 -31.37 -7.59 36.28
N LYS D 554 -30.88 -8.09 37.42
CA LYS D 554 -31.15 -9.49 37.77
C LYS D 554 -32.57 -9.66 38.30
N VAL D 555 -33.04 -8.69 39.10
CA VAL D 555 -34.46 -8.60 39.46
C VAL D 555 -35.24 -8.20 38.21
N ALA D 556 -36.44 -8.79 38.07
CA ALA D 556 -37.35 -8.72 36.89
C ALA D 556 -36.69 -9.28 35.62
N ARG D 557 -35.74 -10.17 35.79
CA ARG D 557 -35.22 -11.08 34.78
C ARG D 557 -35.25 -12.51 35.28
N LYS D 558 -34.84 -12.74 36.54
CA LYS D 558 -35.18 -13.98 37.21
C LYS D 558 -36.69 -14.08 37.43
N ALA D 559 -37.33 -12.95 37.76
CA ALA D 559 -38.78 -12.91 37.85
C ALA D 559 -39.45 -13.05 36.48
N ALA D 560 -38.77 -12.61 35.41
CA ALA D 560 -39.28 -12.85 34.06
C ALA D 560 -39.17 -14.32 33.66
N LYS D 561 -38.10 -14.99 34.09
CA LYS D 561 -37.94 -16.42 33.88
C LYS D 561 -38.96 -17.23 34.69
N ASP D 562 -39.24 -16.80 35.92
CA ASP D 562 -40.29 -17.43 36.72
C ASP D 562 -41.69 -17.12 36.18
N TYR D 563 -41.85 -15.96 35.54
CA TYR D 563 -43.10 -15.64 34.85
C TYR D 563 -43.31 -16.50 33.62
N LEU D 564 -42.23 -16.78 32.88
CA LEU D 564 -42.35 -17.58 31.68
C LEU D 564 -42.49 -19.06 31.99
N GLU D 565 -41.90 -19.53 33.09
CA GLU D 565 -42.16 -20.90 33.52
C GLU D 565 -43.54 -21.03 34.14
N LYS D 566 -43.93 -20.08 34.98
CA LYS D 566 -45.22 -20.11 35.68
C LYS D 566 -45.94 -18.79 35.41
N PRO D 567 -47.02 -18.77 34.63
CA PRO D 567 -47.64 -17.49 34.24
C PRO D 567 -48.42 -16.84 35.39
N TRP D 568 -48.26 -15.53 35.49
CA TRP D 568 -48.81 -14.74 36.59
C TRP D 568 -50.06 -13.96 36.20
N GLU D 569 -49.95 -13.18 35.10
CA GLU D 569 -51.03 -12.37 34.49
C GLU D 569 -51.62 -11.36 35.46
N GLY D 570 -50.76 -10.45 35.92
CA GLY D 570 -51.18 -9.42 36.84
C GLY D 570 -49.97 -8.70 37.38
N VAL D 571 -50.24 -7.57 38.03
CA VAL D 571 -49.20 -6.71 38.58
C VAL D 571 -48.73 -7.34 39.88
N ARG D 572 -47.56 -7.96 39.86
CA ARG D 572 -47.03 -8.73 40.98
C ARG D 572 -46.08 -7.87 41.81
N VAL D 573 -46.15 -8.02 43.13
CA VAL D 573 -45.47 -7.16 44.07
C VAL D 573 -44.40 -7.98 44.78
N VAL D 574 -43.15 -7.51 44.71
CA VAL D 574 -42.05 -8.08 45.48
C VAL D 574 -41.82 -7.22 46.72
N ASP D 575 -41.50 -7.86 47.84
CA ASP D 575 -41.67 -7.23 49.15
C ASP D 575 -40.50 -7.52 50.09
N ALA D 576 -39.27 -7.36 49.58
CA ALA D 576 -37.99 -7.23 50.29
C ALA D 576 -37.49 -8.47 51.04
N GLU D 577 -38.25 -9.55 51.09
CA GLU D 577 -37.71 -10.82 51.58
C GLU D 577 -37.50 -11.84 50.46
N ASP D 578 -38.26 -11.74 49.37
CA ASP D 578 -37.95 -12.46 48.15
C ASP D 578 -36.79 -11.83 47.39
N LEU D 579 -36.49 -10.55 47.66
CA LEU D 579 -35.29 -9.90 47.15
C LEU D 579 -34.03 -10.52 47.73
N GLU D 580 -34.08 -10.96 48.99
CA GLU D 580 -32.97 -11.73 49.54
C GLU D 580 -32.88 -13.11 48.91
N ALA D 581 -34.02 -13.68 48.49
CA ALA D 581 -34.05 -14.99 47.86
C ALA D 581 -33.82 -14.94 46.35
N TYR D 582 -33.96 -13.77 45.73
CA TYR D 582 -33.73 -13.67 44.29
C TYR D 582 -32.25 -13.70 43.93
N LEU D 583 -31.38 -13.27 44.83
CA LEU D 583 -29.97 -13.17 44.52
C LEU D 583 -29.13 -14.05 45.43
N GLY D 584 -29.71 -15.13 45.93
CA GLY D 584 -28.95 -16.07 46.74
C GLY D 584 -28.81 -15.59 48.17
N VAL D 585 -27.66 -15.00 48.47
CA VAL D 585 -27.39 -14.42 49.78
C VAL D 585 -27.34 -12.90 49.62
N PRO D 586 -27.55 -12.11 50.69
CA PRO D 586 -27.14 -10.71 50.63
C PRO D 586 -25.62 -10.62 50.65
N LYS D 587 -25.06 -9.91 49.67
CA LYS D 587 -23.61 -9.95 49.46
C LYS D 587 -22.86 -9.10 50.47
N TYR D 588 -23.44 -7.98 50.90
CA TYR D 588 -22.77 -7.05 51.81
C TYR D 588 -23.68 -6.77 53.00
N ARG D 589 -23.18 -5.95 53.92
CA ARG D 589 -23.83 -5.71 55.20
C ARG D 589 -25.02 -4.75 55.04
N PRO D 590 -26.23 -5.12 55.52
CA PRO D 590 -27.43 -4.32 55.28
C PRO D 590 -27.71 -3.24 56.33
N ASP D 591 -26.68 -2.41 56.60
CA ASP D 591 -26.64 -1.33 57.60
C ASP D 591 -26.99 -1.86 59.00
N ARG D 592 -26.06 -2.68 59.50
CA ARG D 592 -26.29 -3.49 60.70
C ARG D 592 -26.38 -2.67 61.97
N ALA D 593 -25.73 -1.48 62.00
CA ALA D 593 -25.77 -0.46 63.06
C ALA D 593 -25.34 -1.02 64.42
N GLU D 594 -24.04 -1.36 64.50
CA GLU D 594 -23.51 -2.09 65.65
C GLU D 594 -23.44 -1.23 66.91
N LYS D 595 -23.25 0.10 66.76
CA LYS D 595 -23.24 1.21 67.73
C LYS D 595 -22.58 0.91 69.09
N GLU D 596 -21.47 0.18 69.08
CA GLU D 596 -20.94 -0.37 70.32
C GLU D 596 -19.54 0.16 70.62
N PRO D 597 -19.23 0.46 71.89
CA PRO D 597 -17.89 0.92 72.23
C PRO D 597 -16.87 -0.22 72.24
N GLN D 598 -15.72 0.04 71.63
CA GLN D 598 -14.77 -1.02 71.33
C GLN D 598 -13.38 -0.42 71.30
N VAL D 599 -12.40 -1.25 71.64
CA VAL D 599 -11.03 -0.79 71.87
C VAL D 599 -10.20 -1.01 70.60
N GLY D 600 -9.57 0.06 70.12
CA GLY D 600 -8.61 -0.01 69.05
C GLY D 600 -9.13 0.37 67.68
N ALA D 601 -10.44 0.41 67.48
CA ALA D 601 -11.02 0.74 66.19
C ALA D 601 -11.54 2.17 66.18
N ALA D 602 -11.71 2.69 64.96
CA ALA D 602 -12.32 4.00 64.76
C ALA D 602 -13.05 3.97 63.43
N GLN D 603 -14.36 4.19 63.48
CA GLN D 603 -15.18 4.23 62.28
C GLN D 603 -14.87 5.52 61.53
N GLY D 604 -14.63 5.44 60.22
CA GLY D 604 -14.14 6.63 59.55
C GLY D 604 -14.54 6.83 58.10
N LEU D 605 -14.72 8.09 57.72
CA LEU D 605 -15.13 8.49 56.39
C LEU D 605 -13.89 8.75 55.52
N ALA D 606 -14.06 8.57 54.20
CA ALA D 606 -12.99 8.82 53.25
C ALA D 606 -13.58 9.18 51.90
N TRP D 607 -12.70 9.41 50.93
CA TRP D 607 -13.09 9.79 49.57
C TRP D 607 -12.26 8.99 48.57
N THR D 608 -12.89 8.01 47.94
CA THR D 608 -12.27 7.14 46.95
C THR D 608 -12.92 7.35 45.58
N PRO D 609 -12.20 7.04 44.48
CA PRO D 609 -12.84 7.13 43.15
C PRO D 609 -13.92 6.10 42.88
N TYR D 610 -14.03 5.01 43.66
CA TYR D 610 -15.18 4.11 43.54
C TYR D 610 -16.29 4.46 44.52
N GLY D 611 -16.36 5.72 44.96
CA GLY D 611 -17.44 6.21 45.80
C GLY D 611 -17.02 6.35 47.25
N GLY D 612 -17.74 7.22 47.96
CA GLY D 612 -17.51 7.41 49.38
C GLY D 612 -18.04 6.23 50.16
N THR D 613 -17.16 5.51 50.84
CA THR D 613 -17.52 4.32 51.60
C THR D 613 -17.09 4.49 53.06
N LEU D 614 -17.46 3.52 53.88
CA LEU D 614 -17.15 3.56 55.30
C LEU D 614 -15.88 2.74 55.55
N LEU D 615 -14.96 3.28 56.32
CA LEU D 615 -13.63 2.69 56.52
C LEU D 615 -13.31 2.63 58.00
N THR D 616 -13.38 1.43 58.58
CA THR D 616 -12.98 1.25 59.97
C THR D 616 -11.46 1.21 60.08
N ILE D 617 -10.91 2.07 60.94
CA ILE D 617 -9.46 2.24 61.06
C ILE D 617 -9.01 1.66 62.39
N GLU D 618 -8.04 0.76 62.35
CA GLU D 618 -7.60 -0.03 63.49
C GLU D 618 -6.16 0.31 63.84
N ALA D 619 -5.86 0.40 65.14
CA ALA D 619 -4.49 0.48 65.62
C ALA D 619 -4.34 -0.36 66.88
N VAL D 620 -3.12 -0.82 67.11
CA VAL D 620 -2.79 -1.59 68.31
C VAL D 620 -1.36 -1.22 68.72
N ALA D 621 -1.13 -1.16 70.03
CA ALA D 621 0.18 -0.85 70.58
C ALA D 621 0.70 -2.08 71.31
N VAL D 622 1.89 -2.54 70.91
CA VAL D 622 2.47 -3.75 71.50
C VAL D 622 3.74 -3.35 72.24
N PRO D 623 4.09 -4.02 73.35
CA PRO D 623 5.28 -3.58 74.13
C PRO D 623 6.63 -3.95 73.51
N GLY D 624 7.07 -3.12 72.56
CA GLY D 624 8.34 -3.35 71.89
C GLY D 624 9.33 -2.20 72.06
N THR D 625 10.12 -1.92 71.02
CA THR D 625 11.08 -0.82 71.06
C THR D 625 10.63 0.40 70.25
N GLY D 626 9.46 0.35 69.62
CA GLY D 626 8.91 1.56 69.05
C GLY D 626 9.15 1.80 67.58
N LYS D 627 8.90 0.79 66.75
CA LYS D 627 8.89 1.02 65.32
C LYS D 627 7.61 1.75 64.92
N VAL D 628 7.67 2.42 63.77
CA VAL D 628 6.58 3.29 63.33
C VAL D 628 5.99 2.78 62.01
N ASN D 629 6.07 1.46 61.80
CA ASN D 629 5.63 0.88 60.55
C ASN D 629 4.10 0.78 60.48
N LEU D 630 3.57 0.96 59.28
CA LEU D 630 2.15 0.87 58.99
C LEU D 630 1.88 -0.35 58.12
N THR D 631 0.64 -0.45 57.66
CA THR D 631 0.23 -1.49 56.72
C THR D 631 0.84 -1.18 55.35
N GLY D 632 1.40 -2.22 54.70
CA GLY D 632 2.02 -2.05 53.41
C GLY D 632 1.02 -1.84 52.28
N ASN D 633 1.57 -1.42 51.13
CA ASN D 633 0.83 -0.91 49.95
C ASN D 633 -0.11 0.24 50.32
N LEU D 634 0.39 1.17 51.13
CA LEU D 634 -0.27 2.45 51.39
C LEU D 634 0.59 3.66 51.04
N GLY D 635 1.84 3.68 51.48
CA GLY D 635 2.69 4.82 51.21
C GLY D 635 2.84 5.77 52.37
N GLU D 636 3.09 7.03 52.02
CA GLU D 636 3.52 8.05 52.97
C GLU D 636 2.37 8.97 53.41
N VAL D 637 1.27 9.02 52.65
CA VAL D 637 0.28 10.08 52.78
C VAL D 637 -0.59 9.92 54.03
N MET D 638 -0.65 8.72 54.61
CA MET D 638 -1.20 8.54 55.95
C MET D 638 -0.16 8.14 56.98
N LYS D 639 1.07 7.81 56.55
CA LYS D 639 2.21 7.70 57.44
C LYS D 639 2.53 9.03 58.12
N GLU D 640 2.36 10.13 57.37
CA GLU D 640 2.52 11.49 57.91
C GLU D 640 1.50 11.79 59.01
N SER D 641 0.22 11.45 58.76
CA SER D 641 -0.82 11.71 59.75
C SER D 641 -0.72 10.77 60.94
N ALA D 642 -0.26 9.53 60.74
CA ALA D 642 -0.09 8.59 61.83
C ALA D 642 1.07 8.97 62.74
N HIS D 643 2.21 9.34 62.17
CA HIS D 643 3.34 9.72 63.00
C HIS D 643 3.17 11.11 63.60
N ALA D 644 2.40 11.98 62.92
CA ALA D 644 2.05 13.27 63.48
C ALA D 644 1.06 13.14 64.63
N ALA D 645 0.14 12.17 64.55
CA ALA D 645 -0.77 11.91 65.65
C ALA D 645 -0.04 11.28 66.82
N LEU D 646 0.95 10.42 66.54
CA LEU D 646 1.78 9.82 67.58
C LEU D 646 2.62 10.87 68.31
N THR D 647 3.24 11.80 67.57
CA THR D 647 3.98 12.87 68.21
C THR D 647 3.09 13.94 68.82
N TYR D 648 1.83 14.07 68.38
CA TYR D 648 0.89 14.96 69.06
C TYR D 648 0.47 14.38 70.41
N LEU D 649 0.24 13.06 70.46
CA LEU D 649 -0.02 12.41 71.75
C LEU D 649 1.23 12.36 72.63
N ARG D 650 2.41 12.40 72.01
CA ARG D 650 3.64 12.50 72.77
C ARG D 650 3.85 13.90 73.34
N ALA D 651 3.45 14.93 72.60
CA ALA D 651 3.54 16.30 73.11
C ALA D 651 2.45 16.62 74.13
N HIS D 652 1.39 15.82 74.18
CA HIS D 652 0.32 15.97 75.15
C HIS D 652 0.24 14.69 75.97
N ARG D 653 1.41 14.28 76.48
CA ARG D 653 1.60 12.98 77.12
C ARG D 653 0.83 12.87 78.45
N GLU D 654 0.96 13.88 79.31
CA GLU D 654 0.45 13.79 80.67
C GLU D 654 -1.07 13.99 80.77
N GLU D 655 -1.73 14.40 79.69
CA GLU D 655 -3.15 14.74 79.77
C GLU D 655 -4.06 13.53 79.74
N TRP D 656 -3.57 12.35 79.34
CA TRP D 656 -4.43 11.18 79.20
C TRP D 656 -3.81 9.91 79.77
N GLY D 657 -2.86 10.05 80.69
CA GLY D 657 -2.24 8.90 81.36
C GLY D 657 -1.36 8.04 80.48
N LEU D 658 -0.59 8.65 79.59
CA LEU D 658 0.35 7.92 78.75
C LEU D 658 1.57 7.50 79.56
N PRO D 659 2.25 6.42 79.15
CA PRO D 659 3.58 6.14 79.70
C PRO D 659 4.60 7.20 79.28
N GLU D 660 5.59 7.41 80.14
CA GLU D 660 6.51 8.53 79.99
C GLU D 660 7.53 8.35 78.88
N GLY D 661 7.74 7.12 78.41
CA GLY D 661 8.68 6.89 77.33
C GLY D 661 8.09 6.03 76.23
N PHE D 662 6.81 6.26 75.91
CA PHE D 662 6.01 5.33 75.12
C PHE D 662 6.35 5.31 73.63
N HIS D 663 7.18 6.25 73.14
CA HIS D 663 7.65 6.14 71.77
C HIS D 663 8.69 5.05 71.59
N LYS D 664 9.36 4.63 72.67
CA LYS D 664 10.20 3.43 72.66
C LYS D 664 9.73 2.36 73.62
N ASP D 665 8.79 2.65 74.52
CA ASP D 665 8.25 1.60 75.37
C ASP D 665 7.27 0.72 74.63
N TYR D 666 6.44 1.31 73.76
CA TYR D 666 5.39 0.59 73.04
C TYR D 666 5.62 0.70 71.53
N ASP D 667 5.73 -0.46 70.87
CA ASP D 667 5.79 -0.53 69.43
C ASP D 667 4.38 -0.42 68.85
N LEU D 668 4.28 0.13 67.65
CA LEU D 668 2.99 0.41 67.01
C LEU D 668 2.88 -0.26 65.65
N HIS D 669 1.62 -0.53 65.27
CA HIS D 669 1.26 -1.00 63.94
C HIS D 669 -0.12 -0.44 63.63
N ILE D 670 -0.27 0.18 62.46
CA ILE D 670 -1.47 0.95 62.12
C ILE D 670 -2.14 0.26 60.94
N HIS D 671 -3.45 0.01 61.06
CA HIS D 671 -4.25 -0.61 59.99
C HIS D 671 -5.17 0.43 59.40
N VAL D 672 -4.88 0.87 58.19
CA VAL D 672 -5.77 1.72 57.40
C VAL D 672 -6.13 0.95 56.14
N PRO D 673 -7.34 0.36 56.08
CA PRO D 673 -7.80 -0.25 54.81
C PRO D 673 -8.38 0.82 53.89
N GLU D 674 -7.48 1.52 53.20
CA GLU D 674 -7.83 2.77 52.53
C GLU D 674 -8.55 2.55 51.21
N GLY D 675 -8.50 1.35 50.65
CA GLY D 675 -8.91 1.16 49.27
C GLY D 675 -7.91 1.86 48.37
N ALA D 676 -8.33 2.99 47.81
CA ALA D 676 -7.42 3.89 47.12
C ALA D 676 -7.93 5.31 47.32
N THR D 677 -7.20 6.12 48.09
CA THR D 677 -7.49 7.54 48.24
C THR D 677 -6.22 8.40 48.06
N PRO D 678 -5.77 8.60 46.78
CA PRO D 678 -4.50 9.30 46.57
C PRO D 678 -4.57 10.82 46.75
N LYS D 679 -5.68 11.45 46.35
CA LYS D 679 -5.82 12.89 46.52
C LYS D 679 -6.13 13.26 47.97
N ASP D 680 -7.05 12.55 48.58
CA ASP D 680 -7.38 12.73 50.00
C ASP D 680 -6.67 11.69 50.84
N GLY D 681 -5.34 11.82 50.87
CA GLY D 681 -4.45 10.95 51.60
C GLY D 681 -4.62 10.94 53.11
N PRO D 682 -4.29 12.07 53.81
CA PRO D 682 -4.44 12.09 55.27
C PRO D 682 -5.83 12.47 55.77
N SER D 683 -6.86 12.34 54.92
CA SER D 683 -8.22 12.75 55.26
C SER D 683 -8.88 11.89 56.32
N ALA D 684 -8.36 10.70 56.61
CA ALA D 684 -8.79 9.90 57.76
C ALA D 684 -7.84 10.04 58.93
N GLY D 685 -7.16 11.19 59.04
CA GLY D 685 -6.10 11.35 60.02
C GLY D 685 -6.59 11.47 61.45
N ILE D 686 -7.75 12.09 61.66
CA ILE D 686 -8.30 12.15 63.00
C ILE D 686 -8.91 10.81 63.41
N THR D 687 -9.32 9.98 62.44
CA THR D 687 -9.69 8.59 62.73
C THR D 687 -8.47 7.78 63.15
N ILE D 688 -7.34 8.04 62.49
CA ILE D 688 -6.06 7.43 62.87
C ILE D 688 -5.62 7.88 64.26
N ALA D 689 -5.83 9.16 64.59
CA ALA D 689 -5.50 9.71 65.91
C ALA D 689 -6.38 9.14 67.01
N THR D 690 -7.66 8.91 66.71
CA THR D 690 -8.57 8.20 67.62
C THR D 690 -8.14 6.74 67.80
N ALA D 691 -7.65 6.13 66.72
CA ALA D 691 -7.16 4.74 66.79
C ALA D 691 -5.88 4.62 67.60
N LEU D 692 -4.98 5.60 67.50
CA LEU D 692 -3.83 5.68 68.41
C LEU D 692 -4.23 5.95 69.86
N ALA D 693 -5.30 6.73 70.07
CA ALA D 693 -5.78 7.02 71.43
C ALA D 693 -6.30 5.75 72.12
N SER D 694 -7.13 4.96 71.42
CA SER D 694 -7.54 3.69 71.99
C SER D 694 -6.47 2.60 71.92
N ALA D 695 -5.46 2.77 71.06
CA ALA D 695 -4.38 1.79 71.03
C ALA D 695 -3.44 1.98 72.22
N LEU D 696 -3.20 3.23 72.62
CA LEU D 696 -2.26 3.46 73.70
C LEU D 696 -2.93 3.52 75.07
N THR D 697 -4.09 4.18 75.17
CA THR D 697 -4.75 4.24 76.47
C THR D 697 -5.49 2.94 76.78
N GLY D 698 -6.31 2.47 75.85
CA GLY D 698 -7.05 1.24 76.01
C GLY D 698 -8.51 1.42 76.34
N ARG D 699 -8.95 2.64 76.59
CA ARG D 699 -10.36 2.89 76.82
C ARG D 699 -11.11 2.96 75.48
N PRO D 700 -12.33 2.43 75.40
CA PRO D 700 -12.94 2.15 74.08
C PRO D 700 -13.49 3.39 73.37
N VAL D 701 -13.83 3.17 72.10
CA VAL D 701 -14.40 4.19 71.22
C VAL D 701 -15.67 3.63 70.58
N ARG D 702 -16.77 4.36 70.74
CA ARG D 702 -18.01 4.02 70.05
C ARG D 702 -17.89 4.30 68.54
N MET D 703 -18.42 3.40 67.73
CA MET D 703 -18.28 3.51 66.28
C MET D 703 -19.52 4.12 65.61
N ASP D 704 -20.48 4.62 66.38
CA ASP D 704 -21.59 5.33 65.75
C ASP D 704 -21.21 6.72 65.26
N ILE D 705 -20.12 7.29 65.78
CA ILE D 705 -19.53 8.49 65.20
C ILE D 705 -18.49 8.06 64.18
N ALA D 706 -18.76 8.33 62.91
CA ALA D 706 -17.80 8.11 61.83
C ALA D 706 -17.35 9.48 61.33
N MET D 707 -16.04 9.72 61.34
CA MET D 707 -15.53 11.07 61.14
C MET D 707 -14.48 11.10 60.04
N THR D 708 -14.05 12.33 59.72
CA THR D 708 -13.03 12.58 58.72
C THR D 708 -12.32 13.90 59.04
N GLY D 709 -11.04 13.96 58.69
CA GLY D 709 -10.23 15.12 58.98
C GLY D 709 -8.76 14.75 59.00
N GLU D 710 -7.92 15.77 58.98
CA GLU D 710 -6.48 15.55 58.93
C GLU D 710 -5.81 16.06 60.21
N ILE D 711 -4.50 15.83 60.30
CA ILE D 711 -3.72 16.11 61.50
C ILE D 711 -2.71 17.20 61.17
N THR D 712 -2.78 18.31 61.90
CA THR D 712 -1.63 19.19 62.00
C THR D 712 -0.89 18.86 63.29
N LEU D 713 0.38 19.29 63.33
CA LEU D 713 1.29 18.81 64.34
C LEU D 713 1.05 19.45 65.71
N ARG D 714 0.64 20.71 65.74
CA ARG D 714 0.36 21.37 67.01
C ARG D 714 -0.99 20.97 67.60
N GLY D 715 -1.87 20.33 66.81
CA GLY D 715 -3.13 19.86 67.32
C GLY D 715 -4.33 20.61 66.78
N ARG D 716 -4.25 21.02 65.53
CA ARG D 716 -5.37 21.66 64.84
C ARG D 716 -5.74 20.82 63.63
N VAL D 717 -6.70 21.34 62.86
CA VAL D 717 -7.17 20.74 61.61
C VAL D 717 -7.25 21.83 60.55
N LEU D 718 -7.35 21.39 59.29
CA LEU D 718 -7.63 22.21 58.13
C LEU D 718 -8.94 21.74 57.47
N PRO D 719 -9.58 22.59 56.67
CA PRO D 719 -10.67 22.11 55.81
C PRO D 719 -10.18 21.11 54.76
N ILE D 720 -11.04 20.16 54.46
CA ILE D 720 -10.72 19.05 53.58
C ILE D 720 -11.68 19.05 52.40
N GLY D 721 -11.20 18.55 51.26
CA GLY D 721 -12.01 18.51 50.07
C GLY D 721 -12.74 17.20 49.91
N GLY D 722 -13.77 17.22 49.06
CA GLY D 722 -14.59 16.05 48.83
C GLY D 722 -15.46 15.68 50.02
N VAL D 723 -16.15 16.67 50.60
CA VAL D 723 -17.02 16.41 51.75
C VAL D 723 -18.35 15.80 51.31
N LYS D 724 -18.67 15.88 50.01
CA LYS D 724 -19.94 15.46 49.44
C LYS D 724 -20.15 13.95 49.56
N GLU D 725 -19.18 13.17 49.09
CA GLU D 725 -19.26 11.72 49.20
C GLU D 725 -18.99 11.21 50.61
N LYS D 726 -18.35 12.02 51.46
CA LYS D 726 -18.15 11.64 52.86
C LYS D 726 -19.45 11.73 53.64
N LEU D 727 -20.22 12.82 53.45
CA LEU D 727 -21.54 12.90 54.06
C LEU D 727 -22.53 11.95 53.40
N LEU D 728 -22.31 11.61 52.12
CA LEU D 728 -23.06 10.54 51.47
C LEU D 728 -22.79 9.17 52.10
N ALA D 729 -21.52 8.90 52.45
CA ALA D 729 -21.15 7.65 53.12
C ALA D 729 -21.72 7.59 54.54
N ALA D 730 -21.76 8.74 55.21
CA ALA D 730 -22.41 8.83 56.52
C ALA D 730 -23.93 8.66 56.41
N HIS D 731 -24.52 9.06 55.29
CA HIS D 731 -25.95 8.79 55.08
C HIS D 731 -26.21 7.31 54.79
N GLN D 732 -25.43 6.70 53.89
CA GLN D 732 -25.71 5.32 53.49
C GLN D 732 -25.25 4.31 54.52
N ALA D 733 -24.38 4.70 55.45
CA ALA D 733 -23.99 3.82 56.54
C ALA D 733 -24.87 3.97 57.78
N GLY D 734 -25.84 4.87 57.76
CA GLY D 734 -26.67 5.09 58.92
C GLY D 734 -26.00 5.87 60.02
N ILE D 735 -24.93 6.60 59.70
CA ILE D 735 -24.18 7.37 60.70
C ILE D 735 -24.94 8.65 61.01
N HIS D 736 -25.22 8.87 62.30
CA HIS D 736 -26.02 10.01 62.72
C HIS D 736 -25.19 11.14 63.35
N ARG D 737 -23.93 10.89 63.69
CA ARG D 737 -23.07 11.93 64.24
C ARG D 737 -21.73 11.90 63.55
N VAL D 738 -21.26 13.05 63.07
CA VAL D 738 -19.99 13.16 62.35
C VAL D 738 -19.17 14.25 63.01
N ILE D 739 -17.96 13.92 63.46
CA ILE D 739 -17.01 14.91 63.92
C ILE D 739 -16.34 15.53 62.71
N LEU D 740 -16.42 16.85 62.59
CA LEU D 740 -15.88 17.59 61.45
C LEU D 740 -15.01 18.73 61.93
N PRO D 741 -14.10 19.21 61.08
CA PRO D 741 -13.48 20.53 61.30
C PRO D 741 -14.51 21.66 61.31
N LYS D 742 -14.22 22.67 62.12
CA LYS D 742 -15.08 23.85 62.26
C LYS D 742 -15.10 24.70 60.99
N GLU D 743 -14.01 24.68 60.21
CA GLU D 743 -13.95 25.44 58.97
C GLU D 743 -14.77 24.79 57.86
N ASN D 744 -15.15 23.52 58.01
CA ASN D 744 -16.06 22.85 57.08
C ASN D 744 -17.53 23.20 57.29
N ALA D 745 -17.86 24.08 58.23
CA ALA D 745 -19.24 24.52 58.43
C ALA D 745 -19.75 25.42 57.31
N ALA D 746 -18.85 26.03 56.52
CA ALA D 746 -19.28 26.83 55.38
C ALA D 746 -19.84 25.96 54.27
N GLU D 747 -19.17 24.85 53.95
CA GLU D 747 -19.66 23.91 52.95
C GLU D 747 -20.49 22.78 53.54
N LEU D 748 -20.72 22.79 54.86
CA LEU D 748 -21.77 21.94 55.43
C LEU D 748 -23.14 22.36 54.92
N LYS D 749 -23.41 23.67 54.87
CA LYS D 749 -24.73 24.18 54.60
C LYS D 749 -25.13 24.09 53.12
N GLU D 750 -24.19 23.84 52.22
CA GLU D 750 -24.51 23.62 50.82
C GLU D 750 -24.64 22.12 50.50
N VAL D 751 -25.41 21.42 51.32
CA VAL D 751 -25.70 19.99 51.24
C VAL D 751 -27.22 19.94 51.38
N PRO D 752 -27.95 19.05 50.67
CA PRO D 752 -29.39 18.93 50.88
C PRO D 752 -29.76 18.43 52.27
N GLU D 753 -30.94 18.86 52.73
CA GLU D 753 -31.33 18.81 54.13
C GLU D 753 -31.72 17.41 54.61
N GLU D 754 -31.89 16.45 53.69
CA GLU D 754 -32.12 15.06 54.08
C GLU D 754 -30.86 14.46 54.73
N ILE D 755 -29.70 14.83 54.21
CA ILE D 755 -28.42 14.43 54.79
C ILE D 755 -28.23 15.10 56.16
N LEU D 756 -28.54 16.39 56.24
CA LEU D 756 -28.34 17.16 57.46
C LEU D 756 -29.41 16.89 58.52
N LYS D 757 -30.50 16.21 58.18
CA LYS D 757 -31.42 15.68 59.18
C LYS D 757 -31.17 14.20 59.46
N ASP D 758 -30.44 13.49 58.60
CA ASP D 758 -29.93 12.17 58.95
C ASP D 758 -28.73 12.26 59.88
N LEU D 759 -28.04 13.39 59.90
CA LEU D 759 -26.77 13.55 60.60
C LEU D 759 -26.86 14.70 61.61
N GLU D 760 -26.12 14.57 62.70
CA GLU D 760 -26.03 15.60 63.73
C GLU D 760 -24.55 15.89 64.00
N ILE D 761 -24.05 16.96 63.41
CA ILE D 761 -22.61 17.20 63.30
C ILE D 761 -22.16 18.05 64.47
N HIS D 762 -21.21 17.52 65.26
CA HIS D 762 -20.53 18.31 66.28
C HIS D 762 -19.28 18.93 65.68
N PHE D 763 -19.04 20.21 66.00
CA PHE D 763 -17.97 20.98 65.39
C PHE D 763 -16.88 21.29 66.39
N VAL D 764 -15.63 21.06 65.98
CA VAL D 764 -14.48 21.01 66.87
C VAL D 764 -13.21 21.14 66.02
N GLU D 765 -12.25 21.92 66.53
CA GLU D 765 -10.95 22.12 65.90
C GLU D 765 -9.84 21.27 66.52
N GLU D 766 -9.72 21.28 67.84
CA GLU D 766 -8.56 20.73 68.52
C GLU D 766 -8.68 19.21 68.62
N VAL D 767 -7.60 18.50 68.30
CA VAL D 767 -7.58 17.05 68.15
C VAL D 767 -7.75 16.35 69.51
N GLY D 768 -7.18 16.95 70.57
CA GLY D 768 -7.44 16.46 71.91
C GLY D 768 -8.87 16.67 72.37
N GLU D 769 -9.52 17.74 71.89
CA GLU D 769 -10.94 17.93 72.16
C GLU D 769 -11.81 16.95 71.36
N VAL D 770 -11.33 16.45 70.23
CA VAL D 770 -11.99 15.35 69.53
C VAL D 770 -11.87 14.06 70.34
N LEU D 771 -10.66 13.77 70.82
CA LEU D 771 -10.44 12.47 71.42
C LEU D 771 -10.78 12.41 72.91
N LYS D 772 -11.12 13.53 73.56
CA LYS D 772 -11.77 13.36 74.86
C LYS D 772 -13.24 13.04 74.67
N LEU D 773 -13.83 13.52 73.56
CA LEU D 773 -15.21 13.18 73.23
C LEU D 773 -15.34 11.72 72.83
N LEU D 774 -14.31 11.16 72.18
CA LEU D 774 -14.41 9.77 71.78
C LEU D 774 -13.87 8.76 72.79
N LEU D 775 -13.07 9.17 73.76
CA LEU D 775 -12.62 8.27 74.82
C LEU D 775 -13.55 8.46 76.01
N LEU D 776 -14.50 7.54 76.17
CA LEU D 776 -15.58 7.70 77.15
C LEU D 776 -15.17 7.35 78.59
N PRO D 777 -14.36 6.28 78.86
CA PRO D 777 -13.81 6.30 80.23
C PRO D 777 -12.64 7.27 80.39
N ARG E 6 -86.46 21.43 -66.62
CA ARG E 6 -86.60 20.46 -67.70
C ARG E 6 -85.43 20.54 -68.68
N LEU E 7 -84.32 19.92 -68.30
CA LEU E 7 -83.11 19.88 -69.13
C LEU E 7 -82.85 18.46 -69.59
N GLU E 8 -82.73 18.27 -70.90
CA GLU E 8 -82.52 16.94 -71.49
C GLU E 8 -81.02 16.73 -71.67
N LEU E 9 -80.35 16.35 -70.59
CA LEU E 9 -78.92 16.16 -70.55
C LEU E 9 -78.59 14.77 -70.02
N PRO E 10 -77.54 14.12 -70.52
CA PRO E 10 -77.26 12.73 -70.11
C PRO E 10 -76.62 12.65 -68.73
N VAL E 11 -76.54 11.41 -68.23
CA VAL E 11 -76.10 11.11 -66.87
C VAL E 11 -74.80 10.35 -66.95
N LEU E 12 -73.78 10.82 -66.21
CA LEU E 12 -72.58 10.03 -65.97
C LEU E 12 -72.74 9.29 -64.64
N PRO E 13 -72.78 7.96 -64.64
CA PRO E 13 -73.05 7.24 -63.38
C PRO E 13 -71.83 7.19 -62.46
N LEU E 14 -72.12 7.13 -61.16
CA LEU E 14 -71.12 7.09 -60.11
C LEU E 14 -71.35 5.89 -59.22
N ARG E 15 -70.25 5.29 -58.74
CA ARG E 15 -70.35 4.09 -57.91
C ARG E 15 -70.67 4.45 -56.46
N ASN E 16 -69.75 5.18 -55.81
CA ASN E 16 -69.96 5.58 -54.42
C ASN E 16 -69.64 7.03 -54.13
N THR E 17 -69.03 7.76 -55.07
CA THR E 17 -68.74 9.17 -54.86
C THR E 17 -70.03 9.98 -55.03
N VAL E 18 -70.26 10.90 -54.10
CA VAL E 18 -71.44 11.77 -54.11
C VAL E 18 -70.95 13.21 -54.24
N VAL E 19 -71.41 13.89 -55.30
CA VAL E 19 -70.92 15.20 -55.67
C VAL E 19 -72.00 16.24 -55.37
N LEU E 20 -71.62 17.29 -54.64
CA LEU E 20 -72.43 18.43 -54.22
C LEU E 20 -72.09 19.66 -55.07
N PRO E 21 -73.02 20.62 -55.23
CA PRO E 21 -72.74 21.81 -56.06
C PRO E 21 -71.68 22.74 -55.50
N HIS E 22 -71.05 23.47 -56.43
CA HIS E 22 -69.87 24.34 -56.22
C HIS E 22 -68.71 23.59 -55.57
N THR E 23 -68.41 22.42 -56.12
CA THR E 23 -67.32 21.58 -55.62
C THR E 23 -66.70 20.86 -56.80
N THR E 24 -65.39 21.04 -56.99
CA THR E 24 -64.66 20.40 -58.08
C THR E 24 -64.05 19.10 -57.57
N THR E 25 -64.36 18.00 -58.25
CA THR E 25 -63.86 16.68 -57.88
C THR E 25 -63.51 15.92 -59.15
N GLY E 26 -62.85 14.78 -58.98
CA GLY E 26 -62.41 13.93 -60.08
C GLY E 26 -63.26 12.67 -60.18
N VAL E 27 -63.61 12.31 -61.42
CA VAL E 27 -64.42 11.14 -61.72
C VAL E 27 -63.63 10.24 -62.66
N ASP E 28 -63.41 8.99 -62.24
CA ASP E 28 -62.74 8.00 -63.06
C ASP E 28 -63.77 7.27 -63.93
N VAL E 29 -63.51 7.23 -65.24
CA VAL E 29 -64.40 6.60 -66.20
C VAL E 29 -63.68 5.42 -66.82
N GLY E 30 -64.25 4.23 -66.70
CA GLY E 30 -63.61 3.04 -67.22
C GLY E 30 -64.53 2.13 -68.03
N ARG E 31 -65.58 2.69 -68.61
CA ARG E 31 -66.51 1.95 -69.44
C ARG E 31 -66.65 2.63 -70.79
N LEU E 32 -66.96 1.82 -71.82
CA LEU E 32 -67.06 2.33 -73.18
C LEU E 32 -68.34 3.13 -73.41
N LYS E 33 -69.44 2.73 -72.76
CA LYS E 33 -70.70 3.46 -72.88
C LYS E 33 -70.63 4.82 -72.20
N SER E 34 -69.95 4.89 -71.05
CA SER E 34 -69.74 6.17 -70.37
C SER E 34 -68.74 7.04 -71.13
N LYS E 35 -67.77 6.42 -71.81
CA LYS E 35 -66.83 7.16 -72.66
C LYS E 35 -67.53 7.76 -73.87
N ARG E 36 -68.45 7.01 -74.49
CA ARG E 36 -69.24 7.54 -75.59
C ARG E 36 -70.24 8.59 -75.12
N ALA E 37 -70.76 8.47 -73.89
CA ALA E 37 -71.64 9.49 -73.33
C ALA E 37 -70.90 10.78 -73.03
N VAL E 38 -69.66 10.69 -72.53
CA VAL E 38 -68.82 11.87 -72.29
C VAL E 38 -68.40 12.52 -73.61
N GLU E 39 -68.05 11.70 -74.61
CA GLU E 39 -67.66 12.24 -75.93
C GLU E 39 -68.85 12.80 -76.71
N GLU E 40 -70.08 12.36 -76.43
CA GLU E 40 -71.24 13.00 -77.03
C GLU E 40 -71.68 14.25 -76.27
N ALA E 41 -71.52 14.27 -74.94
CA ALA E 41 -71.93 15.41 -74.14
C ALA E 41 -70.88 16.49 -74.03
N LEU E 42 -69.68 16.25 -74.57
CA LEU E 42 -68.66 17.31 -74.62
C LEU E 42 -69.04 18.40 -75.59
N SER E 43 -69.65 18.04 -76.72
CA SER E 43 -70.14 19.03 -77.67
C SER E 43 -71.47 19.64 -77.26
N ALA E 44 -72.19 19.01 -76.34
CA ALA E 44 -73.48 19.50 -75.87
C ALA E 44 -73.32 20.33 -74.59
N ASP E 45 -72.54 21.41 -74.73
CA ASP E 45 -72.36 22.52 -73.78
C ASP E 45 -71.64 22.05 -72.48
N ARG E 46 -70.96 20.90 -72.56
CA ARG E 46 -70.12 20.28 -71.50
C ARG E 46 -70.87 20.04 -70.20
N LEU E 47 -72.09 19.52 -70.29
CA LEU E 47 -72.96 19.33 -69.13
C LEU E 47 -73.32 17.86 -68.97
N LEU E 48 -73.25 17.38 -67.72
CA LEU E 48 -73.57 16.00 -67.39
C LEU E 48 -74.27 15.95 -66.03
N PHE E 49 -75.12 14.95 -65.86
CA PHE E 49 -75.74 14.66 -64.58
C PHE E 49 -74.93 13.63 -63.82
N LEU E 50 -74.93 13.74 -62.50
CA LEU E 50 -74.19 12.84 -61.62
C LEU E 50 -75.17 12.23 -60.61
N VAL E 51 -75.63 11.02 -60.89
CA VAL E 51 -76.56 10.29 -60.03
C VAL E 51 -75.84 9.04 -59.54
N THR E 52 -75.76 8.88 -58.22
CA THR E 52 -75.09 7.75 -57.63
C THR E 52 -76.05 6.58 -57.44
N GLN E 53 -75.48 5.38 -57.41
CA GLN E 53 -76.24 4.15 -57.23
C GLN E 53 -76.29 3.79 -55.73
N LYS E 54 -76.69 2.56 -55.43
CA LYS E 54 -77.01 2.18 -54.05
C LYS E 54 -76.42 0.80 -53.77
N ASP E 55 -76.91 0.18 -52.69
CA ASP E 55 -76.49 -1.08 -52.04
C ASP E 55 -76.19 -2.32 -52.90
N PRO E 56 -76.82 -2.58 -54.07
CA PRO E 56 -76.27 -3.67 -54.91
C PRO E 56 -74.91 -3.34 -55.53
N GLU E 57 -74.73 -2.09 -55.99
CA GLU E 57 -73.50 -1.55 -56.61
C GLU E 57 -73.08 -2.37 -57.84
N VAL E 58 -74.04 -2.55 -58.75
CA VAL E 58 -73.82 -3.32 -59.98
C VAL E 58 -73.13 -2.41 -60.98
N ASP E 59 -72.13 -2.95 -61.70
CA ASP E 59 -71.34 -2.17 -62.65
C ASP E 59 -72.15 -1.73 -63.87
N ASP E 60 -73.22 -2.44 -64.22
CA ASP E 60 -74.20 -1.94 -65.18
C ASP E 60 -75.44 -1.53 -64.42
N PRO E 61 -75.65 -0.23 -64.18
CA PRO E 61 -76.72 0.19 -63.25
C PRO E 61 -78.10 0.14 -63.87
N ALA E 62 -79.04 -0.42 -63.11
CA ALA E 62 -80.44 -0.39 -63.48
C ALA E 62 -81.02 1.01 -63.28
N PRO E 63 -82.08 1.37 -64.02
CA PRO E 63 -82.78 2.64 -63.72
C PRO E 63 -83.51 2.64 -62.38
N GLU E 64 -83.85 1.47 -61.83
CA GLU E 64 -84.42 1.39 -60.48
C GLU E 64 -83.35 1.30 -59.40
N ASP E 65 -82.07 1.24 -59.78
CA ASP E 65 -80.97 1.19 -58.83
C ASP E 65 -80.31 2.56 -58.62
N LEU E 66 -80.95 3.63 -59.09
CA LEU E 66 -80.44 4.99 -58.90
C LEU E 66 -81.41 5.78 -58.02
N TYR E 67 -80.84 6.69 -57.24
CA TYR E 67 -81.61 7.46 -56.28
C TYR E 67 -82.44 8.54 -56.98
N ALA E 68 -83.42 9.07 -56.25
CA ALA E 68 -84.46 9.92 -56.82
C ALA E 68 -84.09 11.39 -56.95
N VAL E 69 -82.93 11.81 -56.42
CA VAL E 69 -82.46 13.18 -56.55
C VAL E 69 -81.15 13.17 -57.33
N GLY E 70 -81.09 13.91 -58.42
CA GLY E 70 -79.91 14.03 -59.24
C GLY E 70 -79.19 15.36 -59.02
N THR E 71 -78.03 15.49 -59.67
CA THR E 71 -77.19 16.68 -59.56
C THR E 71 -76.53 16.93 -60.91
N LEU E 72 -76.71 18.14 -61.44
CA LEU E 72 -76.11 18.54 -62.71
C LEU E 72 -74.70 19.07 -62.50
N ALA E 73 -73.79 18.72 -63.41
CA ALA E 73 -72.41 19.13 -63.33
C ALA E 73 -71.93 19.67 -64.68
N VAL E 74 -70.89 20.50 -64.63
CA VAL E 74 -70.24 21.04 -65.81
C VAL E 74 -68.90 20.33 -65.97
N VAL E 75 -68.46 20.18 -67.21
CA VAL E 75 -67.23 19.45 -67.54
C VAL E 75 -66.13 20.46 -67.82
N LYS E 76 -65.02 20.35 -67.10
CA LYS E 76 -63.88 21.25 -67.27
C LYS E 76 -62.91 20.74 -68.34
N GLN E 77 -62.38 19.54 -68.14
CA GLN E 77 -61.39 18.99 -69.06
C GLN E 77 -61.50 17.47 -69.06
N ALA E 78 -60.95 16.86 -70.10
CA ALA E 78 -60.92 15.41 -70.24
C ALA E 78 -59.53 14.99 -70.71
N MET E 79 -58.90 14.08 -69.98
CA MET E 79 -57.57 13.59 -70.30
C MET E 79 -57.62 12.08 -70.48
N ARG E 80 -57.00 11.60 -71.56
CA ARG E 80 -56.98 10.17 -71.87
C ARG E 80 -55.74 9.55 -71.22
N LEU E 81 -55.96 8.73 -70.20
CA LEU E 81 -54.87 8.00 -69.58
C LEU E 81 -54.44 6.84 -70.47
N PRO E 82 -53.14 6.51 -70.52
CA PRO E 82 -52.67 5.51 -71.49
C PRO E 82 -53.01 4.06 -71.15
N ASP E 83 -53.48 3.76 -69.93
CA ASP E 83 -53.82 2.38 -69.59
C ASP E 83 -55.18 1.95 -70.11
N GLY E 84 -56.02 2.89 -70.55
CA GLY E 84 -57.32 2.53 -71.09
C GLY E 84 -58.46 3.35 -70.53
N THR E 85 -58.37 3.69 -69.25
CA THR E 85 -59.42 4.48 -68.60
C THR E 85 -59.25 5.96 -68.94
N LEU E 86 -60.28 6.74 -68.62
CA LEU E 86 -60.29 8.18 -68.84
C LEU E 86 -60.66 8.88 -67.55
N GLN E 87 -59.94 9.96 -67.25
CA GLN E 87 -60.18 10.78 -66.06
C GLN E 87 -60.77 12.11 -66.47
N VAL E 88 -61.89 12.49 -65.84
CA VAL E 88 -62.58 13.74 -66.13
C VAL E 88 -62.68 14.54 -64.84
N MET E 89 -62.49 15.86 -64.96
CA MET E 89 -62.62 16.78 -63.84
C MET E 89 -63.91 17.57 -64.01
N VAL E 90 -64.82 17.43 -63.03
CA VAL E 90 -66.13 18.06 -63.10
C VAL E 90 -66.37 18.88 -61.85
N GLU E 91 -67.23 19.89 -62.00
CA GLU E 91 -67.73 20.69 -60.89
C GLU E 91 -69.24 20.76 -60.99
N ALA E 92 -69.93 20.45 -59.89
CA ALA E 92 -71.37 20.40 -59.93
C ALA E 92 -71.98 21.79 -59.74
N ARG E 93 -73.14 22.00 -60.36
CA ARG E 93 -73.79 23.30 -60.40
C ARG E 93 -75.11 23.35 -59.65
N SER E 94 -76.04 22.43 -59.94
CA SER E 94 -77.36 22.46 -59.33
C SER E 94 -77.91 21.05 -59.21
N ARG E 95 -78.94 20.90 -58.39
CA ARG E 95 -79.56 19.62 -58.12
C ARG E 95 -80.90 19.51 -58.84
N ALA E 96 -81.26 18.28 -59.20
CA ALA E 96 -82.48 18.01 -59.95
C ALA E 96 -83.22 16.83 -59.34
N ARG E 97 -84.52 16.77 -59.60
CA ARG E 97 -85.39 15.72 -59.08
C ARG E 97 -85.81 14.81 -60.22
N LEU E 98 -85.73 13.50 -60.00
CA LEU E 98 -86.09 12.51 -61.00
C LEU E 98 -87.60 12.44 -61.22
N LEU E 99 -87.99 12.17 -62.47
CA LEU E 99 -89.36 11.79 -62.79
C LEU E 99 -89.43 10.38 -63.35
N SER E 100 -88.71 10.08 -64.43
CA SER E 100 -88.70 8.77 -65.06
C SER E 100 -87.45 8.64 -65.91
N TYR E 101 -86.95 7.40 -66.01
CA TYR E 101 -85.88 7.05 -66.93
C TYR E 101 -86.37 6.08 -68.01
N VAL E 102 -85.66 6.09 -69.12
CA VAL E 102 -85.92 5.21 -70.27
C VAL E 102 -84.72 4.28 -70.40
N ALA E 103 -85.00 2.98 -70.54
CA ALA E 103 -83.95 1.97 -70.69
C ALA E 103 -83.29 2.10 -72.06
N ALA E 104 -82.08 2.64 -72.07
CA ALA E 104 -81.33 2.96 -73.27
C ALA E 104 -79.87 2.61 -73.03
N PRO E 105 -79.08 2.44 -74.10
CA PRO E 105 -77.61 2.39 -73.93
C PRO E 105 -77.00 3.65 -73.31
N TYR E 106 -77.55 4.82 -73.60
CA TYR E 106 -77.20 6.04 -72.89
C TYR E 106 -78.23 6.25 -71.78
N LEU E 107 -78.18 7.42 -71.14
CA LEU E 107 -79.14 7.76 -70.10
C LEU E 107 -79.78 9.10 -70.41
N ARG E 108 -81.10 9.19 -70.17
CA ARG E 108 -81.86 10.40 -70.38
C ARG E 108 -82.59 10.74 -69.09
N ALA E 109 -82.50 12.00 -68.65
CA ALA E 109 -83.02 12.42 -67.36
C ALA E 109 -83.80 13.72 -67.50
N VAL E 110 -85.11 13.66 -67.27
CA VAL E 110 -85.92 14.81 -66.89
C VAL E 110 -86.56 14.51 -65.53
N GLY E 111 -86.49 15.45 -64.58
CA GLY E 111 -85.70 16.68 -64.64
C GLY E 111 -86.42 17.85 -64.02
N GLU E 112 -85.78 18.46 -63.02
CA GLU E 112 -86.35 19.54 -62.24
C GLU E 112 -85.23 20.48 -61.81
N ALA E 113 -85.55 21.36 -60.85
CA ALA E 113 -84.57 22.24 -60.22
C ALA E 113 -85.06 22.52 -58.81
N ILE E 114 -84.21 23.15 -58.00
CA ILE E 114 -84.57 23.52 -56.63
C ILE E 114 -84.49 25.04 -56.48
N PRO E 115 -85.58 25.79 -56.78
CA PRO E 115 -85.64 27.22 -56.46
C PRO E 115 -86.28 27.51 -55.11
N GLU E 116 -85.77 26.87 -54.05
CA GLU E 116 -86.41 26.90 -52.73
C GLU E 116 -85.44 27.44 -51.68
N PRO E 117 -85.44 28.75 -51.43
CA PRO E 117 -84.72 29.28 -50.28
C PRO E 117 -85.49 29.03 -48.99
N PRO E 118 -84.81 28.88 -47.87
CA PRO E 118 -85.52 28.71 -46.60
C PRO E 118 -86.05 30.04 -46.07
N LEU E 119 -86.96 29.93 -45.10
CA LEU E 119 -87.59 31.08 -44.47
C LEU E 119 -86.97 31.34 -43.11
N LYS E 120 -87.30 32.52 -42.55
CA LYS E 120 -86.79 33.07 -41.29
C LYS E 120 -85.26 33.15 -41.27
N ASP E 121 -84.73 33.95 -42.22
CA ASP E 121 -83.28 34.03 -42.37
C ASP E 121 -82.56 34.80 -41.26
N PRO E 122 -82.75 36.11 -41.04
CA PRO E 122 -81.72 36.87 -40.33
C PRO E 122 -81.73 36.76 -38.81
N GLU E 123 -82.69 36.04 -38.23
CA GLU E 123 -82.74 35.85 -36.78
C GLU E 123 -82.27 34.48 -36.36
N LEU E 124 -82.65 33.42 -37.08
CA LEU E 124 -82.28 32.06 -36.74
C LEU E 124 -81.17 31.50 -37.63
N ALA E 125 -81.23 31.78 -38.94
CA ALA E 125 -80.33 31.14 -39.89
C ALA E 125 -78.91 31.68 -39.81
N ARG E 126 -78.76 32.96 -39.42
CA ARG E 126 -77.42 33.54 -39.23
C ARG E 126 -76.70 32.92 -38.04
N VAL E 127 -77.44 32.69 -36.94
CA VAL E 127 -76.91 32.02 -35.76
C VAL E 127 -76.62 30.55 -36.06
N LEU E 128 -77.47 29.92 -36.87
CA LEU E 128 -77.27 28.52 -37.28
C LEU E 128 -76.04 28.35 -38.18
N VAL E 129 -75.86 29.25 -39.15
CA VAL E 129 -74.68 29.25 -40.03
C VAL E 129 -73.40 29.57 -39.25
N ASN E 130 -73.49 30.43 -38.23
CA ASN E 130 -72.35 30.70 -37.34
C ASN E 130 -71.99 29.49 -36.48
N GLU E 131 -73.00 28.72 -36.03
CA GLU E 131 -72.72 27.51 -35.26
C GLU E 131 -72.14 26.40 -36.12
N VAL E 132 -72.60 26.28 -37.37
CA VAL E 132 -72.01 25.35 -38.34
C VAL E 132 -70.57 25.77 -38.68
N GLN E 133 -70.30 27.08 -38.75
CA GLN E 133 -68.95 27.60 -38.98
C GLN E 133 -68.01 27.30 -37.81
N GLU E 134 -68.50 27.45 -36.57
CA GLU E 134 -67.69 27.16 -35.39
C GLU E 134 -67.42 25.65 -35.23
N ALA E 135 -68.44 24.82 -35.50
CA ALA E 135 -68.24 23.37 -35.43
C ALA E 135 -67.36 22.84 -36.56
N PHE E 136 -67.47 23.45 -37.75
CA PHE E 136 -66.63 23.08 -38.88
C PHE E 136 -65.19 23.54 -38.68
N GLU E 137 -64.98 24.67 -37.99
CA GLU E 137 -63.63 25.10 -37.63
C GLU E 137 -63.03 24.20 -36.56
N ARG E 138 -63.85 23.77 -35.59
CA ARG E 138 -63.36 22.88 -34.53
C ARG E 138 -63.25 21.42 -34.97
N TYR E 139 -63.78 21.05 -36.14
CA TYR E 139 -63.70 19.67 -36.60
C TYR E 139 -62.30 19.27 -37.03
N LEU E 140 -61.48 20.22 -37.50
CA LEU E 140 -60.11 19.90 -37.93
C LEU E 140 -59.17 19.64 -36.76
N GLN E 141 -59.54 20.05 -35.54
CA GLN E 141 -58.74 19.77 -34.35
C GLN E 141 -58.76 18.29 -33.96
N ASN E 142 -59.78 17.55 -34.37
CA ASN E 142 -59.78 16.09 -34.23
C ASN E 142 -59.69 15.35 -35.54
N HIS E 143 -59.89 16.01 -36.68
CA HIS E 143 -59.75 15.35 -37.97
C HIS E 143 -58.30 15.33 -38.43
N LYS E 144 -57.69 16.53 -38.50
CA LYS E 144 -56.27 16.78 -38.84
C LYS E 144 -55.87 16.26 -40.21
N THR E 145 -56.79 16.28 -41.17
CA THR E 145 -56.51 15.89 -42.55
C THR E 145 -56.81 16.97 -43.57
N LEU E 146 -57.74 17.88 -43.29
CA LEU E 146 -58.16 18.87 -44.26
C LEU E 146 -57.21 20.07 -44.27
N ARG E 147 -57.40 20.92 -45.27
CA ARG E 147 -56.54 22.09 -45.44
C ARG E 147 -56.93 23.19 -44.44
N LEU E 148 -55.93 23.91 -43.95
CA LEU E 148 -56.15 24.86 -42.87
C LEU E 148 -56.72 26.19 -43.38
N ASP E 149 -56.10 26.79 -44.40
CA ASP E 149 -56.54 28.09 -44.90
C ASP E 149 -57.72 28.00 -45.86
N ARG E 150 -58.14 26.78 -46.24
CA ARG E 150 -59.33 26.60 -47.06
C ARG E 150 -60.60 26.94 -46.28
N TYR E 151 -60.56 26.79 -44.95
CA TYR E 151 -61.66 27.20 -44.07
C TYR E 151 -61.84 28.72 -44.10
N GLN E 152 -60.74 29.47 -44.01
CA GLN E 152 -60.82 30.93 -44.05
C GLN E 152 -61.08 31.45 -45.46
N GLN E 153 -60.67 30.70 -46.48
CA GLN E 153 -61.02 31.08 -47.85
C GLN E 153 -62.41 30.61 -48.26
N GLU E 154 -63.06 29.80 -47.45
CA GLU E 154 -64.43 29.32 -47.72
C GLU E 154 -65.31 29.51 -46.50
N ALA E 155 -65.23 30.68 -45.88
CA ALA E 155 -65.93 30.96 -44.63
C ALA E 155 -67.27 31.64 -44.90
N VAL E 156 -67.88 32.15 -43.82
CA VAL E 156 -69.07 33.00 -43.94
C VAL E 156 -68.69 34.34 -44.56
N LYS E 157 -67.51 34.85 -44.21
CA LYS E 157 -66.97 36.10 -44.76
C LYS E 157 -66.64 35.96 -46.24
N SER E 158 -66.26 34.78 -46.70
CA SER E 158 -65.96 34.56 -48.11
C SER E 158 -67.18 34.11 -48.89
N THR E 159 -67.93 33.13 -48.38
CA THR E 159 -69.09 32.58 -49.06
C THR E 159 -70.35 33.04 -48.32
N ARG E 160 -71.18 33.84 -49.00
CA ARG E 160 -72.40 34.35 -48.41
C ARG E 160 -73.53 33.32 -48.43
N ASP E 161 -73.53 32.43 -49.42
CA ASP E 161 -74.62 31.48 -49.63
C ASP E 161 -74.52 30.35 -48.61
N PRO E 162 -75.56 30.09 -47.81
CA PRO E 162 -75.50 28.96 -46.86
C PRO E 162 -75.60 27.59 -47.52
N ALA E 163 -76.17 27.49 -48.73
CA ALA E 163 -76.26 26.20 -49.39
C ALA E 163 -74.91 25.75 -49.93
N ILE E 164 -74.14 26.69 -50.49
CA ILE E 164 -72.78 26.42 -50.97
C ILE E 164 -71.85 26.10 -49.80
N LEU E 165 -72.01 26.81 -48.68
CA LEU E 165 -71.22 26.56 -47.47
C LEU E 165 -71.59 25.23 -46.83
N ALA E 166 -72.88 24.85 -46.88
CA ALA E 166 -73.30 23.55 -46.37
C ALA E 166 -72.82 22.40 -47.26
N ASP E 167 -72.76 22.63 -48.58
CA ASP E 167 -72.18 21.65 -49.48
C ASP E 167 -70.67 21.49 -49.27
N LEU E 168 -69.99 22.60 -48.96
CA LEU E 168 -68.55 22.52 -48.67
C LEU E 168 -68.28 21.91 -47.30
N VAL E 169 -69.22 22.03 -46.36
CA VAL E 169 -69.12 21.31 -45.09
C VAL E 169 -69.31 19.81 -45.32
N ALA E 170 -70.36 19.43 -46.06
CA ALA E 170 -70.71 18.03 -46.19
C ALA E 170 -69.83 17.28 -47.20
N HIS E 171 -69.10 17.99 -48.06
CA HIS E 171 -68.23 17.29 -49.01
C HIS E 171 -66.95 16.78 -48.36
N HIS E 172 -66.37 17.57 -47.44
CA HIS E 172 -65.02 17.33 -46.95
C HIS E 172 -64.97 16.38 -45.75
N ALA E 173 -66.07 15.71 -45.41
CA ALA E 173 -66.11 14.76 -44.31
C ALA E 173 -66.17 13.33 -44.86
N THR E 174 -66.35 12.37 -43.97
CA THR E 174 -66.24 10.96 -44.30
C THR E 174 -67.57 10.23 -44.14
N TRP E 175 -68.64 10.79 -44.69
CA TRP E 175 -69.97 10.20 -44.57
C TRP E 175 -70.10 8.94 -45.43
N THR E 176 -71.16 8.18 -45.16
CA THR E 176 -71.49 7.00 -45.92
C THR E 176 -72.32 7.39 -47.14
N LEU E 177 -72.84 6.39 -47.86
CA LEU E 177 -73.62 6.66 -49.07
C LEU E 177 -75.02 7.14 -48.73
N GLU E 178 -75.64 6.55 -47.70
CA GLU E 178 -76.99 6.94 -47.29
C GLU E 178 -77.02 8.31 -46.63
N GLU E 179 -75.97 8.66 -45.88
CA GLU E 179 -75.89 9.97 -45.24
C GLU E 179 -75.67 11.08 -46.26
N LYS E 180 -74.82 10.84 -47.27
CA LYS E 180 -74.62 11.80 -48.35
C LYS E 180 -75.86 11.90 -49.24
N GLN E 181 -76.60 10.80 -49.40
CA GLN E 181 -77.84 10.84 -50.17
C GLN E 181 -78.94 11.59 -49.44
N THR E 182 -79.02 11.47 -48.11
CA THR E 182 -79.99 12.25 -47.35
C THR E 182 -79.57 13.71 -47.21
N ILE E 183 -78.27 14.02 -47.30
CA ILE E 183 -77.83 15.41 -47.39
C ILE E 183 -78.25 16.01 -48.74
N LEU E 184 -77.99 15.28 -49.83
CA LEU E 184 -78.30 15.78 -51.17
C LEU E 184 -79.79 15.76 -51.48
N GLU E 185 -80.58 14.98 -50.75
CA GLU E 185 -82.01 14.86 -51.00
C GLU E 185 -82.78 16.07 -50.47
N THR E 186 -82.39 16.58 -49.30
CA THR E 186 -83.20 17.56 -48.58
C THR E 186 -83.03 18.96 -49.20
N PRO E 187 -84.12 19.61 -49.65
CA PRO E 187 -83.99 20.95 -50.21
C PRO E 187 -83.88 22.05 -49.16
N GLU E 188 -84.34 21.81 -47.93
CA GLU E 188 -84.27 22.82 -46.88
C GLU E 188 -82.84 22.89 -46.35
N VAL E 189 -82.31 24.12 -46.25
CA VAL E 189 -80.93 24.32 -45.80
C VAL E 189 -80.80 24.06 -44.30
N GLU E 190 -81.76 24.56 -43.51
CA GLU E 190 -81.65 24.56 -42.05
C GLU E 190 -81.80 23.17 -41.44
N GLU E 191 -82.58 22.29 -42.08
CA GLU E 191 -82.66 20.90 -41.66
C GLU E 191 -81.36 20.17 -41.90
N ARG E 192 -80.67 20.49 -43.01
CA ARG E 192 -79.35 19.93 -43.28
C ARG E 192 -78.31 20.43 -42.30
N LEU E 193 -78.40 21.72 -41.90
CA LEU E 193 -77.45 22.27 -40.92
C LEU E 193 -77.67 21.68 -39.52
N LYS E 194 -78.94 21.51 -39.12
CA LYS E 194 -79.25 20.88 -37.84
C LYS E 194 -78.93 19.39 -37.84
N ARG E 195 -78.94 18.75 -39.01
CA ARG E 195 -78.46 17.37 -39.11
C ARG E 195 -76.94 17.30 -38.96
N VAL E 196 -76.21 18.18 -39.68
CA VAL E 196 -74.76 18.03 -39.77
C VAL E 196 -74.08 18.54 -38.50
N LEU E 197 -74.76 19.37 -37.70
CA LEU E 197 -74.25 19.77 -36.39
C LEU E 197 -74.16 18.59 -35.41
N ALA E 198 -75.25 17.81 -35.31
CA ALA E 198 -75.28 16.64 -34.43
C ALA E 198 -74.41 15.51 -34.98
N LEU E 199 -74.35 15.36 -36.30
CA LEU E 199 -73.49 14.32 -36.87
C LEU E 199 -72.00 14.66 -36.77
N LEU E 200 -71.64 15.95 -36.87
CA LEU E 200 -70.24 16.32 -36.66
C LEU E 200 -69.86 16.28 -35.19
N LEU E 201 -70.81 16.51 -34.28
CA LEU E 201 -70.53 16.31 -32.85
C LEU E 201 -70.34 14.82 -32.52
N ARG E 202 -71.10 13.94 -33.20
CA ARG E 202 -70.89 12.50 -33.07
C ARG E 202 -69.54 12.08 -33.65
N ASP E 203 -69.12 12.73 -34.74
CA ASP E 203 -67.79 12.46 -35.31
C ASP E 203 -66.67 12.94 -34.40
N LEU E 204 -66.85 14.09 -33.73
CA LEU E 204 -65.86 14.58 -32.76
C LEU E 204 -65.77 13.67 -31.54
N GLU E 205 -66.92 13.14 -31.07
CA GLU E 205 -66.90 12.19 -29.96
C GLU E 205 -66.25 10.86 -30.35
N ARG E 206 -66.49 10.40 -31.59
CA ARG E 206 -65.86 9.18 -32.09
C ARG E 206 -64.36 9.35 -32.29
N PHE E 207 -63.92 10.53 -32.75
CA PHE E 207 -62.50 10.81 -32.88
C PHE E 207 -61.81 10.96 -31.54
N GLU E 208 -62.48 11.52 -30.53
CA GLU E 208 -61.91 11.60 -29.19
C GLU E 208 -61.80 10.22 -28.53
N LEU E 209 -62.79 9.34 -28.75
CA LEU E 209 -62.72 7.97 -28.25
C LEU E 209 -61.64 7.17 -28.95
N ASP E 210 -61.46 7.38 -30.27
CA ASP E 210 -60.41 6.69 -31.01
C ASP E 210 -59.02 7.20 -30.62
N LYS E 211 -58.90 8.50 -30.30
CA LYS E 211 -57.63 9.04 -29.84
C LYS E 211 -57.29 8.55 -28.43
N LYS E 212 -58.29 8.39 -27.56
CA LYS E 212 -58.04 7.83 -26.23
C LYS E 212 -57.67 6.35 -26.29
N ILE E 213 -58.30 5.59 -27.20
CA ILE E 213 -57.98 4.17 -27.36
C ILE E 213 -56.59 3.98 -27.97
N ALA E 214 -56.22 4.81 -28.95
CA ALA E 214 -54.88 4.75 -29.53
C ALA E 214 -53.81 5.27 -28.57
N ALA E 215 -54.16 6.20 -27.67
CA ALA E 215 -53.26 6.62 -26.62
C ALA E 215 -53.04 5.51 -25.58
N ARG E 216 -54.08 4.71 -25.29
CA ARG E 216 -53.92 3.54 -24.43
C ARG E 216 -53.05 2.47 -25.09
N VAL E 217 -53.17 2.30 -26.42
CA VAL E 217 -52.33 1.37 -27.17
C VAL E 217 -50.86 1.82 -27.16
N LYS E 218 -50.61 3.12 -27.32
CA LYS E 218 -49.24 3.64 -27.27
C LYS E 218 -48.67 3.65 -25.85
N GLU E 219 -49.53 3.75 -24.83
CA GLU E 219 -49.06 3.59 -23.45
C GLU E 219 -48.68 2.15 -23.15
N GLN E 220 -49.46 1.18 -23.65
CA GLN E 220 -49.11 -0.24 -23.54
C GLN E 220 -47.87 -0.60 -24.35
N MET E 221 -47.60 0.15 -25.42
CA MET E 221 -46.31 0.06 -26.12
C MET E 221 -45.17 0.52 -25.22
N ASP E 222 -45.23 1.78 -24.76
CA ASP E 222 -44.06 2.45 -24.19
C ASP E 222 -43.72 1.97 -22.78
N GLN E 223 -44.75 1.67 -21.97
CA GLN E 223 -44.53 1.33 -20.57
C GLN E 223 -43.92 -0.05 -20.37
N ASN E 224 -44.08 -0.96 -21.35
CA ASN E 224 -43.33 -2.21 -21.36
C ASN E 224 -42.10 -2.15 -22.26
N GLN E 225 -42.06 -1.18 -23.20
CA GLN E 225 -40.88 -0.99 -24.03
C GLN E 225 -39.69 -0.50 -23.21
N ARG E 226 -39.95 0.35 -22.21
CA ARG E 226 -38.90 0.89 -21.37
C ARG E 226 -38.28 -0.11 -20.39
N GLU E 227 -38.91 -1.28 -20.19
CA GLU E 227 -38.31 -2.37 -19.43
C GLU E 227 -37.81 -3.50 -20.33
N TYR E 228 -38.38 -3.64 -21.53
CA TYR E 228 -37.80 -4.62 -22.45
C TYR E 228 -36.49 -4.13 -23.08
N TYR E 229 -36.28 -2.81 -23.09
CA TYR E 229 -34.96 -2.21 -23.28
C TYR E 229 -33.96 -2.74 -22.24
N LEU E 230 -34.39 -2.81 -20.97
CA LEU E 230 -33.53 -3.27 -19.89
C LEU E 230 -33.23 -4.76 -19.97
N ARG E 231 -34.21 -5.60 -20.36
CA ARG E 231 -33.92 -7.02 -20.39
C ARG E 231 -33.06 -7.42 -21.60
N GLU E 232 -33.24 -6.75 -22.76
CA GLU E 232 -32.26 -7.03 -23.81
C GLU E 232 -30.90 -6.39 -23.57
N GLN E 233 -30.83 -5.28 -22.82
CA GLN E 233 -29.54 -4.72 -22.40
C GLN E 233 -28.77 -5.69 -21.50
N MET E 234 -29.47 -6.33 -20.54
CA MET E 234 -28.77 -7.25 -19.65
C MET E 234 -28.42 -8.57 -20.33
N LYS E 235 -29.29 -9.09 -21.22
CA LYS E 235 -28.92 -10.35 -21.87
C LYS E 235 -27.85 -10.14 -22.95
N ALA E 236 -27.77 -8.93 -23.54
CA ALA E 236 -26.73 -8.73 -24.53
C ALA E 236 -25.38 -8.38 -23.88
N ILE E 237 -25.37 -7.73 -22.70
CA ILE E 237 -24.09 -7.59 -21.98
C ILE E 237 -23.66 -8.95 -21.41
N GLN E 238 -24.62 -9.84 -21.07
CA GLN E 238 -24.25 -11.19 -20.65
C GLN E 238 -23.75 -12.02 -21.83
N LYS E 239 -24.19 -11.72 -23.05
CA LYS E 239 -23.75 -12.51 -24.19
C LYS E 239 -22.38 -12.08 -24.70
N GLU E 240 -22.24 -10.82 -25.16
CA GLU E 240 -21.23 -10.53 -26.17
C GLU E 240 -19.82 -10.41 -25.59
N LEU E 241 -19.68 -9.93 -24.34
CA LEU E 241 -18.38 -9.61 -23.74
C LEU E 241 -17.52 -10.85 -23.48
N GLY E 242 -18.15 -12.02 -23.40
CA GLY E 242 -17.44 -13.25 -23.66
C GLY E 242 -17.57 -13.69 -25.10
N GLY E 243 -18.75 -13.55 -25.71
CA GLY E 243 -18.93 -14.05 -27.06
C GLY E 243 -19.02 -15.56 -27.13
N GLY E 244 -19.79 -16.17 -26.23
CA GLY E 244 -19.80 -17.60 -26.02
C GLY E 244 -18.98 -18.01 -24.81
N GLU E 245 -17.97 -17.22 -24.45
CA GLU E 245 -17.25 -17.43 -23.21
C GLU E 245 -18.08 -17.00 -22.00
N ASP E 246 -18.88 -15.94 -22.18
CA ASP E 246 -19.66 -15.23 -21.15
C ASP E 246 -18.77 -14.78 -19.99
N PHE E 247 -17.87 -13.87 -20.35
CA PHE E 247 -16.93 -13.26 -19.41
C PHE E 247 -17.64 -12.38 -18.38
N LEU E 248 -18.74 -11.73 -18.77
CA LEU E 248 -19.45 -10.85 -17.85
C LEU E 248 -20.37 -11.62 -16.90
N THR E 249 -20.57 -12.94 -17.09
CA THR E 249 -21.25 -13.72 -16.06
C THR E 249 -20.38 -13.94 -14.83
N GLU E 250 -19.05 -13.89 -14.99
CA GLU E 250 -18.12 -13.90 -13.86
C GLU E 250 -18.30 -12.66 -12.98
N ILE E 251 -18.45 -11.49 -13.60
CA ILE E 251 -18.69 -10.25 -12.86
C ILE E 251 -20.19 -9.93 -12.75
N GLU E 252 -21.05 -10.89 -13.10
CA GLU E 252 -22.49 -10.76 -12.98
C GLU E 252 -23.06 -11.70 -11.92
N GLU E 253 -22.34 -12.77 -11.58
CA GLU E 253 -22.67 -13.56 -10.39
C GLU E 253 -22.47 -12.76 -9.10
N LEU E 254 -21.47 -11.87 -9.08
CA LEU E 254 -21.32 -10.93 -7.97
C LEU E 254 -22.46 -9.91 -7.94
N ARG E 255 -22.95 -9.45 -9.09
CA ARG E 255 -24.09 -8.54 -9.09
C ARG E 255 -25.40 -9.26 -8.77
N GLU E 256 -25.46 -10.56 -9.06
CA GLU E 256 -26.54 -11.41 -8.56
C GLU E 256 -26.48 -11.53 -7.06
N ARG E 257 -25.28 -11.55 -6.49
CA ARG E 257 -25.13 -11.49 -5.05
C ARG E 257 -25.42 -10.10 -4.47
N ILE E 258 -25.29 -9.04 -5.29
CA ILE E 258 -25.71 -7.70 -4.84
C ILE E 258 -27.24 -7.59 -4.79
N GLU E 259 -27.92 -7.90 -5.89
CA GLU E 259 -29.39 -7.91 -5.82
C GLU E 259 -30.01 -9.23 -5.39
N LYS E 260 -29.28 -10.06 -4.63
CA LYS E 260 -29.90 -11.03 -3.74
C LYS E 260 -29.49 -10.91 -2.28
N LYS E 261 -28.25 -10.52 -1.98
CA LYS E 261 -27.86 -10.37 -0.58
C LYS E 261 -26.91 -9.19 -0.30
N GLY E 262 -26.84 -8.22 -1.20
CA GLY E 262 -26.15 -6.97 -0.91
C GLY E 262 -27.15 -5.85 -0.69
N MET E 263 -28.18 -6.15 0.12
CA MET E 263 -29.37 -5.29 0.25
C MET E 263 -29.19 -3.85 0.77
N PRO E 264 -28.45 -3.54 1.86
CA PRO E 264 -28.50 -2.14 2.35
C PRO E 264 -27.70 -1.16 1.52
N GLU E 265 -28.30 0.01 1.29
CA GLU E 265 -27.83 1.05 0.38
C GLU E 265 -26.49 1.73 0.74
N PRO E 266 -26.17 2.14 1.99
CA PRO E 266 -24.79 2.61 2.23
C PRO E 266 -23.77 1.49 2.24
N VAL E 267 -24.19 0.24 2.45
CA VAL E 267 -23.28 -0.89 2.28
C VAL E 267 -23.01 -1.13 0.81
N LYS E 268 -24.06 -1.12 -0.01
CA LYS E 268 -23.93 -1.45 -1.42
C LYS E 268 -23.43 -0.29 -2.28
N GLU E 269 -23.40 0.95 -1.74
CA GLU E 269 -22.85 2.07 -2.51
C GLU E 269 -21.34 1.95 -2.67
N LYS E 270 -20.66 1.46 -1.62
CA LYS E 270 -19.23 1.16 -1.67
C LYS E 270 -18.93 0.05 -2.66
N ALA E 271 -19.78 -0.99 -2.68
CA ALA E 271 -19.62 -2.08 -3.65
C ALA E 271 -19.98 -1.64 -5.07
N LEU E 272 -20.88 -0.67 -5.21
CA LEU E 272 -21.22 -0.16 -6.54
C LEU E 272 -20.08 0.69 -7.13
N LYS E 273 -19.43 1.53 -6.31
CA LYS E 273 -18.30 2.25 -6.90
C LYS E 273 -17.04 1.39 -6.94
N GLU E 274 -16.99 0.30 -6.16
CA GLU E 274 -15.99 -0.73 -6.40
C GLU E 274 -16.22 -1.47 -7.71
N LEU E 275 -17.49 -1.67 -8.08
CA LEU E 275 -17.84 -2.22 -9.39
C LEU E 275 -17.50 -1.24 -10.51
N LYS E 276 -17.62 0.06 -10.24
CA LYS E 276 -17.14 1.09 -11.17
C LYS E 276 -15.62 1.03 -11.31
N ARG E 277 -14.91 0.78 -10.21
CA ARG E 277 -13.46 0.62 -10.26
C ARG E 277 -13.03 -0.72 -10.87
N LEU E 278 -13.93 -1.70 -10.91
CA LEU E 278 -13.61 -3.05 -11.39
C LEU E 278 -13.35 -3.06 -12.89
N GLU E 279 -14.08 -2.25 -13.65
CA GLU E 279 -13.88 -2.14 -15.09
C GLU E 279 -12.91 -1.01 -15.45
N ARG E 280 -12.23 -0.43 -14.47
CA ARG E 280 -11.26 0.62 -14.72
C ARG E 280 -9.88 0.06 -15.07
N MET E 281 -9.40 -0.92 -14.29
CA MET E 281 -8.15 -1.58 -14.59
C MET E 281 -8.40 -3.00 -15.09
N GLN E 282 -7.37 -3.57 -15.71
CA GLN E 282 -7.43 -4.94 -16.20
C GLN E 282 -7.38 -5.91 -15.04
N PRO E 283 -8.20 -7.01 -15.05
CA PRO E 283 -8.17 -8.02 -13.97
C PRO E 283 -7.08 -9.08 -14.10
N GLY E 284 -5.84 -8.63 -14.33
CA GLY E 284 -4.66 -9.46 -14.29
C GLY E 284 -3.52 -8.67 -13.69
N SER E 285 -3.80 -7.41 -13.35
CA SER E 285 -2.83 -6.55 -12.69
C SER E 285 -2.66 -6.99 -11.23
N PRO E 286 -1.49 -6.76 -10.63
CA PRO E 286 -1.29 -7.16 -9.22
C PRO E 286 -2.08 -6.33 -8.21
N GLU E 287 -2.56 -5.14 -8.56
CA GLU E 287 -3.41 -4.40 -7.64
C GLU E 287 -4.81 -4.98 -7.59
N ALA E 288 -5.28 -5.58 -8.70
CA ALA E 288 -6.66 -6.02 -8.84
C ALA E 288 -7.02 -7.25 -8.02
N THR E 289 -6.02 -7.94 -7.45
CA THR E 289 -6.26 -9.03 -6.50
C THR E 289 -6.97 -8.52 -5.25
N VAL E 290 -6.50 -7.38 -4.72
CA VAL E 290 -7.08 -6.75 -3.54
C VAL E 290 -8.49 -6.24 -3.85
N SER E 291 -8.71 -5.75 -5.07
CA SER E 291 -10.02 -5.24 -5.47
C SER E 291 -11.04 -6.35 -5.67
N ARG E 292 -10.64 -7.49 -6.25
CA ARG E 292 -11.57 -8.60 -6.42
C ARG E 292 -11.84 -9.33 -5.09
N THR E 293 -10.79 -9.46 -4.26
CA THR E 293 -10.90 -10.07 -2.93
C THR E 293 -11.75 -9.21 -2.00
N TYR E 294 -11.74 -7.89 -2.23
CA TYR E 294 -12.52 -6.92 -1.47
C TYR E 294 -14.02 -7.15 -1.61
N LEU E 295 -14.53 -7.23 -2.84
CA LEU E 295 -15.98 -7.43 -2.95
C LEU E 295 -16.37 -8.90 -2.85
N ASP E 296 -15.43 -9.85 -3.05
CA ASP E 296 -15.75 -11.25 -2.74
C ASP E 296 -15.90 -11.47 -1.24
N TRP E 297 -15.02 -10.87 -0.44
CA TRP E 297 -15.12 -10.92 1.01
C TRP E 297 -16.29 -10.09 1.51
N LEU E 298 -16.65 -9.00 0.81
CA LEU E 298 -17.80 -8.21 1.20
C LEU E 298 -19.11 -8.92 0.85
N LEU E 299 -19.15 -9.64 -0.27
CA LEU E 299 -20.38 -10.25 -0.74
C LEU E 299 -20.59 -11.67 -0.23
N GLU E 300 -19.59 -12.29 0.39
CA GLU E 300 -19.88 -13.56 1.03
C GLU E 300 -20.39 -13.32 2.46
N VAL E 301 -20.09 -12.14 3.02
CA VAL E 301 -20.64 -11.64 4.29
C VAL E 301 -22.17 -11.50 4.17
N PRO E 302 -22.95 -12.09 5.09
CA PRO E 302 -24.39 -12.17 4.90
C PRO E 302 -25.13 -10.89 5.26
N TRP E 303 -26.23 -10.67 4.56
CA TRP E 303 -27.19 -9.60 4.89
C TRP E 303 -28.63 -10.11 4.92
N THR E 304 -28.92 -11.15 4.14
CA THR E 304 -30.29 -11.59 3.92
C THR E 304 -30.58 -12.98 4.51
N GLU E 305 -29.64 -13.92 4.42
CA GLU E 305 -29.91 -15.31 4.79
C GLU E 305 -29.95 -15.46 6.31
N ALA E 306 -31.03 -16.05 6.80
CA ALA E 306 -31.26 -16.20 8.23
C ALA E 306 -31.63 -17.65 8.51
N ASP E 307 -31.05 -18.20 9.55
CA ASP E 307 -31.37 -19.55 10.00
C ASP E 307 -32.72 -19.48 10.68
N PRO E 308 -33.72 -20.28 10.28
CA PRO E 308 -35.03 -20.27 10.96
C PRO E 308 -34.95 -20.79 12.39
N GLU E 309 -35.35 -19.94 13.32
CA GLU E 309 -34.94 -20.01 14.71
C GLU E 309 -36.13 -20.42 15.58
N VAL E 310 -35.90 -21.36 16.49
CA VAL E 310 -36.89 -21.76 17.49
C VAL E 310 -36.36 -21.35 18.86
N LEU E 311 -37.23 -20.76 19.68
CA LEU E 311 -36.74 -19.89 20.75
C LEU E 311 -37.17 -20.29 22.15
N ASP E 312 -37.85 -21.42 22.31
CA ASP E 312 -38.46 -21.76 23.60
C ASP E 312 -37.43 -22.20 24.62
N ILE E 313 -37.67 -21.83 25.88
CA ILE E 313 -36.77 -22.22 26.96
C ILE E 313 -36.97 -23.69 27.35
N SER E 314 -38.11 -24.28 27.00
CA SER E 314 -38.30 -25.72 27.20
C SER E 314 -37.42 -26.53 26.26
N VAL E 315 -37.15 -26.01 25.06
CA VAL E 315 -36.18 -26.61 24.14
C VAL E 315 -34.78 -26.57 24.74
N THR E 316 -34.42 -25.43 25.36
CA THR E 316 -33.19 -25.34 26.13
C THR E 316 -33.24 -26.18 27.41
N LYS E 317 -34.44 -26.47 27.92
CA LYS E 317 -34.54 -27.34 29.09
C LYS E 317 -34.30 -28.81 28.73
N ARG E 318 -34.70 -29.27 27.54
CA ARG E 318 -34.33 -30.64 27.16
C ARG E 318 -33.14 -30.72 26.20
N VAL E 319 -32.39 -29.63 26.03
CA VAL E 319 -31.10 -29.69 25.35
C VAL E 319 -29.95 -29.41 26.31
N LEU E 320 -30.07 -28.35 27.12
CA LEU E 320 -28.98 -27.86 27.95
C LEU E 320 -28.64 -28.77 29.12
N ASP E 321 -29.55 -29.64 29.54
CA ASP E 321 -29.19 -30.64 30.54
C ASP E 321 -28.40 -31.81 29.96
N GLU E 322 -28.39 -31.99 28.64
CA GLU E 322 -27.36 -32.79 28.01
C GLU E 322 -26.14 -31.91 27.77
N ASP E 323 -24.96 -32.57 27.78
CA ASP E 323 -23.58 -32.08 27.64
C ASP E 323 -23.08 -31.23 28.80
N HIS E 324 -23.92 -30.96 29.80
CA HIS E 324 -23.61 -30.16 30.97
C HIS E 324 -24.36 -30.72 32.16
N TYR E 325 -23.65 -30.89 33.28
CA TYR E 325 -24.20 -31.57 34.44
C TYR E 325 -23.68 -30.93 35.71
N GLY E 326 -24.59 -30.74 36.67
CA GLY E 326 -24.21 -30.24 37.98
C GLY E 326 -23.98 -28.74 38.05
N LEU E 327 -24.47 -27.99 37.07
CA LEU E 327 -24.28 -26.55 37.00
C LEU E 327 -25.59 -25.79 37.23
N LYS E 328 -26.40 -26.27 38.18
CA LYS E 328 -27.79 -25.80 38.33
C LYS E 328 -27.89 -24.40 38.94
N GLU E 329 -26.83 -23.89 39.55
CA GLU E 329 -26.84 -22.51 40.04
C GLU E 329 -26.48 -21.50 38.96
N VAL E 330 -26.01 -21.97 37.80
CA VAL E 330 -25.55 -21.06 36.75
C VAL E 330 -26.18 -21.37 35.39
N LYS E 331 -26.72 -22.59 35.20
CA LYS E 331 -27.60 -22.87 34.06
C LYS E 331 -28.87 -22.03 34.10
N GLU E 332 -29.41 -21.83 35.30
CA GLU E 332 -30.59 -20.98 35.45
C GLU E 332 -30.23 -19.51 35.31
N ARG E 333 -28.96 -19.15 35.54
CA ARG E 333 -28.47 -17.81 35.19
C ARG E 333 -28.39 -17.62 33.68
N ILE E 334 -28.17 -18.69 32.92
CA ILE E 334 -28.35 -18.58 31.47
C ILE E 334 -29.84 -18.49 31.08
N LEU E 335 -30.69 -19.31 31.72
CA LEU E 335 -32.14 -19.32 31.45
C LEU E 335 -32.86 -18.01 31.76
N GLU E 336 -32.38 -17.25 32.74
CA GLU E 336 -33.00 -15.95 33.01
C GLU E 336 -32.69 -14.90 31.94
N TYR E 337 -31.63 -15.07 31.14
CA TYR E 337 -31.48 -14.19 29.99
C TYR E 337 -32.18 -14.77 28.76
N LEU E 338 -32.29 -16.10 28.68
CA LEU E 338 -33.11 -16.68 27.60
C LEU E 338 -34.62 -16.43 27.77
N ALA E 339 -35.07 -16.05 28.97
CA ALA E 339 -36.38 -15.44 29.15
C ALA E 339 -36.56 -14.16 28.33
N VAL E 340 -35.54 -13.27 28.35
CA VAL E 340 -35.56 -12.03 27.58
C VAL E 340 -35.55 -12.33 26.09
N ARG E 341 -34.63 -13.23 25.70
CA ARG E 341 -34.44 -13.62 24.30
C ARG E 341 -35.65 -14.36 23.72
N GLN E 342 -36.48 -15.00 24.55
CA GLN E 342 -37.71 -15.54 24.01
C GLN E 342 -38.90 -14.59 24.09
N LEU E 343 -38.97 -13.64 25.07
CA LEU E 343 -40.23 -12.92 25.16
C LEU E 343 -40.22 -11.65 24.33
N THR E 344 -39.02 -11.04 24.05
CA THR E 344 -39.00 -9.74 23.32
C THR E 344 -39.43 -9.79 21.83
N GLN E 345 -39.92 -10.87 21.22
CA GLN E 345 -40.18 -10.88 19.78
C GLN E 345 -41.46 -10.15 19.42
N GLY E 346 -42.48 -10.24 20.25
CA GLY E 346 -43.64 -9.40 20.06
C GLY E 346 -43.34 -7.99 20.51
N LYS E 347 -43.16 -7.08 19.54
CA LYS E 347 -42.82 -5.67 19.69
C LYS E 347 -41.49 -5.50 20.44
N GLU E 348 -40.37 -5.68 19.71
CA GLU E 348 -39.04 -5.31 20.20
C GLU E 348 -38.98 -3.87 20.69
N VAL E 349 -38.86 -3.69 21.99
CA VAL E 349 -38.69 -2.36 22.56
C VAL E 349 -37.26 -1.89 22.34
N LYS E 350 -36.30 -2.72 22.75
CA LYS E 350 -34.89 -2.46 22.50
C LYS E 350 -34.25 -3.68 21.87
N GLY E 351 -33.59 -3.49 20.73
CA GLY E 351 -33.02 -4.59 19.99
C GLY E 351 -31.75 -5.15 20.61
N HIS E 352 -31.04 -4.35 21.40
CA HIS E 352 -29.81 -4.80 22.05
C HIS E 352 -30.06 -5.11 23.53
N ALA E 353 -29.72 -6.31 23.92
CA ALA E 353 -29.62 -6.99 25.19
C ALA E 353 -28.16 -7.02 25.62
N PRO E 354 -27.84 -7.22 26.91
CA PRO E 354 -26.43 -7.42 27.29
C PRO E 354 -25.85 -8.76 26.81
N ILE E 355 -24.53 -8.83 26.82
CA ILE E 355 -23.77 -9.88 26.16
C ILE E 355 -23.09 -10.71 27.23
N LEU E 356 -23.09 -12.04 27.07
CA LEU E 356 -22.69 -12.98 28.11
C LEU E 356 -21.18 -12.94 28.37
N CYS E 357 -20.81 -13.13 29.64
CA CYS E 357 -19.40 -13.30 30.05
C CYS E 357 -19.26 -14.61 30.81
N PHE E 358 -18.62 -15.60 30.22
CA PHE E 358 -18.35 -16.83 30.96
C PHE E 358 -16.92 -16.79 31.48
N VAL E 359 -16.77 -16.99 32.79
CA VAL E 359 -15.47 -16.82 33.42
C VAL E 359 -15.33 -17.89 34.51
N GLY E 360 -14.13 -18.46 34.61
CA GLY E 360 -13.84 -19.49 35.58
C GLY E 360 -12.46 -20.07 35.34
N PRO E 361 -12.21 -21.28 35.86
CA PRO E 361 -11.00 -22.00 35.47
C PRO E 361 -11.07 -22.43 34.01
N PRO E 362 -9.93 -22.55 33.32
CA PRO E 362 -9.96 -22.86 31.89
C PRO E 362 -10.32 -24.31 31.62
N GLY E 363 -11.37 -24.51 30.85
CA GLY E 363 -11.82 -25.85 30.51
C GLY E 363 -13.04 -26.32 31.27
N VAL E 364 -14.02 -25.46 31.50
CA VAL E 364 -15.23 -25.88 32.20
C VAL E 364 -16.42 -25.93 31.25
N GLY E 365 -16.14 -26.12 29.96
CA GLY E 365 -17.19 -26.38 29.00
C GLY E 365 -17.77 -25.19 28.30
N LYS E 366 -17.05 -24.07 28.28
CA LYS E 366 -17.62 -22.77 27.92
C LYS E 366 -17.83 -22.66 26.40
N THR E 367 -16.90 -23.21 25.63
CA THR E 367 -17.09 -23.38 24.19
C THR E 367 -18.23 -24.34 23.91
N SER E 368 -18.31 -25.45 24.66
CA SER E 368 -19.43 -26.36 24.54
C SER E 368 -20.70 -25.80 25.16
N LEU E 369 -20.60 -24.82 26.05
CA LEU E 369 -21.80 -24.13 26.53
C LEU E 369 -22.37 -23.22 25.44
N GLY E 370 -21.48 -22.56 24.69
CA GLY E 370 -21.91 -21.83 23.50
C GLY E 370 -22.45 -22.74 22.41
N LYS E 371 -21.86 -23.93 22.28
CA LYS E 371 -22.38 -24.94 21.36
C LYS E 371 -23.72 -25.51 21.82
N SER E 372 -23.96 -25.59 23.12
CA SER E 372 -25.23 -26.10 23.61
C SER E 372 -26.34 -25.05 23.51
N ILE E 373 -25.99 -23.77 23.67
CA ILE E 373 -26.93 -22.69 23.31
C ILE E 373 -27.17 -22.68 21.81
N ALA E 374 -26.16 -23.00 21.01
CA ALA E 374 -26.32 -23.12 19.56
C ALA E 374 -27.21 -24.30 19.16
N ARG E 375 -27.13 -25.40 19.89
CA ARG E 375 -27.97 -26.56 19.62
C ARG E 375 -29.39 -26.36 20.14
N SER E 376 -29.56 -25.66 21.27
CA SER E 376 -30.89 -25.35 21.78
C SER E 376 -31.59 -24.30 20.96
N MET E 377 -30.84 -23.35 20.40
CA MET E 377 -31.37 -22.23 19.66
C MET E 377 -31.62 -22.57 18.20
N ASN E 378 -31.16 -23.75 17.76
CA ASN E 378 -31.12 -24.22 16.35
C ASN E 378 -30.43 -23.19 15.45
N ARG E 379 -29.27 -22.71 15.91
CA ARG E 379 -28.61 -21.59 15.26
C ARG E 379 -27.11 -21.91 15.23
N ARG E 380 -26.40 -21.35 14.25
CA ARG E 380 -25.02 -21.71 13.94
C ARG E 380 -24.05 -21.19 15.00
N PHE E 381 -22.81 -21.71 14.95
CA PHE E 381 -21.80 -21.46 15.96
C PHE E 381 -20.47 -21.16 15.28
N HIS E 382 -19.68 -20.30 15.92
CA HIS E 382 -18.25 -20.19 15.62
C HIS E 382 -17.49 -19.84 16.88
N ARG E 383 -16.23 -20.29 16.94
CA ARG E 383 -15.30 -19.92 17.99
C ARG E 383 -14.05 -19.32 17.36
N ILE E 384 -13.72 -18.10 17.75
CA ILE E 384 -12.41 -17.53 17.52
C ILE E 384 -11.70 -17.46 18.87
N SER E 385 -10.38 -17.55 18.86
CA SER E 385 -9.58 -17.49 20.08
C SER E 385 -8.56 -16.37 19.93
N LEU E 386 -8.76 -15.29 20.68
CA LEU E 386 -7.93 -14.10 20.56
C LEU E 386 -6.73 -14.17 21.48
N GLY E 387 -5.83 -13.20 21.32
CA GLY E 387 -4.57 -13.19 22.02
C GLY E 387 -3.42 -13.28 21.03
N GLY E 388 -3.59 -14.11 20.00
CA GLY E 388 -2.62 -14.15 18.92
C GLY E 388 -2.63 -12.89 18.07
N VAL E 389 -3.81 -12.35 17.80
CA VAL E 389 -3.94 -11.10 17.05
C VAL E 389 -3.58 -9.95 17.98
N ARG E 390 -2.54 -9.20 17.61
CA ARG E 390 -2.00 -8.16 18.48
C ARG E 390 -2.43 -6.76 18.06
N ASP E 391 -3.35 -6.63 17.12
CA ASP E 391 -3.67 -5.35 16.52
C ASP E 391 -5.15 -5.05 16.64
N GLU E 392 -5.46 -3.77 16.89
CA GLU E 392 -6.81 -3.28 16.59
C GLU E 392 -7.03 -3.23 15.09
N ALA E 393 -6.00 -2.84 14.33
CA ALA E 393 -6.16 -2.54 12.92
C ALA E 393 -6.12 -3.79 12.05
N GLU E 394 -5.71 -4.93 12.60
CA GLU E 394 -6.05 -6.19 11.97
C GLU E 394 -7.55 -6.44 12.05
N ILE E 395 -8.12 -6.32 13.25
CA ILE E 395 -9.50 -6.70 13.51
C ILE E 395 -10.47 -5.68 12.93
N ARG E 396 -10.22 -4.39 13.17
CA ARG E 396 -11.06 -3.32 12.65
C ARG E 396 -10.83 -3.12 11.14
N GLY E 397 -9.67 -3.48 10.63
CA GLY E 397 -9.44 -3.46 9.21
C GLY E 397 -8.40 -2.46 8.73
N HIS E 398 -7.29 -2.97 8.21
CA HIS E 398 -6.31 -2.14 7.53
C HIS E 398 -6.85 -1.70 6.17
N ARG E 399 -6.22 -0.69 5.58
CA ARG E 399 -6.66 -0.22 4.28
C ARG E 399 -6.15 -1.14 3.17
N ARG E 400 -6.59 -0.86 1.95
CA ARG E 400 -6.39 -1.73 0.81
C ARG E 400 -5.08 -1.46 0.08
N THR E 401 -4.25 -0.55 0.60
CA THR E 401 -2.95 -0.28 0.00
C THR E 401 -1.97 -1.42 0.27
N TYR E 402 -2.14 -2.13 1.39
CA TYR E 402 -1.30 -3.28 1.69
C TYR E 402 -1.69 -4.44 0.78
N ILE E 403 -0.68 -5.11 0.23
CA ILE E 403 -0.89 -5.94 -0.95
C ILE E 403 -1.48 -7.31 -0.55
N GLY E 404 -1.22 -7.77 0.67
CA GLY E 404 -1.78 -9.01 1.17
C GLY E 404 -2.76 -8.80 2.31
N ALA E 405 -3.66 -7.84 2.19
CA ALA E 405 -4.49 -7.42 3.33
C ALA E 405 -5.70 -8.32 3.47
N LEU E 406 -5.57 -9.36 4.33
CA LEU E 406 -6.80 -10.05 4.70
C LEU E 406 -7.43 -9.36 5.91
N PRO E 407 -8.78 -9.37 5.98
CA PRO E 407 -9.47 -8.71 7.11
C PRO E 407 -9.39 -9.43 8.46
N GLY E 408 -10.21 -8.96 9.40
CA GLY E 408 -10.08 -9.37 10.79
C GLY E 408 -10.58 -10.76 11.07
N LYS E 409 -10.12 -11.28 12.22
CA LYS E 409 -10.43 -12.65 12.63
C LYS E 409 -11.86 -12.77 13.12
N ILE E 410 -12.45 -11.69 13.66
CA ILE E 410 -13.82 -11.77 14.16
C ILE E 410 -14.82 -11.77 13.00
N ILE E 411 -14.55 -11.03 11.93
CA ILE E 411 -15.41 -11.16 10.75
C ILE E 411 -15.03 -12.36 9.91
N GLN E 412 -13.84 -12.95 10.12
CA GLN E 412 -13.54 -14.26 9.57
C GLN E 412 -14.38 -15.35 10.23
N GLY E 413 -14.52 -15.28 11.56
CA GLY E 413 -15.42 -16.18 12.26
C GLY E 413 -16.88 -15.92 12.00
N MET E 414 -17.24 -14.68 11.64
CA MET E 414 -18.61 -14.39 11.28
C MET E 414 -18.91 -14.84 9.84
N LYS E 415 -17.93 -14.73 8.92
CA LYS E 415 -18.18 -15.16 7.55
C LYS E 415 -18.05 -16.67 7.39
N GLN E 416 -17.39 -17.37 8.33
CA GLN E 416 -17.36 -18.81 8.26
C GLN E 416 -18.69 -19.43 8.65
N VAL E 417 -19.47 -18.72 9.48
CA VAL E 417 -20.87 -19.06 9.69
C VAL E 417 -21.67 -18.79 8.43
N GLY E 418 -21.54 -17.60 7.86
CA GLY E 418 -22.25 -17.23 6.66
C GLY E 418 -23.71 -16.86 6.85
N VAL E 419 -24.19 -16.78 8.10
CA VAL E 419 -25.59 -16.51 8.44
C VAL E 419 -25.58 -15.25 9.31
N VAL E 420 -26.59 -14.38 9.14
CA VAL E 420 -26.67 -13.10 9.85
C VAL E 420 -26.85 -13.20 11.35
N ASN E 421 -27.22 -14.37 11.88
CA ASN E 421 -27.19 -14.61 13.32
C ASN E 421 -26.35 -15.85 13.70
N PRO E 422 -25.12 -15.65 14.18
CA PRO E 422 -24.40 -16.76 14.80
C PRO E 422 -24.47 -16.72 16.32
N VAL E 423 -24.28 -17.88 16.94
CA VAL E 423 -24.00 -17.97 18.38
C VAL E 423 -22.48 -17.83 18.47
N PHE E 424 -22.01 -16.59 18.56
CA PHE E 424 -20.60 -16.29 18.38
C PHE E 424 -19.90 -16.38 19.73
N LEU E 425 -18.74 -17.03 19.73
CA LEU E 425 -17.91 -17.14 20.91
C LEU E 425 -16.64 -16.31 20.75
N LEU E 426 -16.28 -15.58 21.81
CA LEU E 426 -15.03 -14.83 21.89
C LEU E 426 -14.15 -15.52 22.93
N ASP E 427 -13.40 -16.52 22.51
CA ASP E 427 -12.52 -17.22 23.45
C ASP E 427 -11.25 -16.41 23.68
N GLU E 428 -10.79 -16.44 24.94
CA GLU E 428 -9.58 -15.80 25.47
C GLU E 428 -9.62 -14.29 25.25
N ILE E 429 -10.67 -13.68 25.78
CA ILE E 429 -10.82 -12.22 25.69
C ILE E 429 -9.96 -11.52 26.75
N ASP E 430 -9.47 -12.24 27.75
CA ASP E 430 -8.62 -11.66 28.78
C ASP E 430 -7.14 -11.98 28.59
N LYS E 431 -6.79 -13.20 28.16
CA LYS E 431 -5.40 -13.64 28.11
C LYS E 431 -4.73 -13.05 26.88
N LEU E 432 -4.29 -11.80 27.03
CA LEU E 432 -3.55 -11.08 26.02
C LEU E 432 -2.20 -10.68 26.59
N SER E 433 -1.16 -10.76 25.76
CA SER E 433 0.21 -10.55 26.20
C SER E 433 0.53 -9.07 26.38
N SER E 434 1.76 -8.78 26.79
CA SER E 434 2.17 -7.44 27.15
C SER E 434 2.43 -6.54 25.95
N ASP E 435 2.57 -7.10 24.75
CA ASP E 435 2.84 -6.29 23.56
C ASP E 435 1.51 -5.73 23.07
N TRP E 436 1.13 -4.58 23.62
CA TRP E 436 -0.12 -3.91 23.29
C TRP E 436 0.16 -2.85 22.23
N ARG E 437 0.60 -3.30 21.05
CA ARG E 437 1.25 -2.44 20.05
C ARG E 437 0.20 -1.56 19.36
N GLY E 438 -0.73 -2.18 18.64
CA GLY E 438 -1.96 -1.54 18.25
C GLY E 438 -3.03 -2.06 19.17
N ASP E 439 -3.55 -1.17 20.01
CA ASP E 439 -4.32 -1.52 21.22
C ASP E 439 -5.69 -2.04 20.84
N PRO E 440 -5.95 -3.35 20.97
CA PRO E 440 -7.18 -3.92 20.43
C PRO E 440 -8.40 -3.78 21.34
N ALA E 441 -8.28 -3.12 22.49
CA ALA E 441 -9.42 -2.97 23.38
C ALA E 441 -10.46 -2.01 22.82
N ALA E 442 -10.02 -1.00 22.06
CA ALA E 442 -10.95 -0.07 21.43
C ALA E 442 -11.71 -0.71 20.27
N ALA E 443 -11.03 -1.52 19.45
CA ALA E 443 -11.71 -2.22 18.37
C ALA E 443 -12.56 -3.37 18.90
N LEU E 444 -12.10 -4.05 19.96
CA LEU E 444 -12.89 -5.11 20.57
C LEU E 444 -14.02 -4.59 21.43
N LEU E 445 -14.03 -3.31 21.77
CA LEU E 445 -15.26 -2.69 22.23
C LEU E 445 -16.12 -2.24 21.06
N GLU E 446 -15.49 -1.80 19.96
CA GLU E 446 -16.21 -1.22 18.84
C GLU E 446 -16.85 -2.28 17.95
N VAL E 447 -16.48 -3.56 18.11
CA VAL E 447 -17.21 -4.68 17.52
C VAL E 447 -18.24 -5.23 18.51
N LEU E 448 -18.36 -4.60 19.68
CA LEU E 448 -19.12 -5.11 20.81
C LEU E 448 -20.05 -4.10 21.47
N ASP E 449 -19.75 -2.80 21.38
CA ASP E 449 -20.61 -1.79 21.99
C ASP E 449 -21.89 -1.67 21.16
N PRO E 450 -23.08 -1.67 21.77
CA PRO E 450 -24.32 -1.56 20.98
C PRO E 450 -24.55 -0.20 20.34
N GLU E 451 -23.82 0.84 20.75
CA GLU E 451 -23.76 2.06 19.96
C GLU E 451 -23.00 1.84 18.66
N GLN E 452 -22.02 0.93 18.66
CA GLN E 452 -21.24 0.60 17.48
C GLN E 452 -21.54 -0.79 16.92
N ASN E 453 -22.41 -1.57 17.57
CA ASN E 453 -22.89 -2.80 16.96
C ASN E 453 -23.86 -2.50 15.83
N HIS E 454 -24.73 -1.51 16.03
CA HIS E 454 -25.71 -1.15 15.02
C HIS E 454 -25.07 -0.37 13.88
N THR E 455 -23.95 0.32 14.16
CA THR E 455 -23.14 1.01 13.15
C THR E 455 -21.70 0.51 13.32
N PHE E 456 -21.41 -0.64 12.68
CA PHE E 456 -20.07 -1.22 12.67
C PHE E 456 -19.40 -0.99 11.32
N THR E 457 -18.51 -0.01 11.27
CA THR E 457 -17.73 0.28 10.07
C THR E 457 -16.39 -0.45 10.19
N ASP E 458 -16.32 -1.65 9.62
CA ASP E 458 -15.05 -2.34 9.44
C ASP E 458 -14.26 -1.60 8.37
N HIS E 459 -13.18 -0.92 8.79
CA HIS E 459 -12.55 0.09 7.94
C HIS E 459 -11.70 -0.47 6.82
N TYR E 460 -11.49 -1.78 6.75
CA TYR E 460 -11.15 -2.38 5.46
C TYR E 460 -12.32 -2.25 4.51
N LEU E 461 -13.48 -2.80 4.91
CA LEU E 461 -14.65 -2.84 4.04
C LEU E 461 -15.36 -1.50 3.95
N ASP E 462 -15.22 -0.66 5.00
CA ASP E 462 -15.77 0.71 5.11
C ASP E 462 -17.29 0.76 4.94
N VAL E 463 -17.99 -0.27 5.39
CA VAL E 463 -19.44 -0.34 5.26
C VAL E 463 -20.02 -0.52 6.66
N PRO E 464 -21.18 0.07 6.97
CA PRO E 464 -21.77 -0.14 8.29
C PRO E 464 -22.42 -1.51 8.43
N TYR E 465 -22.18 -2.15 9.57
CA TYR E 465 -22.81 -3.42 9.90
C TYR E 465 -23.75 -3.25 11.08
N ASP E 466 -24.82 -4.02 11.08
CA ASP E 466 -25.77 -4.09 12.19
C ASP E 466 -25.50 -5.42 12.91
N LEU E 467 -24.72 -5.36 13.98
CA LEU E 467 -24.35 -6.54 14.77
C LEU E 467 -25.33 -6.83 15.90
N SER E 468 -26.56 -6.31 15.83
CA SER E 468 -27.56 -6.63 16.84
C SER E 468 -28.07 -8.06 16.68
N LYS E 469 -28.22 -8.51 15.44
CA LYS E 469 -28.60 -9.91 15.20
C LYS E 469 -27.45 -10.86 15.47
N VAL E 470 -26.21 -10.39 15.31
CA VAL E 470 -25.03 -11.23 15.51
C VAL E 470 -24.80 -11.34 17.02
N PHE E 471 -24.96 -12.55 17.56
CA PHE E 471 -25.06 -12.76 19.00
C PHE E 471 -23.71 -13.24 19.53
N PHE E 472 -22.92 -12.30 20.07
CA PHE E 472 -21.64 -12.64 20.68
C PHE E 472 -21.81 -13.28 22.05
N ILE E 473 -20.80 -14.06 22.43
CA ILE E 473 -20.53 -14.42 23.81
C ILE E 473 -19.04 -14.20 24.04
N THR E 474 -18.69 -13.29 24.93
CA THR E 474 -17.33 -13.22 25.41
C THR E 474 -17.11 -14.27 26.48
N THR E 475 -15.93 -14.88 26.46
CA THR E 475 -15.57 -15.79 27.53
C THR E 475 -14.11 -15.63 27.88
N ALA E 476 -13.81 -15.87 29.16
CA ALA E 476 -12.55 -15.45 29.76
C ALA E 476 -12.15 -16.43 30.85
N ASN E 477 -11.06 -16.11 31.54
CA ASN E 477 -10.58 -16.93 32.64
C ASN E 477 -10.38 -16.17 33.95
N THR E 478 -10.24 -14.85 33.92
CA THR E 478 -10.16 -14.06 35.14
C THR E 478 -10.77 -12.68 34.87
N LEU E 479 -11.08 -11.98 35.96
CA LEU E 479 -11.73 -10.68 35.88
C LEU E 479 -10.74 -9.53 35.77
N SER E 480 -9.44 -9.79 35.95
CA SER E 480 -8.45 -8.73 36.05
C SER E 480 -8.08 -8.18 34.68
N THR E 481 -7.55 -9.04 33.80
CA THR E 481 -7.02 -8.60 32.52
C THR E 481 -8.06 -8.60 31.40
N ILE E 482 -9.35 -8.64 31.74
CA ILE E 482 -10.33 -8.05 30.82
C ILE E 482 -10.17 -6.53 30.86
N PRO E 483 -10.20 -5.83 29.73
CA PRO E 483 -10.23 -4.36 29.78
C PRO E 483 -11.52 -3.83 30.40
N ARG E 484 -11.41 -2.66 31.02
CA ARG E 484 -12.45 -2.05 31.85
C ARG E 484 -13.77 -1.68 31.12
N PRO E 485 -13.83 -1.11 29.90
CA PRO E 485 -15.15 -1.02 29.25
C PRO E 485 -15.66 -2.32 28.65
N LEU E 486 -14.85 -3.39 28.65
CA LEU E 486 -15.31 -4.72 28.29
C LEU E 486 -15.78 -5.50 29.52
N LEU E 487 -16.01 -4.81 30.65
CA LEU E 487 -16.39 -5.44 31.90
C LEU E 487 -17.75 -4.96 32.40
N ASP E 488 -17.96 -3.64 32.51
CA ASP E 488 -19.17 -3.12 33.12
C ASP E 488 -20.38 -3.22 32.18
N ARG E 489 -20.15 -3.11 30.87
CA ARG E 489 -21.21 -3.35 29.88
C ARG E 489 -21.50 -4.84 29.78
N MET E 490 -20.53 -5.67 30.15
CA MET E 490 -20.55 -7.12 30.00
C MET E 490 -21.23 -7.81 31.18
N GLU E 491 -22.00 -8.85 30.87
CA GLU E 491 -22.87 -9.53 31.85
C GLU E 491 -22.12 -10.71 32.45
N VAL E 492 -21.61 -10.53 33.68
CA VAL E 492 -20.78 -11.53 34.34
C VAL E 492 -21.66 -12.65 34.89
N ILE E 493 -21.32 -13.89 34.54
CA ILE E 493 -22.15 -15.06 34.84
C ILE E 493 -21.50 -15.94 35.90
N GLU E 494 -20.16 -16.02 35.90
CA GLU E 494 -19.29 -16.52 36.98
C GLU E 494 -19.52 -18.01 37.27
N ILE E 495 -19.09 -18.83 36.32
CA ILE E 495 -19.02 -20.28 36.50
C ILE E 495 -17.92 -20.58 37.52
N PRO E 496 -18.22 -21.23 38.65
CA PRO E 496 -17.18 -21.57 39.62
C PRO E 496 -16.43 -22.85 39.25
N GLY E 497 -15.55 -23.30 40.14
CA GLY E 497 -14.84 -24.54 39.92
C GLY E 497 -15.72 -25.75 40.15
N TYR E 498 -15.20 -26.91 39.75
CA TYR E 498 -15.96 -28.15 39.79
C TYR E 498 -15.66 -28.91 41.07
N THR E 499 -16.63 -29.71 41.53
CA THR E 499 -16.56 -30.31 42.85
C THR E 499 -15.79 -31.62 42.77
N LEU E 500 -15.80 -32.39 43.86
CA LEU E 500 -15.33 -33.78 43.77
C LEU E 500 -16.31 -34.66 43.03
N HIS E 501 -17.61 -34.51 43.32
CA HIS E 501 -18.61 -35.47 42.87
C HIS E 501 -18.94 -35.33 41.39
N GLU E 502 -19.01 -34.10 40.87
CA GLU E 502 -19.28 -33.95 39.45
C GLU E 502 -18.05 -34.22 38.61
N LYS E 503 -16.84 -34.03 39.17
CA LYS E 503 -15.63 -34.57 38.53
C LYS E 503 -15.58 -36.10 38.56
N ARG E 504 -16.19 -36.71 39.59
CA ARG E 504 -16.28 -38.17 39.62
C ARG E 504 -17.26 -38.69 38.58
N ALA E 505 -18.38 -38.01 38.39
CA ALA E 505 -19.43 -38.50 37.50
C ALA E 505 -19.31 -37.99 36.06
N ILE E 506 -18.49 -36.95 35.82
CA ILE E 506 -18.51 -36.19 34.58
C ILE E 506 -17.94 -37.00 33.42
N ALA E 507 -17.02 -37.93 33.72
CA ALA E 507 -16.30 -38.73 32.76
C ALA E 507 -17.27 -39.75 32.19
N ARG E 508 -17.72 -40.66 33.06
CA ARG E 508 -18.54 -41.80 32.70
C ARG E 508 -19.95 -41.38 32.26
N TYR E 509 -20.42 -40.20 32.67
CA TYR E 509 -21.64 -39.71 32.05
C TYR E 509 -21.37 -39.09 30.69
N PHE E 510 -20.76 -37.89 30.63
CA PHE E 510 -20.81 -37.10 29.40
C PHE E 510 -19.48 -36.90 28.68
N ARG E 511 -18.34 -37.29 29.24
CA ARG E 511 -17.07 -36.95 28.59
C ARG E 511 -16.35 -38.17 28.04
N TRP E 512 -16.13 -39.18 28.88
CA TRP E 512 -15.53 -40.44 28.44
C TRP E 512 -16.29 -41.27 27.39
N PRO E 513 -17.65 -41.34 27.30
CA PRO E 513 -18.25 -42.00 26.13
C PRO E 513 -17.98 -41.34 24.78
N PHE E 514 -17.82 -40.02 24.72
CA PHE E 514 -17.36 -39.40 23.48
C PHE E 514 -15.91 -39.71 23.22
N GLN E 515 -15.11 -39.88 24.28
CA GLN E 515 -13.70 -40.21 24.12
C GLN E 515 -13.51 -41.64 23.65
N VAL E 516 -14.37 -42.57 24.06
CA VAL E 516 -14.28 -43.94 23.56
C VAL E 516 -15.06 -44.16 22.28
N LYS E 517 -15.97 -43.23 21.92
CA LYS E 517 -16.45 -43.19 20.54
C LYS E 517 -15.34 -42.71 19.61
N GLU E 518 -14.51 -41.78 20.10
CA GLU E 518 -13.29 -41.42 19.39
C GLU E 518 -12.29 -42.57 19.38
N ALA E 519 -12.17 -43.28 20.51
CA ALA E 519 -11.21 -44.39 20.58
C ALA E 519 -11.67 -45.63 19.86
N GLY E 520 -12.95 -45.76 19.55
CA GLY E 520 -13.47 -46.96 18.92
C GLY E 520 -13.79 -48.09 19.87
N LEU E 521 -13.56 -47.91 21.17
CA LEU E 521 -13.90 -48.91 22.17
C LEU E 521 -15.28 -48.58 22.76
N GLU E 522 -16.29 -48.72 21.89
CA GLU E 522 -17.63 -48.27 22.23
C GLU E 522 -18.31 -49.20 23.23
N GLY E 523 -18.31 -50.49 22.95
CA GLY E 523 -18.80 -51.46 23.90
C GLY E 523 -17.67 -52.35 24.41
N ARG E 524 -16.49 -51.75 24.58
CA ARG E 524 -15.30 -52.51 24.91
C ARG E 524 -14.62 -52.07 26.21
N LEU E 525 -14.69 -50.80 26.56
CA LEU E 525 -14.01 -50.25 27.72
C LEU E 525 -15.02 -49.79 28.75
N GLU E 526 -14.73 -50.03 30.04
CA GLU E 526 -15.53 -49.55 31.15
C GLU E 526 -14.63 -48.92 32.20
N ILE E 527 -15.15 -47.92 32.92
CA ILE E 527 -14.41 -47.25 33.98
C ILE E 527 -15.26 -47.20 35.25
N THR E 528 -14.59 -46.97 36.37
CA THR E 528 -15.20 -46.90 37.68
C THR E 528 -14.92 -45.54 38.31
N ASP E 529 -15.82 -45.11 39.21
CA ASP E 529 -15.70 -43.80 39.84
C ASP E 529 -14.57 -43.73 40.87
N ARG E 530 -14.17 -44.88 41.42
CA ARG E 530 -13.00 -44.92 42.29
C ARG E 530 -11.70 -44.72 41.51
N ALA E 531 -11.70 -45.02 40.21
CA ALA E 531 -10.57 -44.69 39.36
C ALA E 531 -10.55 -43.20 39.02
N ILE E 532 -11.72 -42.62 38.77
CA ILE E 532 -11.83 -41.22 38.34
C ILE E 532 -11.54 -40.27 39.50
N GLU E 533 -11.91 -40.67 40.74
CA GLU E 533 -11.53 -39.90 41.92
C GLU E 533 -10.02 -39.93 42.16
N ARG E 534 -9.38 -41.08 41.87
CA ARG E 534 -7.93 -41.16 41.95
C ARG E 534 -7.25 -40.33 40.88
N ILE E 535 -7.88 -40.21 39.69
CA ILE E 535 -7.43 -39.29 38.64
C ILE E 535 -7.49 -37.84 39.11
N VAL E 536 -8.65 -37.42 39.65
CA VAL E 536 -8.86 -35.99 39.88
C VAL E 536 -8.34 -35.50 41.23
N GLN E 537 -7.88 -36.40 42.13
CA GLN E 537 -7.07 -35.91 43.24
C GLN E 537 -5.72 -36.60 43.38
N GLU E 538 -5.21 -37.28 42.33
CA GLU E 538 -3.82 -37.70 42.33
C GLU E 538 -3.14 -37.46 40.98
N TYR E 539 -3.76 -36.72 40.07
CA TYR E 539 -3.04 -36.36 38.85
C TYR E 539 -3.06 -34.88 38.55
N THR E 540 -4.19 -34.20 38.76
CA THR E 540 -4.34 -32.80 38.44
C THR E 540 -4.93 -32.04 39.63
N ARG E 541 -4.49 -30.80 39.80
CA ARG E 541 -5.24 -29.81 40.57
C ARG E 541 -6.13 -28.96 39.67
N GLU E 542 -6.52 -29.49 38.51
CA GLU E 542 -7.29 -28.73 37.54
C GLU E 542 -8.77 -28.78 37.90
N ALA E 543 -9.39 -27.60 38.06
CA ALA E 543 -10.83 -27.55 38.24
C ALA E 543 -11.58 -27.65 36.92
N GLY E 544 -10.90 -27.48 35.80
CA GLY E 544 -11.47 -27.72 34.49
C GLY E 544 -11.20 -29.12 34.00
N VAL E 545 -11.57 -29.37 32.74
CA VAL E 545 -11.30 -30.64 32.08
C VAL E 545 -10.45 -30.48 30.82
N ARG E 546 -9.79 -29.33 30.65
CA ARG E 546 -9.01 -29.05 29.45
C ARG E 546 -7.72 -29.88 29.36
N ASN E 547 -7.20 -30.35 30.48
CA ASN E 547 -6.18 -31.39 30.44
C ASN E 547 -6.74 -32.76 30.81
N LEU E 548 -7.90 -32.81 31.46
CA LEU E 548 -8.48 -34.09 31.85
C LEU E 548 -9.06 -34.84 30.66
N ASP E 549 -9.55 -34.12 29.65
CA ASP E 549 -10.03 -34.78 28.44
C ASP E 549 -8.90 -35.41 27.64
N ARG E 550 -7.75 -34.74 27.57
CA ARG E 550 -6.56 -35.33 26.95
C ARG E 550 -5.94 -36.42 27.83
N GLU E 551 -6.13 -36.35 29.16
CA GLU E 551 -5.63 -37.40 30.03
C GLU E 551 -6.44 -38.68 29.90
N LEU E 552 -7.77 -38.58 29.86
CA LEU E 552 -8.57 -39.76 29.55
C LEU E 552 -8.50 -40.15 28.07
N SER E 553 -8.10 -39.24 27.18
CA SER E 553 -7.72 -39.63 25.83
C SER E 553 -6.48 -40.50 25.83
N LYS E 554 -5.51 -40.19 26.71
CA LYS E 554 -4.33 -41.03 26.87
C LYS E 554 -4.67 -42.38 27.50
N VAL E 555 -5.64 -42.39 28.44
CA VAL E 555 -6.12 -43.63 29.05
C VAL E 555 -6.84 -44.50 28.01
N ALA E 556 -7.70 -43.89 27.18
CA ALA E 556 -8.38 -44.63 26.12
C ALA E 556 -7.45 -45.04 25.00
N ARG E 557 -6.36 -44.29 24.78
CA ARG E 557 -5.36 -44.69 23.80
C ARG E 557 -4.50 -45.85 24.31
N LYS E 558 -4.22 -45.89 25.62
CA LYS E 558 -3.55 -47.04 26.22
C LYS E 558 -4.48 -48.27 26.21
N ALA E 559 -5.78 -48.04 26.38
CA ALA E 559 -6.77 -49.11 26.24
C ALA E 559 -6.88 -49.59 24.79
N ALA E 560 -6.69 -48.69 23.83
CA ALA E 560 -6.62 -49.09 22.43
C ALA E 560 -5.34 -49.87 22.12
N LYS E 561 -4.24 -49.55 22.82
CA LYS E 561 -3.00 -50.31 22.69
C LYS E 561 -3.15 -51.73 23.23
N ASP E 562 -3.76 -51.88 24.41
CA ASP E 562 -3.98 -53.23 24.93
C ASP E 562 -5.14 -53.95 24.26
N TYR E 563 -6.02 -53.22 23.56
CA TYR E 563 -7.04 -53.81 22.70
C TYR E 563 -6.48 -54.20 21.34
N LEU E 564 -5.35 -53.63 20.94
CA LEU E 564 -4.76 -53.99 19.66
C LEU E 564 -3.65 -55.02 19.75
N GLU E 565 -3.01 -55.18 20.92
CA GLU E 565 -2.12 -56.33 21.07
C GLU E 565 -2.90 -57.64 21.19
N LYS E 566 -4.14 -57.58 21.73
CA LYS E 566 -5.09 -58.69 21.73
C LYS E 566 -6.49 -58.19 21.43
N PRO E 567 -7.06 -58.50 20.24
CA PRO E 567 -8.42 -58.00 19.90
C PRO E 567 -9.54 -58.84 20.50
N TRP E 568 -9.71 -58.75 21.82
CA TRP E 568 -10.77 -59.51 22.49
C TRP E 568 -11.52 -58.72 23.55
N GLU E 569 -10.99 -57.58 24.03
CA GLU E 569 -11.33 -56.99 25.33
C GLU E 569 -12.72 -56.35 25.32
N GLY E 570 -13.73 -57.21 25.44
CA GLY E 570 -15.10 -56.72 25.58
C GLY E 570 -15.37 -56.12 26.94
N VAL E 571 -14.84 -56.73 27.99
CA VAL E 571 -14.96 -56.22 29.35
C VAL E 571 -13.56 -55.80 29.79
N ARG E 572 -13.37 -54.49 29.96
CA ARG E 572 -12.08 -53.91 30.31
C ARG E 572 -12.32 -52.88 31.41
N VAL E 573 -12.96 -53.34 32.49
CA VAL E 573 -13.31 -52.48 33.63
C VAL E 573 -12.05 -52.00 34.33
N VAL E 574 -11.86 -50.68 34.35
CA VAL E 574 -10.66 -50.06 34.87
C VAL E 574 -10.87 -49.78 36.36
N ASP E 575 -9.97 -50.30 37.18
CA ASP E 575 -9.94 -50.05 38.61
C ASP E 575 -8.77 -49.13 38.93
N ALA E 576 -8.52 -48.93 40.23
CA ALA E 576 -7.54 -47.94 40.68
C ALA E 576 -6.11 -48.40 40.43
N GLU E 577 -5.86 -49.71 40.36
CA GLU E 577 -4.53 -50.21 40.10
C GLU E 577 -4.12 -50.11 38.64
N ASP E 578 -5.07 -49.93 37.72
CA ASP E 578 -4.76 -49.84 36.30
C ASP E 578 -4.20 -48.49 35.88
N LEU E 579 -4.33 -47.47 36.73
CA LEU E 579 -3.85 -46.12 36.42
C LEU E 579 -2.33 -46.05 36.38
N GLU E 580 -1.66 -46.84 37.22
CA GLU E 580 -0.20 -46.83 37.28
C GLU E 580 0.43 -47.53 36.08
N ALA E 581 -0.32 -48.37 35.38
CA ALA E 581 0.12 -48.91 34.10
C ALA E 581 -0.31 -48.04 32.92
N TYR E 582 -1.50 -47.44 32.99
CA TYR E 582 -2.01 -46.68 31.85
C TYR E 582 -1.37 -45.31 31.72
N LEU E 583 -1.07 -44.64 32.83
CA LEU E 583 -0.44 -43.33 32.78
C LEU E 583 0.96 -43.30 33.38
N GLY E 584 1.40 -44.38 34.02
CA GLY E 584 2.77 -44.43 34.53
C GLY E 584 2.94 -43.67 35.83
N VAL E 585 3.57 -42.50 35.74
CA VAL E 585 3.81 -41.66 36.91
C VAL E 585 2.50 -41.01 37.36
N PRO E 586 2.20 -40.97 38.65
CA PRO E 586 1.23 -39.99 39.16
C PRO E 586 1.87 -38.62 39.24
N LYS E 587 1.25 -37.64 38.58
CA LYS E 587 1.89 -36.35 38.37
C LYS E 587 1.92 -35.52 39.65
N TYR E 588 0.80 -35.47 40.38
CA TYR E 588 0.70 -34.71 41.61
C TYR E 588 0.50 -35.67 42.78
N ARG E 589 0.98 -35.27 43.95
CA ARG E 589 1.05 -36.16 45.10
C ARG E 589 -0.35 -36.34 45.73
N PRO E 590 -0.60 -37.50 46.34
CA PRO E 590 -1.79 -37.65 47.20
C PRO E 590 -1.66 -36.80 48.46
N ASP E 591 -2.62 -35.88 48.63
CA ASP E 591 -2.58 -34.91 49.73
C ASP E 591 -2.91 -35.54 51.09
N ARG E 592 -1.86 -36.00 51.76
CA ARG E 592 -1.99 -36.58 53.10
C ARG E 592 -2.02 -35.45 54.12
N ALA E 593 -3.04 -35.45 54.96
CA ALA E 593 -3.17 -34.45 56.01
C ALA E 593 -2.31 -34.84 57.22
N GLU E 594 -2.34 -34.00 58.25
CA GLU E 594 -1.59 -34.28 59.46
C GLU E 594 -2.28 -35.35 60.29
N LYS E 595 -1.53 -36.37 60.69
CA LYS E 595 -2.03 -37.42 61.55
C LYS E 595 -1.51 -37.25 62.98
N GLU E 596 -0.20 -37.21 63.14
CA GLU E 596 0.41 -36.80 64.39
C GLU E 596 0.22 -35.30 64.58
N PRO E 597 0.13 -34.82 65.85
CA PRO E 597 0.05 -33.37 66.09
C PRO E 597 1.35 -32.65 65.79
N GLN E 598 1.33 -31.81 64.77
CA GLN E 598 2.54 -31.20 64.21
C GLN E 598 2.79 -29.84 64.83
N VAL E 599 4.06 -29.56 65.12
CA VAL E 599 4.41 -28.40 65.94
C VAL E 599 4.46 -27.11 65.11
N GLY E 600 4.58 -27.20 63.79
CA GLY E 600 4.69 -25.98 63.00
C GLY E 600 3.71 -25.88 61.85
N ALA E 601 3.14 -27.01 61.45
CA ALA E 601 2.24 -27.03 60.32
C ALA E 601 0.85 -26.55 60.72
N ALA E 602 0.14 -25.99 59.74
CA ALA E 602 -1.24 -25.53 59.93
C ALA E 602 -2.05 -25.94 58.72
N GLN E 603 -3.10 -26.72 58.95
CA GLN E 603 -3.94 -27.22 57.87
C GLN E 603 -4.88 -26.09 57.43
N GLY E 604 -4.63 -25.54 56.25
CA GLY E 604 -5.36 -24.37 55.80
C GLY E 604 -6.14 -24.54 54.53
N LEU E 605 -7.02 -23.59 54.24
CA LEU E 605 -7.89 -23.61 53.08
C LEU E 605 -7.83 -22.25 52.38
N ALA E 606 -7.56 -22.26 51.07
CA ALA E 606 -7.52 -21.03 50.29
C ALA E 606 -8.19 -21.25 48.95
N TRP E 607 -8.92 -20.25 48.48
CA TRP E 607 -9.59 -20.35 47.20
C TRP E 607 -8.61 -19.97 46.09
N THR E 608 -8.54 -20.81 45.07
CA THR E 608 -7.67 -20.63 43.92
C THR E 608 -8.51 -20.60 42.66
N PRO E 609 -7.96 -20.19 41.51
CA PRO E 609 -8.53 -20.60 40.21
C PRO E 609 -8.26 -22.06 39.84
N TYR E 610 -7.49 -22.80 40.64
CA TYR E 610 -7.35 -24.25 40.53
C TYR E 610 -8.38 -25.00 41.36
N GLY E 611 -9.51 -24.37 41.70
CA GLY E 611 -10.52 -25.04 42.51
C GLY E 611 -10.13 -25.10 43.97
N GLY E 612 -10.60 -26.14 44.65
CA GLY E 612 -10.25 -26.34 46.04
C GLY E 612 -8.82 -26.87 46.17
N THR E 613 -8.09 -26.30 47.12
CA THR E 613 -6.69 -26.63 47.35
C THR E 613 -6.46 -26.88 48.83
N LEU E 614 -5.35 -27.53 49.15
CA LEU E 614 -4.97 -27.80 50.53
C LEU E 614 -3.65 -27.13 50.86
N LEU E 615 -3.48 -26.79 52.13
CA LEU E 615 -2.36 -25.98 52.59
C LEU E 615 -1.61 -26.69 53.70
N THR E 616 -0.30 -26.42 53.77
CA THR E 616 0.54 -26.80 54.89
C THR E 616 1.32 -25.53 55.26
N ILE E 617 0.72 -24.70 56.10
CA ILE E 617 1.32 -23.42 56.48
C ILE E 617 2.39 -23.68 57.55
N GLU E 618 3.63 -23.39 57.21
CA GLU E 618 4.80 -23.87 57.92
C GLU E 618 5.59 -22.68 58.48
N ALA E 619 5.93 -22.75 59.77
CA ALA E 619 6.72 -21.71 60.40
C ALA E 619 7.60 -22.35 61.47
N VAL E 620 8.89 -22.04 61.44
CA VAL E 620 9.85 -22.57 62.38
C VAL E 620 10.33 -21.52 63.37
N ALA E 621 10.58 -20.29 62.87
CA ALA E 621 11.10 -19.12 63.60
C ALA E 621 12.44 -19.42 64.27
N VAL E 622 13.43 -19.60 63.41
CA VAL E 622 14.84 -19.77 63.79
C VAL E 622 15.34 -18.46 64.43
N PRO E 623 16.27 -18.50 65.40
CA PRO E 623 16.67 -17.26 66.09
C PRO E 623 17.55 -16.36 65.23
N GLY E 624 17.13 -15.11 65.09
CA GLY E 624 17.87 -14.14 64.31
C GLY E 624 17.51 -12.70 64.59
N THR E 625 17.44 -11.88 63.54
CA THR E 625 17.25 -10.44 63.70
C THR E 625 15.80 -10.05 63.99
N GLY E 626 14.84 -10.95 63.77
CA GLY E 626 13.47 -10.69 64.16
C GLY E 626 12.55 -10.16 63.08
N LYS E 627 13.03 -9.98 61.86
CA LYS E 627 12.16 -9.54 60.78
C LYS E 627 11.29 -10.69 60.30
N VAL E 628 10.16 -10.34 59.69
CA VAL E 628 9.32 -11.33 59.03
C VAL E 628 9.89 -11.56 57.62
N ASN E 629 10.08 -12.83 57.27
CA ASN E 629 10.67 -13.19 55.99
C ASN E 629 9.56 -13.50 55.00
N LEU E 630 9.57 -12.81 53.87
CA LEU E 630 8.53 -12.96 52.85
C LEU E 630 8.89 -14.15 51.97
N THR E 631 8.62 -15.34 52.50
CA THR E 631 8.96 -16.60 51.86
C THR E 631 7.71 -17.31 51.37
N GLY E 632 7.89 -18.17 50.38
CA GLY E 632 6.79 -18.99 49.89
C GLY E 632 5.91 -18.36 48.84
N ASN E 633 6.42 -17.35 48.11
CA ASN E 633 5.80 -16.69 46.94
C ASN E 633 4.46 -16.05 47.29
N LEU E 634 4.54 -15.03 48.13
CA LEU E 634 3.36 -14.40 48.70
C LEU E 634 2.68 -13.48 47.68
N GLY E 635 1.46 -13.06 48.03
CA GLY E 635 0.76 -12.02 47.30
C GLY E 635 0.99 -10.67 47.93
N GLU E 636 0.08 -9.73 47.64
CA GLU E 636 0.15 -8.38 48.18
C GLU E 636 -0.59 -8.24 49.50
N VAL E 637 -1.27 -9.30 49.94
CA VAL E 637 -2.11 -9.27 51.14
C VAL E 637 -1.65 -10.26 52.21
N MET E 638 -0.78 -11.19 51.86
CA MET E 638 -0.52 -12.28 52.78
C MET E 638 0.54 -11.87 53.79
N LYS E 639 1.39 -10.88 53.43
CA LYS E 639 2.25 -10.23 54.41
C LYS E 639 1.46 -9.38 55.39
N GLU E 640 0.32 -8.81 54.96
CA GLU E 640 -0.60 -8.13 55.88
C GLU E 640 -1.23 -9.10 56.87
N SER E 641 -1.57 -10.31 56.41
CA SER E 641 -2.06 -11.34 57.33
C SER E 641 -0.97 -11.81 58.29
N ALA E 642 0.28 -11.86 57.83
CA ALA E 642 1.40 -12.21 58.70
C ALA E 642 1.68 -11.10 59.73
N HIS E 643 1.50 -9.84 59.33
CA HIS E 643 1.62 -8.70 60.25
C HIS E 643 0.51 -8.71 61.29
N ALA E 644 -0.71 -9.11 60.89
CA ALA E 644 -1.81 -9.27 61.84
C ALA E 644 -1.55 -10.40 62.83
N ALA E 645 -0.92 -11.48 62.35
CA ALA E 645 -0.54 -12.60 63.21
C ALA E 645 0.50 -12.21 64.25
N LEU E 646 1.54 -11.45 63.83
CA LEU E 646 2.58 -11.06 64.77
C LEU E 646 2.10 -10.00 65.75
N THR E 647 1.18 -9.12 65.32
CA THR E 647 0.59 -8.17 66.27
C THR E 647 -0.36 -8.85 67.25
N TYR E 648 -1.00 -9.96 66.85
CA TYR E 648 -1.78 -10.69 67.85
C TYR E 648 -0.91 -11.46 68.83
N LEU E 649 0.24 -11.98 68.41
CA LEU E 649 1.13 -12.60 69.39
C LEU E 649 1.79 -11.55 70.30
N ARG E 650 2.14 -10.39 69.75
CA ARG E 650 2.76 -9.38 70.59
C ARG E 650 1.74 -8.59 71.42
N ALA E 651 0.45 -8.71 71.12
CA ALA E 651 -0.57 -8.08 71.94
C ALA E 651 -0.83 -8.87 73.23
N HIS E 652 -0.95 -10.19 73.12
CA HIS E 652 -1.32 -11.03 74.25
C HIS E 652 -0.25 -12.09 74.54
N ARG E 653 1.01 -11.66 74.63
CA ARG E 653 2.12 -12.59 74.80
C ARG E 653 2.20 -13.18 76.21
N GLU E 654 1.56 -12.57 77.20
CA GLU E 654 1.73 -12.97 78.59
C GLU E 654 0.81 -14.12 79.01
N GLU E 655 -0.03 -14.64 78.11
CA GLU E 655 -1.04 -15.62 78.50
C GLU E 655 -0.89 -16.96 77.81
N TRP E 656 0.11 -17.16 76.94
CA TRP E 656 0.25 -18.45 76.26
C TRP E 656 1.69 -18.90 76.19
N GLY E 657 2.49 -18.61 77.21
CA GLY E 657 3.84 -19.12 77.31
C GLY E 657 4.87 -18.47 76.40
N LEU E 658 4.52 -17.35 75.76
CA LEU E 658 5.43 -16.66 74.87
C LEU E 658 6.47 -15.90 75.67
N PRO E 659 7.71 -15.70 75.11
CA PRO E 659 8.74 -14.96 75.86
C PRO E 659 8.51 -13.46 75.99
N GLU E 660 9.49 -12.77 76.56
CA GLU E 660 9.39 -11.33 76.76
C GLU E 660 9.90 -10.53 75.57
N GLY E 661 11.02 -10.96 74.99
CA GLY E 661 11.65 -10.21 73.92
C GLY E 661 11.76 -10.94 72.60
N PHE E 662 10.71 -11.64 72.17
CA PHE E 662 10.76 -12.47 70.97
C PHE E 662 10.46 -11.68 69.70
N HIS E 663 10.19 -10.37 69.81
CA HIS E 663 9.85 -9.56 68.64
C HIS E 663 11.06 -9.34 67.74
N LYS E 664 12.26 -9.24 68.31
CA LYS E 664 13.48 -9.12 67.54
C LYS E 664 14.45 -10.27 67.80
N ASP E 665 13.96 -11.39 68.33
CA ASP E 665 14.80 -12.51 68.66
C ASP E 665 14.82 -13.60 67.59
N TYR E 666 13.74 -13.78 66.84
CA TYR E 666 13.61 -14.85 65.86
C TYR E 666 13.26 -14.26 64.50
N ASP E 667 14.16 -14.39 63.52
CA ASP E 667 13.89 -13.91 62.16
C ASP E 667 12.90 -14.85 61.46
N LEU E 668 11.63 -14.59 61.73
CA LEU E 668 10.53 -15.51 61.48
C LEU E 668 10.13 -15.52 60.01
N HIS E 669 9.54 -16.62 59.58
CA HIS E 669 9.20 -16.85 58.18
C HIS E 669 7.86 -17.59 58.10
N ILE E 670 7.19 -17.44 56.96
CA ILE E 670 5.93 -18.11 56.69
C ILE E 670 6.04 -18.85 55.37
N HIS E 671 5.35 -19.98 55.25
CA HIS E 671 5.41 -20.79 54.04
C HIS E 671 4.01 -21.04 53.50
N VAL E 672 3.80 -20.68 52.24
CA VAL E 672 2.55 -20.91 51.52
C VAL E 672 2.85 -21.88 50.38
N PRO E 673 2.33 -23.12 50.42
CA PRO E 673 2.62 -24.08 49.33
C PRO E 673 1.96 -23.75 48.00
N GLU E 674 0.82 -23.07 47.97
CA GLU E 674 0.13 -22.78 46.72
C GLU E 674 0.52 -21.44 46.13
N GLY E 675 1.60 -20.82 46.60
CA GLY E 675 2.07 -19.53 46.12
C GLY E 675 2.62 -19.52 44.71
N ALA E 676 2.94 -20.70 44.14
CA ALA E 676 3.26 -20.78 42.73
C ALA E 676 2.04 -20.57 41.85
N THR E 677 0.84 -20.91 42.36
CA THR E 677 -0.48 -20.72 41.75
C THR E 677 -1.05 -19.37 42.17
N PRO E 678 -1.91 -18.75 41.35
CA PRO E 678 -2.55 -17.50 41.77
C PRO E 678 -3.58 -17.69 42.88
N LYS E 679 -3.78 -16.64 43.65
CA LYS E 679 -4.70 -16.64 44.78
C LYS E 679 -5.34 -15.27 44.89
N ASP E 680 -6.51 -15.24 45.54
CA ASP E 680 -7.24 -14.00 45.78
C ASP E 680 -7.65 -13.95 47.24
N GLY E 681 -7.31 -12.84 47.90
CA GLY E 681 -7.65 -12.63 49.29
C GLY E 681 -6.65 -13.25 50.24
N PRO E 682 -6.51 -12.69 51.47
CA PRO E 682 -5.63 -13.28 52.48
C PRO E 682 -6.36 -14.32 53.34
N SER E 683 -6.96 -15.32 52.68
CA SER E 683 -7.93 -16.21 53.32
C SER E 683 -7.29 -17.26 54.22
N ALA E 684 -5.97 -17.37 54.23
CA ALA E 684 -5.25 -18.27 55.13
C ALA E 684 -4.54 -17.50 56.23
N GLY E 685 -5.18 -16.45 56.75
CA GLY E 685 -4.54 -15.62 57.75
C GLY E 685 -4.50 -16.23 59.13
N ILE E 686 -5.59 -16.91 59.53
CA ILE E 686 -5.59 -17.53 60.85
C ILE E 686 -4.77 -18.82 60.86
N THR E 687 -4.49 -19.39 59.69
CA THR E 687 -3.50 -20.45 59.55
C THR E 687 -2.11 -19.95 59.91
N ILE E 688 -1.78 -18.74 59.47
CA ILE E 688 -0.52 -18.08 59.83
C ILE E 688 -0.49 -17.74 61.31
N ALA E 689 -1.64 -17.30 61.86
CA ALA E 689 -1.75 -16.99 63.29
C ALA E 689 -1.56 -18.23 64.17
N THR E 690 -2.15 -19.35 63.78
CA THR E 690 -1.94 -20.60 64.50
C THR E 690 -0.56 -21.20 64.23
N ALA E 691 0.05 -20.92 63.07
CA ALA E 691 1.38 -21.44 62.77
C ALA E 691 2.46 -20.76 63.60
N LEU E 692 2.41 -19.43 63.71
CA LEU E 692 3.26 -18.72 64.66
C LEU E 692 2.94 -19.03 66.12
N ALA E 693 1.65 -19.19 66.45
CA ALA E 693 1.26 -19.49 67.83
C ALA E 693 1.68 -20.89 68.26
N SER E 694 1.77 -21.82 67.32
CA SER E 694 2.34 -23.13 67.62
C SER E 694 3.86 -23.13 67.52
N ALA E 695 4.44 -22.27 66.69
CA ALA E 695 5.88 -22.27 66.48
C ALA E 695 6.65 -21.63 67.63
N LEU E 696 6.09 -20.63 68.29
CA LEU E 696 6.82 -20.01 69.39
C LEU E 696 6.78 -20.84 70.67
N THR E 697 5.59 -21.10 71.21
CA THR E 697 5.52 -21.78 72.50
C THR E 697 5.64 -23.29 72.41
N GLY E 698 5.59 -23.87 71.21
CA GLY E 698 5.94 -25.26 71.02
C GLY E 698 4.85 -26.29 71.27
N ARG E 699 3.61 -25.88 71.58
CA ARG E 699 2.57 -26.89 71.67
C ARG E 699 1.90 -27.08 70.31
N PRO E 700 1.69 -28.32 69.86
CA PRO E 700 1.46 -28.57 68.43
C PRO E 700 0.02 -28.31 67.99
N VAL E 701 -0.15 -28.26 66.67
CA VAL E 701 -1.45 -28.14 66.02
C VAL E 701 -1.98 -29.55 65.78
N ARG E 702 -3.23 -29.79 66.19
CA ARG E 702 -3.78 -31.14 66.28
C ARG E 702 -4.17 -31.71 64.91
N MET E 703 -4.85 -32.87 64.94
CA MET E 703 -5.01 -33.72 63.77
C MET E 703 -6.10 -33.24 62.82
N ASP E 704 -7.34 -33.18 63.30
CA ASP E 704 -8.53 -33.14 62.45
C ASP E 704 -8.96 -31.74 62.04
N ILE E 705 -8.09 -30.74 62.15
CA ILE E 705 -8.52 -29.35 61.98
C ILE E 705 -8.34 -28.92 60.52
N ALA E 706 -9.14 -27.93 60.11
CA ALA E 706 -8.88 -27.16 58.89
C ALA E 706 -9.35 -25.74 59.12
N MET E 707 -8.68 -24.79 58.45
CA MET E 707 -8.72 -23.39 58.84
C MET E 707 -8.89 -22.52 57.60
N THR E 708 -9.68 -21.45 57.72
CA THR E 708 -9.70 -20.37 56.74
C THR E 708 -10.18 -19.09 57.40
N GLY E 709 -9.93 -17.96 56.73
CA GLY E 709 -10.38 -16.66 57.21
C GLY E 709 -9.28 -15.63 57.24
N GLU E 710 -9.58 -14.40 56.77
CA GLU E 710 -8.62 -13.32 56.86
C GLU E 710 -8.69 -12.64 58.23
N ILE E 711 -7.65 -11.87 58.54
CA ILE E 711 -7.38 -11.43 59.90
C ILE E 711 -7.00 -9.94 59.88
N THR E 712 -7.51 -9.19 60.86
CA THR E 712 -7.10 -7.82 61.10
C THR E 712 -6.11 -7.79 62.27
N LEU E 713 -5.48 -6.63 62.48
CA LEU E 713 -4.30 -6.61 63.33
C LEU E 713 -4.59 -6.65 64.84
N ARG E 714 -5.83 -6.45 65.28
CA ARG E 714 -6.08 -6.73 66.70
C ARG E 714 -6.58 -8.15 66.92
N GLY E 715 -6.93 -8.86 65.86
CA GLY E 715 -7.32 -10.26 65.97
C GLY E 715 -8.77 -10.60 65.68
N ARG E 716 -9.57 -9.69 65.11
CA ARG E 716 -10.89 -10.08 64.67
C ARG E 716 -10.82 -10.82 63.34
N VAL E 717 -11.74 -11.75 63.15
CA VAL E 717 -11.86 -12.43 61.86
C VAL E 717 -12.84 -11.67 60.99
N LEU E 718 -12.60 -11.72 59.68
CA LEU E 718 -13.30 -11.02 58.64
C LEU E 718 -13.68 -12.03 57.56
N PRO E 719 -14.76 -11.80 56.80
CA PRO E 719 -15.21 -12.82 55.83
C PRO E 719 -14.33 -12.91 54.60
N ILE E 720 -14.61 -13.94 53.81
CA ILE E 720 -13.82 -14.32 52.65
C ILE E 720 -14.74 -14.42 51.44
N GLY E 721 -14.16 -14.81 50.31
CA GLY E 721 -14.93 -15.12 49.12
C GLY E 721 -14.58 -16.48 48.56
N GLY E 722 -15.54 -17.40 48.54
CA GLY E 722 -15.30 -18.73 48.03
C GLY E 722 -15.10 -19.78 49.09
N VAL E 723 -15.96 -19.78 50.12
CA VAL E 723 -15.87 -20.73 51.21
C VAL E 723 -16.36 -22.12 50.80
N LYS E 724 -17.13 -22.22 49.71
CA LYS E 724 -17.71 -23.49 49.27
C LYS E 724 -16.65 -24.41 48.69
N GLU E 725 -15.72 -23.86 47.90
CA GLU E 725 -14.61 -24.65 47.35
C GLU E 725 -13.62 -25.05 48.43
N LYS E 726 -13.49 -24.22 49.48
CA LYS E 726 -12.67 -24.58 50.64
C LYS E 726 -13.28 -25.73 51.42
N LEU E 727 -14.61 -25.73 51.59
CA LEU E 727 -15.30 -26.86 52.21
C LEU E 727 -15.26 -28.11 51.35
N LEU E 728 -15.23 -27.93 50.02
CA LEU E 728 -15.02 -29.04 49.09
C LEU E 728 -13.62 -29.62 49.22
N ALA E 729 -12.61 -28.77 49.40
CA ALA E 729 -11.25 -29.25 49.62
C ALA E 729 -11.09 -29.95 50.97
N ALA E 730 -11.83 -29.49 51.98
CA ALA E 730 -11.86 -30.20 53.26
C ALA E 730 -12.63 -31.52 53.15
N HIS E 731 -13.59 -31.61 52.23
CA HIS E 731 -14.24 -32.88 51.93
C HIS E 731 -13.26 -33.82 51.21
N GLN E 732 -12.39 -33.24 50.36
CA GLN E 732 -11.36 -34.02 49.68
C GLN E 732 -10.31 -34.58 50.64
N ALA E 733 -9.93 -33.80 51.65
CA ALA E 733 -8.85 -34.21 52.54
C ALA E 733 -9.30 -35.10 53.68
N GLY E 734 -10.59 -35.38 53.81
CA GLY E 734 -11.10 -36.21 54.89
C GLY E 734 -11.04 -35.56 56.25
N ILE E 735 -11.49 -34.31 56.33
CA ILE E 735 -11.40 -33.50 57.53
C ILE E 735 -12.66 -33.69 58.38
N HIS E 736 -12.47 -33.87 59.68
CA HIS E 736 -13.60 -33.94 60.61
C HIS E 736 -14.14 -32.55 60.93
N ARG E 737 -13.29 -31.66 61.45
CA ARG E 737 -13.72 -30.37 61.99
C ARG E 737 -13.04 -29.23 61.24
N VAL E 738 -13.82 -28.22 60.85
CA VAL E 738 -13.32 -27.06 60.12
C VAL E 738 -13.78 -25.79 60.85
N ILE E 739 -13.00 -24.72 60.73
CA ILE E 739 -13.26 -23.44 61.38
C ILE E 739 -13.52 -22.39 60.29
N LEU E 740 -14.63 -21.68 60.42
CA LEU E 740 -14.99 -20.60 59.51
C LEU E 740 -15.19 -19.32 60.30
N PRO E 741 -14.98 -18.15 59.67
CA PRO E 741 -15.35 -16.88 60.35
C PRO E 741 -16.85 -16.63 60.41
N LYS E 742 -17.24 -15.51 61.05
CA LYS E 742 -18.54 -15.39 61.70
C LYS E 742 -19.70 -15.22 60.72
N GLU E 743 -19.55 -14.37 59.71
CA GLU E 743 -20.69 -14.02 58.86
C GLU E 743 -20.76 -14.86 57.58
N ASN E 744 -20.31 -16.12 57.63
CA ASN E 744 -20.48 -17.05 56.53
C ASN E 744 -21.68 -17.96 56.71
N ALA E 745 -22.68 -17.52 57.48
CA ALA E 745 -23.84 -18.37 57.77
C ALA E 745 -24.77 -18.49 56.56
N ALA E 746 -24.94 -17.41 55.81
CA ALA E 746 -25.84 -17.43 54.64
C ALA E 746 -25.22 -18.22 53.49
N GLU E 747 -23.91 -18.13 53.30
CA GLU E 747 -23.26 -18.97 52.31
C GLU E 747 -22.90 -20.35 52.83
N LEU E 748 -23.09 -20.63 54.14
CA LEU E 748 -23.19 -22.01 54.58
C LEU E 748 -24.56 -22.58 54.28
N LYS E 749 -25.61 -21.75 54.35
CA LYS E 749 -26.93 -22.18 53.88
C LYS E 749 -26.98 -22.34 52.35
N GLU E 750 -26.11 -21.65 51.62
CA GLU E 750 -25.96 -21.90 50.19
C GLU E 750 -25.32 -23.26 49.93
N VAL E 751 -24.46 -23.73 50.83
CA VAL E 751 -23.78 -25.03 50.68
C VAL E 751 -24.78 -26.16 50.92
N PRO E 752 -24.88 -27.13 50.00
CA PRO E 752 -25.84 -28.24 50.20
C PRO E 752 -25.36 -29.22 51.27
N GLU E 753 -26.28 -30.14 51.60
CA GLU E 753 -26.15 -30.98 52.80
C GLU E 753 -25.08 -32.07 52.65
N GLU E 754 -24.78 -32.48 51.41
CA GLU E 754 -23.79 -33.52 51.17
C GLU E 754 -22.34 -33.05 51.38
N ILE E 755 -22.12 -31.73 51.45
CA ILE E 755 -20.83 -31.19 51.88
C ILE E 755 -20.83 -30.99 53.40
N LEU E 756 -21.99 -30.57 53.94
CA LEU E 756 -22.14 -30.29 55.37
C LEU E 756 -22.08 -31.54 56.24
N LYS E 757 -22.42 -32.70 55.68
CA LYS E 757 -22.49 -33.94 56.45
C LYS E 757 -21.13 -34.52 56.80
N ASP E 758 -20.06 -34.10 56.12
CA ASP E 758 -18.73 -34.62 56.38
C ASP E 758 -17.93 -33.73 57.34
N LEU E 759 -18.33 -32.47 57.51
CA LEU E 759 -17.52 -31.49 58.23
C LEU E 759 -18.25 -31.00 59.46
N GLU E 760 -17.54 -30.99 60.60
CA GLU E 760 -18.05 -30.43 61.84
C GLU E 760 -17.68 -28.95 61.86
N ILE E 761 -18.59 -28.12 61.37
CA ILE E 761 -18.30 -26.73 61.06
C ILE E 761 -18.54 -25.88 62.31
N HIS E 762 -17.58 -25.01 62.63
CA HIS E 762 -17.68 -24.10 63.75
C HIS E 762 -17.55 -22.66 63.30
N PHE E 763 -18.15 -21.75 64.06
CA PHE E 763 -18.07 -20.32 63.83
C PHE E 763 -17.26 -19.65 64.93
N VAL E 764 -16.38 -18.72 64.54
CA VAL E 764 -15.56 -17.98 65.48
C VAL E 764 -15.74 -16.49 65.23
N GLU E 765 -15.49 -15.70 66.27
CA GLU E 765 -15.62 -14.25 66.21
C GLU E 765 -14.28 -13.52 66.23
N GLU E 766 -13.23 -14.14 66.77
CA GLU E 766 -11.90 -13.56 66.84
C GLU E 766 -10.91 -14.71 66.95
N VAL E 767 -9.63 -14.41 66.71
CA VAL E 767 -8.63 -15.47 66.57
C VAL E 767 -8.18 -16.05 67.90
N GLY E 768 -8.55 -15.44 69.02
CA GLY E 768 -8.29 -16.04 70.31
C GLY E 768 -9.18 -17.23 70.59
N GLU E 769 -10.36 -17.28 69.98
CA GLU E 769 -11.22 -18.48 70.05
C GLU E 769 -10.57 -19.65 69.32
N VAL E 770 -9.97 -19.37 68.16
CA VAL E 770 -9.19 -20.36 67.40
C VAL E 770 -7.93 -20.74 68.19
N LEU E 771 -7.35 -19.79 68.91
CA LEU E 771 -6.19 -20.04 69.76
C LEU E 771 -6.54 -20.91 70.96
N LYS E 772 -7.78 -20.80 71.47
CA LYS E 772 -8.28 -21.79 72.44
C LYS E 772 -8.48 -23.15 71.77
N LEU E 773 -8.99 -23.17 70.54
CA LEU E 773 -9.31 -24.45 69.88
C LEU E 773 -8.09 -25.20 69.40
N LEU E 774 -6.93 -24.56 69.24
CA LEU E 774 -5.81 -25.23 68.59
C LEU E 774 -4.64 -25.58 69.50
N LEU E 775 -4.35 -24.77 70.52
CA LEU E 775 -3.24 -25.10 71.41
C LEU E 775 -3.69 -26.17 72.40
N LEU E 776 -2.99 -27.30 72.40
CA LEU E 776 -3.29 -28.44 73.25
C LEU E 776 -2.01 -28.94 73.90
N PRO E 777 -2.09 -29.45 75.15
CA PRO E 777 -0.91 -30.04 75.79
C PRO E 777 -0.51 -31.39 75.19
N ARG F 6 -17.01 63.71 -41.16
CA ARG F 6 -18.11 63.92 -40.22
C ARG F 6 -19.42 63.36 -40.78
N LEU F 7 -19.70 62.09 -40.45
CA LEU F 7 -20.90 61.40 -40.90
C LEU F 7 -21.78 61.10 -39.70
N GLU F 8 -23.05 61.49 -39.77
CA GLU F 8 -24.02 61.29 -38.68
C GLU F 8 -25.09 60.34 -39.21
N LEU F 9 -24.88 59.05 -38.98
CA LEU F 9 -25.77 57.98 -39.42
C LEU F 9 -25.83 56.94 -38.30
N PRO F 10 -26.91 56.15 -38.23
CA PRO F 10 -26.97 55.09 -37.22
C PRO F 10 -26.00 53.94 -37.44
N VAL F 11 -25.69 53.25 -36.33
CA VAL F 11 -24.70 52.19 -36.27
C VAL F 11 -25.40 50.85 -36.05
N LEU F 12 -25.00 49.83 -36.81
CA LEU F 12 -25.36 48.46 -36.49
C LEU F 12 -24.18 47.81 -35.79
N PRO F 13 -24.24 47.53 -34.48
CA PRO F 13 -23.14 46.82 -33.82
C PRO F 13 -23.16 45.33 -34.16
N LEU F 14 -22.01 44.81 -34.57
CA LEU F 14 -21.91 43.44 -35.05
C LEU F 14 -21.44 42.52 -33.92
N ARG F 15 -21.80 41.24 -34.05
CA ARG F 15 -21.47 40.26 -33.02
C ARG F 15 -20.06 39.71 -33.19
N ASN F 16 -19.79 39.04 -34.31
CA ASN F 16 -18.51 38.37 -34.49
C ASN F 16 -17.87 38.55 -35.86
N THR F 17 -18.46 39.34 -36.75
CA THR F 17 -17.89 39.60 -38.07
C THR F 17 -17.26 40.98 -38.08
N VAL F 18 -16.05 41.07 -38.63
CA VAL F 18 -15.35 42.34 -38.79
C VAL F 18 -15.31 42.64 -40.28
N VAL F 19 -15.86 43.77 -40.68
CA VAL F 19 -15.97 44.15 -42.07
C VAL F 19 -15.00 45.29 -42.38
N LEU F 20 -14.84 45.56 -43.66
CA LEU F 20 -13.96 46.59 -44.20
C LEU F 20 -14.74 47.20 -45.38
N PRO F 21 -14.27 48.26 -46.05
CA PRO F 21 -14.93 48.68 -47.31
C PRO F 21 -14.86 47.64 -48.42
N HIS F 22 -15.92 47.62 -49.24
CA HIS F 22 -16.17 46.69 -50.35
C HIS F 22 -16.14 45.22 -49.89
N THR F 23 -16.87 44.94 -48.81
CA THR F 23 -16.96 43.62 -48.23
C THR F 23 -18.36 43.08 -48.46
N THR F 24 -18.46 41.91 -49.09
CA THR F 24 -19.73 41.23 -49.30
C THR F 24 -19.90 40.19 -48.19
N THR F 25 -20.85 40.45 -47.30
CA THR F 25 -21.09 39.57 -46.16
C THR F 25 -22.54 39.69 -45.72
N GLY F 26 -22.95 38.76 -44.86
CA GLY F 26 -24.29 38.75 -44.32
C GLY F 26 -24.31 38.62 -42.81
N VAL F 27 -24.98 39.53 -42.13
CA VAL F 27 -25.02 39.59 -40.67
C VAL F 27 -26.43 39.24 -40.22
N ASP F 28 -26.53 38.23 -39.34
CA ASP F 28 -27.81 37.86 -38.76
C ASP F 28 -28.24 38.91 -37.72
N VAL F 29 -29.48 39.37 -37.85
CA VAL F 29 -30.03 40.40 -36.96
C VAL F 29 -30.96 39.68 -35.98
N GLY F 30 -30.52 39.56 -34.73
CA GLY F 30 -31.30 38.87 -33.72
C GLY F 30 -31.79 39.76 -32.60
N ARG F 31 -31.22 40.95 -32.48
CA ARG F 31 -31.64 41.92 -31.48
C ARG F 31 -32.75 42.80 -32.03
N LEU F 32 -33.73 43.10 -31.18
CA LEU F 32 -34.82 44.01 -31.54
C LEU F 32 -34.33 45.44 -31.71
N LYS F 33 -33.31 45.84 -30.93
CA LYS F 33 -32.69 47.15 -31.08
C LYS F 33 -31.91 47.23 -32.39
N SER F 34 -31.30 46.10 -32.80
CA SER F 34 -30.66 46.02 -34.10
C SER F 34 -31.67 46.07 -35.24
N LYS F 35 -32.87 45.49 -35.03
CA LYS F 35 -33.97 45.60 -35.99
C LYS F 35 -34.45 47.03 -36.12
N ARG F 36 -34.53 47.75 -34.99
CA ARG F 36 -34.91 49.16 -35.02
C ARG F 36 -33.84 50.04 -35.66
N ALA F 37 -32.56 49.67 -35.48
CA ALA F 37 -31.46 50.38 -36.15
C ALA F 37 -31.50 50.18 -37.67
N VAL F 38 -31.78 48.95 -38.11
CA VAL F 38 -31.89 48.64 -39.54
C VAL F 38 -33.11 49.33 -40.15
N GLU F 39 -34.25 49.34 -39.43
CA GLU F 39 -35.45 49.99 -39.95
C GLU F 39 -35.37 51.52 -39.91
N GLU F 40 -34.61 52.09 -38.97
CA GLU F 40 -34.49 53.54 -38.90
C GLU F 40 -33.29 54.09 -39.66
N ALA F 41 -32.40 53.23 -40.17
CA ALA F 41 -31.35 53.69 -41.08
C ALA F 41 -31.52 53.16 -42.50
N LEU F 42 -32.53 52.35 -42.76
CA LEU F 42 -32.85 51.98 -44.14
C LEU F 42 -33.44 53.16 -44.90
N SER F 43 -34.24 53.98 -44.22
CA SER F 43 -34.79 55.19 -44.83
C SER F 43 -33.82 56.36 -44.79
N ALA F 44 -32.73 56.26 -44.04
CA ALA F 44 -31.71 57.31 -43.98
C ALA F 44 -30.57 57.01 -44.96
N ASP F 45 -30.96 56.96 -46.24
CA ASP F 45 -30.11 56.78 -47.44
C ASP F 45 -29.43 55.39 -47.39
N ARG F 46 -30.12 54.42 -46.77
CA ARG F 46 -29.79 52.98 -46.69
C ARG F 46 -28.43 52.69 -46.06
N LEU F 47 -27.93 53.56 -45.18
CA LEU F 47 -26.55 53.50 -44.72
C LEU F 47 -26.47 53.08 -43.25
N LEU F 48 -25.66 52.06 -42.98
CA LEU F 48 -25.36 51.58 -41.64
C LEU F 48 -23.87 51.68 -41.36
N PHE F 49 -23.52 52.07 -40.14
CA PHE F 49 -22.16 51.83 -39.66
C PHE F 49 -22.09 50.41 -39.09
N LEU F 50 -21.14 49.64 -39.57
CA LEU F 50 -20.94 48.26 -39.13
C LEU F 50 -19.66 48.21 -38.31
N VAL F 51 -19.81 48.15 -36.98
CA VAL F 51 -18.68 48.13 -36.07
C VAL F 51 -18.76 46.85 -35.24
N THR F 52 -17.69 46.07 -35.24
CA THR F 52 -17.63 44.87 -34.43
C THR F 52 -17.40 45.22 -32.96
N GLN F 53 -17.59 44.22 -32.10
CA GLN F 53 -17.38 44.36 -30.66
C GLN F 53 -16.12 43.61 -30.25
N LYS F 54 -15.85 43.58 -28.94
CA LYS F 54 -14.62 43.00 -28.43
C LYS F 54 -14.81 41.49 -28.22
N ASP F 55 -13.76 40.83 -27.72
CA ASP F 55 -13.67 39.39 -27.50
C ASP F 55 -14.66 38.91 -26.42
N PRO F 56 -14.92 39.59 -25.30
CA PRO F 56 -16.18 39.27 -24.60
C PRO F 56 -17.38 39.86 -25.33
N GLU F 57 -18.32 39.01 -25.70
CA GLU F 57 -19.52 39.43 -26.43
C GLU F 57 -20.56 39.89 -25.42
N VAL F 58 -20.63 41.19 -25.20
CA VAL F 58 -21.60 41.77 -24.28
C VAL F 58 -22.95 41.80 -24.98
N ASP F 59 -24.02 41.47 -24.24
CA ASP F 59 -25.36 41.40 -24.80
C ASP F 59 -25.91 42.78 -25.15
N ASP F 60 -25.60 43.79 -24.36
CA ASP F 60 -25.97 45.16 -24.70
C ASP F 60 -24.69 45.92 -25.04
N PRO F 61 -24.49 46.34 -26.30
CA PRO F 61 -23.33 47.17 -26.65
C PRO F 61 -23.29 48.54 -25.98
N ALA F 62 -22.27 48.74 -25.15
CA ALA F 62 -22.00 50.01 -24.51
C ALA F 62 -21.47 51.01 -25.53
N PRO F 63 -21.55 52.32 -25.25
CA PRO F 63 -20.86 53.32 -26.09
C PRO F 63 -19.34 53.19 -26.12
N GLU F 64 -18.71 52.66 -25.07
CA GLU F 64 -17.29 52.36 -25.09
C GLU F 64 -16.98 50.91 -25.43
N ASP F 65 -18.00 50.10 -25.73
CA ASP F 65 -17.77 48.71 -26.10
C ASP F 65 -17.21 48.58 -27.52
N LEU F 66 -17.52 49.54 -28.39
CA LEU F 66 -17.16 49.45 -29.79
C LEU F 66 -15.84 50.17 -30.07
N TYR F 67 -15.17 49.71 -31.13
CA TYR F 67 -13.80 50.13 -31.42
C TYR F 67 -13.77 51.49 -32.09
N ALA F 68 -12.57 52.04 -32.22
CA ALA F 68 -12.35 53.46 -32.50
C ALA F 68 -12.38 53.81 -34.00
N VAL F 69 -12.47 52.84 -34.90
CA VAL F 69 -12.65 53.11 -36.32
C VAL F 69 -13.84 52.30 -36.82
N GLY F 70 -14.84 52.98 -37.36
CA GLY F 70 -16.03 52.33 -37.88
C GLY F 70 -15.89 51.92 -39.34
N THR F 71 -17.00 51.44 -39.89
CA THR F 71 -17.09 51.09 -41.31
C THR F 71 -18.51 51.39 -41.78
N LEU F 72 -18.67 52.40 -42.63
CA LEU F 72 -19.97 52.73 -43.18
C LEU F 72 -20.33 51.78 -44.32
N ALA F 73 -21.53 51.21 -44.26
CA ALA F 73 -21.99 50.23 -45.24
C ALA F 73 -23.38 50.58 -45.75
N VAL F 74 -23.59 50.40 -47.04
CA VAL F 74 -24.91 50.57 -47.65
C VAL F 74 -25.63 49.23 -47.61
N VAL F 75 -26.96 49.27 -47.52
CA VAL F 75 -27.76 48.06 -47.42
C VAL F 75 -28.26 47.69 -48.80
N LYS F 76 -27.90 46.49 -49.27
CA LYS F 76 -28.45 45.98 -50.51
C LYS F 76 -29.89 45.49 -50.30
N GLN F 77 -30.08 44.59 -49.35
CA GLN F 77 -31.41 44.10 -49.01
C GLN F 77 -31.42 43.66 -47.56
N ALA F 78 -32.62 43.61 -46.97
CA ALA F 78 -32.80 43.08 -45.61
C ALA F 78 -34.19 42.46 -45.56
N MET F 79 -34.25 41.15 -45.83
CA MET F 79 -35.52 40.44 -45.82
C MET F 79 -35.85 39.95 -44.42
N ARG F 80 -37.13 39.65 -44.21
CA ARG F 80 -37.62 39.14 -42.93
C ARG F 80 -37.74 37.63 -43.01
N LEU F 81 -36.85 36.93 -42.31
CA LEU F 81 -36.93 35.48 -42.23
C LEU F 81 -38.08 35.08 -41.31
N PRO F 82 -38.78 33.97 -41.60
CA PRO F 82 -40.01 33.67 -40.84
C PRO F 82 -39.80 33.14 -39.42
N ASP F 83 -38.58 32.83 -39.01
CA ASP F 83 -38.35 32.41 -37.63
C ASP F 83 -38.27 33.59 -36.66
N GLY F 84 -38.15 34.81 -37.16
CA GLY F 84 -38.12 35.98 -36.30
C GLY F 84 -36.95 36.90 -36.56
N THR F 85 -35.89 36.38 -37.14
CA THR F 85 -34.67 37.15 -37.35
C THR F 85 -34.67 37.81 -38.73
N LEU F 86 -33.71 38.72 -38.91
CA LEU F 86 -33.45 39.37 -40.19
C LEU F 86 -32.01 39.08 -40.61
N GLN F 87 -31.76 39.14 -41.92
CA GLN F 87 -30.43 38.94 -42.47
C GLN F 87 -30.14 40.08 -43.45
N VAL F 88 -29.18 40.92 -43.10
CA VAL F 88 -28.86 42.10 -43.89
C VAL F 88 -27.72 41.77 -44.86
N MET F 89 -27.86 42.25 -46.10
CA MET F 89 -26.84 42.09 -47.12
C MET F 89 -26.22 43.46 -47.41
N VAL F 90 -24.90 43.57 -47.22
CA VAL F 90 -24.21 44.85 -47.26
C VAL F 90 -23.06 44.78 -48.26
N GLU F 91 -22.60 45.96 -48.67
CA GLU F 91 -21.35 46.12 -49.41
C GLU F 91 -20.82 47.51 -49.06
N ALA F 92 -19.77 47.56 -48.26
CA ALA F 92 -19.40 48.81 -47.58
C ALA F 92 -18.63 49.75 -48.49
N ARG F 93 -18.54 51.01 -48.06
CA ARG F 93 -17.94 52.08 -48.84
C ARG F 93 -16.71 52.69 -48.18
N SER F 94 -16.81 53.12 -46.92
CA SER F 94 -15.73 53.86 -46.30
C SER F 94 -15.75 53.65 -44.79
N ARG F 95 -14.64 54.04 -44.15
CA ARG F 95 -14.45 53.91 -42.71
C ARG F 95 -14.75 55.24 -42.01
N ALA F 96 -14.85 55.17 -40.68
CA ALA F 96 -15.20 56.34 -39.88
C ALA F 96 -14.43 56.30 -38.56
N ARG F 97 -13.51 57.25 -38.40
CA ARG F 97 -12.77 57.37 -37.15
C ARG F 97 -13.66 58.02 -36.09
N LEU F 98 -13.59 57.50 -34.86
CA LEU F 98 -14.49 57.91 -33.78
C LEU F 98 -13.98 59.11 -33.00
N LEU F 99 -14.92 59.81 -32.39
CA LEU F 99 -14.65 60.70 -31.27
C LEU F 99 -15.33 60.20 -30.00
N SER F 100 -16.66 60.02 -30.03
CA SER F 100 -17.44 59.50 -28.92
C SER F 100 -18.76 58.97 -29.44
N TYR F 101 -19.43 58.17 -28.61
CA TYR F 101 -20.81 57.74 -28.83
C TYR F 101 -21.72 58.29 -27.74
N VAL F 102 -23.01 58.35 -28.06
CA VAL F 102 -24.06 58.75 -27.12
C VAL F 102 -25.00 57.56 -26.97
N ALA F 103 -25.31 57.19 -25.72
CA ALA F 103 -26.10 56.00 -25.44
C ALA F 103 -27.57 56.19 -25.81
N ALA F 104 -28.14 55.14 -26.41
CA ALA F 104 -29.48 55.14 -26.98
C ALA F 104 -29.89 53.68 -27.16
N PRO F 105 -31.17 53.40 -27.47
CA PRO F 105 -31.51 52.04 -27.94
C PRO F 105 -30.81 51.62 -29.23
N TYR F 106 -30.61 52.52 -30.18
CA TYR F 106 -29.70 52.27 -31.29
C TYR F 106 -28.36 52.92 -30.94
N LEU F 107 -27.45 53.01 -31.91
CA LEU F 107 -26.20 53.72 -31.71
C LEU F 107 -25.94 54.63 -32.90
N ARG F 108 -25.37 55.81 -32.63
CA ARG F 108 -25.00 56.75 -33.67
C ARG F 108 -23.56 57.21 -33.47
N ALA F 109 -22.88 57.49 -34.58
CA ALA F 109 -21.44 57.69 -34.60
C ALA F 109 -21.09 59.13 -34.96
N VAL F 110 -20.16 59.70 -34.20
CA VAL F 110 -19.35 60.84 -34.62
C VAL F 110 -17.90 60.41 -34.39
N GLY F 111 -17.18 60.05 -35.46
CA GLY F 111 -17.62 60.04 -36.84
C GLY F 111 -16.78 60.92 -37.74
N GLU F 112 -16.04 60.29 -38.64
CA GLU F 112 -15.10 60.96 -39.54
C GLU F 112 -15.00 60.15 -40.83
N ALA F 113 -13.93 60.36 -41.59
CA ALA F 113 -13.58 59.51 -42.72
C ALA F 113 -12.07 59.28 -42.65
N ILE F 114 -11.55 58.48 -43.58
CA ILE F 114 -10.11 58.24 -43.67
C ILE F 114 -9.64 58.74 -45.04
N PRO F 115 -9.23 60.02 -45.17
CA PRO F 115 -8.62 60.51 -46.41
C PRO F 115 -7.09 60.47 -46.41
N GLU F 116 -6.53 59.29 -46.09
CA GLU F 116 -5.08 59.16 -45.93
C GLU F 116 -4.51 58.09 -46.86
N PRO F 117 -4.05 58.49 -48.05
CA PRO F 117 -3.21 57.59 -48.84
C PRO F 117 -1.80 57.55 -48.26
N PRO F 118 -1.07 56.44 -48.42
CA PRO F 118 0.30 56.37 -47.89
C PRO F 118 1.28 57.01 -48.88
N LEU F 119 2.53 57.09 -48.45
CA LEU F 119 3.61 57.66 -49.25
C LEU F 119 4.40 56.56 -49.95
N LYS F 120 5.14 56.99 -50.98
CA LYS F 120 5.96 56.15 -51.88
C LYS F 120 5.12 55.05 -52.55
N ASP F 121 4.12 55.48 -53.33
CA ASP F 121 3.15 54.53 -53.86
C ASP F 121 3.67 53.69 -55.04
N PRO F 122 4.13 54.25 -56.19
CA PRO F 122 4.46 53.34 -57.31
C PRO F 122 5.82 52.65 -57.19
N GLU F 123 6.66 53.04 -56.24
CA GLU F 123 7.97 52.43 -56.06
C GLU F 123 7.94 51.31 -55.02
N LEU F 124 7.24 51.53 -53.91
CA LEU F 124 7.16 50.54 -52.84
C LEU F 124 5.81 49.82 -52.80
N ALA F 125 4.71 50.58 -52.92
CA ALA F 125 3.39 50.01 -52.70
C ALA F 125 2.93 49.12 -53.85
N ARG F 126 3.28 49.45 -55.10
CA ARG F 126 2.94 48.61 -56.25
C ARG F 126 3.69 47.27 -56.22
N VAL F 127 4.93 47.30 -55.73
CA VAL F 127 5.70 46.10 -55.49
C VAL F 127 5.06 45.27 -54.37
N LEU F 128 4.56 45.96 -53.33
CA LEU F 128 3.85 45.29 -52.24
C LEU F 128 2.53 44.67 -52.69
N VAL F 129 1.82 45.33 -53.64
CA VAL F 129 0.71 44.73 -54.38
C VAL F 129 1.14 43.46 -55.14
N ASN F 130 2.36 43.46 -55.71
CA ASN F 130 2.82 42.28 -56.45
C ASN F 130 3.10 41.06 -55.53
N GLU F 131 3.73 41.26 -54.36
CA GLU F 131 3.81 40.09 -53.46
C GLU F 131 2.50 39.76 -52.73
N VAL F 132 1.59 40.74 -52.55
CA VAL F 132 0.24 40.42 -52.04
C VAL F 132 -0.55 39.60 -53.06
N GLN F 133 -0.38 39.89 -54.34
CA GLN F 133 -1.03 39.12 -55.41
C GLN F 133 -0.43 37.73 -55.56
N GLU F 134 0.89 37.59 -55.38
CA GLU F 134 1.52 36.27 -55.43
C GLU F 134 1.13 35.40 -54.24
N ALA F 135 1.12 35.98 -53.03
CA ALA F 135 0.70 35.23 -51.85
C ALA F 135 -0.81 34.97 -51.85
N PHE F 136 -1.58 35.85 -52.49
CA PHE F 136 -3.03 35.69 -52.56
C PHE F 136 -3.42 34.64 -53.58
N GLU F 137 -2.65 34.50 -54.66
CA GLU F 137 -2.87 33.39 -55.58
C GLU F 137 -2.25 32.09 -55.08
N ARG F 138 -1.33 32.15 -54.11
CA ARG F 138 -0.90 30.95 -53.39
C ARG F 138 -1.79 30.61 -52.19
N TYR F 139 -2.73 31.51 -51.84
CA TYR F 139 -3.55 31.30 -50.64
C TYR F 139 -4.58 30.20 -50.83
N LEU F 140 -5.18 30.08 -52.02
CA LEU F 140 -6.17 29.03 -52.26
C LEU F 140 -5.52 27.66 -52.40
N GLN F 141 -4.31 27.61 -52.97
CA GLN F 141 -3.61 26.35 -53.27
C GLN F 141 -3.19 25.60 -52.02
N ASN F 142 -3.07 26.29 -50.89
CA ASN F 142 -3.03 25.64 -49.60
C ASN F 142 -4.39 25.61 -48.91
N HIS F 143 -5.22 26.64 -49.09
CA HIS F 143 -6.41 26.85 -48.26
C HIS F 143 -7.54 25.88 -48.60
N LYS F 144 -7.81 25.70 -49.91
CA LYS F 144 -8.84 24.79 -50.47
C LYS F 144 -10.26 25.06 -49.96
N THR F 145 -10.61 26.33 -49.72
CA THR F 145 -11.95 26.67 -49.28
C THR F 145 -12.61 27.73 -50.17
N LEU F 146 -11.82 28.66 -50.67
CA LEU F 146 -12.34 29.83 -51.36
C LEU F 146 -12.46 29.57 -52.86
N ARG F 147 -12.67 30.63 -53.64
CA ARG F 147 -13.02 30.53 -55.05
C ARG F 147 -11.90 31.11 -55.91
N LEU F 148 -11.54 30.40 -56.98
CA LEU F 148 -10.49 30.85 -57.88
C LEU F 148 -10.97 32.00 -58.76
N ASP F 149 -12.24 31.97 -59.18
CA ASP F 149 -12.77 33.01 -60.06
C ASP F 149 -13.00 34.32 -59.32
N ARG F 150 -13.27 34.25 -58.00
CA ARG F 150 -13.46 35.45 -57.18
C ARG F 150 -12.15 36.22 -57.01
N TYR F 151 -11.02 35.52 -57.02
CA TYR F 151 -9.71 36.17 -56.92
C TYR F 151 -9.40 36.99 -58.17
N GLN F 152 -9.62 36.40 -59.36
CA GLN F 152 -9.36 37.12 -60.60
C GLN F 152 -10.46 38.12 -60.94
N GLN F 153 -11.64 37.99 -60.33
CA GLN F 153 -12.66 39.03 -60.45
C GLN F 153 -12.53 40.11 -59.39
N GLU F 154 -11.67 39.93 -58.39
CA GLU F 154 -11.45 40.95 -57.36
C GLU F 154 -9.97 41.10 -57.05
N ALA F 155 -9.13 41.18 -58.08
CA ALA F 155 -7.72 41.46 -57.92
C ALA F 155 -7.45 42.94 -58.18
N VAL F 156 -6.17 43.32 -58.24
CA VAL F 156 -5.77 44.62 -58.75
C VAL F 156 -5.81 44.62 -60.28
N LYS F 157 -5.71 43.43 -60.88
CA LYS F 157 -6.04 43.24 -62.30
C LYS F 157 -7.50 43.50 -62.60
N SER F 158 -8.39 43.34 -61.61
CA SER F 158 -9.78 43.78 -61.73
C SER F 158 -9.98 45.19 -61.15
N THR F 159 -9.70 45.37 -59.85
CA THR F 159 -9.94 46.63 -59.15
C THR F 159 -8.61 47.13 -58.56
N ARG F 160 -8.06 48.19 -59.18
CA ARG F 160 -6.64 48.53 -59.10
C ARG F 160 -6.20 49.07 -57.73
N ASP F 161 -7.15 49.49 -56.89
CA ASP F 161 -6.85 50.14 -55.61
C ASP F 161 -6.26 49.17 -54.60
N PRO F 162 -5.07 49.46 -54.03
CA PRO F 162 -4.52 48.59 -52.97
C PRO F 162 -5.28 48.61 -51.66
N ALA F 163 -6.09 49.64 -51.41
CA ALA F 163 -6.91 49.67 -50.20
C ALA F 163 -8.04 48.64 -50.27
N ILE F 164 -8.72 48.58 -51.41
CA ILE F 164 -9.76 47.57 -51.67
C ILE F 164 -9.14 46.18 -51.75
N LEU F 165 -7.90 46.09 -52.26
CA LEU F 165 -7.13 44.85 -52.26
C LEU F 165 -6.83 44.35 -50.85
N ALA F 166 -6.39 45.25 -49.95
CA ALA F 166 -6.11 44.89 -48.57
C ALA F 166 -7.37 44.52 -47.80
N ASP F 167 -8.48 45.20 -48.11
CA ASP F 167 -9.78 44.87 -47.52
C ASP F 167 -10.29 43.49 -47.98
N LEU F 168 -10.10 43.16 -49.26
CA LEU F 168 -10.54 41.85 -49.74
C LEU F 168 -9.60 40.73 -49.33
N VAL F 169 -8.31 41.03 -49.10
CA VAL F 169 -7.41 40.03 -48.55
C VAL F 169 -7.75 39.75 -47.08
N ALA F 170 -8.00 40.81 -46.30
CA ALA F 170 -8.31 40.64 -44.89
C ALA F 170 -9.73 40.11 -44.66
N HIS F 171 -10.65 40.32 -45.61
CA HIS F 171 -12.02 39.87 -45.42
C HIS F 171 -12.17 38.36 -45.63
N HIS F 172 -11.57 37.81 -46.69
CA HIS F 172 -11.79 36.41 -47.05
C HIS F 172 -10.97 35.43 -46.20
N ALA F 173 -10.07 35.92 -45.35
CA ALA F 173 -9.40 35.07 -44.38
C ALA F 173 -10.26 34.97 -43.12
N THR F 174 -9.81 34.16 -42.17
CA THR F 174 -10.56 33.89 -40.94
C THR F 174 -9.62 34.06 -39.76
N TRP F 175 -9.67 35.24 -39.12
CA TRP F 175 -8.90 35.54 -37.94
C TRP F 175 -9.82 35.82 -36.76
N THR F 176 -9.23 36.29 -35.66
CA THR F 176 -10.00 36.72 -34.49
C THR F 176 -10.41 38.18 -34.69
N LEU F 177 -10.96 38.79 -33.63
CA LEU F 177 -11.51 40.14 -33.73
C LEU F 177 -10.41 41.20 -33.75
N GLU F 178 -9.36 41.01 -32.93
CA GLU F 178 -8.30 42.02 -32.83
C GLU F 178 -7.37 41.99 -34.03
N GLU F 179 -7.18 40.82 -34.66
CA GLU F 179 -6.29 40.72 -35.81
C GLU F 179 -6.89 41.37 -37.05
N LYS F 180 -8.22 41.39 -37.17
CA LYS F 180 -8.86 42.23 -38.18
C LYS F 180 -9.04 43.66 -37.70
N GLN F 181 -9.07 43.89 -36.39
CA GLN F 181 -9.29 45.23 -35.87
C GLN F 181 -8.05 46.11 -36.04
N THR F 182 -6.86 45.52 -35.96
CA THR F 182 -5.64 46.27 -36.26
C THR F 182 -5.50 46.58 -37.75
N ILE F 183 -6.12 45.77 -38.62
CA ILE F 183 -6.27 46.13 -40.02
C ILE F 183 -7.25 47.29 -40.15
N LEU F 184 -8.30 47.29 -39.32
CA LEU F 184 -9.36 48.30 -39.42
C LEU F 184 -8.89 49.68 -38.93
N GLU F 185 -8.12 49.73 -37.84
CA GLU F 185 -7.76 51.01 -37.23
C GLU F 185 -6.66 51.75 -37.99
N THR F 186 -5.82 51.05 -38.73
CA THR F 186 -4.64 51.66 -39.35
C THR F 186 -5.04 52.43 -40.61
N PRO F 187 -4.64 53.70 -40.76
CA PRO F 187 -4.96 54.43 -41.99
C PRO F 187 -3.95 54.22 -43.12
N GLU F 188 -2.72 53.83 -42.78
CA GLU F 188 -1.66 53.70 -43.78
C GLU F 188 -1.73 52.34 -44.47
N VAL F 189 -1.93 52.36 -45.79
CA VAL F 189 -2.28 51.17 -46.57
C VAL F 189 -1.10 50.19 -46.69
N GLU F 190 0.14 50.71 -46.78
CA GLU F 190 1.34 49.89 -46.90
C GLU F 190 1.61 49.07 -45.64
N GLU F 191 1.40 49.68 -44.47
CA GLU F 191 1.54 48.99 -43.20
C GLU F 191 0.43 47.96 -43.01
N ARG F 192 -0.77 48.25 -43.53
CA ARG F 192 -1.86 47.27 -43.54
C ARG F 192 -1.54 46.07 -44.42
N LEU F 193 -0.92 46.30 -45.58
CA LEU F 193 -0.54 45.22 -46.49
C LEU F 193 0.57 44.34 -45.89
N LYS F 194 1.56 44.96 -45.24
CA LYS F 194 2.62 44.20 -44.58
C LYS F 194 2.09 43.43 -43.36
N ARG F 195 1.14 44.04 -42.63
CA ARG F 195 0.54 43.37 -41.46
C ARG F 195 -0.37 42.23 -41.89
N VAL F 196 -1.09 42.36 -43.01
CA VAL F 196 -1.97 41.27 -43.41
C VAL F 196 -1.16 40.17 -44.11
N LEU F 197 0.02 40.50 -44.68
CA LEU F 197 0.94 39.47 -45.17
C LEU F 197 1.51 38.64 -44.03
N ALA F 198 1.93 39.32 -42.94
CA ALA F 198 2.38 38.62 -41.74
C ALA F 198 1.26 37.88 -41.02
N LEU F 199 0.00 38.31 -41.20
CA LEU F 199 -1.13 37.53 -40.73
C LEU F 199 -1.36 36.28 -41.59
N LEU F 200 -1.34 36.42 -42.93
CA LEU F 200 -1.73 35.34 -43.82
C LEU F 200 -0.65 34.27 -43.95
N LEU F 201 0.60 34.57 -43.57
CA LEU F 201 1.63 33.53 -43.55
C LEU F 201 1.38 32.46 -42.49
N ARG F 202 0.64 32.80 -41.41
CA ARG F 202 0.18 31.83 -40.41
C ARG F 202 -0.69 30.74 -41.03
N ASP F 203 -1.72 31.15 -41.79
CA ASP F 203 -2.62 30.17 -42.42
C ASP F 203 -1.96 29.49 -43.62
N LEU F 204 -1.04 30.17 -44.31
CA LEU F 204 -0.32 29.55 -45.43
C LEU F 204 0.61 28.42 -44.96
N GLU F 205 1.41 28.68 -43.94
CA GLU F 205 2.31 27.64 -43.44
C GLU F 205 1.56 26.61 -42.58
N ARG F 206 0.43 27.03 -41.98
CA ARG F 206 -0.51 26.12 -41.32
C ARG F 206 -1.07 25.09 -42.29
N PHE F 207 -1.51 25.52 -43.47
CA PHE F 207 -2.09 24.55 -44.39
C PHE F 207 -1.02 23.83 -45.22
N GLU F 208 0.18 24.41 -45.37
CA GLU F 208 1.33 23.70 -45.95
C GLU F 208 1.75 22.53 -45.07
N LEU F 209 1.95 22.77 -43.78
CA LEU F 209 2.30 21.70 -42.88
C LEU F 209 1.10 20.80 -42.54
N ASP F 210 -0.13 21.27 -42.79
CA ASP F 210 -1.31 20.44 -42.61
C ASP F 210 -1.42 19.42 -43.75
N LYS F 211 -1.08 19.82 -44.98
CA LYS F 211 -1.05 18.80 -46.04
C LYS F 211 0.19 17.92 -45.93
N LYS F 212 1.26 18.42 -45.29
CA LYS F 212 2.42 17.57 -44.97
C LYS F 212 2.07 16.51 -43.93
N ILE F 213 1.34 16.89 -42.87
CA ILE F 213 1.00 15.91 -41.84
C ILE F 213 -0.11 15.00 -42.34
N ALA F 214 -0.96 15.46 -43.28
CA ALA F 214 -1.93 14.59 -43.93
C ALA F 214 -1.25 13.52 -44.78
N ALA F 215 -0.15 13.89 -45.45
CA ALA F 215 0.68 12.96 -46.21
C ALA F 215 1.32 11.90 -45.31
N ARG F 216 2.04 12.32 -44.25
CA ARG F 216 2.73 11.23 -43.56
C ARG F 216 1.89 10.57 -42.46
N VAL F 217 0.73 11.11 -42.09
CA VAL F 217 -0.29 10.29 -41.44
C VAL F 217 -0.87 9.25 -42.40
N LYS F 218 -0.95 9.55 -43.71
CA LYS F 218 -1.42 8.54 -44.66
C LYS F 218 -0.41 7.38 -44.82
N GLU F 219 0.92 7.68 -44.85
CA GLU F 219 1.78 6.47 -44.77
C GLU F 219 1.97 5.92 -43.37
N GLN F 220 1.67 6.66 -42.27
CA GLN F 220 1.67 6.01 -40.95
C GLN F 220 0.49 5.06 -40.79
N MET F 221 -0.66 5.44 -41.37
CA MET F 221 -1.79 4.53 -41.50
C MET F 221 -1.48 3.35 -42.41
N ASP F 222 -0.57 3.54 -43.38
CA ASP F 222 -0.04 2.38 -44.11
C ASP F 222 0.84 1.50 -43.21
N GLN F 223 1.72 2.07 -42.35
CA GLN F 223 2.57 1.15 -41.57
C GLN F 223 1.87 0.43 -40.42
N ASN F 224 0.85 1.03 -39.77
CA ASN F 224 0.14 0.33 -38.69
C ASN F 224 -0.60 -0.92 -39.20
N GLN F 225 -1.29 -0.77 -40.33
CA GLN F 225 -1.87 -1.94 -40.99
C GLN F 225 -0.82 -2.82 -41.66
N ARG F 226 0.40 -2.29 -41.95
CA ARG F 226 1.46 -3.11 -42.52
C ARG F 226 2.01 -4.12 -41.51
N GLU F 227 2.56 -3.66 -40.36
CA GLU F 227 3.02 -4.71 -39.44
C GLU F 227 1.89 -5.37 -38.64
N TYR F 228 0.66 -4.84 -38.66
CA TYR F 228 -0.46 -5.62 -38.15
C TYR F 228 -0.84 -6.75 -39.12
N TYR F 229 -0.70 -6.51 -40.44
CA TYR F 229 -0.79 -7.56 -41.45
C TYR F 229 0.35 -8.55 -41.34
N LEU F 230 1.57 -8.08 -41.03
CA LEU F 230 2.71 -8.98 -40.80
C LEU F 230 2.53 -9.86 -39.57
N ARG F 231 1.95 -9.34 -38.48
CA ARG F 231 1.70 -10.19 -37.32
C ARG F 231 0.58 -11.20 -37.56
N GLU F 232 -0.49 -10.80 -38.25
CA GLU F 232 -1.55 -11.79 -38.52
C GLU F 232 -1.16 -12.79 -39.61
N GLN F 233 -0.36 -12.36 -40.59
CA GLN F 233 0.24 -13.26 -41.58
C GLN F 233 1.22 -14.22 -40.93
N MET F 234 2.00 -13.73 -39.95
CA MET F 234 2.95 -14.55 -39.21
C MET F 234 2.23 -15.61 -38.38
N LYS F 235 1.13 -15.24 -37.71
CA LYS F 235 0.42 -16.22 -36.89
C LYS F 235 -0.37 -17.22 -37.73
N ALA F 236 -0.85 -16.82 -38.92
CA ALA F 236 -1.52 -17.76 -39.81
C ALA F 236 -0.52 -18.72 -40.44
N ILE F 237 0.68 -18.26 -40.79
CA ILE F 237 1.63 -19.20 -41.37
C ILE F 237 2.31 -20.07 -40.32
N GLN F 238 2.36 -19.69 -39.02
CA GLN F 238 2.84 -20.70 -38.08
C GLN F 238 1.73 -21.68 -37.73
N LYS F 239 0.47 -21.24 -37.73
CA LYS F 239 -0.62 -22.17 -37.45
C LYS F 239 -0.94 -23.10 -38.63
N GLU F 240 -0.46 -22.80 -39.84
CA GLU F 240 -0.49 -23.79 -40.91
C GLU F 240 0.88 -24.41 -41.22
N LEU F 241 1.97 -23.88 -40.66
CA LEU F 241 3.18 -24.69 -40.52
C LEU F 241 2.94 -25.86 -39.60
N GLY F 242 2.27 -25.62 -38.49
CA GLY F 242 2.01 -26.67 -37.53
C GLY F 242 2.44 -26.29 -36.13
N GLY F 243 3.19 -25.19 -35.99
CA GLY F 243 3.73 -24.78 -34.70
C GLY F 243 2.66 -24.32 -33.70
N GLY F 244 1.62 -23.65 -34.18
CA GLY F 244 0.45 -23.45 -33.36
C GLY F 244 -0.48 -24.64 -33.37
N GLU F 245 -0.45 -25.43 -34.45
CA GLU F 245 -1.28 -26.63 -34.53
C GLU F 245 -0.74 -27.73 -33.63
N ASP F 246 0.58 -27.82 -33.45
CA ASP F 246 1.13 -28.66 -32.39
C ASP F 246 0.83 -28.09 -31.02
N PHE F 247 0.81 -26.76 -30.90
CA PHE F 247 0.42 -26.10 -29.66
C PHE F 247 -1.07 -26.30 -29.35
N LEU F 248 -1.90 -26.46 -30.38
CA LEU F 248 -3.26 -26.92 -30.16
C LEU F 248 -3.31 -28.41 -29.84
N THR F 249 -2.50 -29.24 -30.49
CA THR F 249 -2.60 -30.68 -30.24
C THR F 249 -1.68 -31.19 -29.14
N GLU F 250 -0.79 -30.36 -28.57
CA GLU F 250 -0.18 -30.71 -27.31
C GLU F 250 -0.90 -30.09 -26.12
N ILE F 251 -2.04 -29.44 -26.36
CA ILE F 251 -3.05 -29.25 -25.33
C ILE F 251 -4.33 -30.02 -25.63
N GLU F 252 -4.45 -30.63 -26.82
CA GLU F 252 -5.51 -31.61 -27.07
C GLU F 252 -5.16 -32.99 -26.56
N GLU F 253 -3.88 -33.34 -26.41
CA GLU F 253 -3.54 -34.58 -25.71
C GLU F 253 -3.63 -34.40 -24.20
N LEU F 254 -3.61 -33.16 -23.72
CA LEU F 254 -3.94 -32.84 -22.34
C LEU F 254 -5.44 -32.97 -22.04
N ARG F 255 -6.29 -33.06 -23.07
CA ARG F 255 -7.70 -33.40 -22.85
C ARG F 255 -7.85 -34.83 -22.38
N GLU F 256 -7.21 -35.79 -23.07
CA GLU F 256 -7.29 -37.17 -22.63
C GLU F 256 -6.27 -37.53 -21.56
N ARG F 257 -5.36 -36.62 -21.23
CA ARG F 257 -4.45 -36.84 -20.10
C ARG F 257 -5.16 -36.81 -18.75
N ILE F 258 -6.17 -35.95 -18.58
CA ILE F 258 -6.65 -35.65 -17.23
C ILE F 258 -7.64 -36.69 -16.70
N GLU F 259 -8.36 -37.42 -17.56
CA GLU F 259 -9.25 -38.47 -17.07
C GLU F 259 -8.61 -39.85 -17.09
N LYS F 260 -7.29 -39.92 -17.21
CA LYS F 260 -6.59 -41.19 -17.11
C LYS F 260 -6.64 -41.71 -15.67
N LYS F 261 -6.65 -40.81 -14.69
CA LYS F 261 -6.72 -41.18 -13.28
C LYS F 261 -8.13 -41.16 -12.72
N GLY F 262 -9.13 -40.71 -13.48
CA GLY F 262 -10.46 -40.56 -12.94
C GLY F 262 -10.74 -39.21 -12.30
N MET F 263 -10.66 -38.15 -13.10
CA MET F 263 -10.87 -36.79 -12.63
C MET F 263 -12.35 -36.60 -12.25
N PRO F 264 -12.64 -35.89 -11.16
CA PRO F 264 -14.04 -35.58 -10.85
C PRO F 264 -14.61 -34.52 -11.78
N GLU F 265 -15.94 -34.37 -11.73
CA GLU F 265 -16.71 -33.56 -12.67
C GLU F 265 -16.69 -32.03 -12.52
N PRO F 266 -16.75 -31.40 -11.32
CA PRO F 266 -16.59 -29.93 -11.29
C PRO F 266 -15.17 -29.45 -11.60
N VAL F 267 -14.16 -30.29 -11.33
CA VAL F 267 -12.78 -29.97 -11.68
C VAL F 267 -12.58 -29.99 -13.18
N LYS F 268 -13.15 -30.99 -13.87
CA LYS F 268 -13.04 -31.02 -15.33
C LYS F 268 -13.95 -29.99 -15.99
N GLU F 269 -15.03 -29.55 -15.33
CA GLU F 269 -15.82 -28.45 -15.88
C GLU F 269 -15.10 -27.11 -15.75
N LYS F 270 -14.40 -26.90 -14.63
CA LYS F 270 -13.54 -25.71 -14.51
C LYS F 270 -12.33 -25.77 -15.44
N ALA F 271 -11.84 -26.98 -15.73
CA ALA F 271 -10.78 -27.16 -16.72
C ALA F 271 -11.26 -26.82 -18.12
N LEU F 272 -12.49 -27.21 -18.47
CA LEU F 272 -13.05 -26.83 -19.76
C LEU F 272 -13.38 -25.33 -19.85
N LYS F 273 -13.74 -24.70 -18.71
CA LYS F 273 -13.90 -23.25 -18.69
C LYS F 273 -12.58 -22.52 -18.91
N GLU F 274 -11.50 -23.04 -18.31
CA GLU F 274 -10.15 -22.51 -18.54
C GLU F 274 -9.68 -22.75 -19.98
N LEU F 275 -10.07 -23.86 -20.59
CA LEU F 275 -9.63 -24.10 -21.97
C LEU F 275 -10.48 -23.40 -23.02
N LYS F 276 -11.77 -23.14 -22.79
CA LYS F 276 -12.41 -22.17 -23.68
C LYS F 276 -12.06 -20.72 -23.36
N ARG F 277 -11.42 -20.42 -22.23
CA ARG F 277 -10.66 -19.16 -22.17
C ARG F 277 -9.38 -19.24 -23.01
N LEU F 278 -8.71 -20.39 -22.99
CA LEU F 278 -7.37 -20.50 -23.55
C LEU F 278 -7.36 -20.66 -25.08
N GLU F 279 -8.41 -21.24 -25.67
CA GLU F 279 -8.47 -21.45 -27.11
C GLU F 279 -8.63 -20.15 -27.91
N ARG F 280 -9.15 -19.09 -27.28
CA ARG F 280 -9.16 -17.78 -27.89
C ARG F 280 -7.88 -17.00 -27.61
N MET F 281 -7.03 -17.48 -26.71
CA MET F 281 -5.76 -16.84 -26.45
C MET F 281 -4.72 -17.29 -27.47
N GLN F 282 -4.04 -16.32 -28.07
CA GLN F 282 -3.03 -16.56 -29.08
C GLN F 282 -1.75 -17.08 -28.45
N PRO F 283 -0.86 -17.70 -29.24
CA PRO F 283 0.51 -17.95 -28.74
C PRO F 283 1.33 -16.68 -28.48
N GLY F 284 0.98 -15.54 -29.08
CA GLY F 284 1.60 -14.28 -28.73
C GLY F 284 1.11 -13.69 -27.41
N SER F 285 0.00 -14.20 -26.88
CA SER F 285 -0.48 -13.74 -25.58
C SER F 285 0.40 -14.30 -24.47
N PRO F 286 0.75 -13.47 -23.46
CA PRO F 286 1.65 -13.94 -22.40
C PRO F 286 1.05 -14.91 -21.40
N GLU F 287 -0.26 -15.11 -21.39
CA GLU F 287 -0.92 -15.90 -20.35
C GLU F 287 -1.12 -17.36 -20.74
N ALA F 288 -0.69 -17.75 -21.95
CA ALA F 288 -0.92 -19.11 -22.43
C ALA F 288 -0.04 -20.13 -21.71
N THR F 289 1.21 -19.75 -21.43
CA THR F 289 2.10 -20.60 -20.65
C THR F 289 1.67 -20.69 -19.19
N VAL F 290 1.06 -19.61 -18.67
CA VAL F 290 0.53 -19.61 -17.31
C VAL F 290 -0.70 -20.51 -17.20
N SER F 291 -1.58 -20.49 -18.22
CA SER F 291 -2.72 -21.40 -18.21
C SER F 291 -2.33 -22.84 -18.52
N ARG F 292 -1.25 -23.05 -19.27
CA ARG F 292 -0.70 -24.39 -19.46
C ARG F 292 -0.08 -24.92 -18.17
N THR F 293 0.55 -24.04 -17.39
CA THR F 293 1.05 -24.38 -16.07
C THR F 293 -0.09 -24.65 -15.09
N TYR F 294 -1.20 -23.93 -15.24
CA TYR F 294 -2.42 -24.17 -14.47
C TYR F 294 -3.00 -25.56 -14.77
N LEU F 295 -3.02 -25.95 -16.05
CA LEU F 295 -3.50 -27.28 -16.42
C LEU F 295 -2.52 -28.39 -16.00
N ASP F 296 -1.22 -28.09 -16.01
CA ASP F 296 -0.24 -29.04 -15.47
C ASP F 296 -0.30 -29.16 -13.96
N TRP F 297 -0.72 -28.10 -13.27
CA TRP F 297 -1.05 -28.16 -11.84
C TRP F 297 -2.39 -28.85 -11.58
N LEU F 298 -3.24 -28.99 -12.60
CA LEU F 298 -4.39 -29.88 -12.52
C LEU F 298 -4.06 -31.34 -12.86
N LEU F 299 -2.80 -31.69 -13.05
CA LEU F 299 -2.38 -33.08 -13.22
C LEU F 299 -1.50 -33.58 -12.09
N GLU F 300 -0.38 -32.90 -11.83
CA GLU F 300 0.67 -33.39 -10.92
C GLU F 300 0.23 -33.37 -9.47
N VAL F 301 -0.65 -32.45 -9.10
CA VAL F 301 -1.34 -32.50 -7.82
C VAL F 301 -2.35 -33.64 -7.91
N PRO F 302 -2.23 -34.67 -7.09
CA PRO F 302 -2.96 -35.92 -7.35
C PRO F 302 -4.41 -35.84 -6.88
N TRP F 303 -5.30 -36.31 -7.74
CA TRP F 303 -6.73 -36.30 -7.47
C TRP F 303 -7.19 -37.65 -6.96
N THR F 304 -7.05 -38.69 -7.79
CA THR F 304 -7.21 -40.09 -7.40
C THR F 304 -5.95 -40.82 -7.87
N GLU F 305 -4.92 -40.81 -7.03
CA GLU F 305 -3.66 -41.52 -7.25
C GLU F 305 -3.27 -42.27 -5.98
N ALA F 306 -4.24 -43.00 -5.42
CA ALA F 306 -4.11 -43.63 -4.11
C ALA F 306 -3.25 -44.87 -4.21
N ASP F 307 -1.95 -44.68 -3.98
CA ASP F 307 -1.08 -45.81 -3.65
C ASP F 307 -1.49 -46.34 -2.27
N PRO F 308 -1.62 -47.66 -2.10
CA PRO F 308 -2.28 -48.19 -0.89
C PRO F 308 -1.41 -48.10 0.36
N GLU F 309 -2.01 -47.59 1.43
CA GLU F 309 -1.37 -47.52 2.74
C GLU F 309 -1.69 -48.77 3.55
N VAL F 310 -1.03 -48.89 4.69
CA VAL F 310 -1.24 -50.02 5.59
C VAL F 310 -1.57 -49.47 6.98
N LEU F 311 -2.55 -50.07 7.64
CA LEU F 311 -2.94 -49.68 8.99
C LEU F 311 -2.33 -50.57 10.06
N ASP F 312 -1.43 -51.48 9.68
CA ASP F 312 -0.74 -52.32 10.64
C ASP F 312 0.28 -51.49 11.43
N ILE F 313 0.56 -51.94 12.65
CA ILE F 313 1.18 -51.08 13.65
C ILE F 313 2.42 -51.79 14.19
N SER F 314 2.52 -53.10 13.90
CA SER F 314 3.76 -53.82 14.21
C SER F 314 4.89 -53.41 13.27
N VAL F 315 4.53 -53.03 12.04
CA VAL F 315 5.47 -52.38 11.14
C VAL F 315 5.89 -51.02 11.69
N THR F 316 4.92 -50.28 12.25
CA THR F 316 5.18 -48.97 12.85
C THR F 316 6.03 -49.08 14.12
N LYS F 317 5.74 -50.08 14.97
CA LYS F 317 6.52 -50.32 16.17
C LYS F 317 7.92 -50.85 15.83
N ARG F 318 8.06 -51.56 14.70
CA ARG F 318 9.38 -52.02 14.27
C ARG F 318 10.22 -50.87 13.73
N VAL F 319 9.64 -50.04 12.83
CA VAL F 319 10.44 -48.99 12.20
C VAL F 319 10.57 -47.74 13.05
N LEU F 320 9.82 -47.62 14.15
CA LEU F 320 10.18 -46.61 15.14
C LEU F 320 11.46 -46.99 15.86
N ASP F 321 11.69 -48.28 16.06
CA ASP F 321 12.96 -48.74 16.63
C ASP F 321 14.10 -48.69 15.62
N GLU F 322 13.78 -48.83 14.33
CA GLU F 322 14.82 -48.77 13.30
C GLU F 322 15.22 -47.34 12.96
N ASP F 323 14.43 -46.35 13.35
CA ASP F 323 14.77 -44.94 13.11
C ASP F 323 15.47 -44.33 14.32
N HIS F 324 14.80 -44.34 15.46
CA HIS F 324 15.38 -43.87 16.71
C HIS F 324 15.57 -45.06 17.65
N TYR F 325 16.57 -44.98 18.52
CA TYR F 325 16.96 -46.12 19.32
C TYR F 325 16.39 -46.10 20.73
N GLY F 326 16.46 -44.96 21.41
CA GLY F 326 16.21 -44.96 22.84
C GLY F 326 14.97 -44.30 23.38
N LEU F 327 14.44 -43.29 22.69
CA LEU F 327 13.33 -42.48 23.24
C LEU F 327 12.03 -43.24 23.01
N LYS F 328 11.65 -44.05 24.00
CA LYS F 328 10.50 -44.95 23.89
C LYS F 328 9.17 -44.30 24.26
N GLU F 329 9.22 -43.15 24.94
CA GLU F 329 8.00 -42.43 25.32
C GLU F 329 7.26 -41.91 24.10
N VAL F 330 7.99 -41.30 23.15
CA VAL F 330 7.34 -40.83 21.93
C VAL F 330 6.98 -41.99 21.00
N LYS F 331 7.67 -43.14 21.13
CA LYS F 331 7.31 -44.32 20.36
C LYS F 331 5.99 -44.93 20.83
N GLU F 332 5.76 -44.96 22.15
CA GLU F 332 4.46 -45.43 22.61
C GLU F 332 3.36 -44.37 22.44
N ARG F 333 3.71 -43.08 22.32
CA ARG F 333 2.70 -42.09 21.94
C ARG F 333 2.26 -42.23 20.48
N ILE F 334 3.20 -42.48 19.56
CA ILE F 334 2.83 -42.78 18.17
C ILE F 334 2.12 -44.12 18.04
N LEU F 335 2.48 -45.10 18.90
CA LEU F 335 1.75 -46.38 18.96
C LEU F 335 0.30 -46.19 19.43
N GLU F 336 0.10 -45.30 20.42
CA GLU F 336 -1.23 -44.93 20.89
C GLU F 336 -2.04 -44.19 19.82
N TYR F 337 -1.39 -43.26 19.11
CA TYR F 337 -2.11 -42.47 18.11
C TYR F 337 -2.46 -43.31 16.88
N LEU F 338 -1.58 -44.22 16.48
CA LEU F 338 -1.95 -45.07 15.36
C LEU F 338 -2.94 -46.16 15.77
N ALA F 339 -3.02 -46.52 17.06
CA ALA F 339 -4.10 -47.39 17.54
C ALA F 339 -5.48 -46.71 17.41
N VAL F 340 -5.60 -45.47 17.91
CA VAL F 340 -6.87 -44.74 17.79
C VAL F 340 -7.12 -44.31 16.34
N ARG F 341 -6.06 -44.18 15.52
CA ARG F 341 -6.25 -43.82 14.12
C ARG F 341 -6.75 -45.01 13.29
N GLN F 342 -6.23 -46.24 13.54
CA GLN F 342 -6.74 -47.36 12.75
C GLN F 342 -8.08 -47.87 13.28
N LEU F 343 -8.44 -47.53 14.52
CA LEU F 343 -9.73 -47.98 15.03
C LEU F 343 -10.93 -47.19 14.49
N THR F 344 -10.71 -46.12 13.73
CA THR F 344 -11.79 -45.46 12.99
C THR F 344 -11.85 -46.02 11.56
N GLN F 345 -12.26 -47.29 11.48
CA GLN F 345 -12.37 -47.93 10.18
C GLN F 345 -13.68 -47.54 9.51
N GLY F 346 -13.69 -47.66 8.18
CA GLY F 346 -14.84 -47.23 7.40
C GLY F 346 -14.93 -45.72 7.36
N LYS F 347 -16.12 -45.19 7.69
CA LYS F 347 -16.31 -43.74 7.80
C LYS F 347 -17.41 -43.50 8.83
N GLU F 348 -17.01 -43.13 10.04
CA GLU F 348 -17.93 -42.70 11.08
C GLU F 348 -18.08 -41.19 11.01
N VAL F 349 -18.68 -40.60 12.05
CA VAL F 349 -18.78 -39.14 12.14
C VAL F 349 -17.40 -38.53 12.44
N LYS F 350 -16.52 -39.25 13.15
CA LYS F 350 -15.14 -38.85 13.32
C LYS F 350 -14.28 -39.67 12.37
N GLY F 351 -14.33 -39.28 11.09
CA GLY F 351 -13.54 -39.98 10.08
C GLY F 351 -12.06 -39.66 10.16
N HIS F 352 -11.72 -38.48 10.64
CA HIS F 352 -10.33 -38.06 10.82
C HIS F 352 -10.08 -37.76 12.29
N ALA F 353 -8.96 -38.27 12.81
CA ALA F 353 -8.56 -38.05 14.19
C ALA F 353 -8.04 -36.62 14.36
N PRO F 354 -8.01 -36.10 15.61
CA PRO F 354 -7.29 -34.84 15.88
C PRO F 354 -5.80 -34.95 15.64
N ILE F 355 -5.21 -33.81 15.24
CA ILE F 355 -3.88 -33.73 14.66
C ILE F 355 -2.88 -33.50 15.80
N LEU F 356 -1.66 -34.01 15.64
CA LEU F 356 -0.62 -33.97 16.66
C LEU F 356 -0.05 -32.56 16.81
N CYS F 357 0.71 -32.37 17.89
CA CYS F 357 1.71 -31.30 18.02
C CYS F 357 2.93 -31.90 18.70
N PHE F 358 3.97 -32.24 17.92
CA PHE F 358 5.28 -32.47 18.49
C PHE F 358 5.87 -31.18 19.04
N VAL F 359 6.09 -31.15 20.35
CA VAL F 359 6.68 -29.99 21.01
C VAL F 359 8.01 -30.41 21.64
N GLY F 360 8.91 -29.45 21.74
CA GLY F 360 10.25 -29.71 22.26
C GLY F 360 11.22 -28.61 21.87
N PRO F 361 12.51 -28.84 22.07
CA PRO F 361 13.50 -27.85 21.64
C PRO F 361 13.74 -27.95 20.14
N PRO F 362 14.27 -26.88 19.52
CA PRO F 362 14.70 -26.99 18.13
C PRO F 362 16.00 -27.79 18.03
N GLY F 363 15.96 -28.88 17.28
CA GLY F 363 17.14 -29.71 17.10
C GLY F 363 16.88 -31.19 17.26
N VAL F 364 15.71 -31.55 17.76
CA VAL F 364 15.35 -32.95 17.95
C VAL F 364 14.96 -33.56 16.60
N GLY F 365 14.88 -34.89 16.55
CA GLY F 365 14.64 -35.57 15.29
C GLY F 365 13.19 -35.70 14.88
N LYS F 366 12.51 -34.55 14.76
CA LYS F 366 11.11 -34.53 14.32
C LYS F 366 10.99 -34.93 12.85
N THR F 367 12.00 -34.58 12.04
CA THR F 367 12.08 -35.06 10.66
C THR F 367 12.37 -36.55 10.61
N SER F 368 13.13 -37.08 11.59
CA SER F 368 13.40 -38.51 11.66
C SER F 368 12.15 -39.30 12.03
N LEU F 369 11.33 -38.80 12.95
CA LEU F 369 10.06 -39.45 13.22
C LEU F 369 9.04 -39.27 12.10
N GLY F 370 9.10 -38.16 11.35
CA GLY F 370 8.25 -38.03 10.17
C GLY F 370 8.61 -39.00 9.05
N LYS F 371 9.91 -39.19 8.83
CA LYS F 371 10.36 -40.23 7.89
C LYS F 371 10.06 -41.63 8.39
N SER F 372 10.06 -41.84 9.72
CA SER F 372 9.72 -43.13 10.29
C SER F 372 8.23 -43.44 10.13
N ILE F 373 7.36 -42.44 10.29
CA ILE F 373 5.94 -42.73 10.20
C ILE F 373 5.50 -42.83 8.72
N ALA F 374 6.20 -42.13 7.81
CA ALA F 374 5.95 -42.32 6.39
C ALA F 374 6.50 -43.66 5.89
N ARG F 375 7.61 -44.14 6.48
CA ARG F 375 8.05 -45.50 6.23
C ARG F 375 7.16 -46.54 6.90
N SER F 376 6.46 -46.13 7.98
CA SER F 376 5.60 -47.05 8.72
C SER F 376 4.33 -47.39 7.94
N MET F 377 3.66 -46.38 7.37
CA MET F 377 2.47 -46.71 6.60
C MET F 377 2.76 -46.88 5.10
N ASN F 378 4.05 -47.02 4.74
CA ASN F 378 4.58 -47.23 3.38
C ASN F 378 4.16 -46.10 2.45
N ARG F 379 4.65 -44.90 2.78
CA ARG F 379 4.16 -43.68 2.16
C ARG F 379 5.32 -42.79 1.77
N ARG F 380 5.20 -42.18 0.59
CA ARG F 380 6.12 -41.13 0.16
C ARG F 380 5.98 -39.90 1.05
N PHE F 381 7.08 -39.21 1.29
CA PHE F 381 7.19 -38.25 2.38
C PHE F 381 7.52 -36.86 1.84
N HIS F 382 6.83 -35.86 2.39
CA HIS F 382 7.11 -34.46 2.08
C HIS F 382 7.33 -33.69 3.38
N ARG F 383 8.29 -32.76 3.34
CA ARG F 383 8.57 -31.86 4.46
C ARG F 383 8.15 -30.45 4.09
N ILE F 384 7.35 -29.84 4.94
CA ILE F 384 6.97 -28.43 4.81
C ILE F 384 7.79 -27.65 5.82
N SER F 385 8.54 -26.64 5.35
CA SER F 385 9.50 -25.97 6.22
C SER F 385 8.81 -24.96 7.15
N LEU F 386 8.24 -23.90 6.56
CA LEU F 386 7.57 -22.76 7.21
C LEU F 386 8.51 -22.11 8.24
N GLY F 387 9.72 -21.83 7.77
CA GLY F 387 10.83 -21.55 8.66
C GLY F 387 10.84 -20.18 9.30
N GLY F 388 10.58 -19.14 8.51
CA GLY F 388 10.68 -17.78 9.00
C GLY F 388 9.38 -17.32 9.62
N VAL F 389 8.94 -16.10 9.32
CA VAL F 389 7.60 -15.70 9.73
C VAL F 389 6.55 -16.44 8.91
N ARG F 390 6.81 -16.62 7.59
CA ARG F 390 6.02 -17.36 6.60
C ARG F 390 4.56 -16.86 6.56
N ASP F 391 4.44 -15.64 6.03
CA ASP F 391 3.17 -14.94 5.94
C ASP F 391 2.26 -15.66 4.95
N GLU F 392 1.17 -16.25 5.47
CA GLU F 392 0.23 -16.96 4.63
C GLU F 392 -0.63 -16.01 3.81
N ALA F 393 -0.80 -14.77 4.28
CA ALA F 393 -1.49 -13.73 3.54
C ALA F 393 -0.76 -13.35 2.26
N GLU F 394 0.57 -13.33 2.32
CA GLU F 394 1.37 -12.90 1.17
C GLU F 394 1.61 -14.04 0.21
N ILE F 395 1.89 -15.24 0.74
CA ILE F 395 2.43 -16.32 -0.04
C ILE F 395 1.41 -17.43 -0.29
N ARG F 396 0.47 -17.66 0.63
CA ARG F 396 -0.62 -18.58 0.32
C ARG F 396 -1.75 -17.89 -0.44
N GLY F 397 -2.20 -16.74 0.05
CA GLY F 397 -3.39 -16.07 -0.44
C GLY F 397 -3.25 -15.25 -1.71
N HIS F 398 -2.86 -15.88 -2.83
CA HIS F 398 -2.61 -15.11 -4.05
C HIS F 398 -3.88 -14.73 -4.81
N ARG F 399 -4.98 -15.51 -4.68
CA ARG F 399 -6.26 -15.34 -5.42
C ARG F 399 -6.12 -15.40 -6.96
N ARG F 400 -5.02 -15.99 -7.47
CA ARG F 400 -4.69 -16.41 -8.85
C ARG F 400 -4.41 -15.22 -9.81
N THR F 401 -4.68 -13.99 -9.41
CA THR F 401 -4.58 -12.84 -10.32
C THR F 401 -3.30 -12.04 -10.14
N TYR F 402 -2.27 -12.62 -9.54
CA TYR F 402 -0.89 -12.16 -9.69
C TYR F 402 -0.27 -12.92 -10.86
N ILE F 403 1.07 -12.99 -10.90
CA ILE F 403 1.76 -13.99 -11.71
C ILE F 403 1.42 -15.41 -11.24
N GLY F 404 1.16 -15.61 -9.94
CA GLY F 404 0.58 -16.85 -9.45
C GLY F 404 1.58 -17.95 -9.15
N ALA F 405 2.58 -17.65 -8.33
CA ALA F 405 3.51 -18.65 -7.86
C ALA F 405 3.08 -19.16 -6.50
N LEU F 406 3.40 -20.44 -6.24
CA LEU F 406 3.04 -21.26 -5.07
C LEU F 406 1.52 -21.27 -4.83
N PRO F 407 0.72 -22.11 -5.54
CA PRO F 407 -0.73 -22.15 -5.27
C PRO F 407 -1.14 -22.79 -3.94
N GLY F 408 -0.73 -22.23 -2.81
CA GLY F 408 -0.92 -22.93 -1.55
C GLY F 408 0.21 -23.92 -1.32
N LYS F 409 0.86 -23.85 -0.16
CA LYS F 409 2.05 -24.65 0.04
C LYS F 409 1.73 -26.09 0.40
N ILE F 410 0.50 -26.36 0.81
CA ILE F 410 0.02 -27.75 0.94
C ILE F 410 -0.08 -28.39 -0.44
N ILE F 411 -0.61 -27.65 -1.42
CA ILE F 411 -0.72 -28.13 -2.80
C ILE F 411 0.68 -28.22 -3.44
N GLN F 412 1.60 -27.33 -3.06
CA GLN F 412 3.01 -27.48 -3.42
C GLN F 412 3.66 -28.69 -2.77
N GLY F 413 3.18 -29.10 -1.60
CA GLY F 413 3.56 -30.40 -1.05
C GLY F 413 3.01 -31.55 -1.85
N MET F 414 1.74 -31.43 -2.29
CA MET F 414 1.03 -32.50 -2.99
C MET F 414 1.62 -32.79 -4.36
N LYS F 415 2.05 -31.76 -5.09
CA LYS F 415 2.65 -32.00 -6.41
C LYS F 415 4.04 -32.59 -6.28
N GLN F 416 4.74 -32.33 -5.17
CA GLN F 416 6.02 -32.96 -4.95
C GLN F 416 5.88 -34.41 -4.50
N VAL F 417 4.85 -34.73 -3.71
CA VAL F 417 4.78 -36.09 -3.16
C VAL F 417 4.08 -37.05 -4.15
N GLY F 418 3.16 -36.56 -4.98
CA GLY F 418 2.54 -37.37 -6.01
C GLY F 418 1.57 -38.44 -5.54
N VAL F 419 1.04 -38.32 -4.32
CA VAL F 419 0.15 -39.35 -3.78
C VAL F 419 -0.89 -38.64 -2.89
N VAL F 420 -2.13 -39.16 -2.90
CA VAL F 420 -3.25 -38.42 -2.31
C VAL F 420 -3.34 -38.56 -0.79
N ASN F 421 -2.54 -39.41 -0.15
CA ASN F 421 -2.56 -39.53 1.30
C ASN F 421 -1.16 -39.48 1.92
N PRO F 422 -0.45 -38.34 1.81
CA PRO F 422 0.94 -38.31 2.27
C PRO F 422 1.04 -38.06 3.76
N VAL F 423 2.27 -38.09 4.26
CA VAL F 423 2.59 -37.62 5.60
C VAL F 423 3.17 -36.23 5.45
N PHE F 424 2.37 -35.21 5.77
CA PHE F 424 2.85 -33.84 5.73
C PHE F 424 3.61 -33.54 7.00
N LEU F 425 4.88 -33.16 6.85
CA LEU F 425 5.66 -32.71 8.00
C LEU F 425 5.51 -31.20 8.06
N LEU F 426 4.48 -30.74 8.75
CA LEU F 426 4.35 -29.32 9.02
C LEU F 426 5.34 -28.94 10.12
N ASP F 427 6.15 -27.91 9.89
CA ASP F 427 7.19 -27.55 10.83
C ASP F 427 7.10 -26.07 11.17
N GLU F 428 7.55 -25.77 12.40
CA GLU F 428 7.79 -24.40 12.93
C GLU F 428 6.52 -23.56 12.97
N ILE F 429 5.41 -24.17 13.43
CA ILE F 429 4.09 -23.55 13.45
C ILE F 429 4.02 -22.46 14.55
N ASP F 430 4.90 -22.55 15.55
CA ASP F 430 5.08 -21.48 16.53
C ASP F 430 5.64 -20.18 15.93
N LYS F 431 6.30 -20.25 14.77
CA LYS F 431 6.85 -19.09 14.09
C LYS F 431 5.87 -18.45 13.12
N LEU F 432 4.57 -18.75 13.23
CA LEU F 432 3.59 -18.27 12.26
C LEU F 432 3.20 -16.81 12.52
N SER F 433 2.89 -16.48 13.77
CA SER F 433 2.28 -15.20 14.10
C SER F 433 3.31 -14.08 14.04
N SER F 434 2.98 -13.02 13.31
CA SER F 434 3.87 -11.89 13.11
C SER F 434 3.29 -10.66 13.78
N ASP F 435 4.15 -9.65 13.94
CA ASP F 435 3.78 -8.37 14.52
C ASP F 435 3.54 -7.33 13.44
N TRP F 436 2.89 -7.72 12.35
CA TRP F 436 2.74 -6.86 11.18
C TRP F 436 1.26 -6.73 10.80
N ARG F 437 1.04 -6.21 9.58
CA ARG F 437 -0.27 -5.65 9.22
C ARG F 437 -1.30 -6.72 8.93
N GLY F 438 -1.08 -7.52 7.88
CA GLY F 438 -2.04 -8.54 7.52
C GLY F 438 -1.49 -9.93 7.69
N ASP F 439 -0.26 -10.01 8.21
CA ASP F 439 0.51 -11.25 8.23
C ASP F 439 0.09 -12.31 9.25
N PRO F 440 -0.38 -12.00 10.48
CA PRO F 440 -1.07 -13.09 11.21
C PRO F 440 -2.49 -13.30 10.71
N ALA F 441 -2.76 -14.50 10.20
CA ALA F 441 -4.09 -14.83 9.71
C ALA F 441 -4.59 -16.15 10.27
N ALA F 442 -3.65 -17.08 10.53
CA ALA F 442 -3.88 -18.49 10.93
C ALA F 442 -4.82 -19.21 9.96
N ALA F 443 -4.44 -19.19 8.68
CA ALA F 443 -5.28 -19.69 7.60
C ALA F 443 -5.12 -21.19 7.35
N LEU F 444 -4.28 -21.88 8.12
CA LEU F 444 -4.17 -23.33 8.01
C LEU F 444 -5.18 -24.07 8.87
N LEU F 445 -5.99 -23.32 9.63
CA LEU F 445 -7.12 -23.92 10.36
C LEU F 445 -8.14 -24.50 9.40
N GLU F 446 -8.37 -23.83 8.27
CA GLU F 446 -9.23 -24.36 7.22
C GLU F 446 -8.62 -25.58 6.54
N VAL F 447 -7.28 -25.67 6.51
CA VAL F 447 -6.62 -26.85 5.98
C VAL F 447 -6.76 -28.03 6.92
N LEU F 448 -6.57 -27.80 8.23
CA LEU F 448 -6.36 -28.90 9.16
C LEU F 448 -7.63 -29.49 9.77
N ASP F 449 -8.78 -28.78 9.72
CA ASP F 449 -9.88 -29.38 10.47
C ASP F 449 -10.66 -30.39 9.62
N PRO F 450 -11.15 -31.49 10.23
CA PRO F 450 -11.87 -32.50 9.44
C PRO F 450 -13.24 -32.07 8.94
N GLU F 451 -13.83 -31.02 9.50
CA GLU F 451 -15.14 -30.56 9.03
C GLU F 451 -15.05 -29.80 7.71
N GLN F 452 -13.87 -29.30 7.33
CA GLN F 452 -13.58 -28.98 5.92
C GLN F 452 -12.19 -29.50 5.53
N ASN F 453 -11.94 -30.79 5.82
CA ASN F 453 -10.82 -31.47 5.17
C ASN F 453 -11.25 -32.19 3.90
N HIS F 454 -12.50 -32.66 3.83
CA HIS F 454 -12.97 -33.42 2.67
C HIS F 454 -13.14 -32.52 1.45
N THR F 455 -13.76 -31.36 1.64
CA THR F 455 -13.62 -30.27 0.70
C THR F 455 -12.38 -29.45 1.07
N PHE F 456 -11.79 -28.79 0.08
CA PHE F 456 -10.69 -27.86 0.32
C PHE F 456 -10.71 -26.82 -0.80
N THR F 457 -11.31 -25.67 -0.53
CA THR F 457 -11.12 -24.54 -1.43
C THR F 457 -9.70 -24.00 -1.25
N ASP F 458 -9.05 -23.74 -2.37
CA ASP F 458 -7.67 -23.24 -2.35
C ASP F 458 -7.75 -21.73 -2.53
N HIS F 459 -6.76 -21.03 -1.95
CA HIS F 459 -6.61 -19.60 -2.17
C HIS F 459 -6.39 -19.27 -3.64
N TYR F 460 -5.55 -20.04 -4.33
CA TYR F 460 -5.31 -19.80 -5.75
C TYR F 460 -6.41 -20.42 -6.60
N LEU F 461 -6.63 -21.73 -6.45
CA LEU F 461 -7.33 -22.54 -7.45
C LEU F 461 -8.83 -22.27 -7.48
N ASP F 462 -9.42 -21.93 -6.32
CA ASP F 462 -10.86 -21.67 -6.10
C ASP F 462 -11.75 -22.86 -6.50
N VAL F 463 -11.21 -24.06 -6.35
CA VAL F 463 -11.88 -25.31 -6.72
C VAL F 463 -11.81 -26.18 -5.47
N PRO F 464 -12.90 -26.87 -5.07
CA PRO F 464 -12.83 -27.74 -3.89
C PRO F 464 -11.95 -28.97 -4.10
N TYR F 465 -10.78 -28.94 -3.47
CA TYR F 465 -9.82 -30.03 -3.59
C TYR F 465 -10.21 -31.17 -2.66
N ASP F 466 -10.00 -32.40 -3.10
CA ASP F 466 -10.22 -33.57 -2.26
C ASP F 466 -8.97 -33.79 -1.40
N LEU F 467 -8.95 -33.14 -0.24
CA LEU F 467 -7.91 -33.37 0.75
C LEU F 467 -8.35 -34.39 1.81
N SER F 468 -9.23 -35.31 1.42
CA SER F 468 -9.63 -36.41 2.28
C SER F 468 -8.49 -37.41 2.41
N LYS F 469 -8.49 -38.13 3.54
CA LYS F 469 -7.52 -39.15 4.00
C LYS F 469 -6.05 -38.65 4.04
N VAL F 470 -5.83 -37.34 4.10
CA VAL F 470 -4.49 -36.77 4.10
C VAL F 470 -3.98 -36.73 5.54
N PHE F 471 -2.92 -37.46 5.80
CA PHE F 471 -2.31 -37.48 7.13
C PHE F 471 -1.46 -36.23 7.32
N PHE F 472 -1.45 -35.73 8.56
CA PHE F 472 -0.69 -34.53 8.90
C PHE F 472 0.14 -34.76 10.15
N ILE F 473 1.36 -34.21 10.14
CA ILE F 473 2.23 -34.16 11.32
C ILE F 473 2.65 -32.72 11.47
N THR F 474 2.26 -32.09 12.59
CA THR F 474 2.60 -30.70 12.85
C THR F 474 3.60 -30.66 13.99
N THR F 475 4.77 -30.05 13.75
CA THR F 475 5.86 -30.02 14.71
C THR F 475 6.19 -28.56 15.00
N ALA F 476 6.05 -28.15 16.27
CA ALA F 476 6.31 -26.77 16.62
C ALA F 476 6.85 -26.69 18.04
N ASN F 477 7.80 -25.80 18.26
CA ASN F 477 8.67 -25.90 19.43
C ASN F 477 8.00 -25.40 20.70
N THR F 478 7.65 -24.11 20.74
CA THR F 478 7.15 -23.49 21.96
C THR F 478 5.63 -23.44 21.94
N LEU F 479 5.01 -23.89 23.04
CA LEU F 479 3.56 -24.05 23.10
C LEU F 479 2.81 -22.73 23.27
N SER F 480 3.49 -21.66 23.68
CA SER F 480 2.80 -20.42 24.03
C SER F 480 2.39 -19.63 22.80
N THR F 481 3.25 -19.52 21.80
CA THR F 481 3.00 -18.72 20.61
C THR F 481 2.40 -19.52 19.46
N ILE F 482 1.82 -20.67 19.76
CA ILE F 482 0.93 -21.38 18.81
C ILE F 482 -0.33 -20.54 18.62
N PRO F 483 -0.89 -20.48 17.41
CA PRO F 483 -2.28 -20.02 17.25
C PRO F 483 -3.24 -20.90 18.04
N ARG F 484 -3.93 -20.27 18.99
CA ARG F 484 -4.92 -20.95 19.82
C ARG F 484 -6.12 -21.60 19.12
N PRO F 485 -6.61 -21.15 17.94
CA PRO F 485 -7.55 -22.03 17.19
C PRO F 485 -6.93 -23.28 16.57
N LEU F 486 -5.61 -23.48 16.60
CA LEU F 486 -5.09 -24.83 16.39
C LEU F 486 -5.12 -25.63 17.69
N LEU F 487 -4.37 -25.19 18.71
CA LEU F 487 -4.20 -25.96 19.94
C LEU F 487 -5.39 -25.94 20.90
N ASP F 488 -6.55 -25.39 20.51
CA ASP F 488 -7.75 -25.65 21.30
C ASP F 488 -8.24 -27.09 21.11
N ARG F 489 -7.95 -27.70 19.96
CA ARG F 489 -8.51 -28.99 19.59
C ARG F 489 -7.48 -30.00 19.08
N MET F 490 -6.29 -29.55 18.67
CA MET F 490 -5.24 -30.49 18.26
C MET F 490 -4.63 -31.21 19.47
N GLU F 491 -4.16 -32.43 19.22
CA GLU F 491 -3.43 -33.18 20.22
C GLU F 491 -2.02 -32.63 20.39
N VAL F 492 -1.38 -33.00 21.48
CA VAL F 492 0.00 -32.59 21.75
C VAL F 492 0.77 -33.81 22.26
N ILE F 493 2.01 -33.95 21.82
CA ILE F 493 2.91 -35.01 22.29
C ILE F 493 4.19 -34.34 22.78
N GLU F 494 4.50 -34.54 24.06
CA GLU F 494 5.72 -34.00 24.64
C GLU F 494 6.92 -34.82 24.18
N ILE F 495 7.84 -34.18 23.46
CA ILE F 495 9.16 -34.74 23.22
C ILE F 495 10.15 -33.98 24.09
N PRO F 496 10.66 -34.56 25.17
CA PRO F 496 11.68 -33.89 25.97
C PRO F 496 13.06 -34.08 25.34
N GLY F 497 14.07 -33.58 26.04
CA GLY F 497 15.43 -33.73 25.57
C GLY F 497 15.95 -35.15 25.74
N TYR F 498 16.89 -35.50 24.88
CA TYR F 498 17.50 -36.82 24.96
C TYR F 498 18.53 -36.87 26.08
N THR F 499 18.84 -38.09 26.52
CA THR F 499 19.94 -38.32 27.44
C THR F 499 21.25 -38.45 26.69
N LEU F 500 22.31 -38.79 27.42
CA LEU F 500 23.61 -39.05 26.81
C LEU F 500 23.60 -40.34 26.00
N HIS F 501 22.80 -41.31 26.43
CA HIS F 501 22.64 -42.57 25.69
C HIS F 501 21.88 -42.36 24.38
N GLU F 502 20.80 -41.59 24.41
CA GLU F 502 19.98 -41.38 23.22
C GLU F 502 20.64 -40.42 22.24
N LYS F 503 21.34 -39.39 22.74
CA LYS F 503 22.16 -38.53 21.88
C LYS F 503 23.35 -39.29 21.30
N ARG F 504 23.92 -40.20 22.09
CA ARG F 504 24.99 -41.09 21.62
C ARG F 504 24.50 -42.00 20.50
N ALA F 505 23.28 -42.54 20.64
CA ALA F 505 22.72 -43.43 19.64
C ALA F 505 22.33 -42.69 18.36
N ILE F 506 21.74 -41.49 18.50
CA ILE F 506 21.33 -40.76 17.30
C ILE F 506 22.55 -40.11 16.61
N ALA F 507 23.62 -39.83 17.36
CA ALA F 507 24.84 -39.34 16.73
C ALA F 507 25.58 -40.47 16.02
N ARG F 508 25.66 -41.64 16.67
CA ARG F 508 26.38 -42.79 16.12
C ARG F 508 25.66 -43.39 14.92
N TYR F 509 24.32 -43.30 14.89
CA TYR F 509 23.56 -43.87 13.78
C TYR F 509 23.26 -42.87 12.67
N PHE F 510 22.97 -41.60 13.00
CA PHE F 510 22.54 -40.65 11.99
C PHE F 510 23.49 -39.48 11.77
N ARG F 511 23.87 -38.77 12.84
CA ARG F 511 24.46 -37.45 12.66
C ARG F 511 25.93 -37.50 12.28
N TRP F 512 26.75 -38.22 13.04
CA TRP F 512 28.16 -38.41 12.68
C TRP F 512 28.48 -39.09 11.34
N PRO F 513 27.85 -40.21 10.89
CA PRO F 513 28.28 -40.80 9.60
C PRO F 513 27.99 -39.96 8.36
N PHE F 514 26.88 -39.21 8.38
CA PHE F 514 26.52 -38.34 7.25
C PHE F 514 27.47 -37.17 7.12
N GLN F 515 27.83 -36.53 8.23
CA GLN F 515 28.77 -35.42 8.10
C GLN F 515 30.22 -35.87 7.97
N VAL F 516 30.58 -37.10 8.40
CA VAL F 516 31.97 -37.49 8.17
C VAL F 516 32.11 -37.94 6.72
N LYS F 517 31.01 -38.37 6.10
CA LYS F 517 30.95 -38.48 4.64
C LYS F 517 31.02 -37.12 3.98
N GLU F 518 30.43 -36.09 4.60
CA GLU F 518 30.54 -34.72 4.09
C GLU F 518 31.97 -34.17 4.20
N ALA F 519 32.74 -34.63 5.19
CA ALA F 519 34.12 -34.20 5.35
C ALA F 519 35.08 -34.95 4.44
N GLY F 520 34.61 -35.94 3.68
CA GLY F 520 35.46 -36.68 2.78
C GLY F 520 36.10 -37.91 3.37
N LEU F 521 35.59 -38.42 4.49
CA LEU F 521 36.21 -39.54 5.20
C LEU F 521 35.17 -40.64 5.23
N GLU F 522 35.40 -41.72 4.47
CA GLU F 522 34.36 -42.73 4.30
C GLU F 522 34.25 -43.66 5.51
N GLY F 523 35.36 -44.23 5.96
CA GLY F 523 35.33 -45.09 7.12
C GLY F 523 36.57 -44.98 7.98
N ARG F 524 37.32 -43.89 7.81
CA ARG F 524 38.62 -43.75 8.43
C ARG F 524 38.55 -43.39 9.91
N LEU F 525 37.52 -42.68 10.34
CA LEU F 525 37.39 -42.24 11.72
C LEU F 525 36.51 -43.16 12.54
N GLU F 526 36.83 -43.24 13.83
CA GLU F 526 36.02 -43.89 14.84
C GLU F 526 36.03 -43.02 16.08
N ILE F 527 34.86 -42.82 16.68
CA ILE F 527 34.72 -42.07 17.93
C ILE F 527 34.20 -43.04 18.99
N THR F 528 34.86 -43.06 20.15
CA THR F 528 34.38 -43.90 21.24
C THR F 528 33.16 -43.28 21.90
N ASP F 529 32.48 -44.10 22.71
CA ASP F 529 31.28 -43.66 23.40
C ASP F 529 31.60 -42.72 24.55
N ARG F 530 32.79 -42.87 25.15
CA ARG F 530 33.23 -42.02 26.25
C ARG F 530 33.51 -40.60 25.77
N ALA F 531 34.00 -40.46 24.53
CA ALA F 531 34.21 -39.15 23.94
C ALA F 531 32.89 -38.43 23.66
N ILE F 532 31.87 -39.19 23.22
CA ILE F 532 30.54 -38.63 22.99
C ILE F 532 29.89 -38.20 24.30
N GLU F 533 30.06 -39.01 25.35
CA GLU F 533 29.57 -38.67 26.69
C GLU F 533 30.30 -37.45 27.27
N ARG F 534 31.59 -37.31 26.97
CA ARG F 534 32.31 -36.13 27.40
C ARG F 534 31.93 -34.89 26.58
N ILE F 535 31.51 -35.09 25.31
CA ILE F 535 31.00 -33.99 24.50
C ILE F 535 29.68 -33.45 25.06
N VAL F 536 28.77 -34.35 25.45
CA VAL F 536 27.51 -33.91 26.07
C VAL F 536 27.73 -33.34 27.48
N GLN F 537 28.69 -33.86 28.24
CA GLN F 537 28.93 -33.32 29.57
C GLN F 537 29.79 -32.04 29.57
N GLU F 538 30.53 -31.76 28.51
CA GLU F 538 31.53 -30.71 28.53
C GLU F 538 31.26 -29.60 27.53
N TYR F 539 30.63 -29.89 26.40
CA TYR F 539 30.65 -28.99 25.26
C TYR F 539 29.29 -28.44 24.88
N THR F 540 28.26 -29.28 24.85
CA THR F 540 26.90 -28.84 24.55
C THR F 540 26.03 -28.96 25.80
N ARG F 541 25.09 -28.03 25.96
CA ARG F 541 24.20 -28.06 27.12
C ARG F 541 22.79 -27.63 26.73
N GLU F 542 22.29 -28.18 25.63
CA GLU F 542 20.90 -27.96 25.25
C GLU F 542 20.20 -29.30 25.10
N ALA F 543 18.87 -29.26 25.18
CA ALA F 543 18.07 -30.48 25.13
C ALA F 543 17.99 -31.05 23.72
N GLY F 544 18.04 -30.20 22.70
CA GLY F 544 18.01 -30.65 21.33
C GLY F 544 19.39 -31.03 20.81
N VAL F 545 19.44 -31.32 19.51
CA VAL F 545 20.68 -31.65 18.83
C VAL F 545 20.87 -30.58 17.75
N ARG F 546 21.54 -29.49 18.11
CA ARG F 546 22.13 -28.66 17.06
C ARG F 546 23.56 -28.26 17.38
N ASN F 547 23.85 -27.92 18.64
CA ASN F 547 25.22 -27.70 19.03
C ASN F 547 25.98 -29.01 19.18
N LEU F 548 25.25 -30.10 19.45
CA LEU F 548 25.81 -31.46 19.50
C LEU F 548 26.41 -31.87 18.16
N ASP F 549 25.59 -31.93 17.11
CA ASP F 549 26.14 -32.28 15.80
C ASP F 549 26.92 -31.14 15.15
N ARG F 550 26.80 -29.90 15.65
CA ARG F 550 27.77 -28.85 15.28
C ARG F 550 29.17 -29.18 15.82
N GLU F 551 29.27 -29.66 17.06
CA GLU F 551 30.58 -30.03 17.60
C GLU F 551 31.09 -31.36 17.05
N LEU F 552 30.20 -32.29 16.68
CA LEU F 552 30.63 -33.46 15.90
C LEU F 552 31.13 -33.08 14.51
N SER F 553 30.51 -32.04 13.89
CA SER F 553 31.01 -31.49 12.64
C SER F 553 32.40 -30.90 12.80
N LYS F 554 32.62 -30.17 13.89
CA LYS F 554 33.92 -29.55 14.12
C LYS F 554 34.99 -30.57 14.50
N VAL F 555 34.65 -31.67 15.20
CA VAL F 555 35.70 -32.65 15.48
C VAL F 555 36.02 -33.52 14.26
N ALA F 556 35.05 -33.75 13.37
CA ALA F 556 35.35 -34.52 12.16
C ALA F 556 36.19 -33.70 11.18
N ARG F 557 35.93 -32.40 11.07
CA ARG F 557 36.78 -31.57 10.23
C ARG F 557 38.15 -31.28 10.87
N LYS F 558 38.23 -31.21 12.22
CA LYS F 558 39.54 -31.14 12.89
C LYS F 558 40.34 -32.42 12.72
N ALA F 559 39.67 -33.57 12.61
CA ALA F 559 40.35 -34.79 12.21
C ALA F 559 40.81 -34.71 10.76
N ALA F 560 39.98 -34.10 9.90
CA ALA F 560 40.29 -33.97 8.48
C ALA F 560 41.46 -33.02 8.20
N LYS F 561 41.67 -32.02 9.07
CA LYS F 561 42.77 -31.08 8.88
C LYS F 561 44.13 -31.74 9.11
N ASP F 562 44.25 -32.59 10.12
CA ASP F 562 45.48 -33.37 10.23
C ASP F 562 45.47 -34.60 9.33
N TYR F 563 44.33 -34.96 8.74
CA TYR F 563 44.35 -35.97 7.69
C TYR F 563 44.99 -35.44 6.41
N LEU F 564 44.70 -34.18 6.04
CA LEU F 564 45.29 -33.63 4.82
C LEU F 564 46.76 -33.23 4.94
N GLU F 565 47.34 -33.22 6.15
CA GLU F 565 48.79 -33.07 6.27
C GLU F 565 49.48 -34.33 6.74
N LYS F 566 48.78 -35.24 7.42
CA LYS F 566 49.27 -36.58 7.71
C LYS F 566 48.27 -37.59 7.17
N PRO F 567 48.55 -38.23 6.02
CA PRO F 567 47.54 -39.07 5.36
C PRO F 567 47.48 -40.52 5.85
N TRP F 568 48.03 -40.80 7.04
CA TRP F 568 48.20 -42.15 7.57
C TRP F 568 46.90 -42.86 7.95
N GLU F 569 45.78 -42.14 8.04
CA GLU F 569 44.57 -42.63 8.70
C GLU F 569 43.84 -43.63 7.82
N GLY F 570 44.19 -44.90 7.98
CA GLY F 570 43.31 -45.97 7.55
C GLY F 570 42.34 -46.27 8.66
N VAL F 571 42.76 -45.93 9.88
CA VAL F 571 41.93 -46.03 11.07
C VAL F 571 42.40 -44.95 12.04
N ARG F 572 41.44 -44.25 12.66
CA ARG F 572 41.73 -43.25 13.67
C ARG F 572 40.67 -43.32 14.76
N VAL F 573 41.08 -43.73 15.95
CA VAL F 573 40.19 -43.82 17.10
C VAL F 573 40.40 -42.59 17.98
N VAL F 574 39.30 -41.98 18.43
CA VAL F 574 39.33 -40.80 19.30
C VAL F 574 38.58 -41.16 20.57
N ASP F 575 39.30 -41.27 21.67
CA ASP F 575 38.67 -41.43 22.98
C ASP F 575 38.48 -40.04 23.61
N ALA F 576 38.17 -40.02 24.91
CA ALA F 576 37.87 -38.77 25.59
C ALA F 576 39.10 -37.94 25.92
N GLU F 577 40.29 -38.55 25.92
CA GLU F 577 41.49 -37.86 26.37
C GLU F 577 42.03 -36.87 25.34
N ASP F 578 41.99 -37.22 24.06
CA ASP F 578 42.42 -36.31 23.01
C ASP F 578 41.25 -35.51 22.42
N LEU F 579 40.12 -35.48 23.12
CA LEU F 579 38.99 -34.64 22.73
C LEU F 579 39.30 -33.17 22.92
N GLU F 580 40.08 -32.83 23.96
CA GLU F 580 40.43 -31.44 24.23
C GLU F 580 41.48 -30.89 23.27
N ALA F 581 42.14 -31.74 22.48
CA ALA F 581 42.96 -31.26 21.36
C ALA F 581 42.09 -30.64 20.28
N TYR F 582 40.88 -31.14 20.09
CA TYR F 582 39.87 -30.51 19.26
C TYR F 582 39.04 -29.55 20.11
N LEU F 583 38.23 -28.73 19.42
CA LEU F 583 37.19 -27.82 19.95
C LEU F 583 37.66 -26.69 20.87
N GLY F 584 38.97 -26.53 21.09
CA GLY F 584 39.45 -25.41 21.88
C GLY F 584 39.19 -25.56 23.37
N VAL F 585 38.66 -24.49 23.95
CA VAL F 585 38.41 -24.39 25.40
C VAL F 585 37.22 -25.27 25.75
N PRO F 586 37.26 -26.02 26.86
CA PRO F 586 36.04 -26.60 27.43
C PRO F 586 35.01 -25.54 27.76
N LYS F 587 33.84 -25.64 27.12
CA LYS F 587 32.79 -24.62 27.26
C LYS F 587 32.11 -24.73 28.61
N TYR F 588 31.61 -25.91 28.94
CA TYR F 588 31.01 -26.20 30.23
C TYR F 588 31.88 -27.23 30.94
N ARG F 589 31.51 -27.55 32.17
CA ARG F 589 32.33 -28.50 32.90
C ARG F 589 31.49 -29.66 33.40
N PRO F 590 31.97 -30.90 33.25
CA PRO F 590 31.26 -32.04 33.84
C PRO F 590 31.39 -32.06 35.36
N ASP F 591 30.26 -31.93 36.04
CA ASP F 591 30.20 -32.11 37.49
C ASP F 591 30.12 -33.61 37.76
N ARG F 592 31.28 -34.24 37.76
CA ARG F 592 31.38 -35.67 37.94
C ARG F 592 31.47 -36.02 39.43
N ALA F 593 31.65 -37.31 39.73
CA ALA F 593 31.95 -37.75 41.09
C ALA F 593 33.26 -37.16 41.58
N GLU F 594 33.25 -36.68 42.83
CA GLU F 594 34.37 -35.93 43.37
C GLU F 594 35.49 -36.83 43.90
N LYS F 595 35.29 -38.15 43.89
CA LYS F 595 36.30 -39.20 44.14
C LYS F 595 36.90 -39.14 45.55
N GLU F 596 36.13 -38.62 46.50
CA GLU F 596 36.53 -38.58 47.90
C GLU F 596 35.43 -39.20 48.75
N PRO F 597 35.75 -40.13 49.66
CA PRO F 597 34.69 -40.85 50.37
C PRO F 597 34.02 -40.08 51.51
N GLN F 598 34.74 -39.25 52.26
CA GLN F 598 34.21 -38.74 53.52
C GLN F 598 34.69 -37.31 53.80
N VAL F 599 33.82 -36.34 53.49
CA VAL F 599 33.89 -34.99 54.03
C VAL F 599 32.45 -34.49 54.06
N GLY F 600 32.15 -33.58 54.99
CA GLY F 600 30.77 -33.29 55.38
C GLY F 600 29.85 -32.54 54.43
N ALA F 601 29.66 -33.07 53.22
CA ALA F 601 28.72 -32.51 52.26
C ALA F 601 28.22 -33.64 51.36
N ALA F 602 27.11 -33.37 50.68
CA ALA F 602 26.50 -34.41 49.85
C ALA F 602 26.26 -33.94 48.43
N GLN F 603 25.56 -34.76 47.65
CA GLN F 603 25.38 -34.55 46.22
C GLN F 603 23.89 -34.52 45.89
N GLY F 604 23.42 -33.36 45.43
CA GLY F 604 22.03 -33.19 45.05
C GLY F 604 21.81 -33.42 43.56
N LEU F 605 20.53 -33.49 43.20
CA LEU F 605 20.10 -33.69 41.82
C LEU F 605 19.07 -32.65 41.45
N ALA F 606 18.99 -32.37 40.15
CA ALA F 606 18.07 -31.39 39.60
C ALA F 606 17.79 -31.77 38.15
N TRP F 607 16.80 -31.11 37.56
CA TRP F 607 16.53 -31.32 36.14
C TRP F 607 16.04 -30.02 35.51
N THR F 608 16.65 -29.66 34.39
CA THR F 608 16.41 -28.43 33.66
C THR F 608 16.49 -28.80 32.18
N PRO F 609 15.90 -28.00 31.28
CA PRO F 609 16.12 -28.22 29.84
C PRO F 609 17.53 -27.94 29.32
N TYR F 610 18.47 -27.43 30.11
CA TYR F 610 19.87 -27.56 29.75
C TYR F 610 20.35 -29.01 29.87
N GLY F 611 19.78 -29.79 30.78
CA GLY F 611 20.10 -31.20 30.86
C GLY F 611 20.14 -31.67 32.30
N GLY F 612 20.82 -32.79 32.51
CA GLY F 612 21.01 -33.31 33.84
C GLY F 612 22.34 -32.88 34.44
N THR F 613 22.37 -32.86 35.77
CA THR F 613 23.53 -32.36 36.51
C THR F 613 23.58 -32.99 37.89
N LEU F 614 24.72 -32.80 38.55
CA LEU F 614 25.08 -33.50 39.80
C LEU F 614 25.45 -32.40 40.82
N LEU F 615 24.43 -31.62 41.19
CA LEU F 615 24.52 -30.54 42.19
C LEU F 615 25.14 -30.96 43.52
N THR F 616 25.88 -30.04 44.11
CA THR F 616 26.42 -30.21 45.46
C THR F 616 25.76 -29.19 46.38
N ILE F 617 25.27 -29.65 47.52
CA ILE F 617 24.77 -28.78 48.58
C ILE F 617 25.68 -28.97 49.80
N GLU F 618 26.25 -27.87 50.28
CA GLU F 618 27.20 -27.91 51.39
C GLU F 618 26.84 -26.85 52.42
N ALA F 619 27.18 -27.14 53.67
CA ALA F 619 26.97 -26.20 54.76
C ALA F 619 28.03 -26.46 55.83
N VAL F 620 28.47 -25.38 56.48
CA VAL F 620 29.42 -25.43 57.58
C VAL F 620 28.76 -24.78 58.79
N ALA F 621 28.77 -25.50 59.92
CA ALA F 621 28.09 -25.04 61.13
C ALA F 621 29.06 -24.24 61.98
N VAL F 622 29.13 -22.95 61.68
CA VAL F 622 30.04 -22.05 62.39
C VAL F 622 29.43 -21.64 63.73
N PRO F 623 30.23 -21.50 64.81
CA PRO F 623 29.66 -21.23 66.13
C PRO F 623 29.23 -19.79 66.35
N GLY F 624 28.01 -19.44 65.95
CA GLY F 624 27.57 -18.06 66.09
C GLY F 624 26.21 -17.85 66.71
N THR F 625 25.41 -16.95 66.12
CA THR F 625 24.20 -16.43 66.74
C THR F 625 22.97 -17.32 66.57
N GLY F 626 23.08 -18.42 65.84
CA GLY F 626 21.93 -19.27 65.61
C GLY F 626 21.10 -18.90 64.40
N LYS F 627 21.57 -17.98 63.57
CA LYS F 627 20.86 -17.63 62.34
C LYS F 627 21.02 -18.72 61.31
N VAL F 628 20.02 -18.88 60.45
CA VAL F 628 20.10 -19.78 59.30
C VAL F 628 19.73 -18.98 58.06
N ASN F 629 20.66 -18.91 57.10
CA ASN F 629 20.48 -18.13 55.89
C ASN F 629 20.90 -19.00 54.72
N LEU F 630 20.32 -18.73 53.56
CA LEU F 630 20.71 -19.40 52.33
C LEU F 630 21.80 -18.58 51.63
N THR F 631 22.61 -19.27 50.82
CA THR F 631 23.65 -18.64 50.02
C THR F 631 23.43 -19.12 48.58
N GLY F 632 22.65 -18.36 47.82
CA GLY F 632 22.35 -18.76 46.45
C GLY F 632 21.35 -17.81 45.82
N ASN F 633 21.28 -17.91 44.49
CA ASN F 633 20.40 -17.08 43.68
C ASN F 633 19.14 -17.82 43.20
N LEU F 634 18.65 -18.77 43.99
CA LEU F 634 17.41 -19.48 43.71
C LEU F 634 16.39 -19.20 44.82
N GLY F 635 15.31 -19.98 44.81
CA GLY F 635 14.20 -19.74 45.70
C GLY F 635 14.49 -20.11 47.13
N GLU F 636 13.69 -19.50 48.01
CA GLU F 636 13.77 -19.66 49.46
C GLU F 636 13.01 -20.87 49.98
N VAL F 637 12.35 -21.63 49.09
CA VAL F 637 11.77 -22.91 49.48
C VAL F 637 12.86 -23.96 49.74
N MET F 638 14.05 -23.79 49.17
CA MET F 638 15.22 -24.58 49.55
C MET F 638 15.60 -24.30 51.01
N LYS F 639 15.53 -23.03 51.41
CA LYS F 639 15.74 -22.68 52.81
C LYS F 639 14.58 -23.14 53.70
N GLU F 640 13.37 -23.27 53.14
CA GLU F 640 12.26 -23.82 53.91
C GLU F 640 12.39 -25.32 54.11
N SER F 641 12.94 -26.04 53.11
CA SER F 641 13.27 -27.45 53.30
C SER F 641 14.44 -27.63 54.25
N ALA F 642 15.37 -26.66 54.28
CA ALA F 642 16.41 -26.63 55.30
C ALA F 642 15.82 -26.41 56.69
N HIS F 643 14.78 -25.58 56.79
CA HIS F 643 14.07 -25.36 58.04
C HIS F 643 13.30 -26.60 58.49
N ALA F 644 12.77 -27.37 57.53
CA ALA F 644 12.15 -28.66 57.83
C ALA F 644 13.17 -29.67 58.33
N ALA F 645 14.37 -29.64 57.75
CA ALA F 645 15.49 -30.45 58.24
C ALA F 645 15.94 -30.02 59.64
N LEU F 646 15.87 -28.71 59.92
CA LEU F 646 16.16 -28.20 61.27
C LEU F 646 15.14 -28.68 62.29
N THR F 647 13.87 -28.75 61.90
CA THR F 647 12.86 -29.30 62.81
C THR F 647 13.02 -30.81 63.00
N TYR F 648 13.53 -31.51 61.98
CA TYR F 648 13.84 -32.94 62.16
C TYR F 648 15.02 -33.15 63.10
N LEU F 649 16.08 -32.34 62.97
CA LEU F 649 17.20 -32.47 63.91
C LEU F 649 16.88 -31.94 65.30
N ARG F 650 15.93 -31.01 65.44
CA ARG F 650 15.46 -30.65 66.78
C ARG F 650 14.55 -31.72 67.36
N ALA F 651 13.81 -32.45 66.52
CA ALA F 651 13.01 -33.56 67.02
C ALA F 651 13.83 -34.83 67.24
N HIS F 652 15.07 -34.89 66.74
CA HIS F 652 15.92 -36.07 66.85
C HIS F 652 17.33 -35.67 67.27
N ARG F 653 17.43 -34.89 68.35
CA ARG F 653 18.70 -34.35 68.83
C ARG F 653 19.51 -35.33 69.68
N GLU F 654 19.05 -36.58 69.84
CA GLU F 654 19.70 -37.52 70.76
C GLU F 654 20.54 -38.58 70.08
N GLU F 655 20.07 -39.15 68.96
CA GLU F 655 20.67 -40.40 68.46
C GLU F 655 21.89 -40.19 67.58
N TRP F 656 22.34 -38.95 67.37
CA TRP F 656 23.52 -38.73 66.54
C TRP F 656 24.59 -37.90 67.25
N GLY F 657 24.49 -37.73 68.56
CA GLY F 657 25.53 -37.06 69.32
C GLY F 657 25.56 -35.55 69.17
N LEU F 658 24.41 -34.92 68.96
CA LEU F 658 24.34 -33.47 68.86
C LEU F 658 24.46 -32.84 70.25
N PRO F 659 24.95 -31.60 70.33
CA PRO F 659 24.83 -30.83 71.58
C PRO F 659 23.40 -30.39 71.81
N GLU F 660 23.14 -29.93 73.05
CA GLU F 660 21.79 -29.59 73.48
C GLU F 660 21.33 -28.27 72.85
N GLY F 661 22.13 -27.22 72.99
CA GLY F 661 21.76 -25.93 72.43
C GLY F 661 22.32 -25.67 71.04
N PHE F 662 22.16 -26.65 70.14
CA PHE F 662 22.73 -26.55 68.80
C PHE F 662 21.98 -25.56 67.91
N HIS F 663 20.73 -25.26 68.24
CA HIS F 663 19.92 -24.38 67.41
C HIS F 663 20.36 -22.93 67.58
N LYS F 664 20.85 -22.57 68.77
CA LYS F 664 21.29 -21.21 69.05
C LYS F 664 22.79 -21.04 69.19
N ASP F 665 23.54 -22.14 69.33
CA ASP F 665 25.00 -22.03 69.41
C ASP F 665 25.69 -22.22 68.06
N TYR F 666 24.94 -22.33 66.96
CA TYR F 666 25.55 -22.50 65.65
C TYR F 666 24.87 -21.60 64.62
N ASP F 667 25.63 -20.64 64.10
CA ASP F 667 25.23 -19.91 62.90
C ASP F 667 25.34 -20.83 61.69
N LEU F 668 24.38 -20.75 60.78
CA LEU F 668 24.40 -21.57 59.56
C LEU F 668 24.21 -20.68 58.35
N HIS F 669 25.09 -20.86 57.35
CA HIS F 669 24.83 -20.41 55.99
C HIS F 669 24.81 -21.64 55.10
N ILE F 670 23.85 -21.68 54.17
CA ILE F 670 23.56 -22.88 53.39
C ILE F 670 23.76 -22.55 51.91
N HIS F 671 24.62 -23.30 51.25
CA HIS F 671 25.04 -22.96 49.89
C HIS F 671 24.09 -23.50 48.83
N VAL F 672 23.79 -22.67 47.85
CA VAL F 672 23.16 -23.06 46.58
C VAL F 672 24.11 -22.54 45.50
N PRO F 673 24.89 -23.40 44.84
CA PRO F 673 25.94 -22.92 43.93
C PRO F 673 25.49 -22.76 42.48
N GLU F 674 24.22 -22.99 42.19
CA GLU F 674 23.74 -23.51 40.93
C GLU F 674 22.71 -22.58 40.26
N GLY F 675 22.08 -23.10 39.21
CA GLY F 675 21.03 -22.39 38.48
C GLY F 675 19.87 -23.23 37.96
N ALA F 676 19.92 -24.55 38.17
CA ALA F 676 18.87 -25.43 37.69
C ALA F 676 17.69 -25.46 38.66
N THR F 677 16.57 -26.03 38.18
CA THR F 677 15.22 -26.07 38.77
C THR F 677 14.73 -24.75 39.34
N PRO F 678 14.28 -23.79 38.51
CA PRO F 678 13.54 -22.63 39.08
C PRO F 678 12.24 -23.06 39.76
N LYS F 679 11.35 -23.74 39.04
CA LYS F 679 10.17 -24.35 39.63
C LYS F 679 9.89 -25.73 39.04
N ASP F 680 10.88 -26.34 38.38
CA ASP F 680 10.67 -27.63 37.72
C ASP F 680 10.63 -28.77 38.74
N GLY F 681 11.76 -29.00 39.41
CA GLY F 681 11.81 -29.93 40.51
C GLY F 681 12.40 -29.34 41.80
N PRO F 682 11.98 -28.07 42.21
CA PRO F 682 12.84 -27.20 43.04
C PRO F 682 12.97 -27.59 44.52
N SER F 683 13.39 -28.84 44.78
CA SER F 683 13.45 -29.35 46.14
C SER F 683 14.46 -30.49 46.20
N ALA F 684 15.51 -30.28 46.99
CA ALA F 684 16.54 -31.27 47.28
C ALA F 684 16.74 -31.37 48.79
N GLY F 685 15.64 -31.60 49.52
CA GLY F 685 15.60 -31.38 50.95
C GLY F 685 16.42 -32.34 51.80
N ILE F 686 16.49 -33.62 51.41
CA ILE F 686 17.34 -34.55 52.16
C ILE F 686 18.83 -34.35 51.92
N THR F 687 19.21 -33.71 50.80
CA THR F 687 20.61 -33.30 50.62
C THR F 687 20.99 -32.22 51.61
N ILE F 688 20.07 -31.28 51.85
CA ILE F 688 20.28 -30.26 52.87
C ILE F 688 20.17 -30.85 54.26
N ALA F 689 19.39 -31.93 54.43
CA ALA F 689 19.29 -32.60 55.73
C ALA F 689 20.58 -33.32 56.11
N THR F 690 21.22 -33.98 55.13
CA THR F 690 22.56 -34.52 55.34
C THR F 690 23.60 -33.42 55.53
N ALA F 691 23.44 -32.27 54.87
CA ALA F 691 24.35 -31.14 55.03
C ALA F 691 24.28 -30.53 56.42
N LEU F 692 23.05 -30.29 56.92
CA LEU F 692 22.84 -29.78 58.28
C LEU F 692 23.27 -30.78 59.35
N ALA F 693 22.95 -32.07 59.19
CA ALA F 693 23.29 -33.03 60.23
C ALA F 693 24.78 -33.34 60.25
N SER F 694 25.44 -33.38 59.09
CA SER F 694 26.87 -33.60 59.07
C SER F 694 27.64 -32.34 59.47
N ALA F 695 27.07 -31.15 59.26
CA ALA F 695 27.69 -29.94 59.75
C ALA F 695 27.56 -29.82 61.27
N LEU F 696 26.37 -30.09 61.80
CA LEU F 696 26.11 -29.94 63.23
C LEU F 696 26.67 -31.09 64.06
N THR F 697 26.99 -32.23 63.45
CA THR F 697 27.71 -33.28 64.16
C THR F 697 29.21 -33.23 63.95
N GLY F 698 29.66 -32.86 62.75
CA GLY F 698 31.05 -32.97 62.38
C GLY F 698 31.42 -34.30 61.76
N ARG F 699 30.51 -35.28 61.78
CA ARG F 699 30.76 -36.58 61.17
C ARG F 699 30.64 -36.46 59.66
N PRO F 700 31.64 -36.94 58.90
CA PRO F 700 31.58 -36.79 57.44
C PRO F 700 30.56 -37.70 56.77
N VAL F 701 30.07 -37.25 55.62
CA VAL F 701 29.14 -38.01 54.81
C VAL F 701 29.74 -38.27 53.43
N ARG F 702 28.97 -38.91 52.57
CA ARG F 702 29.48 -39.57 51.37
C ARG F 702 29.06 -38.80 50.11
N MET F 703 29.98 -38.69 49.15
CA MET F 703 29.65 -38.11 47.86
C MET F 703 29.37 -39.14 46.78
N ASP F 704 29.52 -40.44 47.07
CA ASP F 704 29.18 -41.46 46.09
C ASP F 704 27.75 -41.97 46.24
N ILE F 705 26.89 -41.18 46.89
CA ILE F 705 25.47 -41.48 47.05
C ILE F 705 24.69 -40.36 46.38
N ALA F 706 23.84 -40.70 45.41
CA ALA F 706 22.99 -39.72 44.75
C ALA F 706 21.69 -39.59 45.50
N MET F 707 21.11 -38.38 45.50
CA MET F 707 20.13 -38.07 46.52
C MET F 707 19.27 -36.89 46.09
N THR F 708 17.95 -37.04 46.18
CA THR F 708 17.00 -35.95 45.92
C THR F 708 15.69 -36.23 46.68
N GLY F 709 14.93 -35.18 46.91
CA GLY F 709 13.63 -35.32 47.54
C GLY F 709 13.18 -34.06 48.25
N GLU F 710 11.89 -34.03 48.58
CA GLU F 710 11.26 -32.95 49.32
C GLU F 710 10.83 -33.46 50.69
N ILE F 711 10.96 -32.62 51.73
CA ILE F 711 10.60 -33.01 53.08
C ILE F 711 9.64 -32.01 53.70
N THR F 712 8.86 -32.49 54.65
CA THR F 712 8.01 -31.66 55.49
C THR F 712 8.64 -31.55 56.88
N LEU F 713 7.91 -30.91 57.80
CA LEU F 713 8.37 -30.71 59.17
C LEU F 713 8.39 -32.02 59.96
N ARG F 714 7.52 -32.96 59.59
CA ARG F 714 7.48 -34.27 60.24
C ARG F 714 8.69 -35.11 59.87
N GLY F 715 9.13 -35.03 58.62
CA GLY F 715 10.25 -35.82 58.16
C GLY F 715 9.85 -36.81 57.08
N ARG F 716 8.63 -36.66 56.58
CA ARG F 716 8.17 -37.49 55.48
C ARG F 716 8.84 -37.04 54.19
N VAL F 717 9.65 -37.92 53.60
CA VAL F 717 10.39 -37.59 52.40
C VAL F 717 9.42 -37.72 51.23
N LEU F 718 8.83 -36.61 50.82
CA LEU F 718 7.82 -36.57 49.76
C LEU F 718 8.49 -36.46 48.40
N PRO F 719 8.04 -37.22 47.40
CA PRO F 719 8.76 -37.25 46.12
C PRO F 719 8.41 -36.06 45.24
N ILE F 720 9.16 -35.94 44.15
CA ILE F 720 8.92 -34.90 43.15
C ILE F 720 9.15 -35.56 41.79
N GLY F 721 8.56 -34.98 40.76
CA GLY F 721 8.70 -35.50 39.42
C GLY F 721 10.07 -35.21 38.84
N GLY F 722 10.34 -35.88 37.72
CA GLY F 722 11.65 -35.76 37.10
C GLY F 722 12.68 -36.71 37.63
N VAL F 723 12.29 -37.95 37.94
CA VAL F 723 13.21 -38.91 38.55
C VAL F 723 14.18 -39.47 37.51
N LYS F 724 13.66 -39.84 36.33
CA LYS F 724 14.44 -40.48 35.27
C LYS F 724 15.47 -39.53 34.67
N GLU F 725 15.13 -38.25 34.56
CA GLU F 725 16.09 -37.22 34.18
C GLU F 725 16.83 -36.60 35.36
N LYS F 726 16.89 -37.32 36.49
CA LYS F 726 17.99 -37.26 37.43
C LYS F 726 18.85 -38.52 37.42
N LEU F 727 18.24 -39.68 37.10
CA LEU F 727 18.96 -40.94 37.00
C LEU F 727 19.95 -40.95 35.83
N LEU F 728 19.55 -40.32 34.72
CA LEU F 728 20.44 -40.22 33.57
C LEU F 728 21.52 -39.14 33.75
N ALA F 729 21.41 -38.32 34.79
CA ALA F 729 22.56 -37.53 35.22
C ALA F 729 23.45 -38.32 36.17
N ALA F 730 22.82 -39.13 37.04
CA ALA F 730 23.54 -39.77 38.14
C ALA F 730 24.42 -40.93 37.67
N HIS F 731 23.97 -41.67 36.64
CA HIS F 731 24.80 -42.78 36.14
C HIS F 731 26.00 -42.28 35.36
N GLN F 732 25.77 -41.53 34.28
CA GLN F 732 26.86 -41.06 33.43
C GLN F 732 27.68 -39.93 34.05
N ALA F 733 27.21 -39.32 35.15
CA ALA F 733 28.07 -38.47 35.95
C ALA F 733 28.80 -39.24 37.04
N GLY F 734 28.57 -40.54 37.15
CA GLY F 734 29.45 -41.43 37.88
C GLY F 734 29.05 -41.86 39.27
N ILE F 735 27.75 -41.96 39.58
CA ILE F 735 27.29 -42.37 40.90
C ILE F 735 26.37 -43.58 40.72
N HIS F 736 26.62 -44.65 41.49
CA HIS F 736 25.79 -45.84 41.40
C HIS F 736 24.72 -45.95 42.48
N ARG F 737 25.04 -45.64 43.74
CA ARG F 737 24.04 -45.71 44.80
C ARG F 737 23.20 -44.44 44.82
N VAL F 738 21.87 -44.61 44.81
CA VAL F 738 20.93 -43.54 44.48
C VAL F 738 19.81 -43.58 45.54
N ILE F 739 19.43 -42.41 46.08
CA ILE F 739 18.33 -42.30 47.05
C ILE F 739 17.06 -41.79 46.35
N LEU F 740 15.97 -42.53 46.50
CA LEU F 740 14.61 -42.10 46.23
C LEU F 740 13.71 -42.32 47.45
N PRO F 741 12.58 -41.59 47.53
CA PRO F 741 11.53 -41.96 48.50
C PRO F 741 10.81 -43.29 48.27
N LYS F 742 9.83 -43.56 49.12
CA LYS F 742 9.22 -44.89 49.20
C LYS F 742 8.20 -45.19 48.11
N GLU F 743 7.72 -44.19 47.36
CA GLU F 743 6.60 -44.40 46.46
C GLU F 743 6.98 -44.16 45.00
N ASN F 744 8.25 -44.32 44.67
CA ASN F 744 8.73 -44.14 43.30
C ASN F 744 8.85 -45.46 42.55
N ALA F 745 8.07 -46.47 42.95
CA ALA F 745 8.19 -47.80 42.35
C ALA F 745 7.61 -47.83 40.94
N ALA F 746 6.48 -47.16 40.72
CA ALA F 746 5.97 -47.00 39.38
C ALA F 746 6.68 -45.90 38.61
N GLU F 747 7.43 -45.05 39.30
CA GLU F 747 8.24 -44.04 38.63
C GLU F 747 9.56 -44.60 38.10
N LEU F 748 9.96 -45.78 38.57
CA LEU F 748 11.07 -46.52 37.98
C LEU F 748 10.64 -47.41 36.83
N LYS F 749 9.34 -47.47 36.54
CA LYS F 749 8.85 -48.38 35.50
C LYS F 749 9.12 -47.84 34.10
N GLU F 750 8.90 -46.54 33.87
CA GLU F 750 9.24 -45.94 32.59
C GLU F 750 10.58 -45.22 32.74
N VAL F 751 11.60 -46.04 33.00
CA VAL F 751 13.00 -45.65 33.02
C VAL F 751 13.65 -46.70 32.13
N PRO F 752 14.59 -46.34 31.24
CA PRO F 752 15.25 -47.35 30.39
C PRO F 752 16.12 -48.32 31.17
N GLU F 753 16.32 -49.51 30.58
CA GLU F 753 16.94 -50.65 31.23
C GLU F 753 18.45 -50.52 31.42
N GLU F 754 19.07 -49.51 30.80
CA GLU F 754 20.47 -49.18 31.06
C GLU F 754 20.68 -48.67 32.49
N ILE F 755 19.66 -48.02 33.05
CA ILE F 755 19.77 -47.42 34.38
C ILE F 755 19.60 -48.47 35.48
N LEU F 756 18.60 -49.35 35.34
CA LEU F 756 18.12 -50.19 36.45
C LEU F 756 19.10 -51.29 36.83
N LYS F 757 19.75 -51.91 35.85
CA LYS F 757 20.72 -52.96 36.17
C LYS F 757 22.06 -52.40 36.63
N ASP F 758 22.31 -51.10 36.43
CA ASP F 758 23.56 -50.48 36.81
C ASP F 758 23.50 -49.82 38.19
N LEU F 759 22.40 -49.12 38.49
CA LEU F 759 22.31 -48.33 39.71
C LEU F 759 21.55 -49.07 40.79
N GLU F 760 22.00 -48.91 42.03
CA GLU F 760 21.24 -49.31 43.20
C GLU F 760 20.38 -48.12 43.64
N ILE F 761 19.09 -48.36 43.85
CA ILE F 761 18.15 -47.32 44.22
C ILE F 761 17.55 -47.68 45.57
N HIS F 762 17.78 -46.83 46.56
CA HIS F 762 17.15 -46.99 47.87
C HIS F 762 15.76 -46.38 47.86
N PHE F 763 14.90 -46.90 48.72
CA PHE F 763 13.51 -46.45 48.85
C PHE F 763 13.33 -46.04 50.31
N VAL F 764 13.64 -44.79 50.62
CA VAL F 764 13.65 -44.33 52.00
C VAL F 764 12.25 -43.84 52.38
N GLU F 765 12.02 -43.76 53.69
CA GLU F 765 10.75 -43.31 54.24
C GLU F 765 10.89 -42.03 55.06
N GLU F 766 11.80 -42.01 56.03
CA GLU F 766 12.03 -40.86 56.87
C GLU F 766 13.40 -40.25 56.58
N VAL F 767 13.64 -39.10 57.20
CA VAL F 767 14.92 -38.41 57.06
C VAL F 767 16.02 -39.16 57.81
N GLY F 768 15.67 -39.74 58.96
CA GLY F 768 16.63 -40.41 59.84
C GLY F 768 17.21 -41.69 59.29
N GLU F 769 16.50 -42.36 58.37
CA GLU F 769 17.07 -43.50 57.65
C GLU F 769 18.20 -43.05 56.72
N VAL F 770 18.02 -41.91 56.04
CA VAL F 770 19.07 -41.33 55.20
C VAL F 770 20.22 -40.83 56.06
N LEU F 771 19.92 -40.26 57.23
CA LEU F 771 20.97 -39.74 58.11
C LEU F 771 21.76 -40.86 58.78
N LYS F 772 21.13 -42.01 59.01
CA LYS F 772 21.87 -43.18 59.47
C LYS F 772 22.65 -43.83 58.33
N LEU F 773 22.15 -43.74 57.10
CA LEU F 773 22.83 -44.39 55.98
C LEU F 773 24.02 -43.58 55.47
N LEU F 774 24.07 -42.27 55.74
CA LEU F 774 25.12 -41.43 55.17
C LEU F 774 26.28 -41.11 56.11
N LEU F 775 26.06 -40.94 57.42
CA LEU F 775 27.18 -40.63 58.30
C LEU F 775 27.94 -41.92 58.62
N LEU F 776 29.24 -41.92 58.33
CA LEU F 776 30.08 -43.09 58.54
C LEU F 776 30.59 -43.23 59.98
N PRO F 777 31.06 -42.14 60.69
CA PRO F 777 31.28 -42.44 62.12
C PRO F 777 30.17 -41.88 63.01
N UNK G 1 1.66 -2.12 -15.01
CA UNK G 1 1.91 -2.58 -13.64
C UNK G 1 3.30 -2.13 -13.17
N UNK G 2 3.35 -1.52 -11.99
CA UNK G 2 4.61 -1.07 -11.43
C UNK G 2 4.54 -1.11 -9.91
N UNK G 3 5.66 -1.49 -9.29
CA UNK G 3 5.72 -1.58 -7.84
C UNK G 3 5.84 -0.20 -7.22
N UNK G 4 5.40 -0.09 -5.97
CA UNK G 4 5.49 1.14 -5.20
C UNK G 4 5.60 0.80 -3.73
N UNK G 5 6.47 1.49 -3.02
CA UNK G 5 6.66 1.26 -1.60
C UNK G 5 5.63 2.05 -0.79
N UNK G 6 5.53 1.72 0.49
CA UNK G 6 4.65 2.43 1.40
C UNK G 6 5.26 2.46 2.78
N UNK G 7 5.17 3.61 3.44
CA UNK G 7 5.65 3.75 4.80
C UNK G 7 4.48 4.04 5.72
#